data_9N81
#
_entry.id   9N81
#
_cell.length_a   1.00
_cell.length_b   1.00
_cell.length_c   1.00
_cell.angle_alpha   90.00
_cell.angle_beta   90.00
_cell.angle_gamma   90.00
#
_symmetry.space_group_name_H-M   'P 1'
#
loop_
_entity.id
_entity.type
_entity.pdbx_description
1 polymer 'X-ray repair cross-complementing protein 6'
2 polymer 'X-ray repair cross-complementing protein 5'
3 polymer 'Non-homologous end-joining factor 1'
4 polymer 'DNA repair protein XRCC4'
5 polymer 'DNA ligase 4'
6 polymer 'Protein PAXX'
7 polymer 'DNA (38-MER)'
8 polymer 'DNA (42-MER)'
9 polymer 'DNA (34-MER)'
10 polymer 'DNA (37-MER)'
11 polymer 'DNA-directed DNA/RNA polymerase mu'
12 non-polymer 'MAGNESIUM ION'
13 non-polymer "2'-deoxy-5'-O-[(R)-hydroxy{[(R)-hydroxy(phosphonooxy)phosphoryl]amino}phosphoryl]adenosine"
#
loop_
_entity_poly.entity_id
_entity_poly.type
_entity_poly.pdbx_seq_one_letter_code
_entity_poly.pdbx_strand_id
1 'polypeptide(L)'
;GPVMSGWESYYKTEGDEEAEEEQEENLEASGDYKYSGRDSLIFLVDASKAMFESQSEDELTPFDMSIQCIQSVYISKIIS
SDRDLLAVVFYGTEKDKNSVNFKNIYVLQELDNPGAKRILELDQFKGQQGQKRFQDMMGHGSDYSLSEVLWVCANLFSDV
QFKMSHKRIMLFTNEDNPHGNDSAKASRARTKAGDLRDTGIFLDLMHLKKPGGFDISLFYRDIISIAEDEDLRVHFEESS
KLEDLLRKVRAKETRKRALSRLKLKLNKDIVISVGIYNLVQKALKPPPIKLYRETNEPVKTKTRTFNTSTGGLLLPSDTK
RSQIYGSRQIILEKEETEELKRFDDPGLMLMGFKPLVLLKKHHYLRPSLFVYPEESLVIGSSTLFSALLIKCLEKEVAAL
CRYTPRRNIPPYFVALVPQEEELDDQKIQVTPPGFQLVFLPFADDKRKMPFTEKIMATPEQVGKMKAIVEKLRFTYRSDS
FENPVLQQHFRNLEALALDLMEPEQAVDLTLPKVEAMNKRLGSLVDEFKELVYPPDYNPEGKVTKRKHDNEGSGSKRPKV
EYSEEELKTHISKGTLGKFTVPMLKEACRAYGLKSGLKKQELLEALTKHFQD
;
A,a
2 'polypeptide(L)'
;MVRSGNKAAVVLCMDVGFTMSNSIPGIESPFEQAKKVITMFVQRQVFAENKDEIALVLFGTDGTDNPLSGGDQYQNITVH
RHLMLPDFDLLEDIESKIQPGSQQADFLDALIVSMDVIQHETIGKKFEKRHIEIFTDLSSRFSKSQLDIIIHSLKKCDIS
LQFFLPFSLGKEDGSGDRGDGPFRLGGHGPSFPLKGITEQQKEGLEIVKMVMISLEGEDGLDEIYSFSESLRKLCVFKKI
ERHSIHWPCRLTIGSNLSIRIAAYKSILQERVKKTWTVVDAKTLKKEDIQKETVYCLNDDDETEVLKEDIIQGFRYGSDI
VPFSKVDEEQMKYKSEGKCFSVLGFCKSSQVQRRFFMGNQVLKVFAARDDEAAAVALSSLIHALDDLDMVAIVRYAYDKR
ANPQVGVAFPHIKHNYECLVYVQLPFMEDLRQYMFSSLKNSKKYAPTEAQLNAVDALIDSMSLAKKDEKTDTLEDLFPTT
KIPNPRFQRLFQCLLHRALHPREPLPPIQQHIWNMLNPPAEVTTKSQIPLSKIKTLFPLIEAKKKDQVTAQEIFQDNHED
GPTAKKLKTEQGGAHFSVSSLAEGSVTSVGSVNPAENFRVLVKQKKASFEEASNQLINHIEQFLDTNETPYFMKSIDCIR
AFREEAIKFSEEQRFNNFLKALQEKVEIKQLNHFWEIVVQDGITLITKEEASGSSVTAEEAKKFLAPKDKPSGDTAAVFE
EGGDVDDLLDMI
;
B,b
3 'polypeptide(L)'
;GPVMEELEQGLLMQPWAWLQLAENSLLAKVFITKQGYALLVSDLQQVWHEQVDTSVVSQRAKELNKRLTAPPAAFLCHLD
NLLRPLLKDAAHPSEATFSCDCVADALILRVRSELSGLPFYWNFHCMLASPSLVSQHLIRPLMGMSLALQCQVRELATLL
HMKDLEIQDYQESGATLIRDRLKTEPFEENSFLEQFMIEKLPEACSIGDGKPFVMNLQDLYMAVTTQEVQVGQKHQGAGD
PHTSNSASLQGIDSQCVNQPEQLVSSAPTLSAPEKESTGTSGPLQRPQLSKVKRKKPRGLFS
;
C,c
4 'polypeptide(L)'
;MERKISRIHLVSEPSITHFLQVSWEKTLESGFVITLTDGHSAWTGTVSESEISQEADDMAMEKGKYVGELRKALLSGAGP
ADVYTFNFSKESCYFFFEKNLKDVSFRLGSFNLEKVENPAEVIRELICYCLDTIAENQAKNEHLQKENERLLRDWNDVQG
RFEKCVSAKEALETDLYKRFILVLNEKKTKIRSLHNKLLNAAQEREKDIKQEGETAICSEMTADRDPVYDESTDEESENQ
TDLSGLASAAVSKDDSIISSLDVTDIAPSRKRRQRMQRNLGTEPKMAPQENQLQEKENSRPDSSLPETSKKEHISAENMS
LETLRNSSPEDLFDEI
;
D,E,d,e
5 'polypeptide(L)'
;GPVMAASQTSQTVASHVPFADLCSTLERIQKSKGRAEKIRHFREFLDSWRKFHDALHKNHKDVTDSFYPAMRLILPQLER
ERMAYGIKETMLAKLYIELLNLPRDGKDALKLLNYRTPTGTHGDAGDFAMIAYFVLKPRCLQKGSLTIQQVNDLLDSIAS
NNSAKRKDLIKKSLLQLITQSSALEQKWLIRMIIKDLKLGVSQQTIFSVFHNDAAELHNVTTDLEKVCRQLHDPSVGLSD
ISITLFSAFKPMLAAIADIEHIEKDMKHQSFYIETKLDGERMQMHKDGDVYKYFSRNGYNYTDQFGASPTEGSLTPFIHN
AFKADIQICILDGEMMAYNPNTQTFMQKGTKFDIKRMVEDSDLQTCYCVFDVLMVNNKKLGHETLRKRYEILSSIFTPIP
GRIEIVQKTQAHTKNEVIDALNEAIDKREEGIMVKQPLSIYKPDKRGEGWLKIKPEYVSGLMDELDILIVGGYWGKGSRG
GMMSHFLCAVAEKPPPGEKPSVFHTLSRVGSGCTMKELYDLGLKLAKYWKPFHRKAPPSSILCGTEKPEVYIEPCNSVIV
QIKAAEIVPSDMYKTGCTLRFPRIEKIRDDKEWHECMTLDDLEQLRGKASGKLASKHLYIGGDDEPQEKKRKAAPKMKKV
IGIIEHLKAPNLTNVNKISNIFEDVEFCVMSGTDSQPKPDLENRIAEFGGYIVQNPGPDTYCVIAGSENIRVKNIILSNK
HDVVKPAWLLECFKTKSFVPWQPRFMIHMCPSTKEHFAREYDCYGDSYFIDTDLNQLKEVFSGIKNSNEQTPEEMASLIA
DLEYRYSWDCSPLSMFRRHTVYLDSYAVINDLSTKNEGTRLAIKALELRFHGAKVVSCLAEGVSHVIIGEDHSRVADFKA
FRRTFKRKFKILKESWVTDSIDKCELQEENQYLI
;
F,f
6 'polypeptide(L)'
;MGSSHHHHHHSQDPMDPLSPPLCTLPPGPEPPRFVCYCEGEESGEGDRGGFNLYVTDAAELWSTCFTPDSLAALKARFGL
SAAEDITPRFRAACEQQAVALTLQEDRASLTLSGGPSALAFDLSKVPGPEAAPRLRALTLGLAKRVWSLERRLAAAEETA
VSPRKSPRPAGPQLFLPDPDPQRGGPGPGVRRRCPGESLINPGFKSKKPAGGVDFDET
;
G,H
7 'polydeoxyribonucleotide'
;(DC)(DG)(DC)(DG)(DC)(DC)(DC)(DA)(DG)(DC)(DT)(DT)(DT)(DC)(DC)(DC)(DA)(DG)(DC)(DT)
(DA)(DA)(DT)(DA)(DA)(DA)(DC)(DT)(DA)(DA)(DA)(DA)(DA)(DC)(DT)(DA)(DT)(DG)(DC)(DA)
(DT)(DG)(DC)(DT)(DC)(DT)(DA)(DC)(DT)(DG)(DC)(DT)(DT)(DC)(DT)(DG)(DA)(DT)(DC)(DT)
(DA)(DG)(DT)(DC)(DG)(DA)(DC)(DT)
;
I
8 'polydeoxyribonucleotide'
;(DC)(DG)(DC)(DG)(DC)(DC)(DC)(DA)(DG)(DC)(DT)(DT)(DT)(DC)(DC)(DC)(DA)(DG)(DC)(DT)
(DA)(DA)(DT)(DA)(DA)(DA)(DC)(DT)(DA)(DA)(DA)(DA)(DA)(DC)(DA)(DT)(DT)(DC)(DG)(DT)
(DT)(DC)(DA)(DC)(DG)(DT)(DG)(DA)(DG)(DT)(DT)(DC)(DC)(DA)(DG)(DT)(DA)(DC)(DA)(DA)
(DG)(DT)(DC)(DT)(DA)(DG)(DT)(DC)
;
J
9 'polydeoxyribonucleotide'
;(DG)(DA)(DC)(DT)(DA)(DG)(DA)(DT)(DC)(DA)(DG)(DA)(DA)(DG)(DC)(DA)(DG)(DT)(DA)(DG)
(DA)(DG)(DC)(DA)(DT)(DG)(DC)(DA)(DT)(DA)(DG)(DT)(DT)(DT)(DT)(DT)(DA)(DG)(DT)(DT)
(DT)(DA)(DT)(DT)(DG)(DG)(DG)(DC)(DG)(DC)(DG)
;
K
10 'polydeoxyribonucleotide'
;(DG)(DA)(DC)(DT)(DT)(DG)(DT)(DA)(DC)(DT)(DG)(DG)(DA)(DA)(DC)(DT)(DC)(DA)(DC)(DG)
(DT)(DG)(DA)(DA)(DC)(DG)(DA)(DA)(DT)(DG)(DT)(DT)(DT)(DT)(DT)(DA)(DG)(DT)(DT)(DT)
(DA)(DT)(DT)(DG)(DG)(DG)(DC)(DG)(DC)(DG)
;
L
11 'polypeptide(L)'
;HHHHHHSSGLEVLFQGPHMLPKRRRARVGSPSGDAASSTPPSTRFPGVAIYLVEPRMGRSRRAFLTGLARSKGFRVLDAC
SSEATHVVMEETSAEEAVSWQERRMAAAPPGCTPPALLDISWLTESLGAGQPVPVECRHRLEVAGPRKGPLSPAWMPAYA
CQRPTPLTHHNTGLSEALEILAEAAGFEGSEGRLLTFCRAASVLKALPSPVTTLSQLQGLPHFGEHSSRVVQELLEHGVC
EEVERVRRSERYQTMKLFTQIFGVGVKTADRWYREGLRTLDDLREQPQKLTQQQKAGLQHHQDLSTPVLRSDVDALQQVV
EEAVGQALPGATVTLTGGFRRGKLQGHDVDFLITHPKEGQEAGLLPRVMCRLQDQGLILYHQHQHSCCESPTRLAQQSHM
DAFERSFCIFRLPQPPGAAVGGSTRPCPSWKAVRVDLVVAPVSQFPFALLGWTGSKLFQRELRRFSRKEKGLWLNSHGLF
DPEQKTFFQAASEEDIFRHLGLEYLPPEQRNA
;
M,m
#
loop_
_chem_comp.id
_chem_comp.type
_chem_comp.name
_chem_comp.formula
DA DNA linking 2'-DEOXYADENOSINE-5'-MONOPHOSPHATE 'C10 H14 N5 O6 P'
DC DNA linking 2'-DEOXYCYTIDINE-5'-MONOPHOSPHATE 'C9 H14 N3 O7 P'
DG DNA linking 2'-DEOXYGUANOSINE-5'-MONOPHOSPHATE 'C10 H14 N5 O7 P'
DT DNA linking THYMIDINE-5'-MONOPHOSPHATE 'C10 H15 N2 O8 P'
DZ4 non-polymer 2'-deoxy-5'-O-[(R)-hydroxy{[(R)-hydroxy(phosphonooxy)phosphoryl]amino}phosphoryl]adenosine 'C10 H17 N6 O11 P3'
MG non-polymer 'MAGNESIUM ION' 'Mg 2'
#
# COMPACT_ATOMS: atom_id res chain seq x y z
N MET A 4 -45.70 7.77 -9.20
CA MET A 4 -44.84 8.52 -8.25
C MET A 4 -43.39 8.05 -8.35
N SER A 5 -43.15 6.79 -8.01
CA SER A 5 -41.82 6.19 -8.08
C SER A 5 -40.88 7.03 -7.21
N GLY A 6 -39.66 7.30 -7.65
CA GLY A 6 -38.73 8.10 -6.87
C GLY A 6 -37.58 8.56 -7.74
N TRP A 7 -36.67 9.30 -7.10
CA TRP A 7 -35.53 9.84 -7.83
C TRP A 7 -34.60 8.74 -8.32
N GLU A 8 -34.54 7.61 -7.61
CA GLU A 8 -33.64 6.53 -8.00
C GLU A 8 -34.00 5.98 -9.38
N SER A 9 -35.30 5.80 -9.64
CA SER A 9 -35.73 5.21 -10.90
C SER A 9 -35.35 6.11 -12.08
N TYR A 10 -35.55 7.42 -11.94
CA TYR A 10 -35.31 8.33 -13.05
C TYR A 10 -33.83 8.58 -13.29
N TYR A 11 -33.02 8.60 -12.23
CA TYR A 11 -31.59 8.86 -12.41
C TYR A 11 -30.93 7.75 -13.22
N LYS A 12 -31.28 6.50 -12.94
CA LYS A 12 -30.70 5.34 -13.63
C LYS A 12 -29.18 5.37 -13.51
N THR A 13 -28.70 5.60 -12.30
CA THR A 13 -27.27 5.65 -12.03
C THR A 13 -26.61 4.32 -12.39
N SER A 36 1.43 0.72 -36.41
CA SER A 36 1.41 2.09 -36.92
C SER A 36 2.48 2.93 -36.25
N GLY A 37 3.39 3.48 -37.07
CA GLY A 37 4.47 4.32 -36.59
C GLY A 37 5.78 3.89 -37.21
N ARG A 38 6.87 4.32 -36.58
CA ARG A 38 8.22 3.99 -37.03
C ARG A 38 9.02 3.44 -35.86
N ASP A 39 9.82 2.41 -36.15
CA ASP A 39 10.63 1.79 -35.11
C ASP A 39 11.78 2.70 -34.70
N SER A 40 12.13 2.65 -33.42
CA SER A 40 13.24 3.41 -32.87
C SER A 40 14.14 2.49 -32.07
N LEU A 41 15.45 2.69 -32.20
CA LEU A 41 16.44 1.86 -31.54
C LEU A 41 17.55 2.74 -30.98
N ILE A 42 17.95 2.46 -29.74
CA ILE A 42 19.03 3.18 -29.07
C ILE A 42 20.11 2.17 -28.70
N PHE A 43 21.34 2.44 -29.13
CA PHE A 43 22.48 1.61 -28.80
C PHE A 43 23.13 2.11 -27.52
N LEU A 44 23.57 1.18 -26.68
CA LEU A 44 24.16 1.49 -25.37
C LEU A 44 25.46 0.69 -25.26
N VAL A 45 26.58 1.34 -25.57
CA VAL A 45 27.88 0.67 -25.61
C VAL A 45 28.64 1.00 -24.33
N ASP A 46 29.10 -0.03 -23.65
CA ASP A 46 29.88 0.15 -22.43
C ASP A 46 31.25 0.73 -22.77
N ALA A 47 31.74 1.62 -21.91
CA ALA A 47 33.03 2.28 -22.13
C ALA A 47 33.97 2.04 -20.96
N SER A 48 34.06 0.79 -20.51
CA SER A 48 34.90 0.42 -19.38
C SER A 48 36.25 -0.09 -19.87
N LYS A 49 37.14 -0.35 -18.91
CA LYS A 49 38.48 -0.84 -19.25
C LYS A 49 38.42 -2.19 -19.93
N ALA A 50 37.52 -3.06 -19.47
CA ALA A 50 37.46 -4.42 -20.01
C ALA A 50 37.14 -4.42 -21.50
N MET A 51 36.28 -3.49 -21.94
CA MET A 51 35.86 -3.50 -23.34
C MET A 51 37.01 -3.17 -24.30
N PHE A 52 38.12 -2.64 -23.81
CA PHE A 52 39.24 -2.25 -24.65
C PHE A 52 40.42 -3.20 -24.52
N GLU A 53 40.19 -4.41 -24.01
CA GLU A 53 41.23 -5.42 -23.87
C GLU A 53 40.92 -6.60 -24.79
N SER A 54 41.93 -7.07 -25.50
CA SER A 54 41.80 -8.16 -26.46
C SER A 54 42.46 -9.41 -25.92
N GLN A 55 41.75 -10.53 -25.95
CA GLN A 55 42.29 -11.82 -25.56
C GLN A 55 42.91 -12.48 -26.78
N SER A 56 44.20 -12.77 -26.72
CA SER A 56 44.94 -13.33 -27.85
C SER A 56 44.91 -12.36 -29.02
N GLU A 57 45.43 -12.78 -30.17
CA GLU A 57 45.46 -11.97 -31.37
C GLU A 57 44.47 -12.54 -32.39
N ASP A 58 44.38 -11.87 -33.54
CA ASP A 58 43.45 -12.24 -34.61
C ASP A 58 42.00 -12.20 -34.18
N GLU A 59 41.71 -11.45 -33.11
CA GLU A 59 40.34 -11.31 -32.60
C GLU A 59 40.06 -9.85 -32.33
N LEU A 60 38.79 -9.47 -32.49
CA LEU A 60 38.36 -8.10 -32.29
C LEU A 60 37.99 -7.87 -30.84
N THR A 61 38.30 -6.67 -30.34
CA THR A 61 37.90 -6.30 -28.99
C THR A 61 36.39 -6.08 -28.94
N PRO A 62 35.80 -6.13 -27.74
CA PRO A 62 34.35 -5.87 -27.65
C PRO A 62 33.94 -4.54 -28.24
N PHE A 63 34.73 -3.49 -28.05
CA PHE A 63 34.38 -2.18 -28.58
C PHE A 63 34.34 -2.20 -30.10
N ASP A 64 35.34 -2.81 -30.74
CA ASP A 64 35.37 -2.86 -32.20
C ASP A 64 34.19 -3.66 -32.74
N MET A 65 33.86 -4.78 -32.08
CA MET A 65 32.72 -5.57 -32.52
C MET A 65 31.42 -4.79 -32.38
N SER A 66 31.26 -4.05 -31.28
CA SER A 66 30.06 -3.24 -31.10
C SER A 66 29.96 -2.16 -32.16
N ILE A 67 31.07 -1.50 -32.48
CA ILE A 67 31.06 -0.47 -33.50
C ILE A 67 30.71 -1.06 -34.85
N GLN A 68 31.28 -2.22 -35.18
CA GLN A 68 30.97 -2.88 -36.44
C GLN A 68 29.50 -3.24 -36.52
N CYS A 69 28.94 -3.77 -35.43
CA CYS A 69 27.52 -4.11 -35.42
C CYS A 69 26.65 -2.87 -35.62
N ILE A 70 27.00 -1.77 -34.96
CA ILE A 70 26.22 -0.54 -35.12
C ILE A 70 26.28 -0.05 -36.55
N GLN A 71 27.48 -0.08 -37.15
CA GLN A 71 27.62 0.37 -38.54
C GLN A 71 26.84 -0.52 -39.49
N SER A 72 26.87 -1.84 -39.27
CA SER A 72 26.11 -2.75 -40.12
C SER A 72 24.61 -2.47 -39.99
N VAL A 73 24.13 -2.24 -38.77
CA VAL A 73 22.72 -1.92 -38.58
C VAL A 73 22.36 -0.63 -39.29
N TYR A 74 23.22 0.38 -39.20
CA TYR A 74 22.97 1.64 -39.89
C TYR A 74 22.88 1.44 -41.39
N ILE A 75 23.83 0.69 -41.96
CA ILE A 75 23.84 0.46 -43.40
C ILE A 75 22.60 -0.29 -43.83
N SER A 76 22.21 -1.32 -43.07
CA SER A 76 21.02 -2.07 -43.41
C SER A 76 19.77 -1.21 -43.34
N LYS A 77 19.69 -0.35 -42.31
CA LYS A 77 18.51 0.50 -42.14
C LYS A 77 18.42 1.56 -43.23
N ILE A 78 19.55 2.04 -43.73
CA ILE A 78 19.51 3.07 -44.77
C ILE A 78 18.72 2.58 -45.97
N ILE A 79 18.89 1.33 -46.35
CA ILE A 79 18.21 0.78 -47.52
C ILE A 79 16.87 0.18 -47.15
N SER A 80 16.84 -0.70 -46.15
CA SER A 80 15.62 -1.42 -45.84
C SER A 80 14.50 -0.48 -45.40
N SER A 81 14.81 0.46 -44.50
CA SER A 81 13.79 1.37 -43.98
C SER A 81 14.49 2.64 -43.51
N ASP A 82 14.39 3.70 -44.31
CA ASP A 82 15.09 4.95 -44.04
C ASP A 82 14.28 5.93 -43.21
N ARG A 83 13.03 5.59 -42.86
CA ARG A 83 12.19 6.47 -42.06
C ARG A 83 12.29 6.20 -40.57
N ASP A 84 13.05 5.20 -40.15
CA ASP A 84 13.17 4.86 -38.75
C ASP A 84 14.28 5.67 -38.08
N LEU A 85 14.26 5.66 -36.75
CA LEU A 85 15.15 6.48 -35.94
C LEU A 85 16.17 5.61 -35.22
N LEU A 86 17.41 6.07 -35.15
CA LEU A 86 18.47 5.37 -34.46
C LEU A 86 19.27 6.38 -33.64
N ALA A 87 19.89 5.90 -32.56
CA ALA A 87 20.69 6.73 -31.69
C ALA A 87 21.87 5.92 -31.17
N VAL A 88 22.93 6.63 -30.78
CA VAL A 88 24.14 6.02 -30.26
C VAL A 88 24.52 6.73 -28.96
N VAL A 89 24.60 5.97 -27.87
CA VAL A 89 24.85 6.50 -26.54
C VAL A 89 25.91 5.62 -25.88
N PHE A 90 26.90 6.25 -25.25
CA PHE A 90 27.92 5.56 -24.48
C PHE A 90 27.79 5.91 -23.01
N TYR A 91 28.13 4.94 -22.15
CA TYR A 91 28.11 5.13 -20.71
C TYR A 91 29.41 4.62 -20.11
N GLY A 92 29.85 5.27 -19.04
CA GLY A 92 31.12 4.98 -18.42
C GLY A 92 32.27 5.85 -18.85
N THR A 93 32.01 6.94 -19.55
CA THR A 93 33.05 7.84 -20.04
C THR A 93 33.28 8.98 -19.05
N GLU A 94 34.48 9.55 -19.13
CA GLU A 94 34.82 10.68 -18.26
C GLU A 94 33.91 11.88 -18.54
N LYS A 95 33.66 12.17 -19.81
CA LYS A 95 32.84 13.31 -20.19
C LYS A 95 31.36 12.95 -20.11
N ASP A 96 30.50 13.93 -20.35
CA ASP A 96 29.07 13.73 -20.34
C ASP A 96 28.41 14.73 -21.28
N LYS A 97 27.31 14.30 -21.90
CA LYS A 97 26.56 15.16 -22.81
C LYS A 97 25.14 14.63 -22.91
N ASN A 98 24.20 15.34 -22.31
CA ASN A 98 22.78 15.00 -22.42
C ASN A 98 21.97 16.18 -21.87
N SER A 99 20.65 16.05 -21.96
CA SER A 99 19.77 17.18 -21.64
C SER A 99 19.89 17.58 -20.17
N VAL A 100 19.80 16.60 -19.26
CA VAL A 100 19.80 16.91 -17.83
C VAL A 100 21.21 17.08 -17.28
N ASN A 101 22.23 16.70 -18.04
CA ASN A 101 23.62 16.86 -17.63
C ASN A 101 23.98 15.88 -16.50
N PHE A 102 23.57 14.62 -16.64
CA PHE A 102 24.00 13.59 -15.71
C PHE A 102 25.52 13.42 -15.82
N LYS A 103 26.09 12.57 -14.98
CA LYS A 103 27.54 12.39 -14.92
C LYS A 103 27.95 11.08 -15.58
N ASN A 104 28.94 11.17 -16.47
CA ASN A 104 29.54 9.99 -17.11
C ASN A 104 28.53 9.27 -18.00
N ILE A 105 27.79 10.05 -18.80
CA ILE A 105 26.87 9.50 -19.79
C ILE A 105 26.94 10.41 -21.01
N TYR A 106 27.52 9.91 -22.10
CA TYR A 106 27.70 10.68 -23.33
C TYR A 106 26.68 10.23 -24.36
N VAL A 107 26.05 11.19 -25.02
CA VAL A 107 25.09 10.91 -26.08
C VAL A 107 25.70 11.33 -27.42
N LEU A 108 26.34 10.38 -28.11
CA LEU A 108 27.03 10.73 -29.34
C LEU A 108 26.06 11.13 -30.43
N GLN A 109 24.97 10.37 -30.61
CA GLN A 109 24.01 10.65 -31.67
C GLN A 109 22.59 10.51 -31.13
N GLU A 110 21.78 11.55 -31.30
CA GLU A 110 20.40 11.52 -30.87
C GLU A 110 19.57 10.65 -31.82
N LEU A 111 18.27 10.62 -31.57
CA LEU A 111 17.35 9.81 -32.38
C LEU A 111 17.01 10.59 -33.65
N ASP A 112 17.47 10.10 -34.79
CA ASP A 112 17.21 10.74 -36.08
C ASP A 112 17.36 9.69 -37.17
N ASN A 113 16.88 10.04 -38.36
CA ASN A 113 16.94 9.11 -39.48
C ASN A 113 18.40 8.81 -39.83
N PRO A 114 18.70 7.59 -40.25
CA PRO A 114 20.10 7.24 -40.57
C PRO A 114 20.61 8.00 -41.78
N GLY A 115 21.93 8.20 -41.80
CA GLY A 115 22.56 8.89 -42.90
C GLY A 115 24.03 8.52 -42.99
N ALA A 116 24.66 8.99 -44.07
CA ALA A 116 26.07 8.69 -44.30
C ALA A 116 26.96 9.39 -43.29
N LYS A 117 26.56 10.59 -42.85
CA LYS A 117 27.39 11.34 -41.90
C LYS A 117 27.57 10.58 -40.60
N ARG A 118 26.49 9.96 -40.11
CA ARG A 118 26.58 9.20 -38.87
C ARG A 118 27.50 7.99 -39.03
N ILE A 119 27.42 7.29 -40.16
CA ILE A 119 28.30 6.16 -40.41
C ILE A 119 29.75 6.61 -40.45
N LEU A 120 30.02 7.74 -41.12
CA LEU A 120 31.38 8.25 -41.16
C LEU A 120 31.87 8.63 -39.77
N GLU A 121 30.99 9.25 -38.96
CA GLU A 121 31.37 9.61 -37.60
C GLU A 121 31.70 8.37 -36.78
N LEU A 122 30.94 7.29 -36.95
CA LEU A 122 31.23 6.06 -36.24
C LEU A 122 32.49 5.39 -36.77
N ASP A 123 32.84 5.65 -38.04
CA ASP A 123 33.97 4.96 -38.66
C ASP A 123 35.29 5.25 -37.95
N GLN A 124 35.41 6.43 -37.34
CA GLN A 124 36.68 6.82 -36.72
C GLN A 124 36.89 6.17 -35.35
N PHE A 125 36.12 5.13 -35.01
CA PHE A 125 36.34 4.37 -33.79
C PHE A 125 36.46 2.88 -34.08
N LYS A 126 36.77 2.50 -35.32
CA LYS A 126 36.83 1.09 -35.70
C LYS A 126 38.16 0.46 -35.32
N GLY A 127 39.25 0.97 -35.89
CA GLY A 127 40.55 0.37 -35.71
C GLY A 127 41.20 0.79 -34.40
N GLN A 128 42.49 0.44 -34.29
CA GLN A 128 43.24 0.78 -33.09
C GLN A 128 43.38 2.29 -32.94
N GLN A 129 43.65 2.99 -34.06
CA GLN A 129 43.67 4.45 -34.02
C GLN A 129 42.32 5.00 -33.59
N GLY A 130 41.24 4.33 -34.01
CA GLY A 130 39.92 4.73 -33.54
C GLY A 130 39.76 4.56 -32.04
N GLN A 131 40.31 3.47 -31.50
CA GLN A 131 40.28 3.27 -30.06
C GLN A 131 41.04 4.39 -29.34
N LYS A 132 42.21 4.75 -29.86
CA LYS A 132 42.98 5.83 -29.26
C LYS A 132 42.22 7.14 -29.33
N ARG A 133 41.58 7.42 -30.47
CA ARG A 133 40.79 8.64 -30.60
C ARG A 133 39.65 8.67 -29.60
N PHE A 134 38.95 7.55 -29.44
CA PHE A 134 37.85 7.48 -28.48
C PHE A 134 38.36 7.72 -27.06
N GLN A 135 39.47 7.08 -26.70
CA GLN A 135 40.02 7.25 -25.37
C GLN A 135 40.42 8.70 -25.13
N ASP A 136 41.03 9.34 -26.13
CA ASP A 136 41.45 10.73 -25.97
C ASP A 136 40.26 11.66 -25.85
N MET A 137 39.21 11.44 -26.65
CA MET A 137 38.09 12.38 -26.68
C MET A 137 37.12 12.14 -25.54
N MET A 138 36.50 10.95 -25.49
CA MET A 138 35.47 10.66 -24.51
C MET A 138 36.04 10.16 -23.19
N GLY A 139 37.07 9.34 -23.24
CA GLY A 139 37.61 8.70 -22.05
C GLY A 139 36.91 7.39 -21.74
N HIS A 140 37.50 6.66 -20.79
CA HIS A 140 36.97 5.36 -20.41
C HIS A 140 37.41 5.04 -19.00
N GLY A 141 36.76 4.05 -18.40
CA GLY A 141 37.09 3.61 -17.06
C GLY A 141 36.60 4.57 -15.99
N SER A 142 35.29 4.72 -15.85
CA SER A 142 34.71 5.59 -14.85
C SER A 142 33.50 4.92 -14.23
N ASP A 143 33.18 5.31 -12.99
CA ASP A 143 32.02 4.78 -12.30
C ASP A 143 30.74 5.26 -12.97
N TYR A 144 29.68 4.48 -12.80
CA TYR A 144 28.41 4.78 -13.44
C TYR A 144 27.29 4.09 -12.68
N SER A 145 26.06 4.37 -13.09
CA SER A 145 24.88 3.70 -12.56
C SER A 145 23.90 3.47 -13.70
N LEU A 146 23.41 2.24 -13.82
CA LEU A 146 22.52 1.90 -14.92
C LEU A 146 21.23 2.71 -14.87
N SER A 147 20.81 3.13 -13.67
CA SER A 147 19.59 3.91 -13.55
C SER A 147 19.70 5.22 -14.33
N GLU A 148 20.84 5.90 -14.22
CA GLU A 148 21.03 7.15 -14.95
C GLU A 148 21.00 6.92 -16.45
N VAL A 149 21.64 5.85 -16.92
CA VAL A 149 21.67 5.58 -18.35
C VAL A 149 20.27 5.28 -18.87
N LEU A 150 19.49 4.50 -18.11
CA LEU A 150 18.13 4.20 -18.52
C LEU A 150 17.26 5.45 -18.51
N TRP A 151 17.49 6.33 -17.53
CA TRP A 151 16.75 7.60 -17.50
C TRP A 151 17.07 8.44 -18.73
N VAL A 152 18.35 8.50 -19.12
CA VAL A 152 18.74 9.26 -20.30
C VAL A 152 18.11 8.67 -21.55
N CYS A 153 18.09 7.33 -21.65
CA CYS A 153 17.45 6.69 -22.80
C CYS A 153 15.96 6.99 -22.84
N ALA A 154 15.29 6.96 -21.69
CA ALA A 154 13.86 7.28 -21.65
C ALA A 154 13.62 8.73 -22.07
N ASN A 155 14.48 9.64 -21.62
CA ASN A 155 14.36 11.04 -22.03
C ASN A 155 14.55 11.18 -23.54
N LEU A 156 15.51 10.46 -24.10
CA LEU A 156 15.72 10.50 -25.54
C LEU A 156 14.48 10.00 -26.27
N PHE A 157 13.88 8.91 -25.79
CA PHE A 157 12.68 8.40 -26.42
C PHE A 157 11.53 9.40 -26.33
N SER A 158 11.37 10.03 -25.17
CA SER A 158 10.31 11.02 -25.02
C SER A 158 10.55 12.24 -25.89
N ASP A 159 11.81 12.53 -26.22
CA ASP A 159 12.11 13.68 -27.07
C ASP A 159 11.49 13.52 -28.45
N VAL A 160 11.49 12.29 -28.98
CA VAL A 160 10.96 12.02 -30.32
C VAL A 160 9.56 12.59 -30.44
N GLN A 161 9.21 13.06 -31.64
CA GLN A 161 7.93 13.71 -31.88
C GLN A 161 6.99 12.90 -32.76
N PHE A 162 7.51 11.97 -33.56
CA PHE A 162 6.66 11.15 -34.41
C PHE A 162 6.08 9.98 -33.62
N LYS A 163 5.11 9.31 -34.24
CA LYS A 163 4.52 8.12 -33.63
C LYS A 163 5.50 6.95 -33.75
N MET A 164 5.75 6.28 -32.63
CA MET A 164 6.72 5.20 -32.55
C MET A 164 5.99 3.90 -32.28
N SER A 165 6.07 2.97 -33.25
CA SER A 165 5.45 1.66 -33.07
C SER A 165 6.26 0.76 -32.16
N HIS A 166 7.59 0.89 -32.17
CA HIS A 166 8.48 0.06 -31.37
C HIS A 166 9.48 0.94 -30.65
N LYS A 167 9.81 0.57 -29.42
CA LYS A 167 10.83 1.25 -28.61
C LYS A 167 11.78 0.19 -28.08
N ARG A 168 13.04 0.24 -28.52
CA ARG A 168 14.02 -0.79 -28.22
C ARG A 168 15.33 -0.16 -27.77
N ILE A 169 15.98 -0.81 -26.80
CA ILE A 169 17.30 -0.40 -26.33
C ILE A 169 18.19 -1.64 -26.34
N MET A 170 19.24 -1.60 -27.16
CA MET A 170 20.21 -2.69 -27.26
C MET A 170 21.43 -2.33 -26.43
N LEU A 171 21.66 -3.08 -25.36
CA LEU A 171 22.76 -2.83 -24.43
C LEU A 171 23.89 -3.78 -24.76
N PHE A 172 24.93 -3.25 -25.41
CA PHE A 172 26.14 -4.02 -25.68
C PHE A 172 27.05 -3.95 -24.46
N THR A 173 27.30 -5.09 -23.81
CA THR A 173 28.11 -5.09 -22.61
C THR A 173 28.70 -6.47 -22.40
N ASN A 174 29.68 -6.54 -21.49
CA ASN A 174 30.30 -7.81 -21.13
C ASN A 174 30.52 -7.94 -19.63
N GLU A 175 29.92 -7.07 -18.81
CA GLU A 175 30.09 -7.09 -17.37
C GLU A 175 28.79 -7.59 -16.74
N ASP A 176 28.79 -8.84 -16.30
CA ASP A 176 27.60 -9.44 -15.70
C ASP A 176 27.34 -8.92 -14.28
N ASN A 177 28.29 -8.20 -13.68
CA ASN A 177 28.15 -7.66 -12.33
C ASN A 177 28.52 -6.18 -12.35
N PRO A 178 27.71 -5.34 -12.99
CA PRO A 178 28.01 -3.90 -13.01
C PRO A 178 28.04 -3.27 -11.64
N HIS A 179 27.22 -3.74 -10.71
CA HIS A 179 27.07 -3.14 -9.39
C HIS A 179 27.11 -4.22 -8.30
N GLY A 180 28.09 -5.12 -8.40
CA GLY A 180 28.25 -6.13 -7.36
C GLY A 180 28.60 -5.52 -6.01
N ASN A 181 29.49 -4.52 -6.02
CA ASN A 181 29.92 -3.91 -4.76
C ASN A 181 28.77 -3.20 -4.06
N ASP A 182 27.94 -2.47 -4.80
CA ASP A 182 26.88 -1.64 -4.24
C ASP A 182 25.53 -2.31 -4.49
N SER A 183 24.75 -2.46 -3.42
CA SER A 183 23.43 -3.07 -3.53
C SER A 183 22.33 -2.06 -3.82
N ALA A 184 22.45 -0.84 -3.30
CA ALA A 184 21.43 0.18 -3.55
C ALA A 184 21.36 0.51 -5.04
N LYS A 185 22.51 0.60 -5.70
CA LYS A 185 22.52 0.90 -7.13
C LYS A 185 21.81 -0.19 -7.92
N ALA A 186 22.00 -1.46 -7.53
CA ALA A 186 21.32 -2.55 -8.21
C ALA A 186 19.82 -2.44 -8.06
N SER A 187 19.33 -2.11 -6.87
CA SER A 187 17.90 -1.97 -6.65
C SER A 187 17.35 -0.80 -7.47
N ARG A 188 18.08 0.32 -7.50
CA ARG A 188 17.63 1.46 -8.30
C ARG A 188 17.58 1.10 -9.78
N ALA A 189 18.58 0.37 -10.26
CA ALA A 189 18.58 -0.05 -11.65
C ALA A 189 17.40 -0.97 -11.95
N ARG A 190 17.10 -1.89 -11.03
CA ARG A 190 15.95 -2.77 -11.23
C ARG A 190 14.66 -1.98 -11.28
N THR A 191 14.51 -1.00 -10.38
CA THR A 191 13.30 -0.17 -10.38
C THR A 191 13.17 0.61 -11.68
N LYS A 192 14.28 1.19 -12.15
CA LYS A 192 14.24 1.96 -13.40
C LYS A 192 13.92 1.05 -14.58
N ALA A 193 14.48 -0.16 -14.60
CA ALA A 193 14.18 -1.10 -15.67
C ALA A 193 12.71 -1.49 -15.65
N GLY A 194 12.15 -1.71 -14.47
CA GLY A 194 10.72 -2.01 -14.38
C GLY A 194 9.87 -0.86 -14.87
N ASP A 195 10.25 0.37 -14.52
CA ASP A 195 9.52 1.53 -15.02
C ASP A 195 9.58 1.61 -16.53
N LEU A 196 10.77 1.40 -17.11
CA LEU A 196 10.91 1.43 -18.56
C LEU A 196 10.07 0.35 -19.21
N ARG A 197 10.05 -0.85 -18.61
CA ARG A 197 9.22 -1.93 -19.15
C ARG A 197 7.74 -1.53 -19.12
N ASP A 198 7.29 -0.94 -18.02
CA ASP A 198 5.90 -0.53 -17.93
C ASP A 198 5.59 0.64 -18.85
N THR A 199 6.62 1.37 -19.31
CA THR A 199 6.41 2.43 -20.28
C THR A 199 6.29 1.92 -21.70
N GLY A 200 6.74 0.70 -21.98
CA GLY A 200 6.65 0.12 -23.30
C GLY A 200 7.98 0.15 -24.05
N ILE A 201 9.07 -0.13 -23.34
CA ILE A 201 10.40 -0.15 -23.92
C ILE A 201 11.01 -1.53 -23.71
N PHE A 202 11.52 -2.11 -24.79
CA PHE A 202 12.08 -3.46 -24.77
C PHE A 202 13.60 -3.37 -24.70
N LEU A 203 14.19 -4.01 -23.70
CA LEU A 203 15.63 -4.02 -23.52
C LEU A 203 16.20 -5.36 -23.96
N ASP A 204 17.19 -5.31 -24.85
CA ASP A 204 17.84 -6.50 -25.38
C ASP A 204 19.33 -6.43 -25.06
N LEU A 205 19.84 -7.46 -24.41
CA LEU A 205 21.24 -7.51 -23.98
C LEU A 205 22.08 -8.23 -25.00
N MET A 206 23.19 -7.60 -25.40
CA MET A 206 24.19 -8.21 -26.27
C MET A 206 25.43 -8.43 -25.42
N HIS A 207 25.64 -9.66 -24.98
CA HIS A 207 26.75 -10.02 -24.12
C HIS A 207 27.94 -10.42 -24.98
N LEU A 208 29.08 -9.78 -24.75
CA LEU A 208 30.30 -10.05 -25.50
C LEU A 208 31.23 -10.93 -24.68
N LYS A 209 32.26 -11.43 -25.35
CA LYS A 209 33.17 -12.38 -24.71
C LYS A 209 33.77 -11.79 -23.45
N LYS A 210 33.86 -12.61 -22.42
CA LYS A 210 34.44 -12.23 -21.14
C LYS A 210 35.55 -13.21 -20.75
N PRO A 211 36.59 -12.75 -20.05
CA PRO A 211 37.65 -13.68 -19.65
C PRO A 211 37.14 -14.90 -18.89
N GLY A 212 36.40 -14.69 -17.80
CA GLY A 212 35.88 -15.80 -17.02
C GLY A 212 34.63 -16.41 -17.61
N GLY A 213 33.58 -15.62 -17.75
CA GLY A 213 32.33 -16.10 -18.27
C GLY A 213 31.17 -15.17 -17.96
N PHE A 214 30.21 -15.08 -18.87
CA PHE A 214 29.06 -14.21 -18.71
C PHE A 214 27.88 -15.01 -18.18
N ASP A 215 27.26 -14.51 -17.11
CA ASP A 215 26.10 -15.15 -16.49
C ASP A 215 24.93 -14.17 -16.53
N ILE A 216 23.97 -14.44 -17.41
CA ILE A 216 22.82 -13.55 -17.53
C ILE A 216 21.94 -13.64 -16.28
N SER A 217 21.74 -14.84 -15.76
CA SER A 217 20.85 -15.03 -14.62
C SER A 217 21.36 -14.33 -13.36
N LEU A 218 22.64 -13.97 -13.32
CA LEU A 218 23.21 -13.39 -12.10
C LEU A 218 22.55 -12.06 -11.76
N PHE A 219 22.51 -11.14 -12.71
CA PHE A 219 21.97 -9.80 -12.47
C PHE A 219 20.94 -9.37 -13.51
N TYR A 220 21.12 -9.74 -14.77
CA TYR A 220 20.29 -9.23 -15.86
C TYR A 220 19.00 -10.01 -16.04
N ARG A 221 18.73 -11.02 -15.23
CA ARG A 221 17.52 -11.80 -15.39
C ARG A 221 16.27 -10.93 -15.23
N ASP A 222 16.29 -10.02 -14.25
CA ASP A 222 15.14 -9.17 -13.95
C ASP A 222 15.10 -7.90 -14.79
N ILE A 223 16.10 -7.65 -15.62
CA ILE A 223 16.15 -6.44 -16.44
C ILE A 223 15.69 -6.72 -17.86
N ILE A 224 16.10 -7.84 -18.45
CA ILE A 224 15.71 -8.16 -19.82
C ILE A 224 14.19 -8.35 -19.87
N SER A 225 13.57 -7.76 -20.88
CA SER A 225 12.11 -7.83 -21.00
C SER A 225 11.64 -9.26 -21.20
N ILE A 226 12.31 -10.01 -22.07
CA ILE A 226 11.92 -11.37 -22.41
C ILE A 226 13.14 -12.27 -22.32
N ALA A 227 12.99 -13.41 -21.67
CA ALA A 227 14.06 -14.41 -21.54
C ALA A 227 13.73 -15.60 -22.44
N GLU A 228 14.71 -16.05 -23.20
CA GLU A 228 14.51 -17.17 -24.11
C GLU A 228 14.36 -18.47 -23.32
N ASP A 229 13.98 -19.53 -24.05
CA ASP A 229 13.78 -20.83 -23.40
C ASP A 229 15.06 -21.32 -22.75
N GLU A 230 16.19 -21.18 -23.43
CA GLU A 230 17.50 -21.59 -22.92
C GLU A 230 18.37 -20.34 -22.85
N ASP A 231 18.27 -19.61 -21.73
CA ASP A 231 19.05 -18.40 -21.54
C ASP A 231 19.62 -18.27 -20.13
N LEU A 232 19.43 -19.25 -19.26
CA LEU A 232 19.93 -19.20 -17.90
C LEU A 232 21.30 -19.85 -17.75
N ARG A 233 21.87 -20.35 -18.83
CA ARG A 233 23.18 -21.00 -18.77
C ARG A 233 24.29 -19.95 -18.93
N VAL A 234 25.53 -20.41 -18.73
CA VAL A 234 26.69 -19.55 -18.83
C VAL A 234 27.21 -19.59 -20.27
N HIS A 235 27.42 -18.42 -20.86
CA HIS A 235 27.88 -18.29 -22.23
C HIS A 235 29.36 -17.95 -22.24
N PHE A 236 30.14 -18.75 -22.97
CA PHE A 236 31.57 -18.53 -23.12
C PHE A 236 31.93 -17.87 -24.45
N GLU A 237 30.93 -17.46 -25.22
CA GLU A 237 31.15 -16.82 -26.51
C GLU A 237 30.15 -15.69 -26.68
N GLU A 238 30.25 -14.98 -27.80
CA GLU A 238 29.38 -13.84 -28.06
C GLU A 238 27.95 -14.32 -28.30
N SER A 239 27.01 -13.40 -28.08
CA SER A 239 25.60 -13.72 -28.29
C SER A 239 25.35 -14.07 -29.76
N SER A 240 24.45 -15.03 -29.98
CA SER A 240 24.13 -15.44 -31.34
C SER A 240 23.46 -14.33 -32.12
N LYS A 241 22.87 -13.34 -31.44
CA LYS A 241 22.23 -12.23 -32.13
C LYS A 241 23.23 -11.33 -32.84
N LEU A 242 24.49 -11.33 -32.39
CA LEU A 242 25.51 -10.52 -33.05
C LEU A 242 25.73 -10.98 -34.49
N GLU A 243 25.67 -12.29 -34.73
CA GLU A 243 25.80 -12.79 -36.10
C GLU A 243 24.68 -12.27 -36.99
N ASP A 244 23.45 -12.27 -36.48
CA ASP A 244 22.33 -11.73 -37.25
C ASP A 244 22.51 -10.24 -37.48
N LEU A 245 22.97 -9.50 -36.47
CA LEU A 245 23.17 -8.06 -36.62
C LEU A 245 24.22 -7.77 -37.69
N LEU A 246 25.31 -8.54 -37.70
CA LEU A 246 26.39 -8.31 -38.66
C LEU A 246 26.01 -8.75 -40.08
N ARG A 247 24.89 -9.43 -40.26
CA ARG A 247 24.45 -9.86 -41.58
C ARG A 247 23.77 -8.70 -42.28
N LYS A 248 24.42 -8.16 -43.31
CA LYS A 248 23.86 -7.02 -44.04
C LYS A 248 22.78 -7.49 -45.00
N VAL A 249 21.63 -6.83 -44.96
CA VAL A 249 20.51 -7.12 -45.85
C VAL A 249 20.23 -5.87 -46.67
N ARG A 250 20.21 -6.01 -47.99
CA ARG A 250 19.94 -4.92 -48.91
C ARG A 250 18.63 -5.25 -49.64
N ALA A 251 17.52 -4.86 -49.04
CA ALA A 251 16.20 -5.11 -49.61
C ALA A 251 15.20 -4.23 -48.89
N LYS A 252 14.45 -3.44 -49.66
CA LYS A 252 13.45 -2.56 -49.07
C LYS A 252 12.33 -3.37 -48.44
N GLU A 253 11.87 -2.92 -47.27
CA GLU A 253 10.79 -3.57 -46.53
C GLU A 253 9.61 -2.61 -46.49
N THR A 254 8.54 -2.97 -47.20
CA THR A 254 7.33 -2.17 -47.25
C THR A 254 6.31 -2.72 -46.26
N ARG A 255 5.76 -1.85 -45.43
CA ARG A 255 4.80 -2.27 -44.43
C ARG A 255 3.48 -2.66 -45.10
N LYS A 256 2.73 -3.52 -44.41
CA LYS A 256 1.47 -4.01 -44.95
C LYS A 256 0.53 -2.84 -45.26
N ARG A 257 -0.07 -2.89 -46.45
CA ARG A 257 -0.99 -1.85 -46.88
C ARG A 257 -1.95 -2.45 -47.90
N ALA A 258 -3.21 -2.01 -47.85
CA ALA A 258 -4.23 -2.50 -48.76
C ALA A 258 -4.23 -1.63 -50.01
N LEU A 259 -4.05 -2.26 -51.18
CA LEU A 259 -4.11 -1.52 -52.43
C LEU A 259 -5.46 -0.85 -52.60
N SER A 260 -6.54 -1.56 -52.31
CA SER A 260 -7.87 -0.99 -52.43
C SER A 260 -8.83 -1.77 -51.52
N ARG A 261 -9.89 -1.08 -51.10
CA ARG A 261 -10.99 -1.67 -50.37
C ARG A 261 -12.20 -1.67 -51.30
N LEU A 262 -12.57 -2.84 -51.78
CA LEU A 262 -13.62 -3.00 -52.77
C LEU A 262 -14.81 -3.74 -52.17
N LYS A 263 -15.86 -3.88 -52.99
CA LYS A 263 -17.12 -4.48 -52.57
C LYS A 263 -17.45 -5.63 -53.52
N LEU A 264 -17.35 -6.87 -53.02
CA LEU A 264 -17.79 -8.03 -53.77
C LEU A 264 -19.30 -8.10 -53.72
N LYS A 265 -19.93 -8.22 -54.90
CA LYS A 265 -21.38 -8.18 -55.04
C LYS A 265 -21.86 -9.53 -55.56
N LEU A 266 -22.28 -10.40 -54.65
CA LEU A 266 -22.96 -11.63 -55.07
C LEU A 266 -24.26 -11.29 -55.78
N ASN A 267 -24.94 -10.24 -55.34
CA ASN A 267 -26.19 -9.79 -55.94
C ASN A 267 -26.30 -8.29 -55.66
N LYS A 268 -27.23 -7.63 -56.36
CA LYS A 268 -27.43 -6.20 -56.15
C LYS A 268 -27.76 -5.89 -54.70
N ASP A 269 -28.32 -6.85 -53.96
CA ASP A 269 -28.66 -6.64 -52.55
C ASP A 269 -27.62 -7.19 -51.59
N ILE A 270 -26.76 -8.11 -52.04
CA ILE A 270 -25.77 -8.74 -51.18
C ILE A 270 -24.41 -8.17 -51.53
N VAL A 271 -23.75 -7.55 -50.55
CA VAL A 271 -22.46 -6.90 -50.73
C VAL A 271 -21.59 -7.22 -49.53
N ILE A 272 -20.31 -7.54 -49.79
CA ILE A 272 -19.34 -7.80 -48.73
C ILE A 272 -18.07 -7.00 -49.03
N SER A 273 -17.56 -6.32 -48.01
CA SER A 273 -16.34 -5.53 -48.17
C SER A 273 -15.12 -6.44 -48.11
N VAL A 274 -14.18 -6.22 -49.04
CA VAL A 274 -12.93 -6.98 -49.10
C VAL A 274 -11.79 -6.02 -49.37
N GLY A 275 -10.58 -6.48 -49.11
CA GLY A 275 -9.38 -5.71 -49.34
C GLY A 275 -8.42 -6.47 -50.22
N ILE A 276 -7.74 -5.75 -51.11
CA ILE A 276 -6.80 -6.32 -52.07
C ILE A 276 -5.38 -5.99 -51.63
N TYR A 277 -4.50 -7.00 -51.70
CA TYR A 277 -3.11 -6.86 -51.31
C TYR A 277 -2.24 -7.49 -52.39
N ASN A 278 -0.98 -7.07 -52.41
CA ASN A 278 0.02 -7.58 -53.36
C ASN A 278 1.10 -8.30 -52.57
N LEU A 279 0.94 -9.61 -52.41
CA LEU A 279 1.96 -10.42 -51.74
C LEU A 279 3.22 -10.59 -52.57
N VAL A 280 3.20 -10.19 -53.83
CA VAL A 280 4.34 -10.32 -54.73
C VAL A 280 4.38 -9.08 -55.61
N GLN A 281 5.38 -8.22 -55.40
CA GLN A 281 5.52 -6.97 -56.13
C GLN A 281 6.93 -6.84 -56.66
N LYS A 282 7.05 -6.38 -57.90
CA LYS A 282 8.36 -6.21 -58.51
C LYS A 282 9.14 -5.10 -57.81
N ALA A 283 10.45 -5.25 -57.77
CA ALA A 283 11.34 -4.30 -57.10
C ALA A 283 12.07 -3.48 -58.16
N LEU A 284 12.09 -2.17 -57.96
CA LEU A 284 12.73 -1.24 -58.88
C LEU A 284 13.70 -0.35 -58.12
N LYS A 285 14.69 0.16 -58.85
CA LYS A 285 15.63 1.10 -58.25
C LYS A 285 14.90 2.38 -57.86
N PRO A 286 15.32 3.05 -56.80
CA PRO A 286 14.71 4.33 -56.43
C PRO A 286 14.82 5.31 -57.58
N PRO A 287 13.79 6.12 -57.83
CA PRO A 287 13.82 7.02 -58.98
C PRO A 287 14.98 8.00 -58.88
N PRO A 288 15.70 8.25 -59.97
CA PRO A 288 16.74 9.27 -59.94
C PRO A 288 16.16 10.66 -59.77
N ILE A 289 16.97 11.56 -59.20
CA ILE A 289 16.61 12.95 -59.00
C ILE A 289 17.65 13.83 -59.69
N LYS A 290 17.18 14.82 -60.43
CA LYS A 290 18.09 15.72 -61.13
C LYS A 290 18.74 16.69 -60.17
N LEU A 291 20.02 16.99 -60.42
CA LEU A 291 20.78 17.92 -59.59
C LEU A 291 21.56 18.86 -60.49
N TYR A 292 21.59 20.13 -60.11
CA TYR A 292 22.42 21.10 -60.81
C TYR A 292 23.89 20.70 -60.65
N ARG A 293 24.63 20.80 -61.76
CA ARG A 293 26.02 20.36 -61.75
C ARG A 293 26.88 21.25 -60.87
N GLU A 294 26.65 22.57 -60.92
CA GLU A 294 27.58 23.50 -60.29
C GLU A 294 27.48 23.48 -58.77
N THR A 295 26.29 23.24 -58.21
CA THR A 295 26.08 23.32 -56.78
C THR A 295 25.43 22.09 -56.16
N ASN A 296 25.12 21.07 -56.96
CA ASN A 296 24.45 19.86 -56.47
C ASN A 296 23.15 20.20 -55.74
N GLU A 297 22.43 21.22 -56.22
CA GLU A 297 21.15 21.61 -55.63
C GLU A 297 20.02 21.00 -56.43
N PRO A 298 19.01 20.40 -55.79
CA PRO A 298 17.93 19.77 -56.56
C PRO A 298 17.23 20.78 -57.46
N VAL A 299 16.81 20.30 -58.63
CA VAL A 299 16.07 21.10 -59.60
C VAL A 299 14.75 20.41 -59.90
N LYS A 300 13.86 21.14 -60.58
CA LYS A 300 12.55 20.62 -60.94
C LYS A 300 12.35 20.74 -62.44
N THR A 301 11.44 19.91 -62.96
CA THR A 301 11.10 19.90 -64.37
C THR A 301 9.65 20.35 -64.52
N LYS A 302 9.44 21.37 -65.35
CA LYS A 302 8.12 21.92 -65.62
C LYS A 302 7.82 21.77 -67.11
N THR A 303 6.63 21.28 -67.43
CA THR A 303 6.21 21.08 -68.81
C THR A 303 5.25 22.18 -69.21
N ARG A 304 5.52 22.82 -70.34
CA ARG A 304 4.69 23.90 -70.86
C ARG A 304 4.32 23.60 -72.30
N THR A 305 3.03 23.74 -72.62
CA THR A 305 2.53 23.59 -73.98
C THR A 305 1.94 24.93 -74.41
N PHE A 306 2.33 25.39 -75.60
CA PHE A 306 1.94 26.71 -76.07
C PHE A 306 1.56 26.63 -77.54
N ASN A 307 0.97 27.72 -78.03
CA ASN A 307 0.59 27.83 -79.43
C ASN A 307 1.73 28.41 -80.24
N THR A 308 1.94 27.87 -81.44
CA THR A 308 3.00 28.33 -82.32
C THR A 308 2.65 29.60 -83.08
N SER A 309 1.37 29.99 -83.10
CA SER A 309 0.94 31.17 -83.82
C SER A 309 0.78 32.39 -82.92
N THR A 310 0.37 32.20 -81.66
CA THR A 310 0.19 33.29 -80.73
C THR A 310 1.09 33.21 -79.51
N GLY A 311 1.78 32.10 -79.29
CA GLY A 311 2.68 31.98 -78.16
C GLY A 311 1.98 32.12 -76.82
N GLY A 312 0.82 31.49 -76.68
CA GLY A 312 0.05 31.53 -75.44
C GLY A 312 -0.01 30.15 -74.81
N LEU A 313 0.04 30.12 -73.48
CA LEU A 313 -0.01 28.85 -72.76
C LEU A 313 -1.41 28.26 -72.86
N LEU A 314 -1.48 26.96 -73.15
CA LEU A 314 -2.73 26.24 -73.32
C LEU A 314 -2.88 25.21 -72.20
N LEU A 315 -4.02 25.26 -71.51
CA LEU A 315 -4.31 24.27 -70.50
C LEU A 315 -4.67 22.94 -71.16
N PRO A 316 -4.57 21.83 -70.43
CA PRO A 316 -4.90 20.53 -71.04
C PRO A 316 -6.32 20.47 -71.57
N SER A 317 -7.27 21.13 -70.91
CA SER A 317 -8.65 21.11 -71.38
C SER A 317 -8.86 21.96 -72.63
N ASP A 318 -8.01 22.97 -72.84
CA ASP A 318 -8.18 23.84 -74.00
C ASP A 318 -8.01 23.04 -75.30
N THR A 319 -7.00 22.17 -75.34
CA THR A 319 -6.73 21.40 -76.54
C THR A 319 -7.71 20.23 -76.67
N LYS A 320 -7.87 19.76 -77.90
CA LYS A 320 -8.70 18.62 -78.23
C LYS A 320 -7.83 17.43 -78.61
N ARG A 321 -8.48 16.32 -78.95
CA ARG A 321 -7.81 15.10 -79.35
C ARG A 321 -8.25 14.71 -80.75
N SER A 322 -7.41 13.93 -81.43
CA SER A 322 -7.68 13.56 -82.82
C SER A 322 -7.14 12.16 -83.08
N GLN A 323 -7.69 11.53 -84.12
CA GLN A 323 -7.26 10.20 -84.54
C GLN A 323 -7.62 10.03 -86.00
N ILE A 324 -6.69 9.50 -86.79
CA ILE A 324 -6.86 9.37 -88.24
C ILE A 324 -7.25 7.94 -88.54
N TYR A 325 -8.42 7.77 -89.13
CA TYR A 325 -8.92 6.45 -89.54
C TYR A 325 -9.66 6.59 -90.86
N GLY A 326 -9.35 5.73 -91.81
CA GLY A 326 -10.03 5.73 -93.09
C GLY A 326 -9.94 7.06 -93.82
N SER A 327 -8.73 7.62 -93.87
CA SER A 327 -8.49 8.90 -94.54
C SER A 327 -9.46 9.97 -94.04
N ARG A 328 -9.64 10.02 -92.73
CA ARG A 328 -10.52 11.00 -92.10
C ARG A 328 -9.95 11.36 -90.73
N GLN A 329 -10.35 12.52 -90.23
CA GLN A 329 -9.92 13.02 -88.93
C GLN A 329 -11.12 13.05 -88.00
N ILE A 330 -11.00 12.37 -86.85
CA ILE A 330 -12.06 12.29 -85.85
C ILE A 330 -11.58 13.04 -84.62
N ILE A 331 -12.37 14.02 -84.18
CA ILE A 331 -12.00 14.91 -83.09
C ILE A 331 -12.87 14.61 -81.88
N LEU A 332 -12.24 14.33 -80.75
CA LEU A 332 -12.92 14.06 -79.49
C LEU A 332 -12.28 14.89 -78.39
N GLU A 333 -13.12 15.44 -77.51
CA GLU A 333 -12.62 16.19 -76.37
C GLU A 333 -11.97 15.25 -75.36
N LYS A 334 -11.14 15.83 -74.49
CA LYS A 334 -10.47 15.03 -73.47
C LYS A 334 -11.48 14.37 -72.53
N GLU A 335 -12.56 15.08 -72.20
CA GLU A 335 -13.55 14.51 -71.31
C GLU A 335 -14.20 13.28 -71.94
N GLU A 336 -14.52 13.35 -73.23
CA GLU A 336 -15.07 12.19 -73.91
C GLU A 336 -14.06 11.05 -73.97
N THR A 337 -12.78 11.38 -74.17
CA THR A 337 -11.75 10.34 -74.18
C THR A 337 -11.71 9.60 -72.86
N GLU A 338 -11.79 10.34 -71.75
CA GLU A 338 -11.83 9.68 -70.44
C GLU A 338 -13.12 8.87 -70.27
N GLU A 339 -14.25 9.41 -70.74
CA GLU A 339 -15.52 8.71 -70.60
C GLU A 339 -15.58 7.44 -71.43
N LEU A 340 -14.74 7.32 -72.46
CA LEU A 340 -14.72 6.11 -73.27
C LEU A 340 -14.47 4.87 -72.42
N LYS A 341 -13.72 5.01 -71.33
CA LYS A 341 -13.30 3.88 -70.51
C LYS A 341 -14.20 3.64 -69.31
N ARG A 342 -15.33 4.32 -69.23
CA ARG A 342 -16.27 4.16 -68.12
C ARG A 342 -17.24 3.04 -68.45
N PHE A 343 -17.17 1.94 -67.70
CA PHE A 343 -18.05 0.79 -67.91
C PHE A 343 -18.94 0.51 -66.71
N ASP A 344 -18.37 0.41 -65.51
CA ASP A 344 -19.13 0.08 -64.32
C ASP A 344 -18.40 0.63 -63.10
N ASP A 345 -19.12 0.67 -61.99
CA ASP A 345 -18.54 1.18 -60.75
C ASP A 345 -17.43 0.26 -60.27
N PRO A 346 -16.41 0.79 -59.60
CA PRO A 346 -15.29 -0.05 -59.16
C PRO A 346 -15.76 -1.13 -58.19
N GLY A 347 -15.17 -2.30 -58.30
CA GLY A 347 -15.44 -3.39 -57.39
C GLY A 347 -15.35 -4.73 -58.10
N LEU A 348 -15.77 -5.76 -57.39
CA LEU A 348 -15.83 -7.12 -57.90
C LEU A 348 -17.28 -7.56 -57.99
N MET A 349 -17.67 -8.07 -59.14
CA MET A 349 -19.03 -8.55 -59.38
C MET A 349 -18.97 -10.04 -59.67
N LEU A 350 -19.71 -10.82 -58.88
CA LEU A 350 -19.70 -12.27 -59.04
C LEU A 350 -20.45 -12.67 -60.29
N MET A 351 -19.91 -13.68 -60.99
CA MET A 351 -20.52 -14.21 -62.20
C MET A 351 -20.84 -15.69 -62.12
N GLY A 352 -20.09 -16.47 -61.34
CA GLY A 352 -20.32 -17.89 -61.26
C GLY A 352 -19.16 -18.59 -60.59
N PHE A 353 -19.22 -19.91 -60.59
CA PHE A 353 -18.17 -20.75 -60.02
C PHE A 353 -17.74 -21.78 -61.05
N LYS A 354 -16.42 -21.83 -61.30
CA LYS A 354 -15.87 -22.68 -62.35
C LYS A 354 -14.95 -23.74 -61.75
N PRO A 355 -15.00 -24.97 -62.25
CA PRO A 355 -14.03 -25.97 -61.79
C PRO A 355 -12.60 -25.52 -62.06
N LEU A 356 -11.71 -25.86 -61.12
CA LEU A 356 -10.31 -25.46 -61.25
C LEU A 356 -9.59 -26.21 -62.35
N VAL A 357 -10.15 -27.30 -62.86
CA VAL A 357 -9.52 -28.03 -63.95
C VAL A 357 -9.48 -27.17 -65.21
N LEU A 358 -10.42 -26.24 -65.36
CA LEU A 358 -10.51 -25.42 -66.57
C LEU A 358 -9.58 -24.21 -66.52
N LEU A 359 -8.86 -23.99 -65.43
CA LEU A 359 -7.93 -22.87 -65.33
C LEU A 359 -6.56 -23.33 -65.82
N LYS A 360 -6.11 -22.77 -66.95
CA LYS A 360 -4.85 -23.17 -67.55
C LYS A 360 -3.68 -22.49 -66.84
N LYS A 361 -2.61 -23.25 -66.64
CA LYS A 361 -1.43 -22.70 -65.98
C LYS A 361 -0.65 -21.77 -66.88
N HIS A 362 -0.69 -21.99 -68.19
CA HIS A 362 0.03 -21.16 -69.15
C HIS A 362 -0.75 -19.91 -69.55
N HIS A 363 -1.96 -19.72 -69.04
CA HIS A 363 -2.74 -18.52 -69.32
C HIS A 363 -2.45 -17.45 -68.26
N TYR A 364 -1.20 -17.04 -68.20
CA TYR A 364 -0.74 -16.04 -67.25
C TYR A 364 -0.69 -14.68 -67.93
N LEU A 365 -1.32 -13.68 -67.31
CA LEU A 365 -1.37 -12.34 -67.87
C LEU A 365 -0.72 -11.31 -66.96
N ARG A 366 -1.06 -11.30 -65.69
CA ARG A 366 -0.52 -10.34 -64.72
C ARG A 366 -0.24 -11.06 -63.41
N PRO A 367 0.60 -10.49 -62.56
CA PRO A 367 0.80 -11.08 -61.22
C PRO A 367 -0.52 -11.14 -60.45
N SER A 368 -0.69 -12.20 -59.68
CA SER A 368 -1.91 -12.42 -58.93
C SER A 368 -1.94 -11.51 -57.70
N LEU A 369 -3.14 -11.29 -57.18
CA LEU A 369 -3.37 -10.48 -55.99
C LEU A 369 -3.99 -11.34 -54.90
N PHE A 370 -4.16 -10.76 -53.72
CA PHE A 370 -4.72 -11.45 -52.57
C PHE A 370 -5.94 -10.71 -52.07
N VAL A 371 -7.03 -11.44 -51.84
CA VAL A 371 -8.29 -10.87 -51.38
C VAL A 371 -8.55 -11.39 -49.98
N TYR A 372 -8.75 -10.46 -49.04
CA TYR A 372 -8.98 -10.79 -47.63
C TYR A 372 -10.14 -9.95 -47.10
N PRO A 373 -11.03 -10.52 -46.29
CA PRO A 373 -12.20 -9.75 -45.83
C PRO A 373 -11.80 -8.58 -44.95
N GLU A 374 -12.60 -7.52 -45.01
CA GLU A 374 -12.40 -6.31 -44.23
C GLU A 374 -13.74 -5.93 -43.62
N GLU A 375 -13.83 -5.97 -42.29
CA GLU A 375 -15.10 -5.85 -41.59
C GLU A 375 -15.44 -4.41 -41.20
N SER A 376 -14.51 -3.47 -41.32
CA SER A 376 -14.81 -2.10 -40.93
C SER A 376 -15.92 -1.51 -41.80
N LEU A 377 -15.86 -1.75 -43.11
CA LEU A 377 -16.86 -1.19 -44.01
C LEU A 377 -18.20 -1.88 -43.85
N VAL A 378 -18.20 -3.22 -43.79
CA VAL A 378 -19.44 -4.00 -43.67
C VAL A 378 -19.26 -5.01 -42.55
N ILE A 379 -20.22 -5.03 -41.63
CA ILE A 379 -20.23 -6.01 -40.56
C ILE A 379 -20.83 -7.31 -41.08
N GLY A 380 -20.27 -8.43 -40.62
CA GLY A 380 -20.76 -9.74 -41.02
C GLY A 380 -20.19 -10.27 -42.31
N SER A 381 -19.30 -9.54 -42.96
CA SER A 381 -18.67 -10.02 -44.19
C SER A 381 -17.69 -11.16 -43.96
N SER A 382 -17.03 -11.18 -42.80
CA SER A 382 -16.05 -12.23 -42.51
C SER A 382 -16.69 -13.61 -42.48
N THR A 383 -17.89 -13.72 -41.90
CA THR A 383 -18.55 -15.03 -41.83
C THR A 383 -18.85 -15.55 -43.22
N LEU A 384 -19.42 -14.71 -44.09
CA LEU A 384 -19.73 -15.13 -45.45
C LEU A 384 -18.46 -15.47 -46.21
N PHE A 385 -17.41 -14.66 -46.04
CA PHE A 385 -16.15 -14.96 -46.70
C PHE A 385 -15.60 -16.33 -46.28
N SER A 386 -15.63 -16.61 -44.96
CA SER A 386 -15.14 -17.88 -44.48
C SER A 386 -15.97 -19.04 -45.01
N ALA A 387 -17.29 -18.89 -45.02
CA ALA A 387 -18.15 -19.95 -45.55
C ALA A 387 -17.85 -20.21 -47.03
N LEU A 388 -17.74 -19.14 -47.82
CA LEU A 388 -17.43 -19.29 -49.23
C LEU A 388 -16.08 -19.97 -49.42
N LEU A 389 -15.08 -19.57 -48.63
CA LEU A 389 -13.77 -20.19 -48.74
C LEU A 389 -13.83 -21.68 -48.43
N ILE A 390 -14.54 -22.04 -47.36
CA ILE A 390 -14.62 -23.45 -46.96
C ILE A 390 -15.30 -24.26 -48.06
N LYS A 391 -16.43 -23.77 -48.57
CA LYS A 391 -17.16 -24.53 -49.58
C LYS A 391 -16.38 -24.61 -50.89
N CYS A 392 -15.69 -23.53 -51.27
CA CYS A 392 -14.89 -23.56 -52.48
C CYS A 392 -13.73 -24.54 -52.35
N LEU A 393 -13.09 -24.59 -51.19
CA LEU A 393 -12.05 -25.59 -50.98
C LEU A 393 -12.62 -26.99 -51.04
N GLU A 394 -13.79 -27.22 -50.43
CA GLU A 394 -14.38 -28.54 -50.45
C GLU A 394 -14.74 -28.98 -51.86
N LYS A 395 -15.31 -28.08 -52.66
CA LYS A 395 -15.76 -28.42 -54.01
C LYS A 395 -14.70 -28.20 -55.07
N GLU A 396 -13.54 -27.63 -54.72
CA GLU A 396 -12.48 -27.35 -55.68
C GLU A 396 -12.99 -26.53 -56.86
N VAL A 397 -13.45 -25.32 -56.55
CA VAL A 397 -13.97 -24.39 -57.54
C VAL A 397 -13.36 -23.01 -57.30
N ALA A 398 -13.35 -22.20 -58.34
CA ALA A 398 -12.86 -20.83 -58.30
C ALA A 398 -13.99 -19.88 -58.70
N ALA A 399 -14.10 -18.76 -58.00
CA ALA A 399 -15.18 -17.81 -58.24
C ALA A 399 -14.79 -16.90 -59.39
N LEU A 400 -15.48 -17.02 -60.51
CA LEU A 400 -15.28 -16.09 -61.62
C LEU A 400 -15.94 -14.76 -61.30
N CYS A 401 -15.25 -13.66 -61.61
CA CYS A 401 -15.74 -12.34 -61.27
C CYS A 401 -15.29 -11.34 -62.31
N ARG A 402 -16.00 -10.21 -62.33
CA ARG A 402 -15.62 -9.04 -63.13
C ARG A 402 -15.03 -7.99 -62.19
N TYR A 403 -13.84 -7.52 -62.51
CA TYR A 403 -13.02 -6.72 -61.61
C TYR A 403 -12.79 -5.35 -62.22
N THR A 404 -13.08 -4.31 -61.46
CA THR A 404 -12.86 -2.92 -61.88
C THR A 404 -12.13 -2.21 -60.76
N PRO A 405 -10.79 -2.14 -60.82
CA PRO A 405 -10.05 -1.59 -59.66
C PRO A 405 -10.40 -0.15 -59.35
N ARG A 406 -10.29 0.74 -60.33
CA ARG A 406 -10.51 2.17 -60.12
C ARG A 406 -11.62 2.66 -61.03
N ARG A 407 -12.19 3.82 -60.67
CA ARG A 407 -13.24 4.41 -61.49
C ARG A 407 -12.70 4.79 -62.86
N ASN A 408 -13.54 4.64 -63.88
CA ASN A 408 -13.19 4.94 -65.26
C ASN A 408 -12.02 4.07 -65.72
N ILE A 409 -12.22 2.76 -65.60
CA ILE A 409 -11.25 1.78 -66.07
C ILE A 409 -12.00 0.58 -66.63
N PRO A 410 -11.59 0.01 -67.77
CA PRO A 410 -12.33 -1.12 -68.31
C PRO A 410 -12.26 -2.30 -67.36
N PRO A 411 -13.29 -3.14 -67.34
CA PRO A 411 -13.29 -4.31 -66.46
C PRO A 411 -12.41 -5.43 -67.00
N TYR A 412 -12.04 -6.34 -66.10
CA TYR A 412 -11.28 -7.53 -66.46
C TYR A 412 -11.90 -8.75 -65.81
N PHE A 413 -11.87 -9.88 -66.50
CA PHE A 413 -12.39 -11.12 -65.96
C PHE A 413 -11.30 -11.79 -65.13
N VAL A 414 -11.59 -12.06 -63.86
CA VAL A 414 -10.63 -12.62 -62.93
C VAL A 414 -11.24 -13.84 -62.25
N ALA A 415 -10.38 -14.65 -61.64
CA ALA A 415 -10.80 -15.83 -60.91
C ALA A 415 -10.23 -15.79 -59.50
N LEU A 416 -11.08 -16.04 -58.52
CA LEU A 416 -10.69 -16.12 -57.12
C LEU A 416 -10.53 -17.59 -56.76
N VAL A 417 -9.28 -18.02 -56.56
CA VAL A 417 -8.97 -19.38 -56.16
C VAL A 417 -8.82 -19.42 -54.64
N PRO A 418 -9.54 -20.30 -53.94
CA PRO A 418 -9.41 -20.33 -52.48
C PRO A 418 -8.01 -20.74 -52.05
N GLN A 419 -7.59 -20.25 -50.89
CA GLN A 419 -6.30 -20.60 -50.31
C GLN A 419 -6.52 -21.18 -48.92
N GLU A 420 -5.73 -22.19 -48.57
CA GLU A 420 -5.80 -22.84 -47.27
C GLU A 420 -4.57 -22.47 -46.46
N GLU A 421 -4.79 -22.09 -45.21
CA GLU A 421 -3.68 -21.70 -44.34
C GLU A 421 -2.68 -22.84 -44.20
N GLU A 422 -1.39 -22.52 -44.32
CA GLU A 422 -0.33 -23.49 -44.17
C GLU A 422 0.71 -22.94 -43.22
N LEU A 423 1.14 -23.78 -42.27
CA LEU A 423 2.13 -23.39 -41.26
C LEU A 423 3.32 -24.34 -41.32
N ASP A 424 4.50 -23.81 -41.03
CA ASP A 424 5.72 -24.60 -41.02
C ASP A 424 5.84 -25.32 -39.68
N ASP A 425 6.99 -25.97 -39.46
CA ASP A 425 7.19 -26.70 -38.21
C ASP A 425 7.19 -25.75 -37.02
N GLN A 426 7.72 -24.54 -37.20
CA GLN A 426 7.78 -23.55 -36.13
C GLN A 426 6.47 -22.79 -35.95
N LYS A 427 5.38 -23.27 -36.54
CA LYS A 427 4.07 -22.63 -36.41
C LYS A 427 4.12 -21.18 -36.89
N ILE A 428 4.83 -20.94 -37.99
CA ILE A 428 4.92 -19.63 -38.61
C ILE A 428 4.19 -19.70 -39.95
N GLN A 429 3.25 -18.77 -40.15
CA GLN A 429 2.43 -18.78 -41.36
C GLN A 429 3.30 -18.54 -42.59
N VAL A 430 2.97 -19.25 -43.68
CA VAL A 430 3.69 -19.10 -44.94
C VAL A 430 2.68 -18.89 -46.07
N THR A 431 1.41 -19.16 -45.80
CA THR A 431 0.34 -19.00 -46.80
C THR A 431 -0.90 -18.48 -46.08
N PRO A 432 -1.17 -17.17 -46.13
CA PRO A 432 -2.32 -16.64 -45.41
C PRO A 432 -3.62 -17.14 -46.03
N PRO A 433 -4.68 -17.27 -45.24
CA PRO A 433 -5.97 -17.70 -45.79
C PRO A 433 -6.68 -16.55 -46.49
N GLY A 434 -7.36 -16.88 -47.58
CA GLY A 434 -8.06 -15.88 -48.36
C GLY A 434 -8.30 -16.38 -49.77
N PHE A 435 -8.33 -15.42 -50.71
CA PHE A 435 -8.52 -15.76 -52.12
C PHE A 435 -7.35 -15.22 -52.94
N GLN A 436 -7.00 -15.97 -53.97
CA GLN A 436 -5.97 -15.57 -54.93
C GLN A 436 -6.66 -15.09 -56.20
N LEU A 437 -6.46 -13.81 -56.52
CA LEU A 437 -7.08 -13.20 -57.69
C LEU A 437 -6.12 -13.36 -58.87
N VAL A 438 -6.53 -14.15 -59.86
CA VAL A 438 -5.72 -14.41 -61.05
C VAL A 438 -6.45 -13.83 -62.25
N PHE A 439 -5.74 -13.04 -63.05
CA PHE A 439 -6.33 -12.41 -64.23
C PHE A 439 -6.45 -13.41 -65.37
N LEU A 440 -7.55 -13.33 -66.11
CA LEU A 440 -7.81 -14.22 -67.22
C LEU A 440 -7.65 -13.46 -68.53
N PRO A 441 -6.93 -14.00 -69.51
CA PRO A 441 -6.73 -13.25 -70.76
C PRO A 441 -8.01 -13.11 -71.56
N PHE A 442 -8.06 -12.06 -72.38
CA PHE A 442 -9.15 -11.86 -73.31
C PHE A 442 -8.82 -12.55 -74.64
N ALA A 443 -9.73 -12.43 -75.61
CA ALA A 443 -9.49 -13.03 -76.91
C ALA A 443 -8.29 -12.39 -77.60
N ASP A 444 -8.14 -11.07 -77.47
CA ASP A 444 -7.07 -10.35 -78.16
C ASP A 444 -5.75 -10.39 -77.41
N ASP A 445 -5.71 -11.00 -76.22
CA ASP A 445 -4.48 -11.12 -75.45
C ASP A 445 -3.66 -12.34 -75.84
N LYS A 446 -4.13 -13.16 -76.77
CA LYS A 446 -3.42 -14.33 -77.23
C LYS A 446 -2.86 -14.09 -78.63
N ARG A 447 -1.76 -14.76 -78.94
CA ARG A 447 -1.06 -14.60 -80.21
C ARG A 447 -0.99 -15.94 -80.93
N LYS A 448 -1.21 -15.91 -82.24
CA LYS A 448 -1.10 -17.11 -83.06
C LYS A 448 0.37 -17.50 -83.21
N MET A 449 0.63 -18.82 -83.10
CA MET A 449 2.00 -19.31 -83.21
C MET A 449 2.23 -19.96 -84.57
N PRO A 450 3.44 -19.86 -85.13
CA PRO A 450 3.71 -20.52 -86.40
C PRO A 450 3.54 -22.03 -86.29
N PHE A 451 3.03 -22.63 -87.36
CA PHE A 451 2.84 -24.07 -87.40
C PHE A 451 4.18 -24.78 -87.52
N THR A 452 4.40 -25.77 -86.66
CA THR A 452 5.64 -26.53 -86.64
C THR A 452 5.31 -28.02 -86.62
N GLU A 453 5.98 -28.78 -87.50
CA GLU A 453 5.77 -30.22 -87.55
C GLU A 453 6.30 -30.87 -86.27
N LYS A 454 5.61 -31.91 -85.82
CA LYS A 454 5.99 -32.61 -84.60
C LYS A 454 6.92 -33.77 -84.92
N ILE A 455 8.04 -33.84 -84.20
CA ILE A 455 9.00 -34.92 -84.34
C ILE A 455 9.16 -35.56 -82.96
N MET A 456 8.93 -36.86 -82.89
CA MET A 456 9.02 -37.59 -81.63
C MET A 456 10.48 -37.99 -81.36
N ALA A 457 10.72 -38.48 -80.15
CA ALA A 457 12.03 -38.91 -79.71
C ALA A 457 12.00 -40.38 -79.31
N THR A 458 13.08 -41.09 -79.62
CA THR A 458 13.18 -42.49 -79.28
C THR A 458 13.25 -42.66 -77.76
N PRO A 459 12.72 -43.76 -77.22
CA PRO A 459 12.79 -43.95 -75.77
C PRO A 459 14.20 -43.92 -75.21
N GLU A 460 15.21 -44.32 -75.98
CA GLU A 460 16.58 -44.27 -75.49
C GLU A 460 17.00 -42.83 -75.20
N GLN A 461 16.68 -41.91 -76.12
CA GLN A 461 17.01 -40.51 -75.91
C GLN A 461 16.28 -39.96 -74.69
N VAL A 462 15.00 -40.33 -74.53
CA VAL A 462 14.24 -39.87 -73.37
C VAL A 462 14.86 -40.38 -72.08
N GLY A 463 15.31 -41.64 -72.08
CA GLY A 463 15.95 -42.19 -70.89
C GLY A 463 17.26 -41.49 -70.56
N LYS A 464 18.07 -41.20 -71.59
CA LYS A 464 19.32 -40.48 -71.34
C LYS A 464 19.04 -39.08 -70.79
N MET A 465 18.06 -38.39 -71.36
CA MET A 465 17.71 -37.07 -70.87
C MET A 465 17.15 -37.14 -69.44
N LYS A 466 16.40 -38.19 -69.13
CA LYS A 466 15.93 -38.39 -67.77
C LYS A 466 17.10 -38.56 -66.81
N ALA A 467 18.11 -39.33 -67.23
CA ALA A 467 19.30 -39.49 -66.39
C ALA A 467 19.99 -38.15 -66.17
N ILE A 468 20.12 -37.35 -67.22
CA ILE A 468 20.75 -36.04 -67.07
C ILE A 468 19.96 -35.17 -66.11
N VAL A 469 18.64 -35.15 -66.26
CA VAL A 469 17.79 -34.33 -65.40
C VAL A 469 17.93 -34.77 -63.95
N GLU A 470 17.93 -36.08 -63.70
CA GLU A 470 18.12 -36.59 -62.34
C GLU A 470 19.47 -36.17 -61.80
N LYS A 471 20.50 -36.19 -62.63
CA LYS A 471 21.83 -35.75 -62.19
C LYS A 471 21.80 -34.28 -61.79
N LEU A 472 21.06 -33.46 -62.52
CA LEU A 472 20.99 -32.02 -62.26
C LEU A 472 19.80 -31.62 -61.40
N ARG A 473 19.38 -32.49 -60.48
CA ARG A 473 18.26 -32.19 -59.60
C ARG A 473 18.69 -31.27 -58.47
N PHE A 474 17.77 -30.40 -58.04
CA PHE A 474 18.01 -29.51 -56.92
C PHE A 474 16.67 -29.01 -56.39
N THR A 475 16.71 -28.49 -55.16
CA THR A 475 15.51 -28.00 -54.48
C THR A 475 15.40 -26.49 -54.68
N TYR A 476 14.20 -26.03 -55.04
CA TYR A 476 13.95 -24.63 -55.36
C TYR A 476 13.15 -23.98 -54.25
N ARG A 477 13.56 -22.78 -53.86
CA ARG A 477 12.85 -21.96 -52.88
C ARG A 477 12.59 -20.59 -53.47
N SER A 478 11.48 -19.98 -53.04
CA SER A 478 11.08 -18.68 -53.59
C SER A 478 12.11 -17.59 -53.31
N ASP A 479 12.93 -17.75 -52.29
CA ASP A 479 13.92 -16.75 -51.90
C ASP A 479 15.34 -17.29 -52.04
N SER A 480 15.58 -18.06 -53.10
CA SER A 480 16.88 -18.64 -53.37
C SER A 480 17.74 -17.79 -54.29
N PHE A 481 17.22 -16.67 -54.80
CA PHE A 481 17.94 -15.85 -55.75
C PHE A 481 17.77 -14.38 -55.38
N GLU A 482 18.74 -13.56 -55.82
CA GLU A 482 18.74 -12.14 -55.59
C GLU A 482 18.92 -11.40 -56.92
N ASN A 483 18.37 -10.19 -56.99
CA ASN A 483 18.46 -9.38 -58.19
C ASN A 483 19.85 -8.76 -58.30
N PRO A 484 20.71 -9.24 -59.23
CA PRO A 484 22.07 -8.70 -59.28
C PRO A 484 22.12 -7.21 -59.54
N VAL A 485 21.22 -6.69 -60.37
CA VAL A 485 21.25 -5.27 -60.71
C VAL A 485 21.04 -4.42 -59.47
N LEU A 486 20.02 -4.77 -58.68
CA LEU A 486 19.74 -3.99 -57.48
C LEU A 486 20.86 -4.09 -56.47
N GLN A 487 21.44 -5.29 -56.29
CA GLN A 487 22.55 -5.45 -55.36
C GLN A 487 23.74 -4.61 -55.78
N GLN A 488 24.08 -4.64 -57.08
CA GLN A 488 25.20 -3.85 -57.55
C GLN A 488 24.92 -2.36 -57.39
N HIS A 489 23.69 -1.93 -57.66
CA HIS A 489 23.35 -0.52 -57.50
C HIS A 489 23.49 -0.10 -56.05
N PHE A 490 22.99 -0.91 -55.11
CA PHE A 490 23.11 -0.56 -53.70
C PHE A 490 24.56 -0.52 -53.26
N ARG A 491 25.36 -1.49 -53.70
CA ARG A 491 26.78 -1.49 -53.32
C ARG A 491 27.50 -0.27 -53.88
N ASN A 492 27.23 0.09 -55.13
CA ASN A 492 27.84 1.28 -55.71
C ASN A 492 27.43 2.53 -54.98
N LEU A 493 26.14 2.65 -54.63
CA LEU A 493 25.67 3.81 -53.90
C LEU A 493 26.34 3.92 -52.53
N GLU A 494 26.46 2.78 -51.83
CA GLU A 494 27.12 2.79 -50.53
C GLU A 494 28.59 3.20 -50.68
N ALA A 495 29.27 2.68 -51.69
CA ALA A 495 30.68 3.04 -51.89
C ALA A 495 30.82 4.52 -52.19
N LEU A 496 29.94 5.07 -53.03
CA LEU A 496 30.01 6.49 -53.34
C LEU A 496 29.71 7.34 -52.10
N ALA A 497 28.72 6.94 -51.31
CA ALA A 497 28.34 7.73 -50.15
C ALA A 497 29.45 7.74 -49.10
N LEU A 498 30.02 6.57 -48.81
CA LEU A 498 31.02 6.44 -47.76
C LEU A 498 32.45 6.57 -48.28
N ASP A 499 32.63 6.86 -49.57
CA ASP A 499 33.96 7.10 -50.14
C ASP A 499 34.88 5.90 -49.95
N LEU A 500 34.34 4.70 -50.18
CA LEU A 500 35.14 3.50 -50.10
C LEU A 500 36.17 3.46 -51.23
N MET A 501 37.29 2.78 -50.98
CA MET A 501 38.35 2.68 -51.99
C MET A 501 37.84 1.98 -53.24
N GLU A 502 37.17 0.84 -53.06
CA GLU A 502 36.60 0.09 -54.18
C GLU A 502 35.22 -0.42 -53.77
N PRO A 503 34.33 -0.63 -54.73
CA PRO A 503 32.98 -1.11 -54.39
C PRO A 503 32.93 -2.62 -54.25
N GLU A 504 32.17 -3.08 -53.27
CA GLU A 504 32.00 -4.51 -53.07
C GLU A 504 31.27 -5.12 -54.26
N GLN A 505 31.77 -6.26 -54.73
CA GLN A 505 31.22 -6.94 -55.89
C GLN A 505 30.29 -8.06 -55.42
N ALA A 506 29.02 -7.98 -55.78
CA ALA A 506 28.06 -9.00 -55.40
C ALA A 506 28.28 -10.27 -56.22
N VAL A 507 28.05 -11.41 -55.57
CA VAL A 507 28.18 -12.71 -56.21
C VAL A 507 26.87 -13.02 -56.91
N ASP A 508 26.95 -13.30 -58.21
CA ASP A 508 25.77 -13.61 -59.02
C ASP A 508 25.42 -15.08 -58.84
N LEU A 509 24.39 -15.35 -58.05
CA LEU A 509 23.91 -16.72 -57.86
C LEU A 509 23.10 -17.21 -59.05
N THR A 510 22.62 -16.31 -59.91
CA THR A 510 21.84 -16.71 -61.06
C THR A 510 22.70 -17.35 -62.15
N LEU A 511 23.99 -17.07 -62.18
CA LEU A 511 24.85 -17.64 -63.19
C LEU A 511 25.00 -19.14 -62.96
N PRO A 512 24.80 -19.98 -63.98
CA PRO A 512 24.92 -21.42 -63.76
C PRO A 512 26.33 -21.83 -63.39
N LYS A 513 26.42 -22.88 -62.56
CA LYS A 513 27.71 -23.42 -62.12
C LYS A 513 28.16 -24.45 -63.14
N VAL A 514 28.80 -23.97 -64.20
CA VAL A 514 29.15 -24.85 -65.33
C VAL A 514 30.16 -25.90 -64.89
N GLU A 515 31.11 -25.53 -64.04
CA GLU A 515 32.12 -26.50 -63.59
C GLU A 515 31.47 -27.67 -62.87
N ALA A 516 30.59 -27.38 -61.91
CA ALA A 516 29.95 -28.45 -61.15
C ALA A 516 29.07 -29.31 -62.05
N MET A 517 28.34 -28.69 -62.98
CA MET A 517 27.49 -29.46 -63.88
C MET A 517 28.32 -30.37 -64.76
N ASN A 518 29.46 -29.88 -65.28
CA ASN A 518 30.33 -30.74 -66.07
C ASN A 518 30.88 -31.88 -65.24
N LYS A 519 31.28 -31.60 -64.00
CA LYS A 519 31.80 -32.67 -63.15
C LYS A 519 30.75 -33.73 -62.87
N ARG A 520 29.51 -33.31 -62.59
CA ARG A 520 28.45 -34.27 -62.30
C ARG A 520 28.14 -35.15 -63.50
N LEU A 521 28.05 -34.55 -64.68
CA LEU A 521 27.74 -35.28 -65.91
C LEU A 521 29.05 -35.80 -66.49
N GLY A 522 29.45 -37.00 -66.04
CA GLY A 522 30.69 -37.58 -66.51
C GLY A 522 30.75 -37.76 -68.01
N SER A 523 29.86 -38.58 -68.56
CA SER A 523 29.84 -38.83 -69.99
C SER A 523 28.42 -38.85 -70.57
N LEU A 524 27.42 -38.40 -69.82
CA LEU A 524 26.05 -38.42 -70.33
C LEU A 524 25.91 -37.53 -71.56
N VAL A 525 26.58 -36.38 -71.55
CA VAL A 525 26.44 -35.43 -72.67
C VAL A 525 26.94 -36.05 -73.96
N ASP A 526 28.08 -36.74 -73.91
CA ASP A 526 28.63 -37.34 -75.13
C ASP A 526 27.69 -38.40 -75.69
N GLU A 527 27.15 -39.26 -74.82
CA GLU A 527 26.23 -40.29 -75.28
C GLU A 527 24.96 -39.67 -75.86
N PHE A 528 24.43 -38.63 -75.21
CA PHE A 528 23.24 -37.97 -75.73
C PHE A 528 23.50 -37.35 -77.10
N LYS A 529 24.66 -36.70 -77.26
CA LYS A 529 25.00 -36.12 -78.54
C LYS A 529 25.14 -37.19 -79.61
N GLU A 530 25.76 -38.32 -79.26
CA GLU A 530 25.88 -39.42 -80.22
C GLU A 530 24.51 -39.94 -80.64
N LEU A 531 23.60 -40.07 -79.68
CA LEU A 531 22.27 -40.59 -80.00
C LEU A 531 21.48 -39.61 -80.85
N VAL A 532 21.59 -38.31 -80.59
CA VAL A 532 20.71 -37.33 -81.23
C VAL A 532 21.41 -36.65 -82.40
N TYR A 533 22.49 -35.93 -82.12
CA TYR A 533 23.11 -35.09 -83.14
C TYR A 533 23.94 -35.94 -84.10
N PRO A 534 23.72 -35.82 -85.41
CA PRO A 534 24.56 -36.52 -86.37
C PRO A 534 25.98 -35.98 -86.35
N PRO A 535 26.96 -36.75 -86.85
CA PRO A 535 28.35 -36.26 -86.81
C PRO A 535 28.55 -34.94 -87.53
N ASP A 536 27.86 -34.72 -88.64
CA ASP A 536 28.05 -33.50 -89.42
C ASP A 536 27.40 -32.29 -88.76
N TYR A 537 26.38 -32.50 -87.94
CA TYR A 537 25.67 -31.38 -87.32
C TYR A 537 26.62 -30.55 -86.48
N ASN A 538 26.57 -29.23 -86.67
CA ASN A 538 27.44 -28.30 -85.96
C ASN A 538 26.57 -27.22 -85.30
N PRO A 539 26.24 -27.36 -84.02
CA PRO A 539 25.40 -26.35 -83.37
C PRO A 539 26.15 -25.03 -83.20
N GLU A 540 25.41 -24.01 -82.79
CA GLU A 540 25.95 -22.67 -82.56
C GLU A 540 26.80 -22.22 -83.75
N GLY A 541 26.30 -22.48 -84.96
CA GLY A 541 27.01 -22.10 -86.17
C GLY A 541 26.09 -22.01 -87.37
N ASN B 6 -0.82 -11.73 -98.07
CA ASN B 6 -0.97 -10.62 -97.15
C ASN B 6 -2.25 -9.84 -97.44
N LYS B 7 -2.31 -9.23 -98.62
CA LYS B 7 -3.46 -8.44 -99.03
C LYS B 7 -4.50 -9.33 -99.69
N ALA B 8 -5.73 -8.82 -99.76
CA ALA B 8 -6.84 -9.53 -100.38
C ALA B 8 -7.69 -8.55 -101.17
N ALA B 9 -8.22 -9.03 -102.29
CA ALA B 9 -9.11 -8.25 -103.14
C ALA B 9 -10.51 -8.86 -103.06
N VAL B 10 -11.49 -8.03 -102.71
CA VAL B 10 -12.86 -8.48 -102.47
C VAL B 10 -13.79 -7.67 -103.36
N VAL B 11 -14.47 -8.35 -104.28
CA VAL B 11 -15.43 -7.72 -105.17
C VAL B 11 -16.81 -8.04 -104.62
N LEU B 12 -17.41 -7.07 -103.93
CA LEU B 12 -18.72 -7.25 -103.32
C LEU B 12 -19.79 -6.94 -104.36
N CYS B 13 -20.48 -7.97 -104.82
CA CYS B 13 -21.52 -7.85 -105.84
C CYS B 13 -22.88 -7.96 -105.15
N MET B 14 -23.78 -7.03 -105.46
CA MET B 14 -25.03 -6.89 -104.74
C MET B 14 -26.19 -6.74 -105.72
N ASP B 15 -27.37 -7.13 -105.25
CA ASP B 15 -28.61 -7.03 -106.01
C ASP B 15 -29.39 -5.79 -105.60
N VAL B 16 -29.90 -5.06 -106.59
CA VAL B 16 -30.70 -3.86 -106.34
C VAL B 16 -32.00 -3.99 -107.12
N GLY B 17 -32.47 -5.23 -107.32
CA GLY B 17 -33.67 -5.45 -108.10
C GLY B 17 -34.94 -5.10 -107.35
N PHE B 18 -36.05 -5.12 -108.09
CA PHE B 18 -37.35 -4.80 -107.50
C PHE B 18 -37.86 -5.94 -106.63
N THR B 19 -37.45 -7.18 -106.91
CA THR B 19 -37.95 -8.31 -106.15
C THR B 19 -37.59 -8.19 -104.67
N MET B 20 -36.49 -7.50 -104.35
CA MET B 20 -36.09 -7.37 -102.96
C MET B 20 -37.01 -6.43 -102.20
N SER B 21 -37.39 -5.30 -102.81
CA SER B 21 -38.22 -4.32 -102.13
C SER B 21 -39.56 -4.91 -101.74
N ASN B 22 -40.18 -5.67 -102.64
CA ASN B 22 -41.51 -6.24 -102.40
C ASN B 22 -41.36 -7.46 -101.49
N SER B 23 -41.72 -7.28 -100.22
CA SER B 23 -41.67 -8.37 -99.25
C SER B 23 -42.48 -7.99 -98.04
N ILE B 24 -42.74 -8.96 -97.18
CA ILE B 24 -43.52 -8.70 -95.96
C ILE B 24 -42.77 -7.70 -95.10
N PRO B 25 -43.42 -6.65 -94.58
CA PRO B 25 -42.67 -5.68 -93.75
C PRO B 25 -42.02 -6.31 -92.54
N GLY B 26 -42.67 -7.29 -91.90
CA GLY B 26 -42.09 -7.93 -90.74
C GLY B 26 -40.83 -8.71 -91.06
N ILE B 27 -40.77 -9.30 -92.27
CA ILE B 27 -39.63 -10.12 -92.66
C ILE B 27 -38.34 -9.31 -92.80
N GLU B 28 -38.42 -7.98 -92.79
CA GLU B 28 -37.24 -7.13 -92.98
C GLU B 28 -36.57 -7.44 -94.32
N SER B 29 -37.29 -7.06 -95.38
CA SER B 29 -36.98 -7.43 -96.76
C SER B 29 -35.48 -7.43 -97.02
N PRO B 30 -34.98 -8.34 -97.85
CA PRO B 30 -33.53 -8.60 -97.89
C PRO B 30 -32.68 -7.39 -98.26
N PHE B 31 -33.26 -6.36 -98.88
CA PHE B 31 -32.46 -5.19 -99.23
C PHE B 31 -31.83 -4.57 -98.00
N GLU B 32 -32.63 -4.33 -96.96
CA GLU B 32 -32.13 -3.69 -95.75
C GLU B 32 -31.09 -4.56 -95.05
N GLN B 33 -31.35 -5.87 -94.97
CA GLN B 33 -30.40 -6.76 -94.31
C GLN B 33 -29.07 -6.83 -95.06
N ALA B 34 -29.13 -6.91 -96.39
CA ALA B 34 -27.90 -6.91 -97.19
C ALA B 34 -27.16 -5.60 -97.02
N LYS B 35 -27.89 -4.48 -96.98
CA LYS B 35 -27.26 -3.19 -96.75
C LYS B 35 -26.55 -3.15 -95.40
N LYS B 36 -27.21 -3.67 -94.36
CA LYS B 36 -26.60 -3.70 -93.04
C LYS B 36 -25.35 -4.57 -93.02
N VAL B 37 -25.40 -5.73 -93.67
CA VAL B 37 -24.23 -6.60 -93.74
C VAL B 37 -23.09 -5.90 -94.45
N ILE B 38 -23.39 -5.25 -95.57
CA ILE B 38 -22.37 -4.51 -96.32
C ILE B 38 -21.73 -3.47 -95.42
N THR B 39 -22.56 -2.68 -94.74
CA THR B 39 -22.05 -1.61 -93.88
C THR B 39 -21.16 -2.18 -92.78
N MET B 40 -21.62 -3.25 -92.12
CA MET B 40 -20.85 -3.82 -91.02
C MET B 40 -19.50 -4.34 -91.50
N PHE B 41 -19.48 -5.03 -92.65
CA PHE B 41 -18.21 -5.48 -93.20
C PHE B 41 -17.30 -4.31 -93.52
N VAL B 42 -17.86 -3.22 -94.05
CA VAL B 42 -17.05 -2.06 -94.38
C VAL B 42 -16.43 -1.45 -93.12
N GLN B 43 -17.21 -1.32 -92.05
CA GLN B 43 -16.63 -0.79 -90.82
C GLN B 43 -15.54 -1.71 -90.28
N ARG B 44 -15.78 -3.02 -90.31
CA ARG B 44 -14.78 -3.95 -89.80
C ARG B 44 -13.48 -3.82 -90.58
N GLN B 45 -13.57 -3.69 -91.91
CA GLN B 45 -12.36 -3.53 -92.70
C GLN B 45 -11.70 -2.18 -92.46
N VAL B 46 -12.51 -1.12 -92.28
CA VAL B 46 -11.95 0.22 -92.13
C VAL B 46 -11.18 0.32 -90.82
N PHE B 47 -11.77 -0.16 -89.73
CA PHE B 47 -11.13 -0.02 -88.42
C PHE B 47 -10.08 -1.10 -88.15
N ALA B 48 -9.96 -2.09 -89.04
CA ALA B 48 -8.89 -3.08 -88.99
C ALA B 48 -8.03 -2.86 -90.22
N GLU B 49 -6.91 -2.17 -90.06
CA GLU B 49 -6.07 -1.76 -91.19
C GLU B 49 -5.19 -2.95 -91.59
N ASN B 50 -5.80 -3.86 -92.36
CA ASN B 50 -5.12 -5.03 -92.89
C ASN B 50 -4.62 -4.85 -94.31
N LYS B 51 -4.78 -3.66 -94.88
CA LYS B 51 -4.33 -3.37 -96.25
C LYS B 51 -5.06 -4.28 -97.25
N ASP B 52 -6.38 -4.21 -97.21
CA ASP B 52 -7.25 -5.00 -98.07
C ASP B 52 -8.00 -4.08 -99.04
N GLU B 53 -8.16 -4.54 -100.27
CA GLU B 53 -8.83 -3.79 -101.32
C GLU B 53 -10.23 -4.35 -101.53
N ILE B 54 -11.22 -3.47 -101.62
CA ILE B 54 -12.61 -3.86 -101.82
C ILE B 54 -13.23 -2.98 -102.90
N ALA B 55 -13.98 -3.60 -103.80
CA ALA B 55 -14.72 -2.92 -104.85
C ALA B 55 -16.20 -3.32 -104.76
N LEU B 56 -17.06 -2.48 -105.35
CA LEU B 56 -18.50 -2.67 -105.24
C LEU B 56 -19.13 -2.74 -106.63
N VAL B 57 -19.94 -3.76 -106.85
CA VAL B 57 -20.67 -3.95 -108.10
C VAL B 57 -22.14 -4.17 -107.77
N LEU B 58 -23.03 -3.64 -108.60
CA LEU B 58 -24.46 -3.78 -108.41
C LEU B 58 -25.08 -4.29 -109.70
N PHE B 59 -26.11 -5.13 -109.57
CA PHE B 59 -26.86 -5.58 -110.74
C PHE B 59 -28.35 -5.39 -110.47
N GLY B 60 -29.11 -5.20 -111.55
CA GLY B 60 -30.51 -4.88 -111.45
C GLY B 60 -30.83 -3.41 -111.39
N THR B 61 -29.84 -2.53 -111.59
CA THR B 61 -30.07 -1.10 -111.56
C THR B 61 -30.50 -0.61 -112.94
N ASP B 62 -30.99 0.63 -112.98
CA ASP B 62 -31.45 1.21 -114.24
C ASP B 62 -30.28 1.53 -115.15
N GLY B 63 -29.20 2.11 -114.61
CA GLY B 63 -28.06 2.49 -115.42
C GLY B 63 -27.20 1.31 -115.83
N THR B 64 -26.24 1.60 -116.70
CA THR B 64 -25.30 0.59 -117.20
C THR B 64 -23.93 1.22 -117.32
N ASP B 65 -22.96 0.66 -116.58
CA ASP B 65 -21.57 1.10 -116.67
C ASP B 65 -20.70 -0.12 -116.34
N ASN B 66 -20.26 -0.82 -117.38
CA ASN B 66 -19.38 -1.97 -117.26
C ASN B 66 -18.29 -1.88 -118.31
N PRO B 67 -17.13 -2.51 -118.07
CA PRO B 67 -16.11 -2.58 -119.13
C PRO B 67 -16.62 -3.26 -120.39
N LEU B 68 -17.49 -4.26 -120.26
CA LEU B 68 -18.04 -4.99 -121.38
C LEU B 68 -19.53 -4.70 -121.50
N SER B 69 -19.96 -4.33 -122.71
CA SER B 69 -21.36 -4.03 -122.97
C SER B 69 -21.99 -5.01 -123.95
N GLY B 70 -21.38 -5.22 -125.11
CA GLY B 70 -21.93 -6.14 -126.09
C GLY B 70 -23.33 -5.72 -126.51
N GLY B 71 -24.23 -6.69 -126.58
CA GLY B 71 -25.61 -6.44 -126.96
C GLY B 71 -26.53 -6.35 -125.77
N ASP B 72 -27.68 -7.05 -125.85
CA ASP B 72 -28.63 -7.03 -124.75
C ASP B 72 -28.01 -7.61 -123.48
N GLN B 73 -27.04 -8.50 -123.61
CA GLN B 73 -26.38 -9.07 -122.44
C GLN B 73 -25.50 -8.03 -121.76
N TYR B 74 -25.17 -8.32 -120.50
CA TYR B 74 -24.33 -7.43 -119.69
C TYR B 74 -24.96 -6.04 -119.59
N GLN B 75 -26.24 -6.00 -119.22
CA GLN B 75 -26.99 -4.76 -119.09
C GLN B 75 -27.59 -4.68 -117.69
N ASN B 76 -27.89 -3.45 -117.26
CA ASN B 76 -28.43 -3.18 -115.94
C ASN B 76 -27.43 -3.50 -114.83
N ILE B 77 -26.13 -3.42 -115.15
CA ILE B 77 -25.08 -3.68 -114.19
C ILE B 77 -24.21 -2.43 -114.09
N THR B 78 -23.63 -2.21 -112.91
CA THR B 78 -22.80 -1.05 -112.66
C THR B 78 -21.65 -1.43 -111.73
N VAL B 79 -20.50 -0.81 -111.94
CA VAL B 79 -19.33 -0.96 -111.09
C VAL B 79 -19.17 0.34 -110.32
N HIS B 80 -19.72 0.40 -109.11
CA HIS B 80 -19.76 1.67 -108.38
C HIS B 80 -18.39 2.05 -107.85
N ARG B 81 -17.64 1.08 -107.33
CA ARG B 81 -16.34 1.31 -106.74
C ARG B 81 -15.32 0.39 -107.38
N HIS B 82 -14.09 0.87 -107.54
CA HIS B 82 -13.00 0.10 -108.08
C HIS B 82 -12.11 -0.42 -106.96
N LEU B 83 -11.05 -1.12 -107.33
CA LEU B 83 -10.13 -1.71 -106.35
C LEU B 83 -9.36 -0.59 -105.66
N MET B 84 -9.76 -0.27 -104.44
CA MET B 84 -9.07 0.75 -103.65
C MET B 84 -9.36 0.50 -102.18
N LEU B 85 -8.54 1.12 -101.33
CA LEU B 85 -8.66 0.91 -99.89
C LEU B 85 -10.01 1.42 -99.40
N PRO B 86 -10.60 0.76 -98.41
CA PRO B 86 -11.87 1.25 -97.85
C PRO B 86 -11.70 2.58 -97.15
N ASP B 87 -12.77 3.37 -97.16
CA ASP B 87 -12.75 4.71 -96.56
C ASP B 87 -14.18 5.08 -96.18
N PHE B 88 -14.29 6.11 -95.34
CA PHE B 88 -15.60 6.56 -94.89
C PHE B 88 -16.48 7.07 -96.03
N ASP B 89 -15.87 7.48 -97.15
CA ASP B 89 -16.65 7.89 -98.30
C ASP B 89 -17.48 6.72 -98.82
N LEU B 90 -16.92 5.51 -98.78
CA LEU B 90 -17.68 4.33 -99.19
C LEU B 90 -18.87 4.10 -98.26
N LEU B 91 -18.67 4.29 -96.95
CA LEU B 91 -19.78 4.15 -96.01
C LEU B 91 -20.87 5.17 -96.29
N GLU B 92 -20.48 6.42 -96.54
CA GLU B 92 -21.48 7.45 -96.85
C GLU B 92 -22.22 7.12 -98.14
N ASP B 93 -21.51 6.64 -99.15
CA ASP B 93 -22.16 6.26 -100.41
C ASP B 93 -23.14 5.11 -100.18
N ILE B 94 -22.74 4.12 -99.39
CA ILE B 94 -23.63 2.99 -99.11
C ILE B 94 -24.89 3.48 -98.39
N GLU B 95 -24.72 4.37 -97.42
CA GLU B 95 -25.85 4.77 -96.58
C GLU B 95 -26.98 5.40 -97.40
N SER B 96 -26.65 6.30 -98.32
CA SER B 96 -27.67 7.07 -99.02
C SER B 96 -27.57 7.00 -100.53
N LYS B 97 -26.36 6.98 -101.09
CA LYS B 97 -26.21 7.06 -102.54
C LYS B 97 -26.70 5.80 -103.25
N ILE B 98 -26.99 4.73 -102.52
CA ILE B 98 -27.49 3.49 -103.10
C ILE B 98 -28.97 3.37 -102.74
N GLN B 99 -29.81 3.22 -103.77
CA GLN B 99 -31.24 3.08 -103.59
C GLN B 99 -31.77 1.96 -104.48
N PRO B 100 -32.87 1.33 -104.10
CA PRO B 100 -33.40 0.23 -104.90
C PRO B 100 -33.85 0.70 -106.28
N GLY B 101 -33.71 -0.19 -107.26
CA GLY B 101 -34.10 0.09 -108.63
C GLY B 101 -35.43 -0.55 -108.98
N SER B 102 -35.63 -0.76 -110.28
CA SER B 102 -36.86 -1.36 -110.78
C SER B 102 -36.65 -2.36 -111.91
N GLN B 103 -35.40 -2.69 -112.25
CA GLN B 103 -35.09 -3.61 -113.33
C GLN B 103 -34.58 -4.93 -112.76
N GLN B 104 -34.34 -5.88 -113.66
CA GLN B 104 -33.82 -7.20 -113.30
C GLN B 104 -32.58 -7.49 -114.13
N ALA B 105 -31.74 -8.38 -113.61
CA ALA B 105 -30.51 -8.77 -114.28
C ALA B 105 -30.20 -10.22 -113.97
N ASP B 106 -29.39 -10.82 -114.84
CA ASP B 106 -28.95 -12.21 -114.69
C ASP B 106 -27.69 -12.23 -113.85
N PHE B 107 -27.75 -12.89 -112.69
CA PHE B 107 -26.61 -12.90 -111.78
C PHE B 107 -25.40 -13.62 -112.37
N LEU B 108 -25.60 -14.46 -113.39
CA LEU B 108 -24.45 -15.03 -114.10
C LEU B 108 -23.66 -13.95 -114.83
N ASP B 109 -24.36 -13.02 -115.48
CA ASP B 109 -23.68 -11.90 -116.12
C ASP B 109 -22.99 -11.03 -115.08
N ALA B 110 -23.61 -10.86 -113.91
CA ALA B 110 -22.97 -10.11 -112.83
C ALA B 110 -21.70 -10.80 -112.36
N LEU B 111 -21.72 -12.14 -112.28
CA LEU B 111 -20.51 -12.87 -111.92
C LEU B 111 -19.45 -12.71 -112.99
N ILE B 112 -19.85 -12.70 -114.26
CA ILE B 112 -18.89 -12.46 -115.35
C ILE B 112 -18.25 -11.08 -115.20
N VAL B 113 -19.07 -10.08 -114.89
CA VAL B 113 -18.54 -8.72 -114.71
C VAL B 113 -17.61 -8.66 -113.51
N SER B 114 -17.95 -9.37 -112.44
CA SER B 114 -17.08 -9.42 -111.26
C SER B 114 -15.74 -10.06 -111.61
N MET B 115 -15.77 -11.15 -112.38
CA MET B 115 -14.54 -11.77 -112.84
C MET B 115 -13.73 -10.79 -113.68
N ASP B 116 -14.39 -10.08 -114.58
CA ASP B 116 -13.69 -9.13 -115.45
C ASP B 116 -13.00 -8.05 -114.63
N VAL B 117 -13.70 -7.47 -113.66
CA VAL B 117 -13.13 -6.39 -112.88
C VAL B 117 -12.00 -6.91 -111.99
N ILE B 118 -12.20 -8.05 -111.34
CA ILE B 118 -11.17 -8.58 -110.45
C ILE B 118 -9.95 -9.07 -111.23
N GLN B 119 -10.11 -9.35 -112.52
CA GLN B 119 -8.97 -9.76 -113.35
C GLN B 119 -8.28 -8.59 -114.01
N HIS B 120 -9.00 -7.51 -114.29
CA HIS B 120 -8.41 -6.35 -114.96
C HIS B 120 -7.81 -5.35 -114.00
N GLU B 121 -8.39 -5.17 -112.82
CA GLU B 121 -7.90 -4.20 -111.86
C GLU B 121 -6.91 -4.78 -110.86
N THR B 122 -6.59 -6.08 -110.98
CA THR B 122 -5.63 -6.72 -110.09
C THR B 122 -4.20 -6.66 -110.61
N ILE B 123 -3.99 -6.18 -111.84
CA ILE B 123 -2.64 -6.13 -112.39
C ILE B 123 -1.81 -5.09 -111.65
N GLY B 124 -0.53 -5.40 -111.46
CA GLY B 124 0.39 -4.51 -110.80
C GLY B 124 0.42 -4.59 -109.29
N LYS B 125 -0.44 -5.44 -108.69
CA LYS B 125 -0.49 -5.60 -107.25
C LYS B 125 -0.48 -7.09 -106.91
N LYS B 126 0.08 -7.40 -105.74
CA LYS B 126 0.15 -8.78 -105.26
C LYS B 126 -1.03 -9.04 -104.33
N PHE B 127 -1.72 -10.15 -104.55
CA PHE B 127 -2.88 -10.52 -103.75
C PHE B 127 -2.84 -12.01 -103.48
N GLU B 128 -2.66 -12.39 -102.21
CA GLU B 128 -2.63 -13.80 -101.86
C GLU B 128 -4.01 -14.43 -101.88
N LYS B 129 -5.07 -13.63 -101.83
CA LYS B 129 -6.43 -14.15 -101.80
C LYS B 129 -7.33 -13.29 -102.70
N ARG B 130 -8.42 -13.88 -103.15
CA ARG B 130 -9.42 -13.18 -103.94
C ARG B 130 -10.79 -13.78 -103.63
N HIS B 131 -11.78 -12.92 -103.43
CA HIS B 131 -13.11 -13.34 -103.03
C HIS B 131 -14.16 -12.59 -103.84
N ILE B 132 -15.34 -13.18 -103.93
CA ILE B 132 -16.48 -12.60 -104.62
C ILE B 132 -17.73 -13.00 -103.85
N GLU B 133 -18.42 -12.04 -103.26
CA GLU B 133 -19.62 -12.30 -102.46
C GLU B 133 -20.85 -11.83 -103.24
N ILE B 134 -21.81 -12.73 -103.41
CA ILE B 134 -23.04 -12.45 -104.14
C ILE B 134 -24.15 -12.23 -103.12
N PHE B 135 -24.87 -11.13 -103.26
CA PHE B 135 -26.02 -10.80 -102.41
C PHE B 135 -27.26 -10.76 -103.30
N THR B 136 -28.03 -11.84 -103.30
CA THR B 136 -29.22 -11.92 -104.14
C THR B 136 -30.25 -12.83 -103.47
N ASP B 137 -31.50 -12.64 -103.87
CA ASP B 137 -32.60 -13.46 -103.39
C ASP B 137 -32.99 -14.57 -104.37
N LEU B 138 -32.29 -14.68 -105.50
CA LEU B 138 -32.54 -15.74 -106.48
C LEU B 138 -34.00 -15.77 -106.90
N SER B 139 -34.57 -14.59 -107.14
CA SER B 139 -35.97 -14.46 -107.54
C SER B 139 -36.09 -13.75 -108.89
N SER B 140 -35.10 -13.93 -109.76
CA SER B 140 -35.10 -13.34 -111.09
C SER B 140 -34.92 -14.43 -112.13
N ARG B 141 -35.74 -14.40 -113.17
CA ARG B 141 -35.63 -15.39 -114.24
C ARG B 141 -34.28 -15.29 -114.92
N PHE B 142 -33.71 -16.44 -115.28
CA PHE B 142 -32.38 -16.48 -115.88
C PHE B 142 -32.26 -17.76 -116.69
N SER B 143 -31.23 -17.80 -117.53
CA SER B 143 -30.94 -18.96 -118.37
C SER B 143 -29.52 -19.44 -118.09
N LYS B 144 -29.35 -20.76 -118.02
CA LYS B 144 -28.06 -21.38 -117.71
C LYS B 144 -27.44 -21.87 -119.02
N SER B 145 -26.49 -21.09 -119.54
CA SER B 145 -25.84 -21.45 -120.80
C SER B 145 -24.35 -21.15 -120.82
N GLN B 146 -23.75 -20.67 -119.72
CA GLN B 146 -22.33 -20.34 -119.69
C GLN B 146 -21.67 -20.77 -118.39
N LEU B 147 -22.17 -21.84 -117.79
CA LEU B 147 -21.67 -22.25 -116.48
C LEU B 147 -20.29 -22.89 -116.56
N ASP B 148 -20.07 -23.75 -117.57
CA ASP B 148 -18.81 -24.47 -117.65
C ASP B 148 -17.63 -23.53 -117.77
N ILE B 149 -17.75 -22.51 -118.63
CA ILE B 149 -16.64 -21.57 -118.80
C ILE B 149 -16.41 -20.77 -117.51
N ILE B 150 -17.49 -20.43 -116.80
CA ILE B 150 -17.34 -19.70 -115.55
C ILE B 150 -16.58 -20.54 -114.53
N ILE B 151 -16.95 -21.82 -114.41
CA ILE B 151 -16.27 -22.69 -113.46
C ILE B 151 -14.81 -22.86 -113.85
N HIS B 152 -14.55 -23.02 -115.15
CA HIS B 152 -13.16 -23.16 -115.61
C HIS B 152 -12.34 -21.92 -115.26
N SER B 153 -12.90 -20.74 -115.52
CA SER B 153 -12.19 -19.51 -115.23
C SER B 153 -11.93 -19.36 -113.73
N LEU B 154 -12.94 -19.67 -112.90
CA LEU B 154 -12.76 -19.57 -111.46
C LEU B 154 -11.68 -20.54 -110.98
N LYS B 155 -11.68 -21.77 -111.51
CA LYS B 155 -10.65 -22.72 -111.14
C LYS B 155 -9.27 -22.24 -111.55
N LYS B 156 -9.14 -21.71 -112.77
CA LYS B 156 -7.83 -21.28 -113.25
C LYS B 156 -7.31 -20.10 -112.46
N CYS B 157 -8.18 -19.14 -112.14
CA CYS B 157 -7.75 -17.94 -111.43
C CYS B 157 -7.70 -18.12 -109.92
N ASP B 158 -8.21 -19.23 -109.40
CA ASP B 158 -8.19 -19.51 -107.96
C ASP B 158 -8.86 -18.38 -107.18
N ILE B 159 -10.15 -18.19 -107.46
CA ILE B 159 -10.95 -17.16 -106.82
C ILE B 159 -12.10 -17.84 -106.09
N SER B 160 -12.23 -17.57 -104.80
CA SER B 160 -13.28 -18.17 -103.98
C SER B 160 -14.62 -17.50 -104.27
N LEU B 161 -15.68 -18.15 -103.82
CA LEU B 161 -17.03 -17.68 -104.03
C LEU B 161 -17.83 -17.82 -102.74
N GLN B 162 -18.81 -16.92 -102.55
CA GLN B 162 -19.68 -16.96 -101.40
C GLN B 162 -21.06 -16.46 -101.82
N PHE B 163 -22.07 -16.88 -101.07
CA PHE B 163 -23.45 -16.50 -101.35
C PHE B 163 -24.16 -16.16 -100.06
N PHE B 164 -24.99 -15.13 -100.10
CA PHE B 164 -25.79 -14.69 -98.96
C PHE B 164 -27.23 -14.55 -99.41
N LEU B 165 -28.11 -15.37 -98.85
CA LEU B 165 -29.51 -15.43 -99.24
C LEU B 165 -30.41 -15.13 -98.05
N PRO B 166 -31.65 -14.68 -98.30
CA PRO B 166 -32.54 -14.37 -97.18
C PRO B 166 -32.89 -15.56 -96.31
N PHE B 167 -32.74 -16.78 -96.82
CA PHE B 167 -33.15 -17.98 -96.10
C PHE B 167 -31.93 -18.81 -95.71
N SER B 168 -32.05 -19.49 -94.57
CA SER B 168 -30.93 -20.28 -94.05
C SER B 168 -30.73 -21.57 -94.85
N LEU B 169 -31.82 -22.20 -95.28
CA LEU B 169 -31.71 -23.47 -95.99
C LEU B 169 -30.85 -23.32 -97.24
N GLY B 170 -29.89 -24.23 -97.39
CA GLY B 170 -28.99 -24.20 -98.53
C GLY B 170 -27.67 -24.87 -98.24
N GLY B 196 -41.22 -21.84 -97.23
CA GLY B 196 -42.09 -21.35 -98.29
C GLY B 196 -41.36 -20.48 -99.28
N ILE B 197 -40.96 -21.07 -100.41
CA ILE B 197 -40.25 -20.36 -101.46
C ILE B 197 -40.87 -20.72 -102.80
N THR B 198 -40.65 -19.84 -103.78
CA THR B 198 -41.19 -20.04 -105.12
C THR B 198 -40.31 -21.01 -105.92
N GLU B 199 -40.86 -21.47 -107.04
CA GLU B 199 -40.12 -22.42 -107.88
C GLU B 199 -38.85 -21.78 -108.43
N GLN B 200 -38.91 -20.50 -108.81
CA GLN B 200 -37.72 -19.81 -109.29
C GLN B 200 -36.64 -19.78 -108.22
N GLN B 201 -37.04 -19.55 -106.97
CA GLN B 201 -36.06 -19.58 -105.88
C GLN B 201 -35.45 -20.95 -105.73
N LYS B 202 -36.26 -22.01 -105.90
CA LYS B 202 -35.73 -23.37 -105.81
C LYS B 202 -34.73 -23.63 -106.92
N GLU B 203 -35.03 -23.17 -108.15
CA GLU B 203 -34.09 -23.35 -109.24
C GLU B 203 -32.79 -22.58 -108.97
N GLY B 204 -32.90 -21.36 -108.43
CA GLY B 204 -31.71 -20.64 -108.03
C GLY B 204 -30.90 -21.40 -107.00
N LEU B 205 -31.59 -22.01 -106.03
CA LEU B 205 -30.89 -22.82 -105.03
C LEU B 205 -30.16 -23.98 -105.68
N GLU B 206 -30.82 -24.67 -106.62
CA GLU B 206 -30.18 -25.81 -107.27
C GLU B 206 -28.93 -25.37 -108.04
N ILE B 207 -29.05 -24.27 -108.79
CA ILE B 207 -27.91 -23.84 -109.60
C ILE B 207 -26.75 -23.38 -108.71
N VAL B 208 -27.04 -22.64 -107.65
CA VAL B 208 -25.97 -22.18 -106.76
C VAL B 208 -25.33 -23.36 -106.05
N LYS B 209 -26.14 -24.35 -105.65
CA LYS B 209 -25.58 -25.54 -105.02
C LYS B 209 -24.68 -26.29 -105.98
N MET B 210 -25.08 -26.41 -107.25
CA MET B 210 -24.23 -27.08 -108.23
C MET B 210 -22.93 -26.31 -108.42
N VAL B 211 -23.01 -24.99 -108.50
CA VAL B 211 -21.80 -24.18 -108.69
C VAL B 211 -20.87 -24.36 -107.50
N MET B 212 -21.41 -24.34 -106.28
CA MET B 212 -20.57 -24.51 -105.11
C MET B 212 -19.95 -25.90 -105.07
N ILE B 213 -20.73 -26.93 -105.40
CA ILE B 213 -20.22 -28.30 -105.38
C ILE B 213 -19.08 -28.45 -106.37
N SER B 214 -19.26 -27.92 -107.58
CA SER B 214 -18.23 -28.06 -108.61
C SER B 214 -16.95 -27.36 -108.18
N LEU B 215 -17.06 -26.17 -107.58
CA LEU B 215 -15.87 -25.41 -107.22
C LEU B 215 -15.06 -26.11 -106.15
N GLU B 216 -15.71 -26.51 -105.05
CA GLU B 216 -15.03 -27.16 -103.93
C GLU B 216 -15.54 -28.57 -103.69
N GLY B 217 -16.84 -28.74 -103.54
CA GLY B 217 -17.40 -30.05 -103.25
C GLY B 217 -18.33 -30.05 -102.04
N GLU B 218 -18.27 -31.11 -101.24
CA GLU B 218 -19.18 -31.22 -100.10
C GLU B 218 -18.95 -30.10 -99.10
N ASP B 219 -17.69 -29.73 -98.84
CA ASP B 219 -17.40 -28.68 -97.88
C ASP B 219 -17.98 -27.33 -98.31
N GLY B 220 -18.20 -27.14 -99.61
CA GLY B 220 -18.74 -25.87 -100.10
C GLY B 220 -20.22 -25.67 -99.85
N LEU B 221 -20.94 -26.72 -99.47
CA LEU B 221 -22.36 -26.58 -99.21
C LEU B 221 -22.62 -25.63 -98.04
N ASP B 222 -21.80 -25.72 -96.99
CA ASP B 222 -21.99 -24.88 -95.82
C ASP B 222 -21.55 -23.44 -96.04
N GLU B 223 -20.92 -23.14 -97.17
CA GLU B 223 -20.42 -21.80 -97.45
C GLU B 223 -21.50 -20.86 -98.00
N ILE B 224 -22.77 -21.23 -97.88
CA ILE B 224 -23.88 -20.39 -98.29
C ILE B 224 -24.53 -19.88 -97.01
N TYR B 225 -24.23 -18.64 -96.65
CA TYR B 225 -24.69 -18.05 -95.41
C TYR B 225 -26.02 -17.33 -95.60
N SER B 226 -26.62 -16.93 -94.49
CA SER B 226 -27.84 -16.15 -94.48
C SER B 226 -27.55 -14.76 -93.95
N PHE B 227 -28.47 -13.83 -94.22
CA PHE B 227 -28.27 -12.45 -93.78
C PHE B 227 -28.25 -12.34 -92.26
N SER B 228 -29.23 -12.97 -91.59
CA SER B 228 -29.28 -12.89 -90.14
C SER B 228 -28.06 -13.53 -89.49
N GLU B 229 -27.66 -14.70 -89.97
CA GLU B 229 -26.50 -15.38 -89.41
C GLU B 229 -25.24 -14.55 -89.60
N SER B 230 -25.07 -13.96 -90.80
CA SER B 230 -23.90 -13.13 -91.05
C SER B 230 -23.90 -11.90 -90.16
N LEU B 231 -25.07 -11.28 -89.97
CA LEU B 231 -25.15 -10.15 -89.05
C LEU B 231 -24.78 -10.56 -87.63
N ARG B 232 -25.14 -11.79 -87.25
CA ARG B 232 -24.79 -12.27 -85.91
C ARG B 232 -23.28 -12.31 -85.71
N LYS B 233 -22.52 -12.55 -86.78
CA LYS B 233 -21.07 -12.69 -86.69
C LYS B 233 -20.32 -11.40 -86.99
N LEU B 234 -20.94 -10.45 -87.68
CA LEU B 234 -20.28 -9.21 -88.09
C LEU B 234 -20.60 -8.05 -87.17
N CYS B 235 -21.25 -8.30 -86.03
CA CYS B 235 -21.62 -7.23 -85.11
C CYS B 235 -20.50 -6.84 -84.16
N VAL B 236 -19.33 -7.49 -84.24
CA VAL B 236 -18.22 -7.24 -83.35
C VAL B 236 -17.01 -6.82 -84.18
N PHE B 237 -16.37 -5.73 -83.78
CA PHE B 237 -15.18 -5.27 -84.48
C PHE B 237 -14.06 -6.30 -84.38
N LYS B 238 -13.23 -6.35 -85.41
CA LYS B 238 -12.15 -7.32 -85.44
C LYS B 238 -11.16 -7.05 -84.31
N LYS B 239 -10.57 -8.14 -83.80
CA LYS B 239 -9.64 -8.03 -82.69
C LYS B 239 -8.32 -7.43 -83.15
N ILE B 240 -7.59 -6.84 -82.21
CA ILE B 240 -6.27 -6.29 -82.49
C ILE B 240 -5.29 -7.45 -82.61
N GLU B 241 -4.76 -7.66 -83.80
CA GLU B 241 -3.86 -8.78 -84.09
C GLU B 241 -2.46 -8.23 -84.33
N ARG B 242 -1.49 -8.74 -83.58
CA ARG B 242 -0.09 -8.39 -83.74
C ARG B 242 0.72 -9.66 -83.95
N HIS B 243 1.73 -9.58 -84.81
CA HIS B 243 2.56 -10.72 -85.18
C HIS B 243 3.85 -10.68 -84.36
N SER B 244 4.08 -11.71 -83.55
CA SER B 244 5.30 -11.79 -82.77
C SER B 244 6.47 -12.14 -83.66
N ILE B 245 7.65 -11.59 -83.31
CA ILE B 245 8.88 -11.84 -84.04
C ILE B 245 9.67 -12.91 -83.30
N HIS B 246 10.14 -13.92 -84.03
CA HIS B 246 10.82 -15.03 -83.41
C HIS B 246 12.13 -14.56 -82.76
N TRP B 247 12.44 -15.16 -81.60
CA TRP B 247 13.63 -14.83 -80.84
C TRP B 247 14.54 -16.06 -80.80
N PRO B 248 15.60 -16.11 -81.59
CA PRO B 248 16.47 -17.28 -81.59
C PRO B 248 17.48 -17.25 -80.46
N CYS B 249 17.79 -18.43 -79.93
CA CYS B 249 18.77 -18.56 -78.88
C CYS B 249 19.16 -20.03 -78.75
N ARG B 250 19.92 -20.35 -77.70
CA ARG B 250 20.40 -21.71 -77.46
C ARG B 250 20.13 -22.09 -76.01
N LEU B 251 19.31 -23.12 -75.82
CA LEU B 251 19.11 -23.70 -74.50
C LEU B 251 20.34 -24.51 -74.13
N THR B 252 21.01 -24.14 -73.05
CA THR B 252 22.30 -24.72 -72.67
C THR B 252 22.16 -25.47 -71.36
N ILE B 253 22.68 -26.69 -71.32
CA ILE B 253 22.76 -27.49 -70.11
C ILE B 253 24.25 -27.78 -69.90
N GLY B 254 24.92 -26.93 -69.13
CA GLY B 254 26.35 -27.01 -68.97
C GLY B 254 27.06 -26.20 -70.04
N SER B 255 28.34 -26.54 -70.24
CA SER B 255 29.17 -25.88 -71.23
C SER B 255 29.43 -26.74 -72.46
N ASN B 256 28.72 -27.86 -72.61
CA ASN B 256 28.89 -28.74 -73.75
C ASN B 256 27.61 -29.08 -74.49
N LEU B 257 26.45 -28.95 -73.87
CA LEU B 257 25.16 -29.26 -74.50
C LEU B 257 24.44 -27.96 -74.84
N SER B 258 24.00 -27.84 -76.08
CA SER B 258 23.30 -26.65 -76.55
C SER B 258 22.31 -27.03 -77.63
N ILE B 259 21.07 -26.59 -77.48
CA ILE B 259 19.99 -26.88 -78.43
C ILE B 259 19.49 -25.57 -78.98
N ARG B 260 19.48 -25.44 -80.31
CA ARG B 260 18.96 -24.23 -80.94
C ARG B 260 17.45 -24.16 -80.75
N ILE B 261 16.96 -23.01 -80.27
CA ILE B 261 15.55 -22.83 -79.97
C ILE B 261 15.09 -21.46 -80.48
N ALA B 262 13.79 -21.37 -80.70
CA ALA B 262 13.13 -20.12 -81.08
C ALA B 262 11.97 -19.87 -80.13
N ALA B 263 11.91 -18.65 -79.58
CA ALA B 263 10.90 -18.27 -78.61
C ALA B 263 9.96 -17.24 -79.19
N TYR B 264 8.67 -17.38 -78.88
CA TYR B 264 7.64 -16.44 -79.28
C TYR B 264 6.87 -16.00 -78.04
N LYS B 265 6.20 -14.86 -78.15
CA LYS B 265 5.36 -14.36 -77.08
C LYS B 265 3.94 -14.88 -77.27
N SER B 266 3.46 -15.70 -76.34
CA SER B 266 2.16 -16.34 -76.47
C SER B 266 1.04 -15.44 -75.96
N ILE B 267 1.14 -15.00 -74.71
CA ILE B 267 0.08 -14.22 -74.06
C ILE B 267 0.69 -12.95 -73.49
N LEU B 268 0.06 -11.81 -73.77
CA LEU B 268 0.48 -10.54 -73.23
C LEU B 268 -0.72 -9.59 -73.22
N GLN B 269 -0.62 -8.55 -72.42
CA GLN B 269 -1.66 -7.53 -72.39
C GLN B 269 -1.62 -6.73 -73.67
N GLU B 270 -2.78 -6.53 -74.29
CA GLU B 270 -2.89 -5.86 -75.58
C GLU B 270 -3.25 -4.39 -75.36
N ARG B 271 -2.58 -3.52 -76.12
CA ARG B 271 -2.79 -2.08 -76.05
C ARG B 271 -3.16 -1.55 -77.43
N VAL B 272 -3.80 -0.38 -77.44
CA VAL B 272 -4.21 0.23 -78.69
C VAL B 272 -2.97 0.58 -79.52
N LYS B 273 -3.01 0.24 -80.80
CA LYS B 273 -1.87 0.53 -81.67
C LYS B 273 -1.64 2.02 -81.81
N LYS B 274 -2.71 2.80 -81.94
CA LYS B 274 -2.63 4.24 -82.13
C LYS B 274 -3.01 4.96 -80.86
N THR B 275 -2.44 6.15 -80.68
CA THR B 275 -2.67 7.00 -79.53
C THR B 275 -3.28 8.32 -79.97
N TRP B 276 -3.97 8.97 -79.03
CA TRP B 276 -4.60 10.25 -79.32
C TRP B 276 -3.55 11.32 -79.58
N THR B 277 -3.88 12.24 -80.49
CA THR B 277 -3.00 13.34 -80.88
C THR B 277 -3.61 14.65 -80.41
N VAL B 278 -2.81 15.47 -79.75
CA VAL B 278 -3.28 16.75 -79.24
C VAL B 278 -3.27 17.77 -80.38
N VAL B 279 -4.40 18.41 -80.61
CA VAL B 279 -4.55 19.42 -81.66
C VAL B 279 -5.19 20.65 -81.06
N ASP B 280 -4.96 21.80 -81.68
CA ASP B 280 -5.52 23.04 -81.19
C ASP B 280 -7.02 23.05 -81.44
N ALA B 281 -7.77 23.64 -80.50
CA ALA B 281 -9.23 23.58 -80.57
C ALA B 281 -9.76 24.20 -81.85
N LYS B 282 -9.19 25.34 -82.28
CA LYS B 282 -9.79 26.10 -83.36
C LYS B 282 -9.43 25.52 -84.73
N THR B 283 -8.15 25.54 -85.09
CA THR B 283 -7.76 25.10 -86.43
C THR B 283 -7.63 23.59 -86.56
N LEU B 284 -7.50 22.88 -85.43
CA LEU B 284 -7.43 21.42 -85.44
C LEU B 284 -6.22 20.93 -86.26
N LYS B 285 -5.04 21.35 -85.82
CA LYS B 285 -3.78 20.93 -86.44
C LYS B 285 -2.78 20.57 -85.37
N LYS B 286 -1.97 19.55 -85.65
CA LYS B 286 -0.94 19.11 -84.72
C LYS B 286 0.27 20.04 -84.72
N GLU B 287 0.58 20.65 -85.86
CA GLU B 287 1.77 21.47 -86.00
C GLU B 287 1.66 22.81 -85.30
N ASP B 288 0.47 23.18 -84.82
CA ASP B 288 0.26 24.47 -84.17
C ASP B 288 0.38 24.38 -82.65
N ILE B 289 0.78 23.23 -82.12
CA ILE B 289 0.99 23.05 -80.69
C ILE B 289 2.34 22.36 -80.49
N GLN B 290 3.12 22.87 -79.54
CA GLN B 290 4.45 22.34 -79.24
C GLN B 290 4.56 22.06 -77.76
N LYS B 291 5.39 21.07 -77.43
CA LYS B 291 5.62 20.65 -76.05
C LYS B 291 7.12 20.65 -75.77
N GLU B 292 7.51 21.16 -74.60
CA GLU B 292 8.90 21.20 -74.21
C GLU B 292 8.98 21.34 -72.69
N THR B 293 10.16 21.04 -72.15
CA THR B 293 10.39 21.06 -70.72
C THR B 293 11.63 21.88 -70.40
N VAL B 294 11.61 22.52 -69.23
CA VAL B 294 12.73 23.33 -68.75
C VAL B 294 12.95 23.01 -67.27
N TYR B 295 14.01 23.59 -66.72
CA TYR B 295 14.39 23.36 -65.33
C TYR B 295 14.73 24.67 -64.66
N CYS B 296 14.53 24.71 -63.34
CA CYS B 296 14.78 25.91 -62.54
C CYS B 296 15.34 25.50 -61.19
N LEU B 297 15.72 26.50 -60.40
CA LEU B 297 16.27 26.32 -59.07
C LEU B 297 15.26 26.78 -58.01
N ASN B 298 15.65 26.64 -56.75
CA ASN B 298 14.81 27.03 -55.63
C ASN B 298 14.91 28.52 -55.30
N ASP B 299 15.80 29.25 -55.95
CA ASP B 299 15.95 30.67 -55.65
C ASP B 299 14.69 31.43 -56.03
N ASP B 300 14.44 32.54 -55.32
CA ASP B 300 13.26 33.34 -55.60
C ASP B 300 13.27 33.89 -57.02
N ASP B 301 14.46 34.12 -57.58
CA ASP B 301 14.55 34.65 -58.94
C ASP B 301 14.03 33.68 -59.99
N GLU B 302 13.93 32.39 -59.66
CA GLU B 302 13.42 31.38 -60.59
C GLU B 302 14.30 31.29 -61.83
N THR B 303 15.60 31.19 -61.61
CA THR B 303 16.55 31.09 -62.72
C THR B 303 16.33 29.79 -63.49
N GLU B 304 16.98 29.70 -64.65
CA GLU B 304 16.83 28.56 -65.55
C GLU B 304 18.20 27.99 -65.86
N VAL B 305 18.25 26.67 -66.03
CA VAL B 305 19.48 25.96 -66.34
C VAL B 305 19.25 25.08 -67.56
N LEU B 306 20.34 24.76 -68.24
CA LEU B 306 20.30 23.99 -69.47
C LEU B 306 20.42 22.49 -69.16
N LYS B 307 19.97 21.67 -70.12
CA LYS B 307 19.92 20.23 -69.90
C LYS B 307 21.29 19.65 -69.60
N GLU B 308 22.31 20.06 -70.37
CA GLU B 308 23.65 19.50 -70.18
C GLU B 308 24.20 19.80 -68.78
N ASP B 309 23.70 20.84 -68.13
CA ASP B 309 24.18 21.22 -66.80
C ASP B 309 23.43 20.50 -65.68
N ILE B 310 22.82 19.36 -65.98
CA ILE B 310 22.04 18.59 -65.01
C ILE B 310 22.60 17.17 -64.95
N ILE B 311 22.80 16.66 -63.74
CA ILE B 311 23.33 15.32 -63.53
C ILE B 311 22.38 14.55 -62.62
N GLN B 312 22.21 13.26 -62.90
CA GLN B 312 21.34 12.44 -62.08
C GLN B 312 22.01 12.07 -60.77
N GLY B 313 21.19 11.90 -59.73
CA GLY B 313 21.69 11.46 -58.44
C GLY B 313 20.62 10.63 -57.76
N PHE B 314 21.00 10.04 -56.63
CA PHE B 314 20.12 9.17 -55.87
C PHE B 314 20.07 9.64 -54.42
N ARG B 315 19.19 9.02 -53.65
N ARG B 315 19.19 9.02 -53.65
CA ARG B 315 18.98 9.36 -52.25
CA ARG B 315 18.98 9.36 -52.25
C ARG B 315 19.51 8.24 -51.36
C ARG B 315 19.51 8.24 -51.37
N TYR B 316 20.39 8.59 -50.43
CA TYR B 316 20.98 7.65 -49.49
C TYR B 316 20.62 8.13 -48.09
N GLY B 317 19.47 7.69 -47.59
CA GLY B 317 19.01 8.10 -46.28
C GLY B 317 18.49 9.52 -46.27
N SER B 318 19.16 10.40 -45.54
CA SER B 318 18.76 11.80 -45.42
C SER B 318 19.61 12.74 -46.27
N ASP B 319 20.40 12.21 -47.19
CA ASP B 319 21.27 13.00 -48.04
C ASP B 319 21.09 12.56 -49.49
N ILE B 320 21.79 13.25 -50.39
CA ILE B 320 21.75 12.97 -51.82
C ILE B 320 23.18 12.69 -52.29
N VAL B 321 23.37 11.55 -52.93
CA VAL B 321 24.68 11.12 -53.42
C VAL B 321 24.70 11.32 -54.94
N PRO B 322 25.48 12.27 -55.46
CA PRO B 322 25.56 12.41 -56.92
C PRO B 322 26.06 11.13 -57.58
N PHE B 323 25.51 10.82 -58.74
CA PHE B 323 25.90 9.63 -59.49
C PHE B 323 25.72 9.94 -60.98
N SER B 324 26.80 10.34 -61.63
CA SER B 324 26.74 10.69 -63.04
C SER B 324 26.37 9.47 -63.89
N LYS B 325 25.78 9.74 -65.05
CA LYS B 325 25.39 8.65 -65.94
C LYS B 325 26.61 7.88 -66.45
N VAL B 326 27.70 8.59 -66.76
CA VAL B 326 28.91 7.90 -67.22
C VAL B 326 29.46 7.00 -66.12
N ASP B 327 29.47 7.50 -64.89
CA ASP B 327 29.93 6.66 -63.77
C ASP B 327 29.03 5.45 -63.59
N GLU B 328 27.71 5.64 -63.74
CA GLU B 328 26.79 4.52 -63.62
C GLU B 328 27.05 3.47 -64.69
N GLU B 329 27.30 3.91 -65.93
CA GLU B 329 27.64 2.97 -66.99
C GLU B 329 28.94 2.24 -66.67
N GLN B 330 29.93 2.96 -66.12
CA GLN B 330 31.20 2.33 -65.79
C GLN B 330 31.03 1.28 -64.70
N MET B 331 30.21 1.56 -63.69
CA MET B 331 29.96 0.62 -62.60
C MET B 331 28.79 -0.31 -62.87
N LYS B 332 28.08 -0.16 -63.98
CA LYS B 332 26.85 -0.90 -64.18
C LYS B 332 27.12 -2.40 -64.23
N TYR B 333 26.14 -3.18 -63.77
CA TYR B 333 26.24 -4.63 -63.83
C TYR B 333 26.25 -5.07 -65.28
N LYS B 334 27.37 -5.61 -65.73
CA LYS B 334 27.55 -6.03 -67.11
C LYS B 334 27.32 -7.53 -67.23
N SER B 335 26.56 -7.93 -68.24
CA SER B 335 26.27 -9.33 -68.51
C SER B 335 26.41 -9.60 -70.00
N GLU B 336 26.20 -10.84 -70.38
CA GLU B 336 26.25 -11.26 -71.78
C GLU B 336 24.82 -11.58 -72.22
N GLY B 337 24.36 -10.91 -73.28
CA GLY B 337 22.98 -11.00 -73.67
C GLY B 337 22.66 -12.29 -74.40
N LYS B 338 21.36 -12.49 -74.62
CA LYS B 338 20.84 -13.64 -75.34
C LYS B 338 21.33 -14.95 -74.71
N CYS B 339 20.96 -15.14 -73.44
CA CYS B 339 21.31 -16.33 -72.69
C CYS B 339 20.03 -17.04 -72.26
N PHE B 340 19.95 -18.34 -72.56
CA PHE B 340 18.87 -19.21 -72.10
C PHE B 340 19.56 -20.43 -71.49
N SER B 341 19.93 -20.32 -70.22
CA SER B 341 20.71 -21.33 -69.53
C SER B 341 19.86 -22.04 -68.48
N VAL B 342 20.03 -23.35 -68.36
CA VAL B 342 19.28 -24.16 -67.41
C VAL B 342 20.07 -24.17 -66.11
N LEU B 343 19.62 -23.36 -65.14
CA LEU B 343 20.25 -23.37 -63.83
C LEU B 343 20.06 -24.72 -63.14
N GLY B 344 18.86 -25.29 -63.25
CA GLY B 344 18.63 -26.57 -62.60
C GLY B 344 17.25 -27.12 -62.92
N PHE B 345 16.95 -28.26 -62.32
CA PHE B 345 15.68 -28.94 -62.48
C PHE B 345 15.06 -29.17 -61.11
N CYS B 346 13.78 -28.84 -60.98
CA CYS B 346 13.09 -28.94 -59.70
C CYS B 346 11.69 -29.52 -59.91
N LYS B 347 11.16 -30.13 -58.86
CA LYS B 347 9.82 -30.71 -58.94
C LYS B 347 8.78 -29.63 -59.19
N SER B 348 7.74 -30.00 -59.94
CA SER B 348 6.70 -29.04 -60.29
C SER B 348 5.97 -28.52 -59.06
N SER B 349 5.80 -29.35 -58.04
CA SER B 349 5.10 -28.92 -56.84
C SER B 349 5.82 -27.80 -56.11
N GLN B 350 7.11 -27.63 -56.34
CA GLN B 350 7.89 -26.60 -55.67
C GLN B 350 7.71 -25.22 -56.29
N VAL B 351 7.13 -25.14 -57.49
CA VAL B 351 6.87 -23.88 -58.17
C VAL B 351 5.37 -23.64 -58.15
N GLN B 352 4.94 -22.57 -57.50
CA GLN B 352 3.53 -22.25 -57.35
C GLN B 352 3.13 -21.19 -58.37
N ARG B 353 1.87 -21.26 -58.81
CA ARG B 353 1.37 -20.31 -59.79
C ARG B 353 1.30 -18.89 -59.24
N ARG B 354 1.05 -18.75 -57.93
CA ARG B 354 0.90 -17.43 -57.33
C ARG B 354 2.19 -16.63 -57.33
N PHE B 355 3.33 -17.25 -57.57
CA PHE B 355 4.62 -16.56 -57.58
C PHE B 355 5.04 -16.09 -58.96
N PHE B 356 4.25 -16.37 -60.00
CA PHE B 356 4.64 -15.98 -61.35
C PHE B 356 4.75 -14.47 -61.46
N MET B 357 5.77 -14.01 -62.18
CA MET B 357 6.05 -12.60 -62.40
C MET B 357 5.98 -12.27 -63.88
N GLY B 358 6.33 -11.04 -64.22
CA GLY B 358 6.41 -10.62 -65.60
C GLY B 358 5.06 -10.26 -66.18
N ASN B 359 5.10 -9.77 -67.42
CA ASN B 359 3.90 -9.41 -68.16
C ASN B 359 3.78 -10.18 -69.47
N GLN B 360 4.45 -11.34 -69.56
CA GLN B 360 4.45 -12.11 -70.79
C GLN B 360 4.66 -13.59 -70.46
N VAL B 361 4.26 -14.43 -71.41
CA VAL B 361 4.53 -15.86 -71.37
C VAL B 361 5.24 -16.22 -72.67
N LEU B 362 6.32 -16.98 -72.57
CA LEU B 362 7.11 -17.34 -73.74
C LEU B 362 6.86 -18.79 -74.12
N LYS B 363 6.81 -19.06 -75.41
CA LYS B 363 6.66 -20.40 -75.96
C LYS B 363 7.91 -20.72 -76.75
N VAL B 364 8.62 -21.77 -76.36
CA VAL B 364 9.92 -22.13 -76.93
C VAL B 364 9.74 -23.40 -77.75
N PHE B 365 10.05 -23.30 -79.04
CA PHE B 365 10.06 -24.42 -79.97
C PHE B 365 11.49 -24.66 -80.45
N ALA B 366 11.67 -25.77 -81.16
CA ALA B 366 12.95 -26.05 -81.77
C ALA B 366 13.19 -25.11 -82.95
N ALA B 367 14.46 -24.93 -83.31
CA ALA B 367 14.82 -24.05 -84.40
C ALA B 367 14.14 -24.50 -85.69
N ARG B 368 13.66 -23.54 -86.46
CA ARG B 368 12.96 -23.85 -87.71
C ARG B 368 13.89 -24.60 -88.65
N ASP B 369 13.35 -25.63 -89.31
CA ASP B 369 14.11 -26.44 -90.27
C ASP B 369 15.35 -27.03 -89.61
N ASP B 370 15.18 -27.58 -88.41
CA ASP B 370 16.28 -28.19 -87.65
C ASP B 370 15.74 -29.46 -87.01
N GLU B 371 16.09 -30.61 -87.60
CA GLU B 371 15.56 -31.87 -87.09
C GLU B 371 16.27 -32.29 -85.80
N ALA B 372 17.59 -32.10 -85.72
CA ALA B 372 18.31 -32.49 -84.51
C ALA B 372 17.84 -31.69 -83.31
N ALA B 373 17.65 -30.37 -83.49
CA ALA B 373 17.14 -29.56 -82.39
C ALA B 373 15.74 -30.01 -81.98
N ALA B 374 14.90 -30.36 -82.96
CA ALA B 374 13.56 -30.85 -82.64
C ALA B 374 13.64 -32.13 -81.81
N VAL B 375 14.51 -33.05 -82.20
CA VAL B 375 14.65 -34.31 -81.45
C VAL B 375 15.13 -34.04 -80.04
N ALA B 376 16.13 -33.18 -79.88
CA ALA B 376 16.67 -32.89 -78.55
C ALA B 376 15.60 -32.23 -77.67
N LEU B 377 14.87 -31.26 -78.21
CA LEU B 377 13.84 -30.59 -77.43
C LEU B 377 12.72 -31.56 -77.08
N SER B 378 12.35 -32.45 -78.00
CA SER B 378 11.33 -33.44 -77.70
C SER B 378 11.79 -34.37 -76.58
N SER B 379 13.05 -34.79 -76.62
CA SER B 379 13.58 -35.64 -75.56
C SER B 379 13.52 -34.93 -74.21
N LEU B 380 13.94 -33.67 -74.18
CA LEU B 380 13.90 -32.92 -72.92
C LEU B 380 12.47 -32.76 -72.42
N ILE B 381 11.54 -32.42 -73.30
CA ILE B 381 10.15 -32.22 -72.90
C ILE B 381 9.57 -33.52 -72.36
N HIS B 382 9.82 -34.63 -73.06
CA HIS B 382 9.28 -35.91 -72.61
C HIS B 382 9.88 -36.32 -71.27
N ALA B 383 11.18 -36.11 -71.08
CA ALA B 383 11.80 -36.45 -69.81
C ALA B 383 11.19 -35.63 -68.68
N LEU B 384 11.03 -34.32 -68.89
CA LEU B 384 10.45 -33.47 -67.86
C LEU B 384 9.02 -33.90 -67.54
N ASP B 385 8.23 -34.20 -68.57
CA ASP B 385 6.85 -34.60 -68.34
C ASP B 385 6.78 -35.93 -67.58
N ASP B 386 7.63 -36.89 -67.97
CA ASP B 386 7.62 -38.19 -67.30
C ASP B 386 8.05 -38.07 -65.84
N LEU B 387 9.06 -37.26 -65.56
CA LEU B 387 9.56 -37.11 -64.21
C LEU B 387 8.80 -36.07 -63.40
N ASP B 388 7.88 -35.33 -64.01
CA ASP B 388 7.14 -34.27 -63.34
C ASP B 388 8.08 -33.22 -62.78
N MET B 389 8.86 -32.62 -63.68
CA MET B 389 9.89 -31.66 -63.32
C MET B 389 9.80 -30.45 -64.23
N VAL B 390 10.36 -29.33 -63.75
CA VAL B 390 10.44 -28.10 -64.49
C VAL B 390 11.88 -27.60 -64.41
N ALA B 391 12.25 -26.73 -65.34
CA ALA B 391 13.61 -26.22 -65.44
C ALA B 391 13.65 -24.78 -64.94
N ILE B 392 14.42 -24.54 -63.89
CA ILE B 392 14.71 -23.19 -63.45
C ILE B 392 15.87 -22.67 -64.29
N VAL B 393 15.63 -21.58 -65.03
CA VAL B 393 16.53 -21.10 -66.06
C VAL B 393 16.76 -19.60 -65.88
N ARG B 394 17.85 -19.13 -66.49
CA ARG B 394 18.20 -17.73 -66.55
C ARG B 394 17.95 -17.22 -67.96
N TYR B 395 17.22 -16.11 -68.07
CA TYR B 395 16.78 -15.58 -69.36
C TYR B 395 17.14 -14.11 -69.46
N ALA B 396 17.76 -13.74 -70.59
CA ALA B 396 18.08 -12.35 -70.87
C ALA B 396 17.78 -12.07 -72.34
N TYR B 397 16.96 -11.05 -72.59
CA TYR B 397 16.55 -10.76 -73.96
C TYR B 397 17.74 -10.35 -74.82
N ASP B 398 18.58 -9.44 -74.32
CA ASP B 398 19.72 -8.94 -75.06
C ASP B 398 20.74 -8.41 -74.06
N LYS B 399 21.75 -7.69 -74.59
CA LYS B 399 22.82 -7.20 -73.73
C LYS B 399 22.30 -6.21 -72.69
N ARG B 400 21.40 -5.31 -73.09
CA ARG B 400 20.90 -4.26 -72.20
C ARG B 400 19.59 -4.64 -71.53
N ALA B 401 19.28 -5.93 -71.42
CA ALA B 401 18.09 -6.41 -70.74
C ALA B 401 18.47 -7.02 -69.41
N ASN B 402 17.75 -6.65 -68.36
CA ASN B 402 18.05 -7.17 -67.03
C ASN B 402 17.85 -8.68 -67.00
N PRO B 403 18.78 -9.45 -66.46
CA PRO B 403 18.58 -10.90 -66.40
C PRO B 403 17.43 -11.27 -65.48
N GLN B 404 16.78 -12.38 -65.79
CA GLN B 404 15.65 -12.86 -65.04
C GLN B 404 15.81 -14.35 -64.74
N VAL B 405 15.22 -14.78 -63.62
CA VAL B 405 15.13 -16.18 -63.26
C VAL B 405 13.69 -16.63 -63.50
N GLY B 406 13.51 -17.69 -64.28
CA GLY B 406 12.18 -18.13 -64.65
C GLY B 406 12.07 -19.65 -64.64
N VAL B 407 10.85 -20.12 -64.88
CA VAL B 407 10.53 -21.54 -64.90
C VAL B 407 10.04 -21.90 -66.29
N ALA B 408 10.62 -22.94 -66.86
CA ALA B 408 10.18 -23.53 -68.12
C ALA B 408 9.59 -24.90 -67.83
N PHE B 409 8.35 -25.11 -68.27
CA PHE B 409 7.69 -26.38 -68.06
C PHE B 409 7.16 -26.92 -69.38
N PRO B 410 7.03 -28.24 -69.50
CA PRO B 410 6.60 -28.83 -70.77
C PRO B 410 5.15 -28.52 -71.08
N HIS B 411 4.82 -28.59 -72.36
CA HIS B 411 3.44 -28.48 -72.83
C HIS B 411 3.32 -29.38 -74.05
N ILE B 412 2.68 -30.53 -73.87
CA ILE B 412 2.58 -31.56 -74.91
C ILE B 412 1.16 -31.58 -75.43
N LYS B 413 1.02 -31.51 -76.75
CA LYS B 413 -0.27 -31.59 -77.41
C LYS B 413 -0.13 -32.47 -78.64
N HIS B 414 -1.24 -33.07 -79.06
CA HIS B 414 -1.21 -33.96 -80.21
C HIS B 414 -0.55 -33.30 -81.42
N ASN B 415 -0.95 -32.05 -81.69
CA ASN B 415 -0.42 -31.36 -82.87
C ASN B 415 1.01 -30.89 -82.67
N TYR B 416 1.35 -30.41 -81.48
CA TYR B 416 2.64 -29.77 -81.24
C TYR B 416 3.03 -29.94 -79.78
N GLU B 417 4.33 -29.82 -79.52
CA GLU B 417 4.88 -29.85 -78.17
C GLU B 417 5.93 -28.76 -78.05
N CYS B 418 5.95 -28.07 -76.91
CA CYS B 418 6.86 -26.94 -76.74
C CYS B 418 7.02 -26.66 -75.25
N LEU B 419 8.04 -25.86 -74.94
CA LEU B 419 8.26 -25.42 -73.57
C LEU B 419 7.53 -24.09 -73.34
N VAL B 420 7.07 -23.89 -72.11
CA VAL B 420 6.40 -22.66 -71.72
C VAL B 420 7.22 -22.03 -70.60
N TYR B 421 7.65 -20.78 -70.81
CA TYR B 421 8.51 -20.07 -69.88
C TYR B 421 7.75 -18.92 -69.24
N VAL B 422 7.82 -18.84 -67.92
CA VAL B 422 7.20 -17.75 -67.16
C VAL B 422 8.18 -17.30 -66.09
N GLN B 423 8.25 -15.99 -65.88
CA GLN B 423 9.22 -15.43 -64.94
C GLN B 423 8.89 -15.86 -63.51
N LEU B 424 9.90 -15.75 -62.65
CA LEU B 424 9.82 -16.11 -61.25
C LEU B 424 10.34 -14.96 -60.41
N PRO B 425 9.96 -14.89 -59.13
CA PRO B 425 10.32 -13.74 -58.31
C PRO B 425 11.72 -13.85 -57.71
N PHE B 426 12.29 -12.69 -57.43
CA PHE B 426 13.55 -12.58 -56.71
C PHE B 426 13.26 -12.47 -55.21
N MET B 427 14.32 -12.34 -54.42
CA MET B 427 14.15 -12.20 -52.98
C MET B 427 13.47 -10.87 -52.64
N GLU B 428 13.79 -9.80 -53.38
CA GLU B 428 13.24 -8.49 -53.09
C GLU B 428 11.77 -8.37 -53.45
N ASP B 429 11.25 -9.26 -54.29
CA ASP B 429 9.88 -9.15 -54.77
C ASP B 429 8.88 -9.92 -53.92
N LEU B 430 9.32 -10.51 -52.80
CA LEU B 430 8.43 -11.25 -51.92
C LEU B 430 8.03 -10.37 -50.75
N ARG B 431 6.74 -10.32 -50.44
CA ARG B 431 6.20 -9.53 -49.36
C ARG B 431 5.78 -10.44 -48.21
N GLN B 432 6.21 -10.10 -47.00
CA GLN B 432 5.93 -10.88 -45.80
C GLN B 432 4.81 -10.18 -45.03
N TYR B 433 3.57 -10.58 -45.31
CA TYR B 433 2.40 -10.02 -44.65
C TYR B 433 1.74 -11.08 -43.77
N MET B 434 1.30 -10.67 -42.59
CA MET B 434 0.68 -11.57 -41.63
C MET B 434 -0.82 -11.34 -41.62
N PHE B 435 -1.58 -12.43 -41.74
CA PHE B 435 -3.04 -12.37 -41.77
C PHE B 435 -3.59 -13.33 -40.73
N SER B 436 -4.64 -12.90 -40.03
CA SER B 436 -5.24 -13.71 -38.99
C SER B 436 -5.92 -14.94 -39.59
N SER B 437 -5.93 -16.03 -38.81
CA SER B 437 -6.58 -17.26 -39.25
C SER B 437 -8.10 -17.10 -39.20
N LEU B 438 -8.77 -17.75 -40.14
CA LEU B 438 -10.23 -17.71 -40.23
C LEU B 438 -10.89 -18.95 -39.67
N LYS B 439 -10.21 -20.10 -39.69
CA LYS B 439 -10.80 -21.32 -39.15
C LYS B 439 -10.82 -21.32 -37.63
N ASN B 440 -9.83 -20.70 -37.00
CA ASN B 440 -9.74 -20.69 -35.54
C ASN B 440 -10.56 -19.58 -34.91
N SER B 441 -11.14 -18.68 -35.70
CA SER B 441 -11.93 -17.60 -35.14
C SER B 441 -13.21 -18.14 -34.51
N LYS B 442 -13.58 -17.57 -33.36
CA LYS B 442 -14.79 -17.98 -32.66
C LYS B 442 -16.01 -17.13 -33.03
N LYS B 443 -15.79 -15.90 -33.49
CA LYS B 443 -16.89 -15.01 -33.84
C LYS B 443 -17.17 -14.97 -35.35
N TYR B 444 -16.28 -15.51 -36.17
CA TYR B 444 -16.46 -15.54 -37.61
C TYR B 444 -16.71 -16.96 -38.13
N ALA B 445 -17.11 -17.88 -37.27
CA ALA B 445 -17.32 -19.26 -37.67
C ALA B 445 -18.74 -19.43 -38.19
N PRO B 446 -18.93 -19.79 -39.46
CA PRO B 446 -20.29 -19.99 -39.97
C PRO B 446 -20.95 -21.22 -39.36
N THR B 447 -22.27 -21.19 -39.35
CA THR B 447 -23.07 -22.29 -38.82
C THR B 447 -23.36 -23.32 -39.91
N GLU B 448 -23.99 -24.41 -39.53
CA GLU B 448 -24.30 -25.47 -40.50
C GLU B 448 -25.26 -24.96 -41.57
N ALA B 449 -26.29 -24.21 -41.16
CA ALA B 449 -27.25 -23.70 -42.14
C ALA B 449 -26.59 -22.76 -43.13
N GLN B 450 -25.68 -21.91 -42.65
CA GLN B 450 -24.97 -21.00 -43.56
C GLN B 450 -24.13 -21.78 -44.56
N LEU B 451 -23.45 -22.84 -44.09
CA LEU B 451 -22.65 -23.66 -44.99
C LEU B 451 -23.54 -24.33 -46.03
N ASN B 452 -24.70 -24.83 -45.61
CA ASN B 452 -25.62 -25.45 -46.57
C ASN B 452 -26.09 -24.43 -47.60
N ALA B 453 -26.40 -23.21 -47.17
CA ALA B 453 -26.83 -22.18 -48.11
C ALA B 453 -25.73 -21.85 -49.11
N VAL B 454 -24.49 -21.73 -48.64
CA VAL B 454 -23.39 -21.43 -49.54
C VAL B 454 -23.16 -22.58 -50.51
N ASP B 455 -23.30 -23.83 -50.03
CA ASP B 455 -23.17 -24.98 -50.92
C ASP B 455 -24.24 -24.96 -52.00
N ALA B 456 -25.48 -24.64 -51.62
CA ALA B 456 -26.54 -24.55 -52.61
C ALA B 456 -26.25 -23.45 -53.62
N LEU B 457 -25.76 -22.31 -53.16
CA LEU B 457 -25.42 -21.22 -54.08
C LEU B 457 -24.35 -21.67 -55.06
N ILE B 458 -23.30 -22.31 -54.57
CA ILE B 458 -22.21 -22.75 -55.45
C ILE B 458 -22.73 -23.76 -56.46
N ASP B 459 -23.57 -24.69 -56.02
CA ASP B 459 -24.12 -25.68 -56.94
C ASP B 459 -24.98 -25.02 -58.01
N SER B 460 -25.77 -24.01 -57.63
CA SER B 460 -26.70 -23.40 -58.57
C SER B 460 -25.97 -22.57 -59.62
N MET B 461 -24.89 -21.90 -59.24
CA MET B 461 -24.20 -20.96 -60.12
C MET B 461 -23.01 -21.59 -60.83
N SER B 462 -23.04 -22.90 -61.05
CA SER B 462 -21.94 -23.56 -61.75
C SER B 462 -21.88 -23.11 -63.19
N LEU B 463 -20.66 -22.82 -63.66
CA LEU B 463 -20.42 -22.37 -65.02
C LEU B 463 -19.85 -23.48 -65.90
N ALA B 464 -19.80 -24.72 -65.41
CA ALA B 464 -19.34 -25.86 -66.17
C ALA B 464 -20.35 -26.99 -66.02
N LYS B 465 -20.69 -27.62 -67.15
CA LYS B 465 -21.70 -28.66 -67.18
C LYS B 465 -21.09 -29.96 -67.69
N LYS B 466 -21.36 -31.06 -67.00
CA LYS B 466 -20.91 -32.37 -67.47
C LYS B 466 -21.72 -32.77 -68.69
N ASP B 467 -21.05 -33.46 -69.63
CA ASP B 467 -21.68 -33.91 -70.87
C ASP B 467 -22.46 -35.19 -70.58
N GLU B 468 -23.60 -35.03 -69.92
CA GLU B 468 -24.44 -36.15 -69.51
C GLU B 468 -23.67 -37.12 -68.61
N LYS B 469 -22.71 -36.61 -67.86
CA LYS B 469 -21.87 -37.44 -66.98
C LYS B 469 -21.22 -38.56 -67.76
N THR B 470 -20.78 -38.25 -68.99
CA THR B 470 -20.27 -39.27 -69.90
C THR B 470 -18.79 -39.09 -70.20
N ASP B 471 -18.39 -37.95 -70.78
CA ASP B 471 -17.03 -37.79 -71.29
C ASP B 471 -16.23 -36.74 -70.52
N THR B 472 -16.69 -35.50 -70.46
CA THR B 472 -15.87 -34.41 -69.95
C THR B 472 -16.78 -33.24 -69.56
N LEU B 473 -16.18 -32.10 -69.28
CA LEU B 473 -16.89 -30.89 -68.90
C LEU B 473 -16.96 -29.91 -70.07
N GLU B 474 -18.00 -29.08 -70.06
CA GLU B 474 -18.20 -28.05 -71.08
C GLU B 474 -18.34 -26.71 -70.36
N ASP B 475 -17.63 -25.71 -70.87
CA ASP B 475 -17.62 -24.38 -70.27
C ASP B 475 -18.76 -23.55 -70.86
N LEU B 476 -19.71 -23.15 -70.01
CA LEU B 476 -20.84 -22.37 -70.47
C LEU B 476 -20.47 -20.92 -70.74
N PHE B 477 -19.50 -20.37 -70.02
CA PHE B 477 -19.12 -18.97 -70.14
C PHE B 477 -17.60 -18.87 -70.32
N PRO B 478 -17.10 -19.26 -71.50
CA PRO B 478 -15.65 -19.15 -71.76
C PRO B 478 -15.24 -17.70 -71.92
N THR B 479 -14.34 -17.25 -71.04
CA THR B 479 -13.89 -15.86 -71.04
C THR B 479 -12.74 -15.61 -72.00
N THR B 480 -12.14 -16.66 -72.58
CA THR B 480 -11.02 -16.48 -73.49
C THR B 480 -11.45 -16.13 -74.91
N LYS B 481 -12.74 -16.26 -75.24
CA LYS B 481 -13.25 -15.96 -76.56
C LYS B 481 -14.02 -14.65 -76.60
N ILE B 482 -13.99 -13.86 -75.53
CA ILE B 482 -14.71 -12.59 -75.46
C ILE B 482 -13.74 -11.48 -75.88
N PRO B 483 -14.01 -10.75 -76.95
CA PRO B 483 -13.15 -9.62 -77.29
C PRO B 483 -13.16 -8.56 -76.20
N ASN B 484 -12.04 -7.85 -76.09
CA ASN B 484 -11.92 -6.81 -75.08
C ASN B 484 -12.95 -5.72 -75.34
N PRO B 485 -13.85 -5.41 -74.40
CA PRO B 485 -14.86 -4.37 -74.67
C PRO B 485 -14.27 -3.00 -74.87
N ARG B 486 -13.05 -2.75 -74.38
CA ARG B 486 -12.46 -1.42 -74.49
C ARG B 486 -12.30 -1.01 -75.95
N PHE B 487 -11.70 -1.87 -76.76
CA PHE B 487 -11.48 -1.54 -78.16
C PHE B 487 -12.80 -1.46 -78.92
N GLN B 488 -13.76 -2.31 -78.56
CA GLN B 488 -15.08 -2.22 -79.18
C GLN B 488 -15.72 -0.87 -78.92
N ARG B 489 -15.67 -0.41 -77.67
CA ARG B 489 -16.23 0.89 -77.33
C ARG B 489 -15.49 2.01 -78.06
N LEU B 490 -14.16 1.94 -78.11
CA LEU B 490 -13.39 2.98 -78.76
C LEU B 490 -13.76 3.07 -80.25
N PHE B 491 -13.81 1.93 -80.93
CA PHE B 491 -14.14 1.94 -82.35
C PHE B 491 -15.58 2.40 -82.58
N GLN B 492 -16.50 1.98 -81.72
CA GLN B 492 -17.88 2.42 -81.85
C GLN B 492 -17.98 3.93 -81.75
N CYS B 493 -17.32 4.51 -80.74
CA CYS B 493 -17.39 5.96 -80.57
C CYS B 493 -16.71 6.69 -81.73
N LEU B 494 -15.57 6.17 -82.20
CA LEU B 494 -14.90 6.80 -83.34
C LEU B 494 -15.79 6.79 -84.58
N LEU B 495 -16.42 5.65 -84.87
CA LEU B 495 -17.31 5.57 -86.01
C LEU B 495 -18.49 6.52 -85.86
N HIS B 496 -19.08 6.57 -84.66
CA HIS B 496 -20.23 7.44 -84.45
C HIS B 496 -19.84 8.91 -84.64
N ARG B 497 -18.66 9.29 -84.17
CA ARG B 497 -18.20 10.66 -84.37
C ARG B 497 -17.93 10.94 -85.84
N ALA B 498 -17.35 9.98 -86.54
CA ALA B 498 -17.05 10.18 -87.96
C ALA B 498 -18.31 10.37 -88.78
N LEU B 499 -19.34 9.57 -88.50
CA LEU B 499 -20.57 9.68 -89.29
C LEU B 499 -21.49 10.79 -88.80
N HIS B 500 -21.39 11.16 -87.52
CA HIS B 500 -22.24 12.17 -86.91
C HIS B 500 -21.37 13.14 -86.12
N PRO B 501 -20.75 14.11 -86.81
CA PRO B 501 -19.84 15.03 -86.09
C PRO B 501 -20.50 15.80 -84.97
N ARG B 502 -21.80 16.06 -85.06
CA ARG B 502 -22.48 16.91 -84.09
C ARG B 502 -22.99 16.15 -82.87
N GLU B 503 -23.59 14.99 -83.07
CA GLU B 503 -24.27 14.30 -81.99
C GLU B 503 -23.27 13.83 -80.93
N PRO B 504 -23.70 13.72 -79.67
CA PRO B 504 -22.80 13.19 -78.63
C PRO B 504 -22.56 11.70 -78.82
N LEU B 505 -21.65 11.18 -78.00
CA LEU B 505 -21.36 9.75 -78.04
C LEU B 505 -22.56 8.96 -77.55
N PRO B 506 -22.77 7.76 -78.10
CA PRO B 506 -23.96 6.99 -77.73
C PRO B 506 -23.71 6.14 -76.50
N PRO B 507 -24.72 5.43 -76.01
CA PRO B 507 -24.51 4.51 -74.89
C PRO B 507 -23.83 3.23 -75.35
N ILE B 508 -23.36 2.46 -74.36
CA ILE B 508 -22.70 1.19 -74.65
C ILE B 508 -23.70 0.26 -75.31
N GLN B 509 -23.25 -0.45 -76.35
CA GLN B 509 -24.13 -1.35 -77.09
C GLN B 509 -24.58 -2.50 -76.19
N GLN B 510 -25.79 -2.99 -76.46
CA GLN B 510 -26.38 -4.03 -75.62
C GLN B 510 -25.61 -5.35 -75.75
N HIS B 511 -25.14 -5.66 -76.95
CA HIS B 511 -24.45 -6.95 -77.14
C HIS B 511 -23.16 -7.01 -76.34
N ILE B 512 -22.50 -5.87 -76.10
CA ILE B 512 -21.32 -5.86 -75.25
C ILE B 512 -21.68 -6.30 -73.84
N TRP B 513 -22.77 -5.74 -73.30
CA TRP B 513 -23.23 -6.16 -71.98
C TRP B 513 -23.62 -7.62 -71.96
N ASN B 514 -24.29 -8.08 -73.02
CA ASN B 514 -24.70 -9.48 -73.09
C ASN B 514 -23.49 -10.41 -73.06
N MET B 515 -22.44 -10.06 -73.82
CA MET B 515 -21.25 -10.91 -73.84
C MET B 515 -20.42 -10.77 -72.57
N LEU B 516 -20.58 -9.68 -71.82
CA LEU B 516 -19.87 -9.48 -70.56
C LEU B 516 -20.62 -10.05 -69.37
N ASN B 517 -21.76 -10.70 -69.58
CA ASN B 517 -22.57 -11.27 -68.53
C ASN B 517 -22.83 -12.74 -68.81
N PRO B 518 -23.09 -13.54 -67.78
CA PRO B 518 -23.34 -14.97 -68.00
C PRO B 518 -24.72 -15.21 -68.56
N PRO B 519 -25.01 -16.43 -69.01
CA PRO B 519 -26.34 -16.73 -69.53
C PRO B 519 -27.41 -16.53 -68.47
N ALA B 520 -28.61 -16.18 -68.91
CA ALA B 520 -29.72 -15.92 -67.98
C ALA B 520 -30.10 -17.16 -67.19
N GLU B 521 -29.73 -18.35 -67.66
CA GLU B 521 -30.06 -19.57 -66.92
C GLU B 521 -29.37 -19.58 -65.55
N VAL B 522 -28.13 -19.08 -65.48
CA VAL B 522 -27.42 -19.05 -64.22
C VAL B 522 -28.15 -18.18 -63.21
N THR B 523 -28.56 -16.98 -63.62
CA THR B 523 -29.30 -16.10 -62.72
C THR B 523 -30.65 -16.70 -62.34
N THR B 524 -31.33 -17.32 -63.30
CA THR B 524 -32.62 -17.94 -62.99
C THR B 524 -32.46 -19.02 -61.93
N LYS B 525 -31.39 -19.82 -62.04
CA LYS B 525 -31.16 -20.88 -61.05
C LYS B 525 -30.74 -20.28 -59.71
N SER B 526 -29.97 -19.20 -59.72
CA SER B 526 -29.41 -18.65 -58.49
C SER B 526 -30.34 -17.66 -57.78
N GLN B 527 -31.49 -17.32 -58.37
CA GLN B 527 -32.38 -16.36 -57.72
C GLN B 527 -32.69 -16.76 -56.28
N ILE B 528 -33.07 -18.01 -56.05
CA ILE B 528 -33.58 -18.45 -54.75
C ILE B 528 -32.43 -18.64 -53.75
N PRO B 529 -31.34 -19.32 -54.12
CA PRO B 529 -30.22 -19.44 -53.18
C PRO B 529 -29.71 -18.09 -52.69
N LEU B 530 -29.69 -17.08 -53.56
CA LEU B 530 -29.27 -15.75 -53.13
C LEU B 530 -30.22 -15.20 -52.08
N SER B 531 -31.53 -15.40 -52.25
CA SER B 531 -32.48 -14.97 -51.25
C SER B 531 -32.25 -15.68 -49.92
N LYS B 532 -31.99 -16.99 -49.96
CA LYS B 532 -31.70 -17.72 -48.74
C LYS B 532 -30.45 -17.17 -48.06
N ILE B 533 -29.40 -16.90 -48.83
CA ILE B 533 -28.18 -16.36 -48.26
C ILE B 533 -28.43 -15.00 -47.63
N LYS B 534 -29.23 -14.16 -48.30
CA LYS B 534 -29.57 -12.87 -47.72
C LYS B 534 -30.31 -13.04 -46.41
N THR B 535 -31.22 -14.01 -46.35
CA THR B 535 -31.95 -14.24 -45.10
C THR B 535 -31.02 -14.71 -43.99
N LEU B 536 -30.07 -15.59 -44.31
CA LEU B 536 -29.25 -16.22 -43.28
C LEU B 536 -28.06 -15.38 -42.84
N PHE B 537 -27.59 -14.46 -43.67
CA PHE B 537 -26.39 -13.69 -43.37
C PHE B 537 -26.75 -12.25 -43.02
N PRO B 538 -26.59 -11.81 -41.77
CA PRO B 538 -26.93 -10.41 -41.41
C PRO B 538 -25.83 -9.41 -41.75
N LEU B 539 -25.85 -8.96 -43.00
CA LEU B 539 -24.89 -7.96 -43.47
C LEU B 539 -25.45 -6.56 -43.19
N ILE B 540 -24.65 -5.73 -42.51
CA ILE B 540 -25.04 -4.37 -42.16
C ILE B 540 -23.92 -3.43 -42.59
N GLU B 541 -24.28 -2.33 -43.25
CA GLU B 541 -23.31 -1.35 -43.69
C GLU B 541 -23.01 -0.38 -42.55
N ALA B 542 -21.73 -0.24 -42.20
CA ALA B 542 -21.32 0.64 -41.14
C ALA B 542 -20.82 1.97 -41.71
N PRO C 2 37.19 -47.48 25.92
CA PRO C 2 37.64 -48.01 24.62
C PRO C 2 37.47 -47.02 23.48
N VAL C 3 37.47 -47.52 22.24
CA VAL C 3 37.33 -46.68 21.06
C VAL C 3 36.10 -47.00 20.24
N MET C 4 35.39 -48.09 20.54
CA MET C 4 34.18 -48.41 19.78
C MET C 4 33.12 -47.33 19.97
N GLU C 5 32.95 -46.85 21.20
CA GLU C 5 31.98 -45.78 21.44
C GLU C 5 32.37 -44.51 20.69
N GLU C 6 33.65 -44.16 20.70
CA GLU C 6 34.10 -42.98 19.96
C GLU C 6 33.84 -43.13 18.48
N LEU C 7 34.13 -44.31 17.92
CA LEU C 7 33.89 -44.54 16.50
C LEU C 7 32.41 -44.42 16.17
N GLU C 8 31.55 -45.01 17.01
CA GLU C 8 30.12 -44.92 16.76
C GLU C 8 29.63 -43.48 16.82
N GLN C 9 30.08 -42.72 17.83
CA GLN C 9 29.66 -41.33 17.95
C GLN C 9 30.13 -40.51 16.76
N GLY C 10 31.39 -40.71 16.34
CA GLY C 10 31.89 -39.98 15.19
C GLY C 10 31.13 -40.30 13.92
N LEU C 11 30.82 -41.59 13.71
CA LEU C 11 30.05 -41.98 12.54
C LEU C 11 28.67 -41.35 12.57
N LEU C 12 28.03 -41.34 13.75
CA LEU C 12 26.70 -40.74 13.86
C LEU C 12 26.73 -39.25 13.56
N MET C 13 27.71 -38.55 14.12
CA MET C 13 27.77 -37.10 13.96
C MET C 13 28.13 -36.67 12.55
N GLN C 14 28.78 -37.54 11.78
CA GLN C 14 29.27 -37.15 10.46
C GLN C 14 28.10 -36.93 9.50
N PRO C 15 28.32 -36.15 8.44
CA PRO C 15 27.29 -35.98 7.41
C PRO C 15 27.43 -37.00 6.29
N TRP C 16 26.36 -37.12 5.50
CA TRP C 16 26.36 -38.03 4.36
C TRP C 16 27.14 -37.42 3.21
N ALA C 17 27.62 -38.29 2.32
CA ALA C 17 28.37 -37.88 1.15
C ALA C 17 27.95 -38.75 -0.03
N TRP C 18 28.22 -38.26 -1.23
CA TRP C 18 27.87 -38.96 -2.46
C TRP C 18 29.12 -39.56 -3.09
N LEU C 19 29.06 -40.85 -3.41
CA LEU C 19 30.17 -41.57 -4.02
C LEU C 19 29.73 -42.08 -5.38
N GLN C 20 30.52 -41.78 -6.40
CA GLN C 20 30.23 -42.16 -7.78
C GLN C 20 31.24 -43.24 -8.18
N LEU C 21 30.76 -44.48 -8.26
CA LEU C 21 31.61 -45.61 -8.57
C LEU C 21 31.70 -45.77 -10.09
N ALA C 22 32.20 -46.92 -10.55
CA ALA C 22 32.42 -47.12 -11.97
C ALA C 22 31.12 -47.02 -12.76
N GLU C 23 30.04 -47.63 -12.24
CA GLU C 23 28.77 -47.67 -12.95
C GLU C 23 27.59 -47.12 -12.17
N ASN C 24 27.67 -47.08 -10.83
CA ASN C 24 26.55 -46.64 -10.02
C ASN C 24 26.95 -45.53 -9.06
N SER C 25 26.06 -45.19 -8.13
CA SER C 25 26.35 -44.19 -7.12
C SER C 25 25.68 -44.60 -5.82
N LEU C 26 26.22 -44.12 -4.71
CA LEU C 26 25.68 -44.45 -3.40
C LEU C 26 25.96 -43.31 -2.43
N LEU C 27 25.35 -43.42 -1.24
CA LEU C 27 25.59 -42.50 -0.15
C LEU C 27 26.49 -43.16 0.88
N ALA C 28 27.46 -42.41 1.38
CA ALA C 28 28.52 -42.94 2.23
C ALA C 28 28.72 -42.08 3.45
N LYS C 29 29.21 -42.71 4.52
CA LYS C 29 29.46 -42.06 5.80
C LYS C 29 30.64 -42.76 6.44
N VAL C 30 31.79 -42.09 6.52
CA VAL C 30 33.03 -42.71 6.98
C VAL C 30 33.59 -41.90 8.14
N PHE C 31 34.09 -42.61 9.15
CA PHE C 31 34.81 -41.98 10.26
C PHE C 31 36.00 -42.87 10.59
N ILE C 32 37.21 -42.36 10.37
CA ILE C 32 38.44 -43.13 10.55
C ILE C 32 39.26 -42.47 11.65
N THR C 33 39.62 -43.25 12.66
CA THR C 33 40.52 -42.83 13.72
C THR C 33 41.71 -43.77 13.75
N LYS C 34 42.75 -43.37 14.50
CA LYS C 34 43.99 -44.14 14.51
C LYS C 34 43.76 -45.57 15.00
N GLN C 35 42.68 -45.82 15.73
CA GLN C 35 42.40 -47.14 16.28
C GLN C 35 41.44 -47.96 15.42
N GLY C 36 41.02 -47.45 14.28
CA GLY C 36 40.13 -48.20 13.42
C GLY C 36 39.28 -47.26 12.57
N TYR C 37 38.13 -47.76 12.12
CA TYR C 37 37.21 -46.93 11.36
C TYR C 37 35.83 -47.55 11.37
N ALA C 38 34.86 -46.73 10.97
CA ALA C 38 33.47 -47.14 10.81
C ALA C 38 32.93 -46.56 9.51
N LEU C 39 32.22 -47.38 8.75
CA LEU C 39 31.70 -47.01 7.45
C LEU C 39 30.25 -47.44 7.33
N LEU C 40 29.43 -46.59 6.71
CA LEU C 40 28.02 -46.88 6.48
C LEU C 40 27.68 -46.43 5.07
N VAL C 41 27.21 -47.35 4.23
CA VAL C 41 26.89 -47.04 2.85
C VAL C 41 25.46 -47.47 2.56
N SER C 42 24.87 -46.84 1.54
CA SER C 42 23.50 -47.15 1.16
C SER C 42 23.29 -46.76 -0.29
N ASP C 43 22.27 -47.37 -0.89
CA ASP C 43 21.85 -47.05 -2.25
C ASP C 43 20.35 -46.81 -2.32
N LEU C 44 19.77 -46.32 -1.23
CA LEU C 44 18.34 -46.00 -1.10
C LEU C 44 17.46 -47.24 -1.16
N GLN C 45 18.04 -48.44 -1.15
CA GLN C 45 17.26 -49.67 -1.12
C GLN C 45 17.79 -50.61 -0.04
N GLN C 46 19.08 -50.49 0.28
CA GLN C 46 19.70 -51.33 1.29
C GLN C 46 20.80 -50.52 1.98
N VAL C 47 21.13 -50.93 3.20
CA VAL C 47 22.13 -50.26 4.02
C VAL C 47 23.15 -51.28 4.49
N TRP C 48 24.43 -50.96 4.33
CA TRP C 48 25.53 -51.80 4.80
C TRP C 48 26.39 -50.99 5.76
N HIS C 49 27.00 -51.70 6.71
CA HIS C 49 27.81 -51.06 7.74
C HIS C 49 28.98 -51.97 8.10
N GLU C 50 30.12 -51.36 8.40
CA GLU C 50 31.31 -52.11 8.79
C GLU C 50 32.13 -51.28 9.76
N GLN C 51 32.40 -51.84 10.94
CA GLN C 51 33.28 -51.23 11.93
C GLN C 51 34.45 -52.16 12.18
N VAL C 52 35.67 -51.62 12.06
CA VAL C 52 36.88 -52.42 12.21
C VAL C 52 37.83 -51.71 13.17
N ASP C 53 38.53 -52.49 13.97
CA ASP C 53 39.53 -52.00 14.90
C ASP C 53 40.91 -52.11 14.27
N THR C 54 41.96 -51.86 15.06
CA THR C 54 43.32 -51.84 14.54
C THR C 54 43.85 -53.24 14.27
N SER C 55 43.38 -54.25 15.00
CA SER C 55 43.94 -55.59 14.88
C SER C 55 43.71 -56.16 13.48
N VAL C 56 42.51 -56.00 12.95
CA VAL C 56 42.19 -56.56 11.64
C VAL C 56 42.77 -55.73 10.50
N VAL C 57 43.07 -54.45 10.75
CA VAL C 57 43.60 -53.59 9.69
C VAL C 57 44.93 -54.14 9.18
N SER C 58 45.83 -54.52 10.10
CA SER C 58 47.11 -55.05 9.68
C SER C 58 46.96 -56.35 8.91
N GLN C 59 46.08 -57.24 9.38
CA GLN C 59 45.88 -58.52 8.70
C GLN C 59 45.38 -58.31 7.29
N ARG C 60 44.36 -57.45 7.11
CA ARG C 60 43.83 -57.22 5.78
C ARG C 60 44.82 -56.49 4.89
N ALA C 61 45.63 -55.59 5.47
CA ALA C 61 46.67 -54.94 4.68
C ALA C 61 47.70 -55.95 4.19
N LYS C 62 48.09 -56.88 5.05
CA LYS C 62 49.02 -57.92 4.63
C LYS C 62 48.42 -58.75 3.51
N GLU C 63 47.14 -59.13 3.65
CA GLU C 63 46.51 -59.97 2.64
C GLU C 63 46.37 -59.26 1.31
N LEU C 64 45.91 -58.01 1.32
CA LEU C 64 45.57 -57.33 0.08
C LEU C 64 46.83 -56.92 -0.68
N ASN C 65 47.65 -56.05 -0.08
CA ASN C 65 48.89 -55.60 -0.68
C ASN C 65 50.04 -56.13 0.17
N LYS C 66 50.80 -57.06 -0.38
CA LYS C 66 51.85 -57.74 0.36
C LYS C 66 53.09 -56.86 0.43
N ARG C 67 54.19 -57.42 0.94
CA ARG C 67 55.50 -56.78 0.96
C ARG C 67 55.43 -55.39 1.60
N LEU C 68 54.53 -55.23 2.55
CA LEU C 68 54.43 -54.01 3.34
C LEU C 68 55.05 -54.23 4.71
N THR C 69 55.51 -53.15 5.33
CA THR C 69 56.07 -53.20 6.67
C THR C 69 55.61 -51.98 7.47
N ALA C 70 54.33 -51.63 7.36
CA ALA C 70 53.80 -50.41 7.96
C ALA C 70 52.85 -50.75 9.11
N PRO C 71 52.74 -49.88 10.11
CA PRO C 71 51.83 -50.15 11.23
C PRO C 71 50.40 -49.77 10.87
N PRO C 72 49.41 -50.20 11.66
CA PRO C 72 48.02 -49.84 11.37
C PRO C 72 47.78 -48.34 11.38
N ALA C 73 48.47 -47.59 12.24
CA ALA C 73 48.20 -46.17 12.36
C ALA C 73 48.46 -45.44 11.05
N ALA C 74 49.62 -45.68 10.44
CA ALA C 74 49.95 -45.02 9.18
C ALA C 74 49.00 -45.47 8.07
N PHE C 75 48.61 -46.75 8.08
CA PHE C 75 47.69 -47.24 7.07
C PHE C 75 46.35 -46.53 7.16
N LEU C 76 45.82 -46.38 8.37
CA LEU C 76 44.54 -45.69 8.55
C LEU C 76 44.68 -44.21 8.22
N CYS C 77 45.82 -43.60 8.54
CA CYS C 77 46.04 -42.21 8.18
C CYS C 77 46.02 -42.03 6.67
N HIS C 78 46.68 -42.93 5.94
CA HIS C 78 46.66 -42.86 4.49
C HIS C 78 45.25 -43.05 3.96
N LEU C 79 44.51 -44.01 4.53
CA LEU C 79 43.15 -44.25 4.07
C LEU C 79 42.28 -43.02 4.28
N ASP C 80 42.40 -42.37 5.44
CA ASP C 80 41.62 -41.16 5.70
C ASP C 80 42.02 -40.04 4.75
N ASN C 81 43.32 -39.83 4.55
CA ASN C 81 43.76 -38.78 3.63
C ASN C 81 43.25 -39.02 2.23
N LEU C 82 43.13 -40.29 1.82
CA LEU C 82 42.60 -40.60 0.50
C LEU C 82 41.09 -40.37 0.44
N LEU C 83 40.35 -40.83 1.45
CA LEU C 83 38.90 -40.85 1.38
C LEU C 83 38.29 -39.47 1.61
N ARG C 84 38.79 -38.74 2.61
CA ARG C 84 38.13 -37.50 3.03
C ARG C 84 37.99 -36.50 1.88
N PRO C 85 39.02 -36.22 1.09
CA PRO C 85 38.86 -35.25 -0.01
C PRO C 85 37.73 -35.59 -0.96
N LEU C 86 37.57 -36.87 -1.29
CA LEU C 86 36.52 -37.26 -2.24
C LEU C 86 35.14 -37.08 -1.63
N LEU C 87 34.93 -37.57 -0.40
CA LEU C 87 33.62 -37.47 0.22
C LEU C 87 33.24 -36.02 0.47
N LYS C 88 34.18 -35.21 0.96
CA LYS C 88 33.86 -33.82 1.28
C LYS C 88 33.45 -33.05 0.03
N ASP C 89 34.18 -33.22 -1.06
CA ASP C 89 33.89 -32.53 -2.31
C ASP C 89 34.14 -33.47 -3.48
N ALA C 90 33.27 -33.40 -4.49
CA ALA C 90 33.40 -34.23 -5.67
C ALA C 90 34.14 -33.45 -6.77
N ALA C 91 34.26 -34.08 -7.94
CA ALA C 91 34.94 -33.46 -9.08
C ALA C 91 36.37 -33.06 -8.73
N HIS C 92 37.03 -33.89 -7.92
CA HIS C 92 38.41 -33.67 -7.48
C HIS C 92 39.24 -34.89 -7.84
N PRO C 93 39.85 -34.91 -9.03
CA PRO C 93 40.67 -36.08 -9.41
C PRO C 93 41.74 -36.35 -8.37
N SER C 94 41.72 -37.57 -7.83
CA SER C 94 42.67 -37.98 -6.80
C SER C 94 43.17 -39.40 -7.05
N GLU C 95 43.17 -39.85 -8.30
CA GLU C 95 43.59 -41.19 -8.70
C GLU C 95 43.12 -42.22 -7.67
N ALA C 96 41.80 -42.26 -7.47
CA ALA C 96 41.14 -43.13 -6.51
C ALA C 96 40.09 -43.94 -7.25
N THR C 97 40.44 -45.15 -7.68
CA THR C 97 39.51 -46.00 -8.39
C THR C 97 38.63 -46.75 -7.40
N PHE C 98 37.32 -46.64 -7.58
CA PHE C 98 36.33 -47.27 -6.72
C PHE C 98 35.54 -48.31 -7.50
N SER C 99 35.37 -49.48 -6.91
CA SER C 99 34.61 -50.56 -7.52
C SER C 99 33.70 -51.20 -6.47
N CYS C 100 32.59 -51.77 -6.93
CA CYS C 100 31.60 -52.36 -6.06
C CYS C 100 31.25 -53.76 -6.53
N ASP C 101 30.99 -54.65 -5.58
CA ASP C 101 30.58 -56.00 -5.91
C ASP C 101 29.72 -56.55 -4.78
N CYS C 102 28.94 -57.58 -5.10
CA CYS C 102 28.12 -58.29 -4.12
C CYS C 102 28.30 -59.77 -4.33
N VAL C 103 28.48 -60.51 -3.23
CA VAL C 103 28.71 -61.96 -3.27
C VAL C 103 27.55 -62.72 -2.61
N ALA C 104 27.29 -62.46 -1.33
CA ALA C 104 26.18 -63.10 -0.63
C ALA C 104 25.80 -62.20 0.54
N ASP C 105 24.73 -61.42 0.35
CA ASP C 105 24.26 -60.49 1.39
C ASP C 105 25.42 -59.63 1.92
N ALA C 106 26.38 -59.31 1.06
CA ALA C 106 27.56 -58.57 1.44
C ALA C 106 27.93 -57.61 0.32
N LEU C 107 28.67 -56.57 0.68
CA LEU C 107 29.10 -55.53 -0.26
C LEU C 107 30.62 -55.39 -0.17
N ILE C 108 31.32 -55.76 -1.23
CA ILE C 108 32.76 -55.59 -1.31
C ILE C 108 33.02 -54.29 -2.06
N LEU C 109 33.60 -53.32 -1.36
CA LEU C 109 33.93 -52.01 -1.93
C LEU C 109 35.45 -51.91 -2.03
N ARG C 110 35.96 -51.91 -3.26
CA ARG C 110 37.40 -51.91 -3.50
C ARG C 110 37.85 -50.50 -3.87
N VAL C 111 38.86 -50.01 -3.16
CA VAL C 111 39.48 -48.72 -3.45
C VAL C 111 40.94 -48.96 -3.79
N ARG C 112 41.36 -48.47 -4.95
CA ARG C 112 42.73 -48.60 -5.42
C ARG C 112 43.30 -47.21 -5.62
N SER C 113 44.49 -46.96 -5.07
CA SER C 113 45.09 -45.64 -5.11
C SER C 113 46.60 -45.78 -5.32
N GLU C 114 47.25 -44.66 -5.59
CA GLU C 114 48.69 -44.59 -5.74
C GLU C 114 49.24 -43.58 -4.74
N LEU C 115 50.09 -44.04 -3.83
CA LEU C 115 50.78 -43.19 -2.88
C LEU C 115 52.27 -43.24 -3.21
N SER C 116 52.86 -42.07 -3.47
CA SER C 116 54.27 -41.97 -3.84
C SER C 116 54.60 -42.84 -5.04
N GLY C 117 53.62 -43.06 -5.91
CA GLY C 117 53.83 -43.85 -7.11
C GLY C 117 53.88 -45.34 -6.87
N LEU C 118 53.15 -45.84 -5.87
CA LEU C 118 53.08 -47.27 -5.61
C LEU C 118 51.63 -47.68 -5.36
N PRO C 119 51.27 -48.91 -5.70
CA PRO C 119 49.88 -49.34 -5.53
C PRO C 119 49.48 -49.39 -4.06
N PHE C 120 48.18 -49.18 -3.81
CA PHE C 120 47.63 -49.21 -2.46
C PHE C 120 46.18 -49.65 -2.58
N TYR C 121 45.89 -50.87 -2.14
CA TYR C 121 44.57 -51.46 -2.29
C TYR C 121 43.92 -51.61 -0.92
N TRP C 122 42.61 -51.36 -0.86
CA TRP C 122 41.83 -51.61 0.34
C TRP C 122 40.45 -52.12 -0.06
N ASN C 123 39.88 -52.96 0.80
CA ASN C 123 38.59 -53.58 0.54
C ASN C 123 37.73 -53.49 1.79
N PHE C 124 36.56 -52.84 1.66
CA PHE C 124 35.56 -52.81 2.71
C PHE C 124 34.59 -53.98 2.49
N HIS C 125 34.54 -54.89 3.46
CA HIS C 125 33.64 -56.04 3.39
C HIS C 125 32.36 -55.77 4.18
N CYS C 126 31.60 -54.78 3.72
CA CYS C 126 30.43 -54.34 4.45
C CYS C 126 29.35 -55.43 4.47
N MET C 127 28.63 -55.49 5.58
CA MET C 127 27.54 -56.43 5.76
C MET C 127 26.26 -55.66 6.08
N LEU C 128 25.12 -56.31 5.81
CA LEU C 128 23.84 -55.65 6.02
C LEU C 128 23.73 -55.15 7.46
N ALA C 129 23.33 -53.88 7.60
CA ALA C 129 23.27 -53.25 8.91
C ALA C 129 22.08 -53.75 9.70
N SER C 130 22.21 -53.71 11.02
CA SER C 130 21.13 -54.14 11.90
C SER C 130 20.00 -53.12 11.88
N PRO C 131 18.79 -53.54 12.26
CA PRO C 131 17.67 -52.58 12.28
C PRO C 131 17.92 -51.37 13.15
N SER C 132 18.64 -51.53 14.26
CA SER C 132 18.88 -50.40 15.15
C SER C 132 19.72 -49.33 14.47
N LEU C 133 20.81 -49.73 13.82
CA LEU C 133 21.69 -48.76 13.17
C LEU C 133 20.96 -48.04 12.04
N VAL C 134 20.23 -48.77 11.21
CA VAL C 134 19.53 -48.16 10.09
C VAL C 134 18.54 -47.12 10.59
N SER C 135 17.76 -47.48 11.61
CA SER C 135 16.80 -46.54 12.16
C SER C 135 17.51 -45.32 12.72
N GLN C 136 18.48 -45.54 13.61
CA GLN C 136 19.14 -44.42 14.29
C GLN C 136 19.88 -43.51 13.32
N HIS C 137 20.26 -44.01 12.14
CA HIS C 137 21.01 -43.21 11.19
C HIS C 137 20.18 -42.61 10.07
N LEU C 138 18.98 -43.13 9.80
CA LEU C 138 18.20 -42.58 8.70
C LEU C 138 16.78 -42.19 9.08
N ILE C 139 16.11 -42.97 9.93
CA ILE C 139 14.67 -42.80 10.11
C ILE C 139 14.37 -41.63 11.03
N ARG C 140 14.84 -41.71 12.28
CA ARG C 140 14.56 -40.64 13.23
C ARG C 140 15.10 -39.30 12.78
N PRO C 141 16.34 -39.18 12.29
CA PRO C 141 16.79 -37.88 11.79
C PRO C 141 15.91 -37.32 10.69
N LEU C 142 15.42 -38.18 9.79
CA LEU C 142 14.57 -37.69 8.70
C LEU C 142 13.28 -37.08 9.24
N MET C 143 12.64 -37.76 10.20
CA MET C 143 11.43 -37.21 10.80
C MET C 143 11.74 -35.91 11.53
N GLY C 144 12.91 -35.84 12.18
CA GLY C 144 13.31 -34.59 12.82
C GLY C 144 13.39 -33.44 11.83
N MET C 145 14.03 -33.69 10.68
CA MET C 145 14.14 -32.63 9.67
C MET C 145 12.77 -32.25 9.14
N SER C 146 11.90 -33.25 8.93
CA SER C 146 10.56 -32.95 8.43
C SER C 146 9.80 -32.06 9.41
N LEU C 147 9.86 -32.39 10.69
CA LEU C 147 9.16 -31.59 11.70
C LEU C 147 9.76 -30.19 11.78
N ALA C 148 11.08 -30.08 11.73
CA ALA C 148 11.70 -28.76 11.77
C ALA C 148 11.29 -27.90 10.59
N LEU C 149 11.24 -28.50 9.39
CA LEU C 149 10.83 -27.76 8.20
C LEU C 149 9.36 -27.36 8.28
N GLN C 150 8.52 -28.22 8.84
CA GLN C 150 7.13 -27.86 9.04
C GLN C 150 7.00 -26.66 9.98
N CYS C 151 7.78 -26.65 11.07
CA CYS C 151 7.77 -25.51 11.97
C CYS C 151 8.25 -24.24 11.27
N GLN C 152 9.28 -24.37 10.43
CA GLN C 152 9.76 -23.21 9.68
C GLN C 152 8.67 -22.68 8.75
N VAL C 153 7.94 -23.57 8.09
CA VAL C 153 6.86 -23.15 7.20
C VAL C 153 5.77 -22.43 8.00
N ARG C 154 5.44 -22.96 9.18
CA ARG C 154 4.43 -22.31 10.01
C ARG C 154 4.86 -20.90 10.42
N GLU C 155 6.13 -20.74 10.82
CA GLU C 155 6.60 -19.41 11.17
C GLU C 155 6.59 -18.46 9.97
N LEU C 156 6.99 -18.95 8.80
CA LEU C 156 6.93 -18.10 7.62
C LEU C 156 5.50 -17.67 7.30
N ALA C 157 4.55 -18.59 7.50
CA ALA C 157 3.15 -18.23 7.31
C ALA C 157 2.70 -17.18 8.32
N THR C 158 3.14 -17.29 9.57
CA THR C 158 2.80 -16.28 10.57
C THR C 158 3.37 -14.92 10.19
N LEU C 159 4.62 -14.89 9.73
CA LEU C 159 5.22 -13.63 9.29
C LEU C 159 4.47 -13.05 8.10
N LEU C 160 4.06 -13.90 7.16
CA LEU C 160 3.27 -13.42 6.02
C LEU C 160 1.95 -12.84 6.48
N HIS C 161 1.30 -13.46 7.46
CA HIS C 161 0.05 -12.92 7.98
C HIS C 161 0.28 -11.55 8.62
N MET C 162 1.37 -11.41 9.37
CA MET C 162 1.68 -10.12 9.97
C MET C 162 1.90 -9.06 8.89
N LYS C 163 2.64 -9.40 7.85
CA LYS C 163 2.87 -8.45 6.76
C LYS C 163 1.56 -8.12 6.04
N ASP C 164 0.68 -9.10 5.89
CA ASP C 164 -0.61 -8.85 5.27
C ASP C 164 -1.43 -7.87 6.11
N LEU C 165 -1.43 -8.04 7.43
CA LEU C 165 -2.12 -7.08 8.28
C LEU C 165 -1.52 -5.69 8.15
N GLU C 166 -0.18 -5.60 8.08
CA GLU C 166 0.46 -4.31 7.90
C GLU C 166 0.05 -3.66 6.58
N ILE C 167 0.00 -4.45 5.51
CA ILE C 167 -0.40 -3.91 4.21
C ILE C 167 -1.85 -3.47 4.24
N GLN C 168 -2.71 -4.23 4.91
CA GLN C 168 -4.11 -3.84 5.02
C GLN C 168 -4.25 -2.52 5.75
N ASP C 169 -3.50 -2.34 6.85
CA ASP C 169 -3.54 -1.07 7.56
C ASP C 169 -3.02 0.07 6.69
N TYR C 170 -1.94 -0.17 5.95
CA TYR C 170 -1.42 0.86 5.06
C TYR C 170 -2.47 1.26 4.03
N GLN C 171 -3.16 0.28 3.44
CA GLN C 171 -4.21 0.60 2.48
C GLN C 171 -5.34 1.37 3.14
N GLU C 172 -5.71 0.99 4.37
CA GLU C 172 -6.73 1.72 5.10
C GLU C 172 -6.32 3.17 5.34
N SER C 173 -5.01 3.42 5.46
CA SER C 173 -4.50 4.78 5.65
C SER C 173 -4.61 5.64 4.40
N GLY C 174 -5.22 5.17 3.31
CA GLY C 174 -5.37 5.96 2.10
C GLY C 174 -4.14 6.02 1.23
N ALA C 175 -3.10 5.25 1.53
CA ALA C 175 -1.88 5.29 0.75
C ALA C 175 -2.12 4.72 -0.64
N THR C 176 -1.47 5.33 -1.63
CA THR C 176 -1.53 4.88 -3.02
C THR C 176 -0.12 4.57 -3.50
N LEU C 177 0.07 3.40 -4.10
CA LEU C 177 1.38 3.00 -4.57
C LEU C 177 1.69 3.64 -5.92
N ILE C 178 2.92 4.12 -6.06
CA ILE C 178 3.35 4.71 -7.32
C ILE C 178 3.35 3.65 -8.42
N ARG C 179 3.84 2.45 -8.10
CA ARG C 179 3.90 1.35 -9.06
C ARG C 179 2.75 0.40 -8.75
N ASP C 180 1.80 0.28 -9.68
CA ASP C 180 0.66 -0.61 -9.49
C ASP C 180 1.01 -2.08 -9.75
N ARG C 181 2.15 -2.35 -10.40
CA ARG C 181 2.56 -3.71 -10.68
C ARG C 181 3.13 -4.42 -9.47
N LEU C 182 3.43 -3.70 -8.39
CA LEU C 182 3.99 -4.30 -7.19
C LEU C 182 2.92 -4.84 -6.25
N LYS C 183 1.64 -4.67 -6.58
CA LYS C 183 0.57 -5.18 -5.72
C LYS C 183 0.68 -6.69 -5.60
N THR C 184 0.54 -7.18 -4.37
CA THR C 184 0.65 -8.60 -4.07
C THR C 184 -0.68 -9.12 -3.54
N GLU C 185 -1.12 -10.27 -4.04
CA GLU C 185 -2.39 -10.83 -3.62
C GLU C 185 -2.31 -11.30 -2.17
N PRO C 186 -3.42 -11.25 -1.45
CA PRO C 186 -3.42 -11.77 -0.07
C PRO C 186 -3.03 -13.25 -0.04
N PHE C 187 -2.31 -13.63 1.01
CA PHE C 187 -1.83 -14.99 1.15
C PHE C 187 -2.86 -15.85 1.88
N GLU C 188 -3.15 -17.02 1.31
CA GLU C 188 -4.02 -18.01 1.93
C GLU C 188 -3.26 -19.32 2.02
N GLU C 189 -3.20 -19.90 3.23
CA GLU C 189 -2.42 -21.11 3.43
C GLU C 189 -2.99 -22.28 2.62
N ASN C 190 -4.30 -22.47 2.65
CA ASN C 190 -4.91 -23.61 1.97
C ASN C 190 -4.71 -23.52 0.45
N SER C 191 -4.94 -22.33 -0.11
CA SER C 191 -4.78 -22.17 -1.55
C SER C 191 -3.33 -22.40 -1.97
N PHE C 192 -2.39 -21.84 -1.22
CA PHE C 192 -0.98 -22.04 -1.54
C PHE C 192 -0.61 -23.52 -1.45
N LEU C 193 -1.07 -24.22 -0.42
CA LEU C 193 -0.74 -25.62 -0.26
C LEU C 193 -1.31 -26.44 -1.41
N GLU C 194 -2.56 -26.20 -1.77
CA GLU C 194 -3.17 -26.97 -2.86
C GLU C 194 -2.47 -26.69 -4.17
N GLN C 195 -2.17 -25.42 -4.46
CA GLN C 195 -1.47 -25.09 -5.70
C GLN C 195 -0.10 -25.75 -5.73
N PHE C 196 0.63 -25.71 -4.62
CA PHE C 196 1.94 -26.34 -4.57
C PHE C 196 1.84 -27.83 -4.82
N MET C 197 0.93 -28.51 -4.12
CA MET C 197 0.79 -29.94 -4.29
C MET C 197 0.42 -30.31 -5.72
N ILE C 198 -0.43 -29.51 -6.35
CA ILE C 198 -0.85 -29.81 -7.71
C ILE C 198 0.29 -29.58 -8.70
N GLU C 199 1.03 -28.49 -8.55
CA GLU C 199 1.97 -28.04 -9.57
C GLU C 199 3.41 -28.51 -9.32
N LYS C 200 3.99 -28.12 -8.18
CA LYS C 200 5.42 -28.24 -7.98
C LYS C 200 5.85 -29.49 -7.25
N LEU C 201 4.97 -30.12 -6.47
CA LEU C 201 5.36 -31.31 -5.73
C LEU C 201 5.93 -32.41 -6.62
N PRO C 202 5.34 -32.71 -7.79
CA PRO C 202 5.89 -33.82 -8.58
C PRO C 202 7.36 -33.68 -8.92
N GLU C 203 7.81 -32.46 -9.22
CA GLU C 203 9.22 -32.23 -9.54
C GLU C 203 10.07 -31.98 -8.31
N ALA C 204 9.46 -31.63 -7.17
CA ALA C 204 10.23 -31.35 -5.97
C ALA C 204 10.54 -32.61 -5.19
N CYS C 205 9.60 -33.56 -5.15
CA CYS C 205 9.77 -34.78 -4.37
C CYS C 205 10.39 -35.91 -5.20
N SER C 206 11.49 -35.59 -5.88
CA SER C 206 12.22 -36.55 -6.71
C SER C 206 13.52 -36.91 -5.99
N ILE C 207 13.58 -38.13 -5.47
CA ILE C 207 14.78 -38.56 -4.75
C ILE C 207 15.94 -38.77 -5.72
N GLY C 208 15.67 -39.36 -6.88
CA GLY C 208 16.74 -39.65 -7.81
C GLY C 208 17.74 -40.62 -7.23
N ASP C 209 19.02 -40.32 -7.42
CA ASP C 209 20.10 -41.16 -6.91
C ASP C 209 20.58 -40.72 -5.54
N GLY C 210 19.95 -39.71 -4.93
CA GLY C 210 20.32 -39.25 -3.62
C GLY C 210 21.17 -37.99 -3.60
N LYS C 211 21.51 -37.43 -4.76
CA LYS C 211 22.30 -36.21 -4.79
C LYS C 211 21.59 -35.05 -4.11
N PRO C 212 20.30 -34.81 -4.34
CA PRO C 212 19.65 -33.68 -3.65
C PRO C 212 19.74 -33.77 -2.13
N PHE C 213 19.69 -34.99 -1.58
CA PHE C 213 19.72 -35.13 -0.13
C PHE C 213 21.01 -34.59 0.46
N VAL C 214 22.14 -34.88 -0.17
CA VAL C 214 23.42 -34.38 0.33
C VAL C 214 23.67 -32.94 -0.13
N MET C 215 23.03 -32.50 -1.21
CA MET C 215 23.25 -31.14 -1.70
C MET C 215 22.50 -30.11 -0.86
N ASN C 216 21.31 -30.43 -0.38
CA ASN C 216 20.42 -29.45 0.22
C ASN C 216 20.32 -29.57 1.73
N LEU C 217 19.97 -30.74 2.25
CA LEU C 217 19.52 -30.90 3.64
C LEU C 217 20.59 -31.50 4.54
N GLN C 218 21.85 -31.12 4.37
CA GLN C 218 22.91 -31.69 5.20
C GLN C 218 23.01 -30.98 6.54
N ASP C 219 22.89 -29.64 6.55
CA ASP C 219 23.03 -28.90 7.80
C ASP C 219 21.95 -29.29 8.80
N LEU C 220 20.70 -29.38 8.35
CA LEU C 220 19.61 -29.75 9.24
C LEU C 220 19.80 -31.16 9.79
N TYR C 221 20.27 -32.07 8.95
CA TYR C 221 20.53 -33.43 9.41
C TYR C 221 21.57 -33.45 10.52
N MET C 222 22.66 -32.69 10.34
CA MET C 222 23.69 -32.62 11.37
C MET C 222 23.15 -32.01 12.65
N ALA C 223 22.33 -30.96 12.53
CA ALA C 223 21.75 -30.34 13.72
C ALA C 223 20.87 -31.32 14.47
N VAL C 224 20.03 -32.07 13.75
CA VAL C 224 19.14 -33.03 14.38
C VAL C 224 19.95 -34.12 15.07
N THR C 225 21.00 -34.61 14.41
CA THR C 225 21.83 -35.65 15.02
C THR C 225 22.52 -35.12 16.27
N THR C 226 23.02 -33.89 16.23
CA THR C 226 23.67 -33.31 17.41
C THR C 226 22.67 -33.18 18.55
N GLN C 227 21.45 -32.74 18.25
CA GLN C 227 20.43 -32.66 19.30
C GLN C 227 20.13 -34.03 19.87
N GLU C 228 20.03 -35.05 19.02
CA GLU C 228 19.78 -36.41 19.51
C GLU C 228 20.91 -36.87 20.43
N VAL C 229 22.16 -36.59 20.04
CA VAL C 229 23.30 -36.97 20.87
C VAL C 229 23.24 -36.24 22.21
N GLN C 230 22.91 -34.95 22.18
CA GLN C 230 22.84 -34.18 23.42
C GLN C 230 21.75 -34.72 24.34
N VAL C 231 20.60 -35.09 23.78
CA VAL C 231 19.51 -35.62 24.60
C VAL C 231 19.95 -36.90 25.31
N GLY C 232 20.63 -37.79 24.59
CA GLY C 232 21.09 -39.03 25.18
C GLY C 232 21.42 -40.08 24.13
N LYS C 296 16.44 26.65 95.88
CA LYS C 296 15.29 26.83 96.77
C LYS C 296 14.98 28.32 96.94
N PRO C 297 14.43 28.94 95.90
CA PRO C 297 14.09 30.37 95.97
C PRO C 297 12.83 30.59 96.81
N ARG C 298 12.95 31.40 97.85
CA ARG C 298 11.82 31.70 98.71
C ARG C 298 12.01 33.09 99.31
N GLY C 299 10.91 33.67 99.74
CA GLY C 299 10.93 35.01 100.34
C GLY C 299 10.70 36.09 99.29
N LEU C 300 11.63 37.02 99.19
CA LEU C 300 11.51 38.10 98.22
C LEU C 300 11.56 37.60 96.79
N PHE C 301 12.11 36.41 96.55
CA PHE C 301 12.25 35.85 95.21
C PHE C 301 11.14 34.87 94.86
N SER C 302 10.11 34.76 95.70
CA SER C 302 9.00 33.85 95.43
C SER C 302 7.67 34.54 95.70
N MET D 1 94.51 -28.88 -2.67
CA MET D 1 94.70 -30.34 -2.47
C MET D 1 94.35 -31.10 -3.75
N GLU D 2 95.37 -31.43 -4.53
CA GLU D 2 95.20 -32.17 -5.78
C GLU D 2 96.00 -33.46 -5.72
N ARG D 3 95.41 -34.52 -6.26
CA ARG D 3 96.03 -35.84 -6.29
C ARG D 3 95.93 -36.43 -7.68
N LYS D 4 96.90 -37.27 -8.02
CA LYS D 4 96.96 -37.93 -9.32
C LYS D 4 97.07 -39.44 -9.13
N ILE D 5 96.33 -40.19 -9.94
CA ILE D 5 96.29 -41.63 -9.88
C ILE D 5 96.80 -42.18 -11.21
N SER D 6 97.70 -43.16 -11.14
CA SER D 6 98.30 -43.76 -12.33
C SER D 6 98.34 -45.27 -12.16
N ARG D 7 98.39 -45.95 -13.30
CA ARG D 7 98.49 -47.41 -13.34
C ARG D 7 99.87 -47.81 -13.82
N ILE D 8 100.51 -48.73 -13.10
CA ILE D 8 101.85 -49.19 -13.43
C ILE D 8 101.89 -50.71 -13.40
N HIS D 9 102.80 -51.27 -14.19
CA HIS D 9 103.04 -52.72 -14.26
C HIS D 9 104.44 -52.97 -13.71
N LEU D 10 104.53 -53.49 -12.50
CA LEU D 10 105.83 -53.76 -11.91
C LEU D 10 106.58 -54.80 -12.72
N VAL D 11 107.85 -54.52 -13.01
CA VAL D 11 108.64 -55.42 -13.85
C VAL D 11 108.88 -56.75 -13.14
N SER D 12 109.12 -56.72 -11.84
CA SER D 12 109.40 -57.92 -11.07
C SER D 12 108.14 -58.70 -10.69
N GLU D 13 107.00 -58.37 -11.28
CA GLU D 13 105.73 -58.98 -10.94
C GLU D 13 104.97 -59.32 -12.21
N PRO D 14 103.98 -60.21 -12.13
CA PRO D 14 103.21 -60.57 -13.31
C PRO D 14 102.29 -59.44 -13.77
N SER D 15 101.41 -59.75 -14.74
CA SER D 15 100.55 -58.75 -15.37
C SER D 15 99.68 -57.99 -14.38
N ILE D 16 99.65 -58.43 -13.11
CA ILE D 16 98.90 -57.73 -12.07
C ILE D 16 99.20 -56.24 -12.14
N THR D 17 98.15 -55.43 -12.19
CA THR D 17 98.29 -53.98 -12.28
C THR D 17 98.34 -53.37 -10.89
N HIS D 18 99.15 -52.32 -10.73
CA HIS D 18 99.29 -51.61 -9.48
C HIS D 18 98.88 -50.15 -9.68
N PHE D 19 98.34 -49.55 -8.63
CA PHE D 19 97.85 -48.18 -8.68
C PHE D 19 98.69 -47.30 -7.77
N LEU D 20 99.20 -46.21 -8.32
CA LEU D 20 100.01 -45.24 -7.60
C LEU D 20 99.23 -43.94 -7.46
N GLN D 21 99.06 -43.47 -6.23
CA GLN D 21 98.35 -42.24 -5.93
C GLN D 21 99.32 -41.27 -5.27
N VAL D 22 99.51 -40.12 -5.89
CA VAL D 22 100.44 -39.10 -5.39
C VAL D 22 99.65 -37.84 -5.08
N SER D 23 99.76 -37.36 -3.85
CA SER D 23 99.04 -36.16 -3.41
C SER D 23 100.02 -35.13 -2.90
N TRP D 24 99.75 -33.86 -3.22
CA TRP D 24 100.61 -32.75 -2.88
C TRP D 24 99.76 -31.59 -2.37
N GLU D 25 100.38 -30.71 -1.58
CA GLU D 25 99.65 -29.56 -1.05
C GLU D 25 99.62 -28.41 -2.04
N LYS D 26 100.80 -27.88 -2.40
CA LYS D 26 100.90 -26.79 -3.37
C LYS D 26 101.76 -27.16 -4.56
N THR D 27 102.95 -27.71 -4.33
CA THR D 27 103.86 -28.10 -5.39
C THR D 27 104.70 -29.26 -4.92
N LEU D 28 105.25 -30.01 -5.89
CA LEU D 28 106.06 -31.18 -5.57
C LEU D 28 107.33 -30.80 -4.80
N GLU D 29 107.77 -29.54 -4.89
CA GLU D 29 108.99 -29.14 -4.21
C GLU D 29 108.88 -29.31 -2.70
N SER D 30 107.75 -28.86 -2.13
CA SER D 30 107.59 -28.93 -0.67
C SER D 30 107.55 -30.38 -0.20
N GLY D 31 106.84 -31.24 -0.89
CA GLY D 31 106.70 -32.62 -0.48
C GLY D 31 105.47 -33.24 -1.11
N PHE D 32 105.20 -34.47 -0.70
CA PHE D 32 104.05 -35.21 -1.24
C PHE D 32 103.90 -36.50 -0.46
N VAL D 33 102.82 -37.22 -0.78
CA VAL D 33 102.54 -38.53 -0.20
C VAL D 33 102.20 -39.49 -1.32
N ILE D 34 102.77 -40.69 -1.25
CA ILE D 34 102.66 -41.71 -2.29
C ILE D 34 102.03 -42.95 -1.69
N THR D 35 100.99 -43.45 -2.33
CA THR D 35 100.28 -44.65 -1.89
C THR D 35 100.25 -45.65 -3.03
N LEU D 36 100.61 -46.89 -2.72
CA LEU D 36 100.62 -47.99 -3.69
C LEU D 36 99.55 -48.99 -3.29
N THR D 37 98.68 -49.33 -4.24
CA THR D 37 97.55 -50.22 -3.98
C THR D 37 97.45 -51.28 -5.05
N ASP D 38 96.87 -52.43 -4.69
CA ASP D 38 96.67 -53.51 -5.64
C ASP D 38 95.32 -54.19 -5.47
N GLY D 39 94.42 -53.64 -4.64
CA GLY D 39 93.10 -54.17 -4.44
C GLY D 39 92.91 -54.90 -3.13
N HIS D 40 93.98 -55.42 -2.53
CA HIS D 40 93.91 -56.14 -1.26
C HIS D 40 94.73 -55.47 -0.18
N SER D 41 95.98 -55.11 -0.46
CA SER D 41 96.86 -54.47 0.50
C SER D 41 97.36 -53.14 -0.07
N ALA D 42 97.72 -52.23 0.83
CA ALA D 42 98.17 -50.90 0.45
C ALA D 42 99.42 -50.53 1.24
N TRP D 43 100.22 -49.64 0.66
CA TRP D 43 101.42 -49.11 1.29
C TRP D 43 101.44 -47.60 1.12
N THR D 44 102.05 -46.91 2.08
CA THR D 44 102.06 -45.46 2.10
C THR D 44 103.45 -44.95 2.45
N GLY D 45 103.79 -43.77 1.94
CA GLY D 45 105.05 -43.13 2.24
C GLY D 45 105.06 -41.64 1.98
N THR D 46 105.61 -40.87 2.91
CA THR D 46 105.65 -39.41 2.79
C THR D 46 107.05 -38.95 2.41
N VAL D 47 107.12 -37.81 1.72
CA VAL D 47 108.37 -37.16 1.38
C VAL D 47 108.22 -35.68 1.67
N SER D 48 109.20 -35.11 2.38
CA SER D 48 109.19 -33.71 2.79
C SER D 48 110.29 -32.96 2.08
N GLU D 49 110.42 -31.67 2.42
CA GLU D 49 111.44 -30.84 1.80
C GLU D 49 112.84 -31.34 2.13
N SER D 50 113.05 -31.77 3.38
CA SER D 50 114.36 -32.26 3.77
C SER D 50 114.75 -33.50 2.98
N GLU D 51 113.80 -34.42 2.76
CA GLU D 51 114.10 -35.64 2.03
C GLU D 51 114.52 -35.33 0.61
N ILE D 52 113.78 -34.46 -0.08
CA ILE D 52 114.13 -34.14 -1.46
C ILE D 52 115.44 -33.37 -1.52
N SER D 53 115.68 -32.49 -0.54
CA SER D 53 116.95 -31.77 -0.52
C SER D 53 118.12 -32.74 -0.35
N GLN D 54 117.99 -33.70 0.56
CA GLN D 54 119.06 -34.69 0.74
C GLN D 54 119.25 -35.53 -0.52
N GLU D 55 118.15 -35.93 -1.16
CA GLU D 55 118.26 -36.72 -2.39
C GLU D 55 118.97 -35.93 -3.48
N ALA D 56 118.64 -34.64 -3.63
CA ALA D 56 119.31 -33.80 -4.61
C ALA D 56 120.78 -33.63 -4.28
N ASP D 57 121.11 -33.49 -2.99
CA ASP D 57 122.50 -33.34 -2.59
C ASP D 57 123.30 -34.60 -2.88
N ASP D 58 122.68 -35.77 -2.69
CA ASP D 58 123.40 -37.02 -2.85
C ASP D 58 123.97 -37.16 -4.26
N MET D 59 123.13 -36.98 -5.27
CA MET D 59 123.55 -37.10 -6.66
C MET D 59 123.92 -35.76 -7.30
N ALA D 60 123.80 -34.66 -6.56
CA ALA D 60 124.16 -33.33 -7.04
C ALA D 60 123.52 -33.04 -8.40
N MET D 61 122.21 -33.25 -8.46
CA MET D 61 121.45 -33.00 -9.68
C MET D 61 120.70 -31.69 -9.55
N GLU D 62 120.57 -30.97 -10.66
CA GLU D 62 119.90 -29.68 -10.65
C GLU D 62 118.44 -29.84 -10.27
N LYS D 63 117.92 -28.87 -9.51
CA LYS D 63 116.56 -28.97 -9.00
C LYS D 63 115.54 -29.01 -10.13
N GLY D 64 115.72 -28.16 -11.14
CA GLY D 64 114.70 -28.06 -12.18
C GLY D 64 114.52 -29.35 -12.96
N LYS D 65 115.63 -29.91 -13.45
CA LYS D 65 115.55 -31.16 -14.21
C LYS D 65 115.06 -32.30 -13.33
N TYR D 66 115.50 -32.33 -12.07
CA TYR D 66 115.04 -33.37 -11.15
C TYR D 66 113.53 -33.32 -10.99
N VAL D 67 112.99 -32.14 -10.70
CA VAL D 67 111.55 -32.00 -10.50
C VAL D 67 110.80 -32.35 -11.77
N GLY D 68 111.32 -31.90 -12.92
CA GLY D 68 110.67 -32.23 -14.18
C GLY D 68 110.61 -33.72 -14.43
N GLU D 69 111.72 -34.43 -14.15
CA GLU D 69 111.76 -35.86 -14.37
C GLU D 69 110.81 -36.59 -13.43
N LEU D 70 110.79 -36.22 -12.14
CA LEU D 70 109.85 -36.84 -11.21
C LEU D 70 108.41 -36.58 -11.64
N ARG D 71 108.09 -35.36 -12.06
CA ARG D 71 106.73 -35.07 -12.50
C ARG D 71 106.37 -35.90 -13.73
N LYS D 72 107.28 -36.00 -14.68
CA LYS D 72 106.99 -36.77 -15.89
C LYS D 72 106.84 -38.26 -15.59
N ALA D 73 107.57 -38.76 -14.60
CA ALA D 73 107.55 -40.19 -14.32
C ALA D 73 106.34 -40.59 -13.48
N LEU D 74 106.15 -39.94 -12.33
CA LEU D 74 105.14 -40.38 -11.38
C LEU D 74 103.72 -40.02 -11.80
N LEU D 75 103.55 -39.11 -12.77
CA LEU D 75 102.23 -38.65 -13.16
C LEU D 75 101.85 -39.10 -14.57
N SER D 76 102.67 -38.76 -15.57
CA SER D 76 102.28 -39.01 -16.96
C SER D 76 102.57 -40.45 -17.37
N GLY D 77 103.84 -40.85 -17.35
CA GLY D 77 104.19 -42.19 -17.79
C GLY D 77 103.83 -42.45 -19.24
N ALA D 78 104.05 -41.48 -20.12
CA ALA D 78 103.68 -41.64 -21.52
C ALA D 78 104.54 -42.69 -22.20
N GLY D 79 103.94 -43.41 -23.13
CA GLY D 79 104.63 -44.44 -23.88
C GLY D 79 105.82 -43.91 -24.67
N PRO D 80 105.62 -42.84 -25.44
CA PRO D 80 106.72 -42.25 -26.21
C PRO D 80 107.62 -41.31 -25.41
N ALA D 81 107.59 -41.37 -24.08
CA ALA D 81 108.36 -40.45 -23.25
C ALA D 81 109.41 -41.20 -22.44
N ASP D 82 110.06 -42.19 -23.06
CA ASP D 82 111.11 -42.97 -22.42
C ASP D 82 110.55 -43.70 -21.19
N VAL D 83 109.70 -44.69 -21.47
CA VAL D 83 109.02 -45.46 -20.43
C VAL D 83 110.03 -45.91 -19.38
N TYR D 84 109.65 -45.76 -18.11
CA TYR D 84 110.51 -46.09 -16.98
C TYR D 84 110.14 -47.47 -16.44
N THR D 85 110.92 -47.94 -15.47
CA THR D 85 110.65 -49.21 -14.80
C THR D 85 110.48 -48.97 -13.32
N PHE D 86 109.57 -49.74 -12.71
CA PHE D 86 109.29 -49.66 -11.29
C PHE D 86 109.48 -51.02 -10.66
N ASN D 87 109.78 -51.03 -9.35
CA ASN D 87 110.02 -52.27 -8.63
C ASN D 87 109.80 -52.03 -7.15
N PHE D 88 109.48 -53.13 -6.45
CA PHE D 88 109.12 -53.06 -5.04
C PHE D 88 109.57 -54.35 -4.36
N SER D 89 110.47 -54.21 -3.38
CA SER D 89 110.91 -55.34 -2.57
C SER D 89 109.96 -55.49 -1.39
N LYS D 90 109.27 -56.63 -1.33
CA LYS D 90 108.30 -56.86 -0.27
C LYS D 90 108.97 -57.20 1.06
N GLU D 91 110.16 -57.82 1.01
CA GLU D 91 110.84 -58.20 2.24
C GLU D 91 111.14 -56.97 3.09
N SER D 92 111.70 -55.93 2.47
CA SER D 92 112.01 -54.68 3.15
C SER D 92 110.96 -53.61 2.90
N CYS D 93 109.91 -53.91 2.13
CA CYS D 93 108.85 -52.95 1.84
C CYS D 93 109.43 -51.67 1.26
N TYR D 94 110.33 -51.82 0.29
CA TYR D 94 111.07 -50.70 -0.29
C TYR D 94 110.73 -50.59 -1.76
N PHE D 95 110.19 -49.44 -2.16
CA PHE D 95 109.80 -49.17 -3.54
C PHE D 95 110.82 -48.25 -4.20
N PHE D 96 111.11 -48.50 -5.46
CA PHE D 96 112.01 -47.64 -6.22
C PHE D 96 111.76 -47.84 -7.71
N PHE D 97 112.43 -47.02 -8.51
CA PHE D 97 112.24 -47.03 -9.96
C PHE D 97 113.56 -46.65 -10.62
N GLU D 98 113.65 -46.97 -11.91
CA GLU D 98 114.87 -46.77 -12.68
C GLU D 98 114.51 -46.37 -14.10
N LYS D 99 115.35 -45.50 -14.67
CA LYS D 99 115.19 -45.08 -16.05
C LYS D 99 115.64 -46.19 -16.99
N ASN D 100 115.07 -46.17 -18.20
CA ASN D 100 115.30 -47.22 -19.20
C ASN D 100 115.74 -46.60 -20.53
N LEU D 101 116.72 -45.70 -20.48
CA LEU D 101 117.24 -45.14 -21.71
C LEU D 101 117.97 -46.23 -22.51
N LYS D 102 118.29 -45.91 -23.76
CA LYS D 102 118.88 -46.89 -24.66
C LYS D 102 120.22 -47.37 -24.10
N ASP D 103 120.24 -48.60 -23.58
CA ASP D 103 121.44 -49.16 -22.95
C ASP D 103 121.93 -48.28 -21.80
N VAL D 104 121.01 -47.61 -21.11
CA VAL D 104 121.35 -46.71 -20.02
C VAL D 104 120.26 -46.77 -18.97
N SER D 105 120.65 -46.68 -17.71
CA SER D 105 119.69 -46.72 -16.61
C SER D 105 120.22 -45.92 -15.44
N PHE D 106 119.38 -45.03 -14.90
CA PHE D 106 119.70 -44.25 -13.73
C PHE D 106 118.73 -44.60 -12.61
N ARG D 107 119.25 -44.69 -11.39
CA ARG D 107 118.44 -44.89 -10.19
C ARG D 107 117.89 -43.52 -9.79
N LEU D 108 116.66 -43.23 -10.20
CA LEU D 108 116.12 -41.90 -9.98
C LEU D 108 116.01 -41.57 -8.50
N GLY D 109 115.56 -42.52 -7.69
CA GLY D 109 115.43 -42.27 -6.27
C GLY D 109 115.05 -43.53 -5.52
N SER D 110 115.13 -43.44 -4.19
CA SER D 110 114.78 -44.52 -3.29
C SER D 110 113.63 -44.06 -2.40
N PHE D 111 112.56 -44.84 -2.35
CA PHE D 111 111.38 -44.53 -1.56
C PHE D 111 111.11 -45.66 -0.59
N ASN D 112 110.94 -45.32 0.68
CA ASN D 112 110.65 -46.28 1.73
C ASN D 112 109.18 -46.17 2.12
N LEU D 113 108.49 -47.30 2.18
CA LEU D 113 107.07 -47.34 2.48
C LEU D 113 106.81 -48.30 3.63
N GLU D 114 105.71 -48.05 4.35
CA GLU D 114 105.26 -48.89 5.44
C GLU D 114 103.84 -49.38 5.14
N LYS D 115 103.61 -50.67 5.36
CA LYS D 115 102.31 -51.25 5.08
C LYS D 115 101.23 -50.62 5.96
N VAL D 116 100.05 -50.44 5.37
CA VAL D 116 98.90 -49.88 6.08
C VAL D 116 97.99 -51.02 6.50
N GLU D 117 97.55 -51.00 7.75
CA GLU D 117 96.76 -52.10 8.31
C GLU D 117 95.30 -52.07 7.87
N ASN D 118 94.85 -51.01 7.20
CA ASN D 118 93.45 -50.86 6.80
C ASN D 118 93.39 -50.49 5.32
N PRO D 119 93.60 -51.45 4.43
CA PRO D 119 93.48 -51.16 2.99
C PRO D 119 92.09 -50.71 2.58
N ALA D 120 91.06 -51.07 3.35
CA ALA D 120 89.69 -50.74 2.96
C ALA D 120 89.49 -49.23 2.85
N GLU D 121 90.02 -48.49 3.82
CA GLU D 121 89.85 -47.03 3.79
C GLU D 121 90.51 -46.44 2.55
N VAL D 122 91.71 -46.90 2.22
CA VAL D 122 92.41 -46.37 1.05
C VAL D 122 91.63 -46.68 -0.22
N ILE D 123 91.17 -47.92 -0.35
CA ILE D 123 90.44 -48.32 -1.56
C ILE D 123 89.16 -47.50 -1.70
N ARG D 124 88.41 -47.37 -0.60
CA ARG D 124 87.16 -46.62 -0.65
C ARG D 124 87.41 -45.15 -0.96
N GLU D 125 88.46 -44.57 -0.38
CA GLU D 125 88.78 -43.17 -0.69
C GLU D 125 89.12 -43.00 -2.17
N LEU D 126 89.92 -43.91 -2.72
CA LEU D 126 90.27 -43.82 -4.13
C LEU D 126 89.02 -43.90 -5.01
N ILE D 127 88.15 -44.87 -4.73
CA ILE D 127 86.96 -45.04 -5.55
C ILE D 127 86.04 -43.83 -5.42
N CYS D 128 85.88 -43.29 -4.20
CA CYS D 128 85.04 -42.12 -4.00
C CYS D 128 85.59 -40.91 -4.76
N TYR D 129 86.91 -40.72 -4.71
CA TYR D 129 87.52 -39.62 -5.46
C TYR D 129 87.27 -39.78 -6.95
N CYS D 130 87.42 -41.01 -7.46
CA CYS D 130 87.17 -41.25 -8.88
C CYS D 130 85.73 -40.93 -9.24
N LEU D 131 84.77 -41.36 -8.41
CA LEU D 131 83.37 -41.10 -8.71
C LEU D 131 83.07 -39.60 -8.67
N ASP D 132 83.63 -38.89 -7.70
CA ASP D 132 83.43 -37.44 -7.64
C ASP D 132 83.99 -36.76 -8.87
N THR D 133 85.17 -37.18 -9.31
CA THR D 133 85.74 -36.62 -10.54
C THR D 133 84.84 -36.89 -11.73
N ILE D 134 84.29 -38.11 -11.81
CA ILE D 134 83.40 -38.44 -12.93
C ILE D 134 82.18 -37.52 -12.92
N ALA D 135 81.58 -37.33 -11.74
CA ALA D 135 80.38 -36.50 -11.66
C ALA D 135 80.68 -35.06 -12.04
N GLU D 136 81.80 -34.51 -11.53
CA GLU D 136 82.15 -33.13 -11.86
C GLU D 136 82.42 -32.99 -13.36
N ASN D 137 83.11 -33.96 -13.95
CA ASN D 137 83.38 -33.90 -15.38
C ASN D 137 82.08 -33.95 -16.19
N GLN D 138 81.14 -34.79 -15.77
CA GLN D 138 79.86 -34.87 -16.46
C GLN D 138 79.12 -33.53 -16.39
N ALA D 139 79.12 -32.90 -15.22
CA ALA D 139 78.45 -31.61 -15.09
C ALA D 139 79.11 -30.56 -15.99
N LYS D 140 80.44 -30.52 -15.99
CA LYS D 140 81.14 -29.57 -16.84
C LYS D 140 80.85 -29.83 -18.31
N ASN D 141 80.77 -31.11 -18.70
CA ASN D 141 80.46 -31.45 -20.08
C ASN D 141 79.06 -30.97 -20.46
N GLU D 142 78.10 -31.13 -19.55
CA GLU D 142 76.75 -30.65 -19.83
C GLU D 142 76.75 -29.13 -20.03
N HIS D 143 77.46 -28.40 -19.15
CA HIS D 143 77.52 -26.95 -19.29
C HIS D 143 78.16 -26.55 -20.62
N LEU D 144 79.26 -27.21 -20.99
CA LEU D 144 79.93 -26.89 -22.24
C LEU D 144 79.05 -27.22 -23.43
N GLN D 145 78.29 -28.31 -23.36
CA GLN D 145 77.37 -28.65 -24.44
C GLN D 145 76.30 -27.58 -24.60
N LYS D 146 75.75 -27.09 -23.49
CA LYS D 146 74.77 -26.02 -23.59
C LYS D 146 75.37 -24.78 -24.23
N GLU D 147 76.59 -24.41 -23.81
CA GLU D 147 77.25 -23.24 -24.40
C GLU D 147 77.48 -23.43 -25.89
N ASN D 148 77.92 -24.63 -26.29
CA ASN D 148 78.17 -24.90 -27.70
C ASN D 148 76.89 -24.82 -28.51
N GLU D 149 75.78 -25.34 -27.97
CA GLU D 149 74.51 -25.23 -28.67
C GLU D 149 74.10 -23.78 -28.85
N ARG D 150 74.27 -22.96 -27.81
CA ARG D 150 73.93 -21.54 -27.92
C ARG D 150 74.78 -20.87 -28.98
N LEU D 151 76.08 -21.14 -28.98
CA LEU D 151 76.97 -20.51 -29.96
C LEU D 151 76.61 -20.94 -31.37
N LEU D 152 76.30 -22.23 -31.57
CA LEU D 152 75.92 -22.70 -32.90
C LEU D 152 74.65 -22.03 -33.39
N ARG D 153 73.66 -21.89 -32.50
CA ARG D 153 72.42 -21.20 -32.89
C ARG D 153 72.71 -19.75 -33.28
N ASP D 154 73.54 -19.06 -32.50
CA ASP D 154 73.88 -17.69 -32.83
C ASP D 154 74.57 -17.60 -34.18
N TRP D 155 75.50 -18.52 -34.46
CA TRP D 155 76.21 -18.51 -35.73
C TRP D 155 75.25 -18.74 -36.89
N ASN D 156 74.31 -19.67 -36.74
CA ASN D 156 73.33 -19.90 -37.79
C ASN D 156 72.48 -18.66 -38.03
N ASP D 157 72.06 -18.00 -36.95
CA ASP D 157 71.27 -16.78 -37.10
C ASP D 157 72.07 -15.72 -37.86
N VAL D 158 73.35 -15.56 -37.53
CA VAL D 158 74.16 -14.56 -38.20
C VAL D 158 74.32 -14.90 -39.67
N GLN D 159 74.52 -16.18 -39.99
CA GLN D 159 74.64 -16.58 -41.39
C GLN D 159 73.37 -16.26 -42.16
N GLY D 160 72.20 -16.56 -41.56
CA GLY D 160 70.95 -16.23 -42.21
C GLY D 160 70.80 -14.74 -42.44
N ARG D 161 71.19 -13.93 -41.45
CA ARG D 161 71.11 -12.48 -41.61
C ARG D 161 72.00 -12.00 -42.76
N PHE D 162 73.21 -12.55 -42.85
CA PHE D 162 74.12 -12.17 -43.94
C PHE D 162 73.53 -12.54 -45.29
N GLU D 163 72.94 -13.74 -45.39
CA GLU D 163 72.31 -14.15 -46.65
C GLU D 163 71.18 -13.20 -47.02
N LYS D 164 70.33 -12.84 -46.05
CA LYS D 164 69.24 -11.92 -46.33
C LYS D 164 69.78 -10.58 -46.81
N CYS D 165 70.82 -10.06 -46.16
CA CYS D 165 71.39 -8.78 -46.55
C CYS D 165 71.93 -8.82 -47.97
N VAL D 166 72.66 -9.88 -48.32
CA VAL D 166 73.24 -9.96 -49.65
C VAL D 166 72.15 -10.06 -50.70
N SER D 167 71.10 -10.85 -50.44
CA SER D 167 70.00 -10.96 -51.39
C SER D 167 69.31 -9.61 -51.58
N ALA D 168 69.07 -8.89 -50.48
CA ALA D 168 68.43 -7.58 -50.59
C ALA D 168 69.28 -6.62 -51.41
N LYS D 169 70.60 -6.61 -51.17
CA LYS D 169 71.47 -5.71 -51.93
C LYS D 169 71.43 -6.05 -53.42
N GLU D 170 71.49 -7.35 -53.75
CA GLU D 170 71.45 -7.73 -55.16
C GLU D 170 70.14 -7.28 -55.80
N ALA D 171 69.01 -7.50 -55.12
CA ALA D 171 67.73 -7.10 -55.67
C ALA D 171 67.66 -5.60 -55.89
N LEU D 172 68.14 -4.82 -54.92
CA LEU D 172 68.12 -3.36 -55.06
C LEU D 172 68.94 -2.92 -56.25
N GLU D 173 70.15 -3.47 -56.39
CA GLU D 173 71.00 -3.09 -57.52
C GLU D 173 70.32 -3.43 -58.84
N THR D 174 69.75 -4.62 -58.95
CA THR D 174 69.11 -5.02 -60.19
C THR D 174 67.96 -4.08 -60.53
N ASP D 175 67.12 -3.76 -59.55
CA ASP D 175 65.96 -2.90 -59.81
C ASP D 175 66.41 -1.51 -60.26
N LEU D 176 67.38 -0.93 -59.56
CA LEU D 176 67.84 0.41 -59.91
C LEU D 176 68.42 0.44 -61.32
N TYR D 177 69.26 -0.56 -61.64
CA TYR D 177 69.87 -0.58 -62.97
C TYR D 177 68.82 -0.78 -64.04
N LYS D 178 67.80 -1.60 -63.76
CA LYS D 178 66.73 -1.80 -64.74
C LYS D 178 65.99 -0.50 -65.02
N ARG D 179 65.66 0.25 -63.97
CA ARG D 179 64.96 1.52 -64.18
C ARG D 179 65.84 2.48 -65.00
N PHE D 180 67.12 2.56 -64.65
CA PHE D 180 68.00 3.48 -65.38
C PHE D 180 68.12 3.08 -66.84
N ILE D 181 68.30 1.79 -67.12
CA ILE D 181 68.48 1.39 -68.51
C ILE D 181 67.20 1.62 -69.29
N LEU D 182 66.04 1.42 -68.66
CA LEU D 182 64.78 1.75 -69.33
C LEU D 182 64.76 3.21 -69.75
N VAL D 183 65.07 4.12 -68.82
CA VAL D 183 65.11 5.53 -69.16
C VAL D 183 66.11 5.78 -70.28
N LEU D 184 67.24 5.08 -70.24
CA LEU D 184 68.28 5.28 -71.24
C LEU D 184 67.81 4.86 -72.62
N ASN D 185 67.08 3.74 -72.73
CA ASN D 185 66.56 3.36 -74.05
C ASN D 185 65.54 4.39 -74.53
N GLU D 186 64.72 4.92 -73.62
CA GLU D 186 63.80 5.98 -74.03
C GLU D 186 64.57 7.15 -74.64
N LYS D 187 65.60 7.63 -73.94
CA LYS D 187 66.37 8.77 -74.44
C LYS D 187 67.07 8.44 -75.74
N LYS D 188 67.63 7.23 -75.87
CA LYS D 188 68.33 6.86 -77.10
C LYS D 188 67.37 6.78 -78.28
N THR D 189 66.16 6.25 -78.06
CA THR D 189 65.17 6.25 -79.12
C THR D 189 64.83 7.67 -79.53
N LYS D 190 64.73 8.57 -78.56
CA LYS D 190 64.49 9.98 -78.91
C LYS D 190 65.65 10.55 -79.72
N ILE D 191 66.88 10.19 -79.37
CA ILE D 191 68.03 10.67 -80.14
C ILE D 191 67.96 10.16 -81.57
N ARG D 192 67.57 8.90 -81.75
CA ARG D 192 67.43 8.37 -83.10
C ARG D 192 66.33 9.11 -83.86
N SER D 193 65.21 9.42 -83.19
CA SER D 193 64.15 10.18 -83.83
C SER D 193 64.66 11.56 -84.25
N LEU D 194 65.44 12.21 -83.40
CA LEU D 194 65.98 13.52 -83.75
C LEU D 194 66.98 13.42 -84.88
N HIS D 195 67.75 12.33 -84.96
CA HIS D 195 68.63 12.12 -86.10
C HIS D 195 67.83 11.96 -87.39
N ASN D 196 66.71 11.23 -87.32
CA ASN D 196 65.84 11.12 -88.48
C ASN D 196 65.29 12.48 -88.89
N LYS D 197 64.92 13.30 -87.91
CA LYS D 197 64.46 14.66 -88.21
C LYS D 197 65.57 15.48 -88.87
N LEU D 198 66.80 15.34 -88.38
CA LEU D 198 67.93 16.02 -88.98
C LEU D 198 68.12 15.60 -90.43
N LEU D 199 68.02 14.30 -90.70
CA LEU D 199 68.14 13.81 -92.07
C LEU D 199 67.04 14.38 -92.95
N ASN D 200 65.81 14.41 -92.43
CA ASN D 200 64.69 14.95 -93.20
C ASN D 200 64.90 16.43 -93.51
N ALA D 201 65.39 17.19 -92.53
CA ALA D 201 65.55 18.63 -92.73
C ALA D 201 66.71 18.92 -93.67
N ALA D 202 67.92 18.50 -93.31
CA ALA D 202 69.10 18.74 -94.13
C ALA D 202 69.14 17.79 -95.32
N MET E 1 77.39 -52.46 -23.78
CA MET E 1 77.43 -52.87 -22.35
C MET E 1 77.67 -51.67 -21.44
N GLU E 2 76.59 -51.06 -20.97
CA GLU E 2 76.68 -49.89 -20.10
C GLU E 2 76.77 -50.31 -18.65
N ARG E 3 77.47 -49.50 -17.86
CA ARG E 3 77.66 -49.75 -16.44
C ARG E 3 77.41 -48.47 -15.66
N LYS E 4 77.00 -48.63 -14.40
CA LYS E 4 76.80 -47.50 -13.51
C LYS E 4 77.22 -47.88 -12.11
N ILE E 5 78.06 -47.05 -11.49
CA ILE E 5 78.50 -47.23 -10.11
C ILE E 5 77.70 -46.30 -9.23
N SER E 6 77.43 -46.74 -8.00
CA SER E 6 76.67 -45.94 -7.06
C SER E 6 77.17 -46.21 -5.65
N ARG E 7 76.98 -45.22 -4.79
CA ARG E 7 77.35 -45.31 -3.38
C ARG E 7 76.09 -45.57 -2.55
N ILE E 8 76.12 -46.61 -1.74
CA ILE E 8 74.99 -47.00 -0.90
C ILE E 8 75.47 -47.15 0.53
N HIS E 9 74.68 -46.64 1.47
CA HIS E 9 74.94 -46.75 2.90
C HIS E 9 73.95 -47.76 3.47
N LEU E 10 74.42 -48.99 3.68
CA LEU E 10 73.55 -50.01 4.24
C LEU E 10 73.14 -49.65 5.66
N VAL E 11 71.91 -50.02 6.03
CA VAL E 11 71.41 -49.72 7.36
C VAL E 11 72.23 -50.44 8.42
N SER E 12 72.72 -51.66 8.11
CA SER E 12 73.48 -52.42 9.09
C SER E 12 74.77 -51.70 9.48
N GLU E 13 75.46 -51.12 8.51
CA GLU E 13 76.75 -50.47 8.73
C GLU E 13 76.70 -49.06 8.16
N PRO E 14 76.04 -48.13 8.86
CA PRO E 14 75.96 -46.76 8.34
C PRO E 14 77.30 -46.08 8.18
N SER E 15 78.27 -46.40 9.04
CA SER E 15 79.55 -45.70 9.03
C SER E 15 80.43 -46.07 7.83
N ILE E 16 80.07 -47.10 7.08
CA ILE E 16 80.85 -47.56 5.93
C ILE E 16 80.03 -47.34 4.67
N THR E 17 80.68 -46.87 3.62
CA THR E 17 80.03 -46.60 2.34
C THR E 17 80.37 -47.73 1.37
N HIS E 18 79.35 -48.46 0.95
CA HIS E 18 79.54 -49.57 0.02
C HIS E 18 79.31 -49.10 -1.41
N PHE E 19 79.94 -49.81 -2.36
CA PHE E 19 79.84 -49.49 -3.78
C PHE E 19 79.04 -50.59 -4.49
N LEU E 20 78.11 -50.16 -5.33
CA LEU E 20 77.24 -51.08 -6.07
C LEU E 20 77.33 -50.74 -7.55
N GLN E 21 77.72 -51.72 -8.35
CA GLN E 21 77.85 -51.55 -9.79
C GLN E 21 76.78 -52.37 -10.49
N VAL E 22 76.02 -51.72 -11.36
CA VAL E 22 74.97 -52.35 -12.15
C VAL E 22 75.34 -52.24 -13.62
N SER E 23 75.39 -53.37 -14.30
CA SER E 23 75.75 -53.42 -15.72
C SER E 23 74.59 -54.00 -16.50
N TRP E 24 74.18 -53.31 -17.57
CA TRP E 24 73.12 -53.76 -18.45
C TRP E 24 73.60 -53.71 -19.89
N GLU E 25 73.02 -54.55 -20.73
CA GLU E 25 73.50 -54.70 -22.11
C GLU E 25 73.07 -53.53 -22.98
N LYS E 26 71.78 -53.41 -23.23
CA LYS E 26 71.25 -52.33 -24.06
C LYS E 26 70.18 -51.51 -23.37
N THR E 27 69.34 -52.14 -22.55
CA THR E 27 68.31 -51.43 -21.81
C THR E 27 68.10 -52.14 -20.48
N LEU E 28 67.60 -51.39 -19.50
CA LEU E 28 67.43 -51.93 -18.16
C LEU E 28 66.40 -53.06 -18.11
N GLU E 29 65.58 -53.20 -19.16
CA GLU E 29 64.55 -54.24 -19.15
C GLU E 29 65.11 -55.63 -19.42
N SER E 30 66.29 -55.73 -20.01
CA SER E 30 66.82 -57.00 -20.47
C SER E 30 67.60 -57.76 -19.40
N GLY E 31 67.62 -57.26 -18.17
CA GLY E 31 68.38 -57.89 -17.11
C GLY E 31 69.70 -57.19 -16.88
N PHE E 32 70.26 -57.40 -15.69
CA PHE E 32 71.47 -56.69 -15.29
C PHE E 32 72.29 -57.53 -14.32
N VAL E 33 73.57 -57.23 -14.28
CA VAL E 33 74.51 -57.86 -13.35
C VAL E 33 74.85 -56.84 -12.27
N ILE E 34 74.68 -57.24 -11.02
CA ILE E 34 74.89 -56.38 -9.87
C ILE E 34 76.05 -56.93 -9.05
N THR E 35 77.03 -56.07 -8.75
CA THR E 35 78.16 -56.43 -7.92
C THR E 35 78.27 -55.43 -6.78
N LEU E 36 78.28 -55.92 -5.55
CA LEU E 36 78.39 -55.09 -4.36
C LEU E 36 79.75 -55.34 -3.72
N THR E 37 80.42 -54.26 -3.32
CA THR E 37 81.76 -54.34 -2.76
C THR E 37 81.92 -53.30 -1.66
N ASP E 38 82.93 -53.53 -0.81
CA ASP E 38 83.27 -52.62 0.26
C ASP E 38 84.76 -52.31 0.32
N GLY E 39 85.52 -52.73 -0.69
CA GLY E 39 86.95 -52.51 -0.73
C GLY E 39 87.80 -53.72 -0.42
N HIS E 40 87.21 -54.77 0.14
CA HIS E 40 87.95 -56.00 0.47
C HIS E 40 87.31 -57.25 -0.12
N SER E 41 85.97 -57.31 -0.16
CA SER E 41 85.28 -58.46 -0.70
C SER E 41 84.11 -57.98 -1.55
N ALA E 42 83.70 -58.84 -2.49
CA ALA E 42 82.64 -58.50 -3.43
C ALA E 42 81.70 -59.68 -3.60
N TRP E 43 80.43 -59.36 -3.89
CA TRP E 43 79.40 -60.34 -4.18
C TRP E 43 78.74 -59.98 -5.49
N THR E 44 78.58 -60.97 -6.37
CA THR E 44 78.08 -60.75 -7.72
C THR E 44 76.84 -61.59 -7.96
N GLY E 45 75.87 -61.01 -8.67
CA GLY E 45 74.64 -61.71 -9.01
C GLY E 45 74.09 -61.17 -10.31
N THR E 46 73.14 -61.92 -10.86
CA THR E 46 72.55 -61.60 -12.14
C THR E 46 71.02 -61.67 -12.05
N VAL E 47 70.36 -60.81 -12.83
CA VAL E 47 68.91 -60.78 -12.92
C VAL E 47 68.54 -60.80 -14.40
N SER E 48 67.67 -61.74 -14.77
CA SER E 48 67.26 -61.91 -16.16
C SER E 48 65.90 -61.27 -16.39
N GLU E 49 65.43 -61.34 -17.64
CA GLU E 49 64.14 -60.74 -17.99
C GLU E 49 63.00 -61.42 -17.24
N SER E 50 63.07 -62.75 -17.09
CA SER E 50 61.98 -63.47 -16.44
C SER E 50 61.81 -63.01 -15.00
N GLU E 51 62.91 -62.84 -14.26
CA GLU E 51 62.81 -62.46 -12.86
C GLU E 51 62.19 -61.08 -12.71
N ILE E 52 62.65 -60.11 -13.52
CA ILE E 52 62.11 -58.76 -13.43
C ILE E 52 60.64 -58.75 -13.81
N SER E 53 60.26 -59.49 -14.86
CA SER E 53 58.86 -59.55 -15.25
C SER E 53 57.99 -60.15 -14.15
N GLN E 54 58.46 -61.23 -13.52
CA GLN E 54 57.70 -61.86 -12.45
C GLN E 54 57.57 -60.92 -11.25
N GLU E 55 58.65 -60.21 -10.90
CA GLU E 55 58.58 -59.28 -9.79
C GLU E 55 57.60 -58.15 -10.09
N ALA E 56 57.60 -57.64 -11.32
CA ALA E 56 56.65 -56.61 -11.69
C ALA E 56 55.22 -57.12 -11.61
N ASP E 57 54.98 -58.34 -12.10
CA ASP E 57 53.64 -58.91 -12.05
C ASP E 57 53.17 -59.11 -10.61
N ASP E 58 54.06 -59.58 -9.73
CA ASP E 58 53.67 -59.82 -8.35
C ASP E 58 53.26 -58.53 -7.66
N MET E 59 53.97 -57.43 -7.93
CA MET E 59 53.65 -56.16 -7.29
C MET E 59 52.30 -55.61 -7.72
N ALA E 60 51.72 -56.12 -8.81
CA ALA E 60 50.49 -55.59 -9.37
C ALA E 60 50.66 -54.14 -9.80
N MET E 61 51.87 -53.77 -10.22
CA MET E 61 52.16 -52.43 -10.72
C MET E 61 52.46 -52.50 -12.21
N GLU E 62 52.08 -51.43 -12.91
CA GLU E 62 52.36 -51.35 -14.34
C GLU E 62 53.85 -51.47 -14.58
N LYS E 63 54.22 -52.31 -15.55
CA LYS E 63 55.63 -52.55 -15.84
C LYS E 63 56.33 -51.31 -16.38
N GLY E 64 55.57 -50.32 -16.85
CA GLY E 64 56.18 -49.12 -17.38
C GLY E 64 56.83 -48.25 -16.33
N LYS E 65 56.37 -48.36 -15.08
CA LYS E 65 56.92 -47.58 -13.98
C LYS E 65 57.81 -48.38 -13.04
N TYR E 66 57.73 -49.72 -13.08
CA TYR E 66 58.65 -50.53 -12.27
C TYR E 66 60.08 -50.32 -12.73
N VAL E 67 60.31 -50.25 -14.04
CA VAL E 67 61.65 -50.01 -14.55
C VAL E 67 62.13 -48.62 -14.14
N GLY E 68 61.22 -47.64 -14.17
CA GLY E 68 61.59 -46.30 -13.72
C GLY E 68 61.98 -46.27 -12.26
N GLU E 69 61.22 -46.97 -11.42
CA GLU E 69 61.55 -47.04 -10.00
C GLU E 69 62.89 -47.72 -9.78
N LEU E 70 63.14 -48.83 -10.50
CA LEU E 70 64.43 -49.50 -10.37
C LEU E 70 65.56 -48.60 -10.82
N ARG E 71 65.35 -47.84 -11.90
CA ARG E 71 66.38 -46.90 -12.34
C ARG E 71 66.63 -45.83 -11.28
N LYS E 72 65.56 -45.33 -10.65
CA LYS E 72 65.73 -44.29 -9.64
C LYS E 72 66.40 -44.82 -8.38
N ALA E 73 66.23 -46.12 -8.09
CA ALA E 73 66.76 -46.69 -6.86
C ALA E 73 68.18 -47.23 -7.03
N LEU E 74 68.36 -48.20 -7.93
CA LEU E 74 69.66 -48.85 -8.07
C LEU E 74 70.72 -47.87 -8.57
N LEU E 75 70.37 -47.03 -9.54
CA LEU E 75 71.34 -46.12 -10.14
C LEU E 75 71.56 -44.84 -9.33
N SER E 76 70.82 -44.67 -8.23
CA SER E 76 71.02 -43.55 -7.31
C SER E 76 70.59 -42.21 -7.90
N GLY E 77 69.80 -42.23 -8.98
CA GLY E 77 69.29 -40.99 -9.55
C GLY E 77 67.84 -40.75 -9.18
N ALA E 78 67.61 -39.86 -8.22
CA ALA E 78 66.26 -39.63 -7.72
C ALA E 78 66.19 -38.22 -7.14
N GLY E 79 64.95 -37.75 -6.96
CA GLY E 79 64.73 -36.43 -6.42
C GLY E 79 64.78 -36.42 -4.91
N PRO E 80 64.50 -35.25 -4.32
CA PRO E 80 64.56 -35.12 -2.86
C PRO E 80 63.34 -35.68 -2.14
N ALA E 81 62.24 -35.93 -2.85
CA ALA E 81 61.01 -36.38 -2.20
C ALA E 81 60.96 -37.89 -1.98
N ASP E 82 61.92 -38.64 -2.50
CA ASP E 82 61.94 -40.09 -2.37
C ASP E 82 63.25 -40.55 -1.75
N VAL E 83 63.16 -41.52 -0.86
CA VAL E 83 64.32 -42.07 -0.17
C VAL E 83 64.25 -43.59 -0.23
N TYR E 84 65.39 -44.22 -0.52
CA TYR E 84 65.50 -45.67 -0.60
C TYR E 84 66.48 -46.18 0.43
N THR E 85 66.22 -47.39 0.93
CA THR E 85 67.09 -48.05 1.89
C THR E 85 67.42 -49.45 1.39
N PHE E 86 68.70 -49.82 1.51
CA PHE E 86 69.20 -51.11 1.09
C PHE E 86 69.66 -51.90 2.30
N ASN E 87 69.36 -53.20 2.31
CA ASN E 87 69.78 -54.09 3.38
C ASN E 87 70.42 -55.33 2.78
N PHE E 88 71.48 -55.82 3.41
CA PHE E 88 72.28 -56.92 2.92
C PHE E 88 72.56 -57.88 4.07
N SER E 89 71.89 -59.03 4.06
CA SER E 89 72.17 -60.09 5.03
C SER E 89 73.36 -60.89 4.55
N LYS E 90 74.43 -60.89 5.34
CA LYS E 90 75.69 -61.51 4.93
C LYS E 90 75.56 -63.03 4.94
N GLU E 91 75.04 -63.59 6.02
CA GLU E 91 74.97 -65.04 6.16
C GLU E 91 74.08 -65.65 5.08
N SER E 92 72.94 -65.03 4.83
CA SER E 92 72.02 -65.48 3.79
C SER E 92 72.32 -64.84 2.44
N CYS E 93 73.33 -63.97 2.36
CA CYS E 93 73.69 -63.24 1.15
C CYS E 93 72.44 -62.80 0.40
N TYR E 94 71.61 -62.01 1.08
CA TYR E 94 70.34 -61.53 0.54
C TYR E 94 70.34 -60.02 0.52
N PHE E 95 70.10 -59.43 -0.66
CA PHE E 95 70.17 -57.98 -0.85
C PHE E 95 68.81 -57.48 -1.29
N PHE E 96 68.16 -56.68 -0.45
CA PHE E 96 66.86 -56.12 -0.82
C PHE E 96 66.85 -54.62 -0.61
N PHE E 97 66.17 -53.92 -1.52
CA PHE E 97 66.08 -52.47 -1.48
C PHE E 97 64.61 -52.05 -1.52
N GLU E 98 64.29 -51.04 -0.71
CA GLU E 98 62.92 -50.63 -0.47
C GLU E 98 62.83 -49.11 -0.47
N LYS E 99 61.62 -48.60 -0.60
CA LYS E 99 61.34 -47.18 -0.52
C LYS E 99 60.77 -46.85 0.85
N ASN E 100 61.32 -45.83 1.50
CA ASN E 100 60.98 -45.49 2.88
C ASN E 100 60.08 -44.27 2.91
N LEU E 101 58.82 -44.49 3.28
CA LEU E 101 57.87 -43.41 3.52
C LEU E 101 57.89 -43.07 5.01
N LYS E 102 56.95 -42.24 5.46
CA LYS E 102 56.85 -41.86 6.87
C LYS E 102 56.32 -43.06 7.65
N ASP E 103 57.24 -43.91 8.12
CA ASP E 103 56.89 -45.11 8.88
C ASP E 103 56.02 -46.06 8.06
N VAL E 104 56.15 -46.01 6.73
CA VAL E 104 55.44 -46.91 5.83
C VAL E 104 56.49 -47.50 4.90
N SER E 105 57.02 -48.66 5.26
CA SER E 105 58.11 -49.28 4.51
C SER E 105 57.53 -50.17 3.42
N PHE E 106 57.79 -49.81 2.16
CA PHE E 106 57.36 -50.57 1.00
C PHE E 106 58.57 -51.25 0.37
N ARG E 107 58.46 -52.56 0.14
CA ARG E 107 59.53 -53.29 -0.52
C ARG E 107 59.46 -53.09 -2.02
N LEU E 108 60.62 -52.98 -2.65
CA LEU E 108 60.72 -52.74 -4.08
C LEU E 108 61.42 -53.87 -4.82
N GLY E 109 62.54 -54.35 -4.31
CA GLY E 109 63.24 -55.44 -4.99
C GLY E 109 64.06 -56.26 -4.02
N SER E 110 64.32 -57.51 -4.40
CA SER E 110 65.12 -58.42 -3.59
C SER E 110 65.84 -59.40 -4.52
N PHE E 111 67.14 -59.59 -4.28
CA PHE E 111 67.96 -60.50 -5.04
C PHE E 111 68.87 -61.27 -4.09
N ASN E 112 69.54 -62.28 -4.63
CA ASN E 112 70.49 -63.10 -3.89
C ASN E 112 71.82 -63.09 -4.62
N LEU E 113 72.89 -62.78 -3.89
CA LEU E 113 74.22 -62.68 -4.45
C LEU E 113 75.09 -63.83 -3.94
N GLU E 114 76.21 -64.05 -4.62
CA GLU E 114 77.15 -65.11 -4.28
C GLU E 114 78.53 -64.49 -4.05
N LYS E 115 79.23 -65.02 -3.05
CA LYS E 115 80.55 -64.49 -2.71
C LYS E 115 81.54 -64.80 -3.82
N VAL E 116 82.26 -63.77 -4.26
CA VAL E 116 83.27 -63.97 -5.30
C VAL E 116 84.56 -64.48 -4.67
N GLU E 117 85.39 -65.11 -5.50
CA GLU E 117 86.66 -65.68 -5.05
C GLU E 117 87.86 -64.85 -5.49
N ASN E 118 87.66 -63.76 -6.23
CA ASN E 118 88.74 -62.90 -6.70
C ASN E 118 88.36 -61.44 -6.47
N PRO E 119 88.29 -61.00 -5.21
CA PRO E 119 87.93 -59.60 -4.95
C PRO E 119 88.87 -58.60 -5.62
N ALA E 120 90.17 -58.92 -5.65
CA ALA E 120 91.14 -57.99 -6.21
C ALA E 120 90.84 -57.71 -7.68
N GLU E 121 90.44 -58.74 -8.43
CA GLU E 121 90.11 -58.54 -9.83
C GLU E 121 88.95 -57.55 -9.99
N VAL E 122 87.90 -57.71 -9.18
CA VAL E 122 86.75 -56.83 -9.28
C VAL E 122 87.14 -55.39 -8.95
N ILE E 123 87.89 -55.21 -7.87
CA ILE E 123 88.28 -53.85 -7.48
C ILE E 123 89.15 -53.23 -8.56
N ARG E 124 90.10 -53.99 -9.09
CA ARG E 124 90.99 -53.47 -10.12
C ARG E 124 90.20 -53.08 -11.36
N GLU E 125 89.25 -53.92 -11.77
CA GLU E 125 88.44 -53.60 -12.95
C GLU E 125 87.64 -52.32 -12.72
N LEU E 126 87.05 -52.18 -11.53
CA LEU E 126 86.28 -50.97 -11.23
C LEU E 126 87.17 -49.73 -11.32
N ILE E 127 88.35 -49.78 -10.69
CA ILE E 127 89.23 -48.62 -10.69
C ILE E 127 89.68 -48.29 -12.12
N CYS E 128 90.02 -49.32 -12.89
CA CYS E 128 90.47 -49.10 -14.27
C CYS E 128 89.36 -48.47 -15.11
N TYR E 129 88.13 -48.96 -14.96
CA TYR E 129 87.02 -48.38 -15.71
C TYR E 129 86.81 -46.93 -15.32
N CYS E 130 86.89 -46.62 -14.02
CA CYS E 130 86.72 -45.24 -13.59
C CYS E 130 87.80 -44.34 -14.19
N LEU E 131 89.05 -44.80 -14.18
CA LEU E 131 90.14 -43.99 -14.72
C LEU E 131 89.96 -43.77 -16.22
N ASP E 132 89.55 -44.83 -16.95
CA ASP E 132 89.34 -44.67 -18.39
C ASP E 132 88.22 -43.67 -18.67
N THR E 133 87.13 -43.75 -17.90
CA THR E 133 86.05 -42.79 -18.08
C THR E 133 86.51 -41.38 -17.81
N ILE E 134 87.31 -41.19 -16.75
CA ILE E 134 87.83 -39.86 -16.44
C ILE E 134 88.66 -39.32 -17.59
N ALA E 135 89.54 -40.15 -18.14
CA ALA E 135 90.40 -39.71 -19.23
C ALA E 135 89.57 -39.33 -20.46
N GLU E 136 88.60 -40.17 -20.81
CA GLU E 136 87.77 -39.88 -21.98
C GLU E 136 86.98 -38.60 -21.78
N ASN E 137 86.44 -38.39 -20.57
CA ASN E 137 85.70 -37.15 -20.30
C ASN E 137 86.60 -35.93 -20.42
N GLN E 138 87.84 -36.03 -19.90
CA GLN E 138 88.75 -34.90 -20.00
C GLN E 138 89.07 -34.57 -21.46
N ALA E 139 89.33 -35.60 -22.26
CA ALA E 139 89.61 -35.36 -23.68
C ALA E 139 88.42 -34.71 -24.38
N LYS E 140 87.22 -35.21 -24.10
CA LYS E 140 86.02 -34.66 -24.73
C LYS E 140 85.82 -33.20 -24.31
N ASN E 141 86.04 -32.90 -23.04
CA ASN E 141 85.90 -31.53 -22.58
C ASN E 141 86.90 -30.61 -23.25
N GLU E 142 88.15 -31.07 -23.41
CA GLU E 142 89.13 -30.25 -24.11
C GLU E 142 88.71 -29.98 -25.56
N HIS E 143 88.22 -31.01 -26.24
CA HIS E 143 87.76 -30.82 -27.61
C HIS E 143 86.60 -29.82 -27.68
N LEU E 144 85.66 -29.94 -26.75
CA LEU E 144 84.54 -29.01 -26.72
C LEU E 144 85.01 -27.58 -26.48
N GLN E 145 85.98 -27.41 -25.58
CA GLN E 145 86.52 -26.08 -25.33
C GLN E 145 87.15 -25.50 -26.60
N LYS E 146 87.91 -26.31 -27.32
CA LYS E 146 88.52 -25.82 -28.56
C LYS E 146 87.45 -25.40 -29.57
N GLU E 147 86.40 -26.22 -29.73
CA GLU E 147 85.34 -25.87 -30.66
C GLU E 147 84.65 -24.58 -30.24
N ASN E 148 84.41 -24.41 -28.94
CA ASN E 148 83.77 -23.19 -28.46
C ASN E 148 84.63 -21.97 -28.75
N GLU E 149 85.95 -22.08 -28.55
CA GLU E 149 86.83 -20.96 -28.86
C GLU E 149 86.77 -20.63 -30.35
N ARG E 150 86.77 -21.66 -31.21
CA ARG E 150 86.68 -21.41 -32.65
C ARG E 150 85.40 -20.67 -32.99
N LEU E 151 84.27 -21.13 -32.45
CA LEU E 151 82.99 -20.48 -32.76
C LEU E 151 82.98 -19.04 -32.25
N LEU E 152 83.52 -18.80 -31.05
CA LEU E 152 83.55 -17.45 -30.52
C LEU E 152 84.36 -16.53 -31.41
N ARG E 153 85.53 -16.99 -31.87
CA ARG E 153 86.35 -16.17 -32.76
C ARG E 153 85.61 -15.86 -34.05
N ASP E 154 84.96 -16.89 -34.64
CA ASP E 154 84.24 -16.67 -35.89
C ASP E 154 83.14 -15.63 -35.71
N TRP E 155 82.36 -15.75 -34.63
CA TRP E 155 81.29 -14.79 -34.38
C TRP E 155 81.84 -13.38 -34.18
N ASN E 156 82.95 -13.27 -33.44
CA ASN E 156 83.55 -11.96 -33.21
C ASN E 156 83.96 -11.31 -34.52
N ASP E 157 84.56 -12.09 -35.43
CA ASP E 157 84.95 -11.54 -36.72
C ASP E 157 83.72 -11.12 -37.53
N VAL E 158 82.72 -12.01 -37.61
CA VAL E 158 81.55 -11.71 -38.44
C VAL E 158 80.79 -10.50 -37.91
N GLN E 159 80.91 -10.19 -36.63
CA GLN E 159 80.27 -8.96 -36.13
C GLN E 159 80.80 -7.74 -36.86
N GLY E 160 82.12 -7.57 -36.89
CA GLY E 160 82.71 -6.47 -37.61
C GLY E 160 82.45 -6.54 -39.10
N ARG E 161 82.41 -7.75 -39.65
CA ARG E 161 82.07 -7.89 -41.07
C ARG E 161 80.67 -7.32 -41.35
N PHE E 162 79.70 -7.66 -40.51
CA PHE E 162 78.36 -7.11 -40.67
C PHE E 162 78.35 -5.60 -40.51
N GLU E 163 79.14 -5.09 -39.56
CA GLU E 163 79.24 -3.64 -39.42
C GLU E 163 79.69 -2.98 -40.72
N LYS E 164 80.75 -3.51 -41.33
CA LYS E 164 81.23 -2.94 -42.58
C LYS E 164 80.18 -3.06 -43.68
N CYS E 165 79.50 -4.20 -43.76
CA CYS E 165 78.49 -4.39 -44.79
C CYS E 165 77.37 -3.37 -44.67
N VAL E 166 76.86 -3.17 -43.45
CA VAL E 166 75.79 -2.20 -43.25
C VAL E 166 76.30 -0.80 -43.53
N SER E 167 77.57 -0.51 -43.22
CA SER E 167 78.12 0.79 -43.54
C SER E 167 78.09 1.05 -45.05
N ALA E 168 78.50 0.05 -45.84
CA ALA E 168 78.53 0.25 -47.29
C ALA E 168 77.12 0.28 -47.90
N LYS E 169 76.17 -0.40 -47.26
CA LYS E 169 74.81 -0.48 -47.80
C LYS E 169 74.24 0.91 -48.07
N GLU E 170 74.32 1.80 -47.08
CA GLU E 170 73.70 3.11 -47.23
C GLU E 170 74.37 3.90 -48.35
N ALA E 171 75.70 3.86 -48.43
CA ALA E 171 76.41 4.65 -49.42
C ALA E 171 76.14 4.14 -50.83
N LEU E 172 75.81 2.86 -50.98
CA LEU E 172 75.59 2.30 -52.32
C LEU E 172 74.54 3.09 -53.11
N GLU E 173 73.39 3.35 -52.49
CA GLU E 173 72.29 3.98 -53.21
C GLU E 173 72.64 5.40 -53.64
N THR E 174 73.20 6.19 -52.73
CA THR E 174 73.58 7.56 -53.08
C THR E 174 74.63 7.56 -54.19
N ASP E 175 75.59 6.65 -54.11
CA ASP E 175 76.60 6.57 -55.17
C ASP E 175 75.95 6.28 -56.51
N LEU E 176 75.02 5.32 -56.54
CA LEU E 176 74.36 4.98 -57.80
C LEU E 176 73.59 6.17 -58.36
N TYR E 177 72.83 6.85 -57.50
CA TYR E 177 72.04 7.99 -57.96
C TYR E 177 72.95 9.08 -58.53
N LYS E 178 74.00 9.44 -57.79
CA LYS E 178 74.91 10.47 -58.25
C LYS E 178 75.61 10.07 -59.54
N ARG E 179 75.89 8.78 -59.71
CA ARG E 179 76.57 8.33 -60.92
C ARG E 179 75.64 8.36 -62.12
N PHE E 180 74.34 8.13 -61.92
CA PHE E 180 73.42 8.13 -63.06
C PHE E 180 72.98 9.56 -63.43
N ILE E 181 72.96 10.46 -62.44
CA ILE E 181 72.55 11.84 -62.72
C ILE E 181 73.44 12.47 -63.77
N LEU E 182 74.74 12.22 -63.69
CA LEU E 182 75.67 12.86 -64.62
C LEU E 182 75.42 12.41 -66.05
N VAL E 183 75.17 11.12 -66.27
CA VAL E 183 74.95 10.63 -67.63
C VAL E 183 73.62 11.14 -68.16
N LEU E 184 72.58 11.17 -67.31
CA LEU E 184 71.32 11.75 -67.76
C LEU E 184 71.49 13.21 -68.15
N ASN E 185 72.26 13.97 -67.35
CA ASN E 185 72.49 15.37 -67.67
C ASN E 185 73.28 15.51 -68.96
N GLU E 186 74.23 14.62 -69.21
CA GLU E 186 75.00 14.68 -70.46
C GLU E 186 74.10 14.45 -71.67
N LYS E 187 73.22 13.45 -71.59
CA LYS E 187 72.29 13.22 -72.69
C LYS E 187 71.35 14.41 -72.86
N LYS E 188 70.92 15.01 -71.75
CA LYS E 188 70.11 16.21 -71.83
C LYS E 188 70.85 17.34 -72.54
N THR E 189 72.14 17.49 -72.24
CA THR E 189 72.93 18.52 -72.91
C THR E 189 73.05 18.24 -74.40
N LYS E 190 73.22 16.97 -74.77
CA LYS E 190 73.30 16.64 -76.19
C LYS E 190 72.00 17.00 -76.91
N ILE E 191 70.87 16.62 -76.33
CA ILE E 191 69.59 16.93 -76.98
C ILE E 191 69.37 18.45 -77.01
N ARG E 192 69.78 19.15 -75.96
CA ARG E 192 69.64 20.61 -75.95
C ARG E 192 70.48 21.23 -77.07
N SER E 193 71.71 20.75 -77.26
CA SER E 193 72.54 21.27 -78.34
C SER E 193 71.91 20.99 -79.70
N LEU E 194 71.36 19.78 -79.87
CA LEU E 194 70.72 19.48 -81.15
C LEU E 194 69.47 20.32 -81.36
N HIS E 195 68.83 20.76 -80.28
CA HIS E 195 67.64 21.61 -80.41
C HIS E 195 67.95 22.90 -81.16
N ASN E 196 69.17 23.42 -81.03
CA ASN E 196 69.52 24.64 -81.75
C ASN E 196 69.40 24.45 -83.25
N LYS E 197 70.00 23.39 -83.78
CA LYS E 197 69.87 23.11 -85.21
C LYS E 197 68.43 22.75 -85.57
N LEU E 198 67.74 22.04 -84.67
CA LEU E 198 66.34 21.71 -84.93
C LEU E 198 65.51 22.98 -85.16
N LEU E 199 65.74 24.01 -84.34
CA LEU E 199 65.00 25.25 -84.49
C LEU E 199 65.49 26.07 -85.68
N ASN E 200 66.80 26.06 -85.95
CA ASN E 200 67.32 26.87 -87.04
C ASN E 200 66.98 26.29 -88.40
N ALA E 201 66.72 24.99 -88.49
CA ALA E 201 66.38 24.35 -89.76
C ALA E 201 67.48 24.58 -90.80
N GLN F 11 -43.70 20.93 -2.98
CA GLN F 11 -43.24 19.69 -3.57
C GLN F 11 -42.11 19.96 -4.57
N THR F 12 -41.13 20.75 -4.13
CA THR F 12 -40.02 21.10 -5.01
C THR F 12 -39.19 19.86 -5.33
N VAL F 13 -38.67 19.82 -6.56
CA VAL F 13 -37.85 18.69 -6.99
C VAL F 13 -36.57 18.62 -6.17
N ALA F 14 -36.00 19.77 -5.80
CA ALA F 14 -34.74 19.78 -5.06
C ALA F 14 -34.84 19.05 -3.74
N SER F 15 -36.05 18.88 -3.20
CA SER F 15 -36.23 18.17 -1.95
C SER F 15 -36.17 16.66 -2.10
N HIS F 16 -36.19 16.15 -3.34
CA HIS F 16 -36.10 14.71 -3.60
C HIS F 16 -34.76 14.31 -4.19
N VAL F 17 -33.85 15.25 -4.42
CA VAL F 17 -32.58 14.98 -5.08
C VAL F 17 -31.48 15.04 -4.01
N PRO F 18 -30.86 13.92 -3.65
CA PRO F 18 -29.74 13.99 -2.71
C PRO F 18 -28.59 14.81 -3.27
N PHE F 19 -27.91 15.52 -2.36
CA PHE F 19 -26.73 16.30 -2.75
C PHE F 19 -25.60 15.40 -3.22
N ALA F 20 -25.58 14.15 -2.76
CA ALA F 20 -24.53 13.23 -3.17
C ALA F 20 -24.56 12.98 -4.67
N ASP F 21 -25.76 12.94 -5.26
CA ASP F 21 -25.86 12.73 -6.70
C ASP F 21 -25.23 13.88 -7.47
N LEU F 22 -25.53 15.12 -7.06
CA LEU F 22 -24.94 16.28 -7.71
C LEU F 22 -23.43 16.29 -7.53
N CYS F 23 -22.95 15.96 -6.33
CA CYS F 23 -21.51 15.91 -6.10
C CYS F 23 -20.85 14.87 -6.98
N SER F 24 -21.47 13.69 -7.12
CA SER F 24 -20.92 12.65 -7.97
C SER F 24 -20.89 13.08 -9.43
N THR F 25 -21.95 13.75 -9.90
CA THR F 25 -21.97 14.23 -11.27
C THR F 25 -20.85 15.25 -11.51
N LEU F 26 -20.66 16.18 -10.56
CA LEU F 26 -19.59 17.15 -10.70
C LEU F 26 -18.23 16.48 -10.71
N GLU F 27 -18.05 15.48 -9.84
CA GLU F 27 -16.78 14.76 -9.80
C GLU F 27 -16.52 14.04 -11.12
N ARG F 28 -17.55 13.42 -11.69
CA ARG F 28 -17.39 12.76 -12.98
C ARG F 28 -17.04 13.77 -14.06
N ILE F 29 -17.69 14.93 -14.05
CA ILE F 29 -17.38 15.96 -15.04
C ILE F 29 -15.92 16.39 -14.92
N GLN F 30 -15.46 16.62 -13.69
CA GLN F 30 -14.07 17.04 -13.49
C GLN F 30 -13.09 15.97 -13.92
N LYS F 31 -13.37 14.70 -13.59
CA LYS F 31 -12.45 13.63 -13.92
C LYS F 31 -12.28 13.48 -15.43
N SER F 32 -13.39 13.57 -16.17
CA SER F 32 -13.32 13.39 -17.61
C SER F 32 -12.42 14.44 -18.24
N LYS F 33 -11.68 14.02 -19.27
CA LYS F 33 -10.78 14.92 -19.98
C LYS F 33 -11.47 15.60 -21.17
N GLY F 34 -12.05 14.81 -22.07
CA GLY F 34 -12.71 15.38 -23.22
C GLY F 34 -13.98 16.13 -22.84
N ARG F 35 -14.27 17.18 -23.60
CA ARG F 35 -15.48 17.97 -23.36
C ARG F 35 -16.73 17.15 -23.62
N ALA F 36 -16.64 16.16 -24.52
CA ALA F 36 -17.83 15.38 -24.86
C ALA F 36 -18.37 14.64 -23.64
N GLU F 37 -17.49 14.03 -22.85
CA GLU F 37 -17.94 13.30 -21.67
C GLU F 37 -18.58 14.24 -20.65
N LYS F 38 -17.97 15.42 -20.43
CA LYS F 38 -18.53 16.37 -19.50
C LYS F 38 -19.92 16.82 -19.94
N ILE F 39 -20.06 17.14 -21.23
CA ILE F 39 -21.36 17.57 -21.75
C ILE F 39 -22.38 16.45 -21.62
N ARG F 40 -21.95 15.20 -21.89
CA ARG F 40 -22.86 14.08 -21.78
C ARG F 40 -23.35 13.90 -20.34
N HIS F 41 -22.43 13.99 -19.37
CA HIS F 41 -22.82 13.84 -17.97
C HIS F 41 -23.80 14.93 -17.56
N PHE F 42 -23.48 16.19 -17.90
CA PHE F 42 -24.37 17.29 -17.54
C PHE F 42 -25.74 17.13 -18.19
N ARG F 43 -25.75 16.75 -19.48
CA ARG F 43 -27.02 16.58 -20.19
C ARG F 43 -27.85 15.46 -19.58
N GLU F 44 -27.21 14.34 -19.22
CA GLU F 44 -27.94 13.24 -18.60
C GLU F 44 -28.54 13.67 -17.26
N PHE F 45 -27.76 14.37 -16.44
CA PHE F 45 -28.29 14.83 -15.16
C PHE F 45 -29.47 15.78 -15.38
N LEU F 46 -29.33 16.72 -16.31
CA LEU F 46 -30.41 17.68 -16.56
C LEU F 46 -31.64 16.99 -17.11
N ASP F 47 -31.47 16.00 -17.98
CA ASP F 47 -32.61 15.27 -18.54
C ASP F 47 -33.33 14.48 -17.45
N SER F 48 -32.58 13.84 -16.55
CA SER F 48 -33.22 13.15 -15.43
C SER F 48 -34.00 14.13 -14.57
N TRP F 49 -33.41 15.29 -14.28
CA TRP F 49 -34.12 16.30 -13.49
C TRP F 49 -35.40 16.74 -14.19
N ARG F 50 -35.33 16.97 -15.49
CA ARG F 50 -36.51 17.43 -16.23
C ARG F 50 -37.60 16.37 -16.25
N LYS F 51 -37.22 15.10 -16.45
CA LYS F 51 -38.22 14.03 -16.45
C LYS F 51 -38.87 13.92 -15.07
N PHE F 52 -38.08 13.99 -14.01
CA PHE F 52 -38.65 13.93 -12.67
C PHE F 52 -39.57 15.12 -12.42
N HIS F 53 -39.18 16.30 -12.87
CA HIS F 53 -40.03 17.48 -12.71
C HIS F 53 -41.35 17.31 -13.44
N ASP F 54 -41.31 16.79 -14.67
CA ASP F 54 -42.54 16.55 -15.41
C ASP F 54 -43.42 15.54 -14.69
N ALA F 55 -42.82 14.47 -14.17
CA ALA F 55 -43.60 13.46 -13.47
C ALA F 55 -44.25 14.03 -12.21
N LEU F 56 -43.50 14.82 -11.44
CA LEU F 56 -44.00 15.31 -10.17
C LEU F 56 -45.15 16.29 -10.35
N HIS F 57 -45.04 17.20 -11.31
CA HIS F 57 -45.98 18.31 -11.48
C HIS F 57 -47.04 18.02 -12.54
N LYS F 58 -47.47 16.77 -12.65
CA LYS F 58 -48.50 16.43 -13.63
C LYS F 58 -49.82 17.14 -13.30
N ASN F 59 -50.15 17.24 -12.02
CA ASN F 59 -51.44 17.80 -11.61
C ASN F 59 -51.42 19.31 -11.43
N HIS F 60 -50.29 19.88 -11.01
CA HIS F 60 -50.24 21.30 -10.73
C HIS F 60 -50.24 22.11 -12.03
N LYS F 61 -50.88 23.28 -11.97
CA LYS F 61 -50.96 24.17 -13.12
C LYS F 61 -49.84 25.20 -13.12
N ASP F 62 -49.75 26.01 -12.07
CA ASP F 62 -48.71 27.02 -11.93
C ASP F 62 -47.61 26.48 -11.04
N VAL F 63 -46.40 26.37 -11.58
CA VAL F 63 -45.26 25.83 -10.85
C VAL F 63 -44.10 26.80 -10.96
N THR F 64 -43.53 27.18 -9.81
CA THR F 64 -42.33 27.99 -9.76
C THR F 64 -41.06 27.15 -9.67
N ASP F 65 -41.19 25.83 -9.55
CA ASP F 65 -40.02 24.97 -9.48
C ASP F 65 -39.24 25.02 -10.78
N SER F 66 -37.91 25.00 -10.67
CA SER F 66 -37.04 25.07 -11.83
C SER F 66 -35.70 24.44 -11.46
N PHE F 67 -34.71 24.63 -12.32
CA PHE F 67 -33.37 24.12 -12.10
C PHE F 67 -32.51 25.06 -11.29
N TYR F 68 -33.09 26.14 -10.76
CA TYR F 68 -32.30 27.12 -10.02
C TYR F 68 -31.57 26.52 -8.82
N PRO F 69 -32.18 25.66 -8.01
CA PRO F 69 -31.47 25.18 -6.81
C PRO F 69 -30.12 24.54 -7.13
N ALA F 70 -30.02 23.80 -8.24
CA ALA F 70 -28.77 23.19 -8.63
C ALA F 70 -27.90 24.11 -9.46
N MET F 71 -28.51 24.97 -10.27
CA MET F 71 -27.74 25.87 -11.12
C MET F 71 -26.96 26.88 -10.29
N ARG F 72 -27.57 27.39 -9.21
CA ARG F 72 -26.87 28.32 -8.34
C ARG F 72 -25.63 27.68 -7.72
N LEU F 73 -25.75 26.42 -7.29
CA LEU F 73 -24.60 25.73 -6.72
C LEU F 73 -23.55 25.45 -7.78
N ILE F 74 -23.97 25.06 -8.99
CA ILE F 74 -23.01 24.75 -10.05
C ILE F 74 -22.25 25.99 -10.49
N LEU F 75 -22.85 27.18 -10.35
CA LEU F 75 -22.25 28.44 -10.77
C LEU F 75 -22.28 29.41 -9.60
N PRO F 76 -21.44 29.20 -8.59
CA PRO F 76 -21.45 30.11 -7.42
C PRO F 76 -21.09 31.54 -7.77
N GLN F 77 -20.33 31.77 -8.85
CA GLN F 77 -19.94 33.12 -9.21
C GLN F 77 -21.11 33.97 -9.68
N LEU F 78 -22.27 33.37 -9.96
CA LEU F 78 -23.46 34.10 -10.38
C LEU F 78 -24.46 34.27 -9.24
N GLU F 79 -24.07 33.97 -8.00
CA GLU F 79 -24.98 34.08 -6.87
C GLU F 79 -25.08 35.54 -6.44
N ARG F 80 -26.30 36.07 -6.45
CA ARG F 80 -26.56 37.43 -5.98
C ARG F 80 -27.64 37.51 -4.91
N GLU F 81 -28.51 36.51 -4.80
CA GLU F 81 -29.51 36.50 -3.73
C GLU F 81 -28.84 36.36 -2.36
N ARG F 82 -27.78 35.57 -2.28
CA ARG F 82 -27.07 35.34 -1.03
C ARG F 82 -25.95 36.36 -0.89
N MET F 83 -25.88 37.01 0.28
CA MET F 83 -24.80 37.95 0.55
C MET F 83 -23.50 37.19 0.79
N ALA F 84 -22.41 37.96 0.96
CA ALA F 84 -21.12 37.37 1.23
C ALA F 84 -21.17 36.54 2.51
N TYR F 85 -20.63 35.32 2.43
CA TYR F 85 -20.66 34.44 3.59
C TYR F 85 -19.79 34.96 4.72
N GLY F 86 -18.73 35.69 4.39
CA GLY F 86 -17.82 36.21 5.40
C GLY F 86 -16.79 35.22 5.88
N ILE F 87 -16.72 34.03 5.30
CA ILE F 87 -15.77 33.00 5.68
C ILE F 87 -14.89 32.71 4.48
N LYS F 88 -13.65 33.16 4.53
CA LYS F 88 -12.67 32.90 3.48
C LYS F 88 -11.90 31.62 3.84
N GLU F 89 -10.79 31.36 3.13
CA GLU F 89 -10.04 30.13 3.35
C GLU F 89 -9.55 30.02 4.79
N THR F 90 -8.96 31.10 5.32
CA THR F 90 -8.39 31.03 6.67
C THR F 90 -9.48 30.80 7.71
N MET F 91 -10.60 31.51 7.60
CA MET F 91 -11.68 31.32 8.55
C MET F 91 -12.25 29.91 8.48
N LEU F 92 -12.38 29.38 7.26
CA LEU F 92 -12.87 28.02 7.10
C LEU F 92 -11.91 27.02 7.73
N ALA F 93 -10.61 27.21 7.54
CA ALA F 93 -9.63 26.32 8.16
C ALA F 93 -9.72 26.39 9.68
N LYS F 94 -9.85 27.60 10.22
CA LYS F 94 -9.97 27.75 11.67
C LYS F 94 -11.22 27.06 12.19
N LEU F 95 -12.34 27.22 11.49
CA LEU F 95 -13.58 26.58 11.91
C LEU F 95 -13.46 25.05 11.84
N TYR F 96 -12.82 24.54 10.79
CA TYR F 96 -12.63 23.10 10.68
C TYR F 96 -11.76 22.57 11.81
N ILE F 97 -10.69 23.30 12.14
CA ILE F 97 -9.81 22.87 13.23
C ILE F 97 -10.57 22.88 14.56
N GLU F 98 -11.34 23.94 14.81
CA GLU F 98 -12.06 24.03 16.09
C GLU F 98 -13.13 22.96 16.20
N LEU F 99 -13.92 22.76 15.15
CA LEU F 99 -15.06 21.85 15.23
C LEU F 99 -14.62 20.39 15.31
N LEU F 100 -13.66 20.00 14.47
CA LEU F 100 -13.19 18.62 14.45
C LEU F 100 -12.39 18.26 15.68
N ASN F 101 -12.03 19.23 16.53
CA ASN F 101 -11.27 18.98 17.74
C ASN F 101 -9.89 18.37 17.43
N LEU F 102 -9.32 18.73 16.29
CA LEU F 102 -7.99 18.26 15.95
C LEU F 102 -6.94 18.98 16.82
N PRO F 103 -5.81 18.33 17.09
CA PRO F 103 -4.77 19.01 17.86
C PRO F 103 -4.30 20.28 17.17
N ARG F 104 -4.01 21.30 17.98
CA ARG F 104 -3.55 22.57 17.42
C ARG F 104 -2.22 22.40 16.70
N ASP F 105 -1.31 21.62 17.27
CA ASP F 105 0.01 21.39 16.71
C ASP F 105 0.07 20.12 15.86
N GLY F 106 -1.06 19.46 15.64
CA GLY F 106 -1.07 18.23 14.88
C GLY F 106 -0.80 18.46 13.40
N LYS F 107 -0.55 17.35 12.70
CA LYS F 107 -0.26 17.44 11.28
C LYS F 107 -1.44 18.00 10.50
N ASP F 108 -2.66 17.58 10.84
CA ASP F 108 -3.83 18.05 10.11
C ASP F 108 -4.01 19.55 10.25
N ALA F 109 -3.85 20.07 11.47
CA ALA F 109 -4.02 21.50 11.68
C ALA F 109 -2.97 22.29 10.90
N LEU F 110 -1.72 21.84 10.91
CA LEU F 110 -0.68 22.53 10.17
C LEU F 110 -0.93 22.48 8.67
N LYS F 111 -1.43 21.34 8.18
CA LYS F 111 -1.76 21.24 6.77
C LYS F 111 -2.89 22.19 6.39
N LEU F 112 -3.91 22.29 7.23
CA LEU F 112 -5.06 23.14 6.91
C LEU F 112 -4.69 24.61 6.97
N LEU F 113 -4.01 25.03 8.05
CA LEU F 113 -3.69 26.44 8.21
C LEU F 113 -2.63 26.89 7.21
N ASN F 114 -1.55 26.11 7.08
CA ASN F 114 -0.44 26.45 6.19
C ASN F 114 -0.66 25.78 4.85
N TYR F 115 -1.51 26.40 4.03
CA TYR F 115 -1.80 25.93 2.68
C TYR F 115 -1.21 26.84 1.61
N ARG F 116 -0.16 27.60 1.96
CA ARG F 116 0.47 28.54 1.03
C ARG F 116 -0.55 29.57 0.54
N THR F 117 -1.04 30.36 1.47
CA THR F 117 -2.00 31.42 1.18
C THR F 117 -1.50 32.32 0.06
N GLY F 126 -3.68 21.59 -5.72
CA GLY F 126 -3.39 21.56 -4.29
C GLY F 126 -4.11 22.67 -3.54
N ASP F 127 -5.33 22.98 -3.97
CA ASP F 127 -6.10 24.02 -3.33
C ASP F 127 -6.60 23.55 -1.96
N PHE F 128 -7.10 24.50 -1.17
CA PHE F 128 -7.57 24.19 0.18
C PHE F 128 -8.62 23.09 0.18
N ALA F 129 -9.43 23.01 -0.88
CA ALA F 129 -10.47 22.00 -0.94
C ALA F 129 -9.88 20.59 -0.93
N MET F 130 -8.80 20.37 -1.69
CA MET F 130 -8.18 19.05 -1.73
C MET F 130 -7.59 18.69 -0.37
N ILE F 131 -6.95 19.64 0.29
CA ILE F 131 -6.38 19.37 1.62
C ILE F 131 -7.50 19.01 2.60
N ALA F 132 -8.60 19.76 2.57
CA ALA F 132 -9.72 19.45 3.46
C ALA F 132 -10.29 18.07 3.14
N TYR F 133 -10.41 17.73 1.86
CA TYR F 133 -10.92 16.41 1.48
C TYR F 133 -10.02 15.31 2.01
N PHE F 134 -8.70 15.47 1.87
CA PHE F 134 -7.79 14.45 2.37
C PHE F 134 -7.88 14.34 3.89
N VAL F 135 -7.99 15.48 4.58
CA VAL F 135 -8.08 15.43 6.04
C VAL F 135 -9.36 14.73 6.49
N LEU F 136 -10.48 15.04 5.84
CA LEU F 136 -11.77 14.51 6.27
C LEU F 136 -12.07 13.12 5.71
N LYS F 137 -11.29 12.63 4.76
CA LYS F 137 -11.59 11.32 4.18
C LYS F 137 -11.61 10.21 5.22
N PRO F 138 -10.61 10.08 6.09
CA PRO F 138 -10.65 9.05 7.14
C PRO F 138 -11.36 9.47 8.42
N ARG F 139 -12.11 10.59 8.41
CA ARG F 139 -12.72 11.12 9.61
C ARG F 139 -14.20 11.45 9.42
N CYS F 140 -14.79 11.13 8.27
CA CYS F 140 -16.17 11.43 7.98
C CYS F 140 -16.87 10.19 7.45
N LEU F 141 -18.19 10.29 7.30
CA LEU F 141 -18.99 9.17 6.85
C LEU F 141 -18.73 8.89 5.37
N GLN F 142 -19.43 7.88 4.84
CA GLN F 142 -19.33 7.51 3.44
C GLN F 142 -20.58 7.80 2.64
N LYS F 143 -21.70 8.11 3.30
CA LYS F 143 -22.96 8.39 2.62
C LYS F 143 -23.70 9.48 3.38
N GLY F 144 -23.93 10.62 2.72
CA GLY F 144 -24.64 11.72 3.33
C GLY F 144 -26.15 11.55 3.23
N SER F 145 -26.86 12.50 3.84
CA SER F 145 -28.31 12.49 3.83
C SER F 145 -28.91 13.88 3.65
N LEU F 146 -28.13 14.82 3.12
CA LEU F 146 -28.58 16.20 2.94
C LEU F 146 -28.94 16.44 1.47
N THR F 147 -30.15 16.91 1.23
CA THR F 147 -30.62 17.22 -0.11
C THR F 147 -30.20 18.63 -0.51
N ILE F 148 -30.44 18.97 -1.78
CA ILE F 148 -30.06 20.29 -2.27
C ILE F 148 -30.80 21.38 -1.52
N GLN F 149 -32.09 21.17 -1.24
CA GLN F 149 -32.87 22.18 -0.54
C GLN F 149 -32.30 22.47 0.84
N GLN F 150 -31.90 21.43 1.57
CA GLN F 150 -31.33 21.63 2.90
C GLN F 150 -30.02 22.39 2.82
N VAL F 151 -29.18 22.07 1.84
CA VAL F 151 -27.90 22.77 1.70
C VAL F 151 -28.16 24.24 1.38
N ASN F 152 -29.11 24.51 0.48
CA ASN F 152 -29.43 25.90 0.15
C ASN F 152 -29.95 26.65 1.37
N ASP F 153 -30.80 26.00 2.16
CA ASP F 153 -31.32 26.63 3.37
C ASP F 153 -30.20 26.94 4.35
N LEU F 154 -29.27 26.00 4.53
CA LEU F 154 -28.15 26.23 5.44
C LEU F 154 -27.28 27.37 4.97
N LEU F 155 -26.99 27.44 3.67
CA LEU F 155 -26.19 28.53 3.15
C LEU F 155 -26.91 29.87 3.29
N ASP F 156 -28.23 29.87 3.05
CA ASP F 156 -29.00 31.09 3.26
C ASP F 156 -28.94 31.54 4.71
N SER F 157 -29.07 30.60 5.64
CA SER F 157 -28.97 30.94 7.06
C SER F 157 -27.59 31.50 7.39
N ILE F 158 -26.54 30.89 6.85
CA ILE F 158 -25.18 31.37 7.11
C ILE F 158 -25.03 32.80 6.61
N ALA F 159 -25.50 33.08 5.39
CA ALA F 159 -25.37 34.42 4.84
C ALA F 159 -26.17 35.43 5.65
N SER F 160 -27.41 35.08 6.00
CA SER F 160 -28.26 36.01 6.73
C SER F 160 -27.68 36.30 8.11
N ASN F 161 -27.08 35.29 8.74
CA ASN F 161 -26.49 35.49 10.06
C ASN F 161 -25.20 36.30 9.96
N ASN F 162 -24.43 36.09 8.88
CA ASN F 162 -23.24 36.91 8.69
C ASN F 162 -23.61 38.38 8.50
N SER F 163 -24.67 38.65 7.74
CA SER F 163 -25.13 40.02 7.60
C SER F 163 -25.68 40.59 8.90
N ALA F 164 -26.10 39.72 9.82
CA ALA F 164 -26.63 40.13 11.11
C ALA F 164 -25.57 40.12 12.22
N LYS F 165 -24.31 39.82 11.89
CA LYS F 165 -23.23 39.82 12.86
C LYS F 165 -23.51 38.83 14.00
N ARG F 166 -23.60 37.55 13.63
CA ARG F 166 -23.77 36.46 14.60
C ARG F 166 -22.98 35.26 14.11
N LYS F 167 -22.07 34.77 14.95
CA LYS F 167 -21.20 33.67 14.56
C LYS F 167 -21.56 32.33 15.20
N ASP F 168 -22.30 32.34 16.31
CA ASP F 168 -22.65 31.08 16.96
C ASP F 168 -23.53 30.22 16.05
N LEU F 169 -24.54 30.83 15.43
CA LEU F 169 -25.41 30.08 14.54
C LEU F 169 -24.69 29.68 13.26
N ILE F 170 -23.74 30.50 12.80
CA ILE F 170 -22.91 30.10 11.66
C ILE F 170 -22.12 28.85 12.00
N LYS F 171 -21.54 28.82 13.21
CA LYS F 171 -20.81 27.62 13.65
C LYS F 171 -21.74 26.42 13.73
N LYS F 172 -22.96 26.63 14.23
CA LYS F 172 -23.91 25.53 14.32
C LYS F 172 -24.24 24.97 12.94
N SER F 173 -24.50 25.86 11.97
CA SER F 173 -24.83 25.41 10.62
C SER F 173 -23.65 24.67 10.00
N LEU F 174 -22.43 25.19 10.17
CA LEU F 174 -21.26 24.52 9.63
C LEU F 174 -21.07 23.15 10.27
N LEU F 175 -21.32 23.04 11.58
CA LEU F 175 -21.22 21.75 12.25
C LEU F 175 -22.24 20.77 11.69
N GLN F 176 -23.46 21.23 11.47
CA GLN F 176 -24.49 20.35 10.89
C GLN F 176 -24.06 19.86 9.52
N LEU F 177 -23.56 20.78 8.68
CA LEU F 177 -23.10 20.39 7.35
C LEU F 177 -21.96 19.38 7.44
N ILE F 178 -21.02 19.61 8.36
CA ILE F 178 -19.86 18.71 8.48
C ILE F 178 -20.31 17.32 8.91
N THR F 179 -21.22 17.25 9.89
CA THR F 179 -21.63 15.96 10.42
C THR F 179 -22.60 15.23 9.51
N GLN F 180 -23.31 15.93 8.63
CA GLN F 180 -24.28 15.32 7.73
C GLN F 180 -23.81 15.35 6.28
N SER F 181 -22.51 15.14 6.06
CA SER F 181 -21.95 15.14 4.72
C SER F 181 -20.74 14.22 4.68
N SER F 182 -20.40 13.78 3.48
CA SER F 182 -19.24 12.92 3.24
C SER F 182 -18.04 13.79 2.88
N ALA F 183 -16.93 13.15 2.49
CA ALA F 183 -15.73 13.90 2.15
C ALA F 183 -15.90 14.65 0.83
N LEU F 184 -16.43 13.98 -0.19
CA LEU F 184 -16.63 14.62 -1.49
C LEU F 184 -17.62 15.77 -1.37
N GLU F 185 -18.71 15.56 -0.64
CA GLU F 185 -19.69 16.63 -0.45
C GLU F 185 -19.07 17.81 0.27
N GLN F 186 -18.23 17.55 1.27
CA GLN F 186 -17.56 18.64 1.98
C GLN F 186 -16.62 19.40 1.06
N LYS F 187 -15.88 18.68 0.21
CA LYS F 187 -14.99 19.34 -0.74
C LYS F 187 -15.77 20.25 -1.67
N TRP F 188 -16.88 19.74 -2.23
CA TRP F 188 -17.67 20.55 -3.14
C TRP F 188 -18.31 21.74 -2.43
N LEU F 189 -18.75 21.55 -1.18
CA LEU F 189 -19.31 22.66 -0.42
C LEU F 189 -18.27 23.73 -0.16
N ILE F 190 -17.04 23.32 0.19
CA ILE F 190 -15.97 24.29 0.40
C ILE F 190 -15.71 25.07 -0.89
N ARG F 191 -15.66 24.36 -2.02
CA ARG F 191 -15.43 25.04 -3.29
C ARG F 191 -16.56 26.02 -3.59
N MET F 192 -17.80 25.63 -3.31
CA MET F 192 -18.93 26.53 -3.55
C MET F 192 -18.85 27.78 -2.67
N ILE F 193 -18.50 27.59 -1.39
CA ILE F 193 -18.39 28.74 -0.49
C ILE F 193 -17.28 29.67 -0.96
N ILE F 194 -16.13 29.12 -1.34
CA ILE F 194 -15.05 29.94 -1.86
C ILE F 194 -15.41 30.55 -3.21
N LYS F 195 -16.43 30.01 -3.89
CA LYS F 195 -16.86 30.51 -5.20
C LYS F 195 -15.74 30.33 -6.23
N ASP F 196 -15.15 29.14 -6.26
CA ASP F 196 -14.09 28.80 -7.19
C ASP F 196 -14.32 27.41 -7.77
N LEU F 197 -15.56 27.12 -8.16
CA LEU F 197 -15.91 25.81 -8.70
C LEU F 197 -15.38 25.72 -10.13
N LYS F 198 -14.30 24.97 -10.32
CA LYS F 198 -13.69 24.76 -11.62
C LYS F 198 -13.99 23.34 -12.09
N LEU F 199 -14.50 23.21 -13.32
CA LEU F 199 -14.90 21.93 -13.86
C LEU F 199 -14.36 21.66 -15.26
N GLY F 200 -13.67 22.62 -15.88
CA GLY F 200 -13.23 22.48 -17.25
C GLY F 200 -14.23 22.96 -18.28
N VAL F 201 -15.43 23.34 -17.87
CA VAL F 201 -16.45 23.89 -18.75
C VAL F 201 -16.85 25.25 -18.21
N SER F 202 -16.84 26.26 -19.09
CA SER F 202 -17.09 27.63 -18.68
C SER F 202 -18.60 27.86 -18.53
N GLN F 203 -18.97 29.10 -18.19
CA GLN F 203 -20.37 29.45 -18.06
C GLN F 203 -21.11 29.26 -19.38
N GLN F 204 -20.48 29.66 -20.49
CA GLN F 204 -21.14 29.60 -21.78
C GLN F 204 -21.54 28.17 -22.13
N THR F 205 -20.65 27.20 -21.91
CA THR F 205 -20.97 25.83 -22.24
C THR F 205 -22.12 25.30 -21.40
N ILE F 206 -22.11 25.58 -20.10
CA ILE F 206 -23.18 25.12 -19.23
C ILE F 206 -24.51 25.73 -19.66
N PHE F 207 -24.51 27.04 -19.96
CA PHE F 207 -25.75 27.69 -20.37
C PHE F 207 -26.24 27.13 -21.70
N SER F 208 -25.33 26.88 -22.64
CA SER F 208 -25.74 26.30 -23.92
C SER F 208 -26.34 24.92 -23.73
N VAL F 209 -25.73 24.11 -22.86
CA VAL F 209 -26.28 22.79 -22.58
C VAL F 209 -27.67 22.91 -21.96
N PHE F 210 -27.84 23.86 -21.04
CA PHE F 210 -29.13 24.04 -20.38
C PHE F 210 -30.21 24.41 -21.39
N HIS F 211 -30.06 25.56 -22.04
CA HIS F 211 -30.99 26.01 -23.07
C HIS F 211 -30.20 26.70 -24.17
N ASN F 212 -30.81 26.77 -25.35
CA ASN F 212 -30.14 27.35 -26.51
C ASN F 212 -30.07 28.88 -26.46
N ASP F 213 -30.85 29.52 -25.60
CA ASP F 213 -30.90 30.97 -25.50
C ASP F 213 -30.82 31.41 -24.04
N ALA F 214 -29.83 30.88 -23.32
CA ALA F 214 -29.63 31.20 -21.91
C ALA F 214 -28.58 32.28 -21.70
N ALA F 215 -27.48 32.23 -22.44
CA ALA F 215 -26.39 33.18 -22.22
C ALA F 215 -26.83 34.61 -22.49
N GLU F 216 -27.48 34.85 -23.64
CA GLU F 216 -27.89 36.20 -23.98
C GLU F 216 -28.97 36.71 -23.04
N LEU F 217 -29.89 35.83 -22.62
CA LEU F 217 -30.91 36.24 -21.66
C LEU F 217 -30.29 36.62 -20.32
N HIS F 218 -29.32 35.84 -19.85
CA HIS F 218 -28.64 36.17 -18.60
C HIS F 218 -27.87 37.48 -18.73
N ASN F 219 -27.27 37.72 -19.90
CA ASN F 219 -26.61 39.00 -20.13
C ASN F 219 -27.61 40.14 -20.07
N VAL F 220 -28.79 39.94 -20.66
CA VAL F 220 -29.83 40.97 -20.66
C VAL F 220 -30.24 41.30 -19.22
N THR F 221 -30.48 40.26 -18.42
CA THR F 221 -30.88 40.44 -17.02
C THR F 221 -29.96 39.60 -16.14
N THR F 222 -29.32 40.25 -15.16
CA THR F 222 -28.36 39.58 -14.28
C THR F 222 -29.08 38.98 -13.06
N ASP F 223 -30.07 38.13 -13.35
CA ASP F 223 -30.80 37.41 -12.32
C ASP F 223 -30.98 35.97 -12.81
N LEU F 224 -30.32 35.03 -12.13
CA LEU F 224 -30.26 33.66 -12.63
C LEU F 224 -31.62 32.97 -12.53
N GLU F 225 -32.46 33.36 -11.57
CA GLU F 225 -33.70 32.63 -11.34
C GLU F 225 -34.59 32.64 -12.58
N LYS F 226 -34.73 33.79 -13.23
CA LYS F 226 -35.62 33.88 -14.39
C LYS F 226 -35.05 33.10 -15.57
N VAL F 227 -33.74 33.08 -15.72
CA VAL F 227 -33.13 32.32 -16.81
C VAL F 227 -33.49 30.85 -16.67
N CYS F 228 -33.47 30.33 -15.45
CA CYS F 228 -33.81 28.92 -15.22
C CYS F 228 -35.31 28.68 -15.28
N ARG F 229 -36.12 29.66 -14.88
CA ARG F 229 -37.57 29.45 -14.86
C ARG F 229 -38.17 29.54 -16.26
N GLN F 230 -37.98 30.69 -16.93
CA GLN F 230 -38.61 30.89 -18.23
C GLN F 230 -38.10 29.89 -19.26
N LEU F 231 -36.79 29.66 -19.29
CA LEU F 231 -36.20 28.74 -20.26
C LEU F 231 -36.14 27.32 -19.71
N HIS F 232 -37.28 26.81 -19.25
CA HIS F 232 -37.35 25.46 -18.71
C HIS F 232 -37.56 24.43 -19.82
N ASP F 233 -38.55 24.65 -20.67
CA ASP F 233 -38.83 23.73 -21.76
C ASP F 233 -37.83 23.97 -22.89
N PRO F 234 -37.03 22.97 -23.29
CA PRO F 234 -36.07 23.21 -24.37
C PRO F 234 -36.72 23.62 -25.68
N SER F 235 -37.90 23.09 -25.98
CA SER F 235 -38.57 23.42 -27.24
C SER F 235 -38.96 24.89 -27.28
N VAL F 236 -39.47 25.42 -26.17
CA VAL F 236 -39.91 26.81 -26.12
C VAL F 236 -38.67 27.70 -26.16
N GLY F 237 -38.48 28.41 -27.27
CA GLY F 237 -37.35 29.30 -27.41
C GLY F 237 -37.60 30.66 -26.80
N LEU F 238 -36.58 31.51 -26.89
CA LEU F 238 -36.69 32.86 -26.35
C LEU F 238 -37.76 33.66 -27.06
N SER F 239 -38.01 33.36 -28.33
CA SER F 239 -39.00 34.13 -29.10
C SER F 239 -40.39 34.00 -28.50
N ASP F 240 -40.78 32.78 -28.11
CA ASP F 240 -42.12 32.57 -27.58
C ASP F 240 -42.33 33.36 -26.29
N ILE F 241 -41.34 33.33 -25.39
CA ILE F 241 -41.48 34.03 -24.11
C ILE F 241 -41.34 35.53 -24.27
N SER F 242 -40.57 35.98 -25.27
CA SER F 242 -40.39 37.42 -25.47
C SER F 242 -41.62 38.10 -26.02
N ILE F 243 -42.55 37.34 -26.62
CA ILE F 243 -43.78 37.88 -27.17
C ILE F 243 -44.94 37.31 -26.36
N THR F 244 -45.75 38.19 -25.80
CA THR F 244 -46.88 37.80 -24.96
C THR F 244 -48.10 38.62 -25.36
N LEU F 245 -49.28 38.04 -25.11
CA LEU F 245 -50.52 38.74 -25.42
C LEU F 245 -50.68 39.96 -24.51
N PHE F 246 -51.20 41.04 -25.09
CA PHE F 246 -51.41 42.29 -24.36
C PHE F 246 -50.11 42.79 -23.73
N SER F 247 -49.00 42.60 -24.46
CA SER F 247 -47.69 43.05 -24.01
C SER F 247 -46.99 43.78 -25.16
N ALA F 248 -46.19 44.77 -24.80
CA ALA F 248 -45.45 45.58 -25.77
C ALA F 248 -44.00 45.14 -25.78
N PHE F 249 -43.56 44.53 -26.87
CA PHE F 249 -42.19 44.10 -27.05
C PHE F 249 -41.43 45.12 -27.89
N LYS F 250 -40.17 44.81 -28.18
CA LYS F 250 -39.30 45.69 -28.95
C LYS F 250 -39.04 45.10 -30.33
N PRO F 251 -39.69 45.59 -31.38
CA PRO F 251 -39.40 45.08 -32.72
C PRO F 251 -37.96 45.35 -33.13
N MET F 252 -37.40 44.43 -33.90
CA MET F 252 -36.03 44.57 -34.38
C MET F 252 -36.01 45.49 -35.60
N LEU F 253 -34.80 45.76 -36.10
CA LEU F 253 -34.62 46.61 -37.26
C LEU F 253 -33.49 46.05 -38.12
N ALA F 254 -33.51 46.43 -39.40
CA ALA F 254 -32.52 45.96 -40.35
C ALA F 254 -31.22 46.71 -40.19
N ALA F 255 -30.17 46.21 -40.86
CA ALA F 255 -28.84 46.80 -40.84
C ALA F 255 -28.46 47.22 -42.25
N ILE F 256 -27.92 48.44 -42.37
CA ILE F 256 -27.54 48.96 -43.68
C ILE F 256 -26.38 48.15 -44.24
N ALA F 257 -26.50 47.75 -45.51
CA ALA F 257 -25.47 46.98 -46.18
C ALA F 257 -25.30 47.47 -47.61
N ASP F 258 -24.11 47.27 -48.15
CA ASP F 258 -23.81 47.69 -49.51
C ASP F 258 -24.31 46.65 -50.52
N ILE F 259 -24.73 47.14 -51.68
CA ILE F 259 -25.24 46.25 -52.72
C ILE F 259 -24.10 45.38 -53.27
N GLU F 260 -22.89 45.95 -53.38
CA GLU F 260 -21.80 45.24 -54.01
C GLU F 260 -21.54 43.88 -53.37
N HIS F 261 -21.78 43.76 -52.06
CA HIS F 261 -21.56 42.51 -51.33
C HIS F 261 -22.88 41.90 -50.84
N ILE F 262 -24.01 42.32 -51.40
CA ILE F 262 -25.30 41.82 -50.95
C ILE F 262 -25.36 40.31 -51.09
N GLU F 263 -24.87 39.77 -52.21
CA GLU F 263 -24.89 38.33 -52.43
C GLU F 263 -24.13 37.58 -51.34
N LYS F 264 -23.19 38.23 -50.67
CA LYS F 264 -22.41 37.58 -49.61
C LYS F 264 -23.12 37.61 -48.26
N ASP F 265 -24.23 38.35 -48.14
CA ASP F 265 -24.91 38.47 -46.85
C ASP F 265 -25.77 37.26 -46.53
N MET F 266 -26.05 36.41 -47.51
CA MET F 266 -27.03 35.33 -47.35
C MET F 266 -26.53 34.00 -47.94
N LYS F 267 -25.22 33.85 -48.11
CA LYS F 267 -24.64 32.61 -48.63
C LYS F 267 -25.21 32.28 -50.00
N HIS F 268 -25.43 33.32 -50.81
CA HIS F 268 -25.91 33.16 -52.19
C HIS F 268 -27.20 32.33 -52.24
N GLN F 269 -28.14 32.64 -51.34
CA GLN F 269 -29.41 31.95 -51.26
C GLN F 269 -30.55 32.88 -51.69
N SER F 270 -31.68 32.27 -52.02
CA SER F 270 -32.85 33.03 -52.43
C SER F 270 -33.33 33.91 -51.27
N PHE F 271 -33.89 35.07 -51.61
CA PHE F 271 -34.30 36.05 -50.63
C PHE F 271 -35.57 36.74 -51.10
N TYR F 272 -36.12 37.58 -50.24
CA TYR F 272 -37.34 38.33 -50.53
C TYR F 272 -37.02 39.82 -50.58
N ILE F 273 -37.50 40.48 -51.62
CA ILE F 273 -37.35 41.93 -51.80
C ILE F 273 -38.68 42.59 -51.50
N GLU F 274 -38.65 43.58 -50.61
CA GLU F 274 -39.85 44.32 -50.21
C GLU F 274 -39.61 45.81 -50.42
N THR F 275 -40.69 46.51 -50.77
CA THR F 275 -40.62 47.96 -50.97
C THR F 275 -40.75 48.66 -49.62
N LYS F 276 -39.72 49.39 -49.23
CA LYS F 276 -39.73 50.09 -47.95
C LYS F 276 -40.81 51.17 -47.95
N LEU F 277 -41.51 51.28 -46.83
CA LEU F 277 -42.56 52.29 -46.65
C LEU F 277 -42.14 53.27 -45.56
N ASP F 278 -42.37 54.55 -45.81
CA ASP F 278 -42.02 55.60 -44.85
C ASP F 278 -43.17 55.77 -43.85
N GLY F 279 -43.34 54.73 -43.04
CA GLY F 279 -44.36 54.74 -42.01
C GLY F 279 -43.79 54.30 -40.67
N GLU F 280 -44.41 54.80 -39.61
CA GLU F 280 -43.95 54.50 -38.26
C GLU F 280 -44.17 53.03 -37.93
N ARG F 281 -43.17 52.41 -37.32
CA ARG F 281 -43.29 51.01 -36.92
C ARG F 281 -44.24 50.89 -35.73
N MET F 282 -45.20 49.98 -35.83
CA MET F 282 -46.21 49.83 -34.78
C MET F 282 -46.75 48.41 -34.80
N GLN F 283 -47.18 47.95 -33.62
CA GLN F 283 -47.71 46.61 -33.45
C GLN F 283 -49.13 46.69 -32.87
N MET F 284 -49.89 45.62 -33.10
CA MET F 284 -51.27 45.56 -32.64
C MET F 284 -51.63 44.12 -32.33
N HIS F 285 -52.63 43.97 -31.47
CA HIS F 285 -53.16 42.67 -31.08
C HIS F 285 -54.67 42.70 -31.20
N LYS F 286 -55.23 41.66 -31.83
CA LYS F 286 -56.67 41.53 -32.01
C LYS F 286 -57.14 40.31 -31.23
N ASP F 287 -58.18 40.50 -30.40
CA ASP F 287 -58.73 39.40 -29.60
C ASP F 287 -60.23 39.66 -29.49
N GLY F 288 -61.01 38.96 -30.31
CA GLY F 288 -62.45 39.18 -30.29
C GLY F 288 -62.76 40.63 -30.64
N ASP F 289 -63.51 41.29 -29.77
CA ASP F 289 -63.86 42.69 -29.93
C ASP F 289 -62.87 43.62 -29.23
N VAL F 290 -61.63 43.18 -29.04
CA VAL F 290 -60.60 43.96 -28.36
C VAL F 290 -59.45 44.19 -29.32
N TYR F 291 -59.02 45.45 -29.44
CA TYR F 291 -57.92 45.83 -30.33
C TYR F 291 -56.93 46.66 -29.52
N LYS F 292 -55.79 46.06 -29.19
CA LYS F 292 -54.73 46.75 -28.47
C LYS F 292 -53.67 47.23 -29.47
N TYR F 293 -53.09 48.39 -29.18
CA TYR F 293 -52.11 49.00 -30.06
C TYR F 293 -50.89 49.44 -29.26
N PHE F 294 -49.72 49.38 -29.90
CA PHE F 294 -48.48 49.81 -29.27
C PHE F 294 -47.51 50.26 -30.34
N SER F 295 -46.53 51.06 -29.92
CA SER F 295 -45.50 51.59 -30.78
C SER F 295 -44.19 50.84 -30.53
N ARG F 296 -43.15 51.22 -31.29
CA ARG F 296 -41.85 50.58 -31.12
C ARG F 296 -41.26 50.86 -29.74
N ASN F 297 -41.51 52.05 -29.20
CA ASN F 297 -40.99 52.43 -27.89
C ASN F 297 -41.94 52.05 -26.75
N GLY F 298 -43.05 51.38 -27.05
CA GLY F 298 -44.01 51.00 -26.04
C GLY F 298 -45.11 52.00 -25.78
N TYR F 299 -45.07 53.17 -26.42
CA TYR F 299 -46.11 54.16 -26.22
C TYR F 299 -47.45 53.62 -26.69
N ASN F 300 -48.50 53.92 -25.94
CA ASN F 300 -49.85 53.45 -26.24
C ASN F 300 -50.61 54.54 -26.99
N TYR F 301 -51.24 54.16 -28.11
CA TYR F 301 -52.00 55.08 -28.94
C TYR F 301 -53.34 54.47 -29.35
N THR F 302 -53.91 53.61 -28.50
CA THR F 302 -55.19 53.00 -28.83
C THR F 302 -56.30 54.02 -29.00
N ASP F 303 -56.15 55.22 -28.41
CA ASP F 303 -57.17 56.24 -28.55
C ASP F 303 -57.25 56.78 -29.96
N GLN F 304 -56.12 56.81 -30.68
CA GLN F 304 -56.11 57.38 -32.02
C GLN F 304 -57.05 56.62 -32.95
N PHE F 305 -56.98 55.28 -32.93
CA PHE F 305 -57.83 54.44 -33.77
C PHE F 305 -58.92 53.73 -32.97
N GLY F 306 -59.10 54.08 -31.70
CA GLY F 306 -60.11 53.45 -30.87
C GLY F 306 -59.68 52.09 -30.36
N ALA F 307 -60.51 51.53 -29.48
CA ALA F 307 -60.27 50.22 -28.90
C ALA F 307 -61.30 49.18 -29.29
N SER F 308 -62.41 49.58 -29.91
CA SER F 308 -63.48 48.68 -30.31
C SER F 308 -63.87 48.97 -31.75
N PRO F 309 -64.49 48.01 -32.43
CA PRO F 309 -64.92 48.26 -33.81
C PRO F 309 -65.91 49.40 -33.96
N THR F 310 -66.65 49.74 -32.90
CA THR F 310 -67.63 50.81 -32.95
C THR F 310 -67.02 52.18 -32.70
N GLU F 311 -65.72 52.27 -32.47
CA GLU F 311 -65.04 53.53 -32.21
C GLU F 311 -63.77 53.61 -33.06
N GLY F 312 -63.34 54.83 -33.34
CA GLY F 312 -62.14 55.06 -34.12
C GLY F 312 -62.42 55.17 -35.61
N SER F 313 -61.35 55.36 -36.36
CA SER F 313 -61.41 55.51 -37.81
C SER F 313 -60.93 54.29 -38.58
N LEU F 314 -59.80 53.69 -38.16
CA LEU F 314 -59.24 52.54 -38.87
C LEU F 314 -59.77 51.22 -38.33
N THR F 315 -59.93 51.10 -37.01
CA THR F 315 -60.39 49.84 -36.44
C THR F 315 -61.75 49.41 -36.98
N PRO F 316 -62.76 50.27 -37.11
CA PRO F 316 -64.05 49.81 -37.63
C PRO F 316 -63.98 49.18 -39.01
N PHE F 317 -63.08 49.67 -39.86
CA PHE F 317 -63.01 49.19 -41.25
C PHE F 317 -62.19 47.92 -41.41
N ILE F 318 -61.56 47.43 -40.34
CA ILE F 318 -60.74 46.22 -40.41
C ILE F 318 -61.35 45.05 -39.65
N HIS F 319 -62.42 45.27 -38.88
CA HIS F 319 -63.03 44.18 -38.15
C HIS F 319 -63.55 43.10 -39.09
N ASN F 320 -64.21 43.50 -40.17
CA ASN F 320 -64.73 42.55 -41.14
C ASN F 320 -63.63 41.96 -42.02
N ALA F 321 -62.48 42.62 -42.11
CA ALA F 321 -61.39 42.10 -42.94
C ALA F 321 -60.91 40.75 -42.43
N PHE F 322 -60.76 40.61 -41.12
CA PHE F 322 -60.28 39.35 -40.55
C PHE F 322 -61.29 38.24 -40.80
N LYS F 323 -60.79 37.06 -41.14
CA LYS F 323 -61.64 35.92 -41.40
C LYS F 323 -62.18 35.34 -40.10
N ALA F 324 -63.23 34.54 -40.23
CA ALA F 324 -63.83 33.91 -39.06
C ALA F 324 -62.87 32.93 -38.39
N ASP F 325 -61.97 32.32 -39.18
CA ASP F 325 -61.02 31.36 -38.62
C ASP F 325 -60.01 32.03 -37.69
N ILE F 326 -59.88 33.34 -37.74
CA ILE F 326 -58.93 34.08 -36.91
C ILE F 326 -59.69 34.76 -35.79
N GLN F 327 -59.33 34.44 -34.55
CA GLN F 327 -59.93 35.05 -33.36
C GLN F 327 -58.94 35.84 -32.55
N ILE F 328 -57.76 35.27 -32.28
CA ILE F 328 -56.69 35.94 -31.54
C ILE F 328 -55.47 36.00 -32.44
N CYS F 329 -54.90 37.18 -32.60
CA CYS F 329 -53.74 37.36 -33.46
C CYS F 329 -52.94 38.56 -33.00
N ILE F 330 -51.66 38.57 -33.39
CA ILE F 330 -50.75 39.68 -33.13
C ILE F 330 -50.03 40.00 -34.44
N LEU F 331 -49.97 41.29 -34.79
CA LEU F 331 -49.37 41.73 -36.03
C LEU F 331 -48.47 42.94 -35.76
N ASP F 332 -47.52 43.15 -36.67
CA ASP F 332 -46.62 44.29 -36.60
C ASP F 332 -46.35 44.79 -38.02
N GLY F 333 -46.22 46.09 -38.17
CA GLY F 333 -46.00 46.65 -39.48
C GLY F 333 -45.70 48.14 -39.43
N GLU F 334 -45.99 48.80 -40.54
CA GLU F 334 -45.74 50.23 -40.71
C GLU F 334 -47.04 50.95 -40.96
N MET F 335 -47.22 52.08 -40.27
CA MET F 335 -48.40 52.93 -40.41
C MET F 335 -48.03 54.16 -41.22
N MET F 336 -48.84 54.47 -42.23
CA MET F 336 -48.64 55.63 -43.08
C MET F 336 -50.00 56.24 -43.38
N ALA F 337 -50.04 57.19 -44.31
CA ALA F 337 -51.26 57.89 -44.68
C ALA F 337 -51.51 57.74 -46.17
N TYR F 338 -52.77 57.52 -46.53
CA TYR F 338 -53.17 57.19 -47.89
C TYR F 338 -54.26 58.16 -48.36
N ASN F 339 -54.13 58.62 -49.60
CA ASN F 339 -55.12 59.47 -50.24
C ASN F 339 -55.82 58.67 -51.33
N PRO F 340 -57.07 58.25 -51.12
CA PRO F 340 -57.79 57.53 -52.19
C PRO F 340 -58.01 58.36 -53.45
N ASN F 341 -58.18 59.67 -53.31
CA ASN F 341 -58.49 60.50 -54.49
C ASN F 341 -57.43 60.34 -55.57
N THR F 342 -56.15 60.46 -55.19
CA THR F 342 -55.04 60.19 -56.09
C THR F 342 -54.51 58.77 -55.97
N GLN F 343 -55.09 57.96 -55.09
CA GLN F 343 -54.64 56.59 -54.85
C GLN F 343 -53.14 56.57 -54.57
N THR F 344 -52.72 57.45 -53.65
CA THR F 344 -51.31 57.66 -53.38
C THR F 344 -51.03 57.46 -51.89
N PHE F 345 -49.76 57.23 -51.57
CA PHE F 345 -49.30 57.16 -50.19
C PHE F 345 -48.45 58.41 -49.93
N MET F 346 -48.82 59.17 -48.91
CA MET F 346 -48.16 60.43 -48.60
C MET F 346 -47.10 60.20 -47.53
N GLN F 347 -45.88 60.62 -47.82
CA GLN F 347 -44.76 60.44 -46.91
C GLN F 347 -44.81 61.46 -45.77
N LYS F 348 -43.99 61.21 -44.75
CA LYS F 348 -43.93 62.10 -43.59
C LYS F 348 -43.55 63.52 -44.01
N THR F 365 -56.50 56.59 -43.98
CA THR F 365 -55.64 55.77 -43.14
C THR F 365 -55.46 54.38 -43.75
N CYS F 366 -54.21 53.99 -43.97
CA CYS F 366 -53.89 52.69 -44.55
C CYS F 366 -52.79 52.02 -43.74
N TYR F 367 -52.83 50.70 -43.70
CA TYR F 367 -51.87 49.90 -42.95
C TYR F 367 -51.38 48.76 -43.82
N CYS F 368 -50.10 48.40 -43.66
CA CYS F 368 -49.49 47.29 -44.37
C CYS F 368 -49.05 46.23 -43.39
N VAL F 369 -49.27 44.97 -43.75
CA VAL F 369 -48.94 43.82 -42.91
C VAL F 369 -47.84 43.03 -43.60
N PHE F 370 -46.76 42.78 -42.87
CA PHE F 370 -45.62 42.04 -43.42
C PHE F 370 -45.04 41.02 -42.45
N ASP F 371 -45.66 40.83 -41.29
CA ASP F 371 -45.15 39.88 -40.30
C ASP F 371 -46.25 39.57 -39.29
N VAL F 372 -46.31 38.32 -38.86
CA VAL F 372 -47.25 37.87 -37.83
C VAL F 372 -46.45 37.21 -36.72
N LEU F 373 -46.72 37.63 -35.48
CA LEU F 373 -45.97 37.13 -34.33
C LEU F 373 -46.67 35.99 -33.60
N MET F 374 -48.00 35.94 -33.65
CA MET F 374 -48.73 34.89 -32.94
C MET F 374 -50.13 34.80 -33.53
N VAL F 375 -50.57 33.56 -33.79
CA VAL F 375 -51.93 33.29 -34.26
C VAL F 375 -52.47 32.12 -33.44
N ASN F 376 -53.71 32.27 -32.96
CA ASN F 376 -54.32 31.25 -32.12
C ASN F 376 -53.44 30.93 -30.92
N ASN F 377 -53.62 29.75 -30.32
CA ASN F 377 -52.81 29.38 -29.17
C ASN F 377 -51.35 29.24 -29.56
N LYS F 378 -51.08 28.68 -30.74
CA LYS F 378 -49.71 28.46 -31.18
C LYS F 378 -48.98 29.80 -31.38
N LYS F 379 -47.67 29.77 -31.16
CA LYS F 379 -46.82 30.95 -31.33
C LYS F 379 -45.95 30.76 -32.57
N LEU F 380 -45.92 31.77 -33.42
CA LEU F 380 -45.18 31.71 -34.68
C LEU F 380 -43.77 32.27 -34.56
N GLY F 381 -43.35 32.70 -33.37
CA GLY F 381 -42.01 33.24 -33.22
C GLY F 381 -40.93 32.24 -33.57
N HIS F 382 -41.08 31.00 -33.11
CA HIS F 382 -40.08 29.97 -33.40
C HIS F 382 -39.99 29.68 -34.89
N GLU F 383 -41.14 29.65 -35.57
CA GLU F 383 -41.15 29.33 -36.99
C GLU F 383 -40.37 30.39 -37.78
N THR F 384 -39.70 29.94 -38.83
CA THR F 384 -38.89 30.83 -39.67
C THR F 384 -39.79 31.80 -40.43
N LEU F 385 -39.15 32.71 -41.17
CA LEU F 385 -39.90 33.71 -41.92
C LEU F 385 -40.74 33.09 -43.02
N ARG F 386 -40.31 31.93 -43.55
CA ARG F 386 -41.07 31.30 -44.63
C ARG F 386 -42.47 30.91 -44.15
N LYS F 387 -42.57 30.31 -42.97
CA LYS F 387 -43.87 29.93 -42.42
C LYS F 387 -44.73 31.17 -42.15
N ARG F 388 -44.11 32.24 -41.65
CA ARG F 388 -44.85 33.47 -41.40
C ARG F 388 -45.43 34.02 -42.71
N TYR F 389 -44.62 34.05 -43.77
CA TYR F 389 -45.10 34.53 -45.05
C TYR F 389 -46.21 33.64 -45.59
N GLU F 390 -46.06 32.32 -45.44
CA GLU F 390 -47.10 31.40 -45.91
C GLU F 390 -48.41 31.63 -45.18
N ILE F 391 -48.35 31.85 -43.86
CA ILE F 391 -49.58 32.00 -43.09
C ILE F 391 -50.15 33.41 -43.16
N LEU F 392 -49.37 34.40 -43.63
CA LEU F 392 -49.91 35.75 -43.74
C LEU F 392 -51.13 35.79 -44.66
N SER F 393 -51.08 35.04 -45.77
CA SER F 393 -52.18 35.08 -46.74
C SER F 393 -53.49 34.56 -46.15
N SER F 394 -53.43 33.74 -45.11
CA SER F 394 -54.62 33.15 -44.50
C SER F 394 -55.15 33.95 -43.32
N ILE F 395 -54.54 35.09 -42.99
CA ILE F 395 -55.01 35.87 -41.85
C ILE F 395 -56.26 36.66 -42.22
N PHE F 396 -56.21 37.42 -43.31
CA PHE F 396 -57.34 38.23 -43.73
C PHE F 396 -57.24 38.47 -45.23
N THR F 397 -58.38 38.79 -45.83
CA THR F 397 -58.43 39.11 -47.25
C THR F 397 -57.94 40.53 -47.48
N PRO F 398 -56.91 40.76 -48.28
CA PRO F 398 -56.45 42.14 -48.52
C PRO F 398 -57.55 43.00 -49.12
N ILE F 399 -57.61 44.25 -48.66
CA ILE F 399 -58.55 45.23 -49.19
C ILE F 399 -57.84 46.58 -49.27
N PRO F 400 -57.53 47.08 -50.46
CA PRO F 400 -56.82 48.36 -50.55
C PRO F 400 -57.62 49.49 -49.92
N GLY F 401 -56.90 50.42 -49.29
CA GLY F 401 -57.50 51.60 -48.71
C GLY F 401 -57.41 51.65 -47.20
N ARG F 402 -57.61 50.51 -46.55
CA ARG F 402 -57.56 50.42 -45.09
C ARG F 402 -56.46 49.51 -44.59
N ILE F 403 -56.39 48.27 -45.08
CA ILE F 403 -55.37 47.32 -44.66
C ILE F 403 -55.14 46.33 -45.79
N GLU F 404 -53.87 45.97 -46.01
CA GLU F 404 -53.50 45.01 -47.03
C GLU F 404 -52.14 44.43 -46.66
N ILE F 405 -51.53 43.72 -47.60
CA ILE F 405 -50.21 43.12 -47.42
C ILE F 405 -49.21 43.90 -48.27
N VAL F 406 -48.09 44.28 -47.67
CA VAL F 406 -47.08 45.05 -48.39
C VAL F 406 -46.60 44.25 -49.59
N GLN F 407 -46.48 44.93 -50.73
CA GLN F 407 -46.04 44.27 -51.95
C GLN F 407 -44.60 43.79 -51.79
N LYS F 408 -44.34 42.56 -52.26
CA LYS F 408 -43.02 41.98 -52.16
C LYS F 408 -42.88 40.88 -53.20
N THR F 409 -41.63 40.53 -53.50
CA THR F 409 -41.32 39.51 -54.50
C THR F 409 -40.15 38.68 -54.00
N GLN F 410 -39.80 37.64 -54.76
CA GLN F 410 -38.68 36.77 -54.45
C GLN F 410 -37.60 36.95 -55.50
N ALA F 411 -36.36 37.16 -55.05
CA ALA F 411 -35.24 37.38 -55.94
C ALA F 411 -34.03 36.60 -55.44
N HIS F 412 -33.13 36.28 -56.37
CA HIS F 412 -31.90 35.56 -56.03
C HIS F 412 -30.69 36.07 -56.81
N THR F 413 -30.79 37.22 -57.47
CA THR F 413 -29.69 37.74 -58.28
C THR F 413 -29.53 39.23 -58.01
N LYS F 414 -28.30 39.71 -58.22
CA LYS F 414 -28.01 41.13 -58.03
C LYS F 414 -28.77 42.00 -59.03
N ASN F 415 -28.98 41.50 -60.25
CA ASN F 415 -29.73 42.26 -61.24
C ASN F 415 -31.15 42.53 -60.76
N GLU F 416 -31.77 41.54 -60.12
CA GLU F 416 -33.11 41.73 -59.57
C GLU F 416 -33.10 42.81 -58.49
N VAL F 417 -32.07 42.80 -57.63
CA VAL F 417 -31.97 43.81 -56.59
C VAL F 417 -31.83 45.20 -57.21
N ILE F 418 -30.99 45.32 -58.25
CA ILE F 418 -30.81 46.62 -58.90
C ILE F 418 -32.11 47.09 -59.53
N ASP F 419 -32.83 46.18 -60.20
CA ASP F 419 -34.10 46.55 -60.82
C ASP F 419 -35.11 46.99 -59.77
N ALA F 420 -35.18 46.27 -58.65
CA ALA F 420 -36.11 46.65 -57.59
C ALA F 420 -35.75 48.02 -57.01
N LEU F 421 -34.46 48.27 -56.81
CA LEU F 421 -34.04 49.57 -56.30
C LEU F 421 -34.40 50.68 -57.28
N ASN F 422 -34.18 50.46 -58.57
CA ASN F 422 -34.53 51.46 -59.56
C ASN F 422 -36.03 51.72 -59.58
N GLU F 423 -36.84 50.66 -59.50
CA GLU F 423 -38.28 50.83 -59.47
C GLU F 423 -38.72 51.61 -58.23
N ALA F 424 -38.14 51.29 -57.07
CA ALA F 424 -38.48 52.01 -55.85
C ALA F 424 -38.10 53.47 -55.95
N ILE F 425 -36.93 53.78 -56.51
CA ILE F 425 -36.51 55.16 -56.67
C ILE F 425 -37.47 55.89 -57.61
N ASP F 426 -37.89 55.23 -58.69
CA ASP F 426 -38.87 55.84 -59.58
C ASP F 426 -40.19 56.09 -58.88
N LYS F 427 -40.51 55.30 -57.84
CA LYS F 427 -41.74 55.45 -57.10
C LYS F 427 -41.60 56.35 -55.87
N ARG F 428 -40.43 56.94 -55.66
CA ARG F 428 -40.11 57.84 -54.55
C ARG F 428 -39.87 57.08 -53.24
N GLU F 429 -39.90 55.75 -53.26
CA GLU F 429 -39.64 54.98 -52.05
C GLU F 429 -38.21 55.18 -51.59
N GLU F 430 -38.02 55.15 -50.26
CA GLU F 430 -36.70 55.43 -49.69
C GLU F 430 -35.68 54.39 -50.12
N GLY F 431 -36.05 53.12 -50.08
CA GLY F 431 -35.12 52.07 -50.43
C GLY F 431 -35.75 50.68 -50.53
N ILE F 432 -34.99 49.66 -50.18
CA ILE F 432 -35.41 48.27 -50.35
C ILE F 432 -35.13 47.50 -49.06
N MET F 433 -36.02 46.56 -48.76
CA MET F 433 -35.87 45.62 -47.66
C MET F 433 -35.49 44.26 -48.24
N VAL F 434 -34.41 43.68 -47.73
CA VAL F 434 -33.96 42.35 -48.14
C VAL F 434 -34.16 41.43 -46.95
N LYS F 435 -34.88 40.33 -47.16
CA LYS F 435 -35.23 39.40 -46.09
C LYS F 435 -34.77 37.99 -46.45
N GLN F 436 -34.20 37.30 -45.47
CA GLN F 436 -33.79 35.91 -45.63
C GLN F 436 -34.90 35.00 -45.11
N PRO F 437 -35.47 34.11 -45.93
CA PRO F 437 -36.55 33.25 -45.41
C PRO F 437 -36.14 32.42 -44.21
N LEU F 438 -34.89 31.95 -44.18
CA LEU F 438 -34.42 31.11 -43.07
C LEU F 438 -34.26 31.88 -41.76
N SER F 439 -34.25 33.21 -41.82
CA SER F 439 -34.09 33.99 -40.60
C SER F 439 -35.25 33.77 -39.65
N ILE F 440 -34.96 33.76 -38.35
CA ILE F 440 -35.96 33.57 -37.32
C ILE F 440 -36.19 34.91 -36.61
N TYR F 441 -37.33 35.00 -35.92
CA TYR F 441 -37.70 36.21 -35.20
C TYR F 441 -36.87 36.30 -33.93
N LYS F 442 -36.04 37.36 -33.84
CA LYS F 442 -35.17 37.59 -32.69
C LYS F 442 -35.37 39.02 -32.23
N PRO F 443 -36.41 39.29 -31.44
CA PRO F 443 -36.67 40.67 -30.99
C PRO F 443 -35.49 41.24 -30.21
N ASP F 444 -35.27 42.55 -30.39
CA ASP F 444 -34.24 43.29 -29.65
C ASP F 444 -32.84 42.90 -30.10
N LYS F 445 -32.65 42.58 -31.38
CA LYS F 445 -31.35 42.26 -31.91
C LYS F 445 -31.18 42.93 -33.27
N ARG F 446 -29.94 43.27 -33.60
CA ARG F 446 -29.59 43.91 -34.86
C ARG F 446 -28.82 42.92 -35.72
N GLY F 447 -29.21 42.82 -36.99
CA GLY F 447 -28.57 41.91 -37.93
C GLY F 447 -29.57 40.92 -38.50
N GLU F 448 -29.11 39.67 -38.65
CA GLU F 448 -29.96 38.61 -39.17
C GLU F 448 -30.33 38.89 -40.63
N GLY F 449 -31.47 38.36 -41.09
CA GLY F 449 -31.88 38.53 -42.46
C GLY F 449 -32.48 39.89 -42.79
N TRP F 450 -32.70 40.75 -41.80
CA TRP F 450 -33.26 42.07 -42.03
C TRP F 450 -32.17 42.99 -42.57
N LEU F 451 -32.23 43.30 -43.85
CA LEU F 451 -31.23 44.12 -44.52
C LEU F 451 -31.89 45.34 -45.16
N LYS F 452 -31.24 46.49 -45.02
CA LYS F 452 -31.72 47.76 -45.56
C LYS F 452 -30.78 48.19 -46.69
N ILE F 453 -31.34 48.47 -47.86
CA ILE F 453 -30.57 48.91 -49.02
C ILE F 453 -31.06 50.29 -49.41
N LYS F 454 -30.15 51.26 -49.44
CA LYS F 454 -30.44 52.62 -49.84
C LYS F 454 -29.32 53.13 -50.73
N PRO F 455 -29.62 53.98 -51.70
CA PRO F 455 -28.55 54.55 -52.53
C PRO F 455 -27.53 55.30 -51.69
N GLU F 456 -26.27 55.19 -52.09
CA GLU F 456 -25.18 55.88 -51.39
C GLU F 456 -23.96 56.00 -52.27
N LYS F 657 39.53 39.36 -52.04
CA LYS F 657 40.18 39.19 -53.34
C LYS F 657 41.68 39.46 -53.24
N ILE F 658 42.42 38.47 -52.75
CA ILE F 658 43.86 38.63 -52.59
C ILE F 658 44.53 38.82 -53.95
N SER F 659 44.11 38.05 -54.94
CA SER F 659 44.72 38.10 -56.26
C SER F 659 43.64 38.02 -57.33
N ASN F 660 44.07 38.09 -58.59
CA ASN F 660 43.19 38.09 -59.76
C ASN F 660 43.73 37.11 -60.80
N ILE F 661 44.05 35.90 -60.36
CA ILE F 661 44.79 34.94 -61.17
C ILE F 661 43.84 33.95 -61.85
N PHE F 662 42.74 33.62 -61.18
CA PHE F 662 41.86 32.54 -61.60
C PHE F 662 40.53 33.07 -62.13
N GLU F 663 40.56 34.15 -62.89
CA GLU F 663 39.34 34.65 -63.51
C GLU F 663 38.86 33.68 -64.59
N ASP F 664 37.57 33.35 -64.53
CA ASP F 664 36.92 32.51 -65.54
C ASP F 664 37.59 31.15 -65.63
N VAL F 665 37.57 30.43 -64.51
CA VAL F 665 38.03 29.05 -64.44
C VAL F 665 37.07 28.28 -63.55
N GLU F 666 36.70 27.07 -63.97
CA GLU F 666 35.73 26.25 -63.26
C GLU F 666 36.46 25.05 -62.66
N PHE F 667 36.94 25.23 -61.43
CA PHE F 667 37.61 24.15 -60.72
C PHE F 667 36.59 23.22 -60.07
N CYS F 668 36.86 21.92 -60.13
CA CYS F 668 36.04 20.91 -59.48
C CYS F 668 36.89 20.19 -58.46
N VAL F 669 36.55 20.32 -57.18
CA VAL F 669 37.30 19.75 -56.08
C VAL F 669 36.61 18.46 -55.64
N MET F 670 37.38 17.37 -55.56
CA MET F 670 36.87 16.07 -55.13
C MET F 670 37.26 15.75 -53.69
N SER F 671 38.54 15.79 -53.38
CA SER F 671 39.01 15.49 -52.03
C SER F 671 40.35 16.18 -51.81
N GLY F 672 40.47 16.94 -50.72
CA GLY F 672 41.70 17.59 -50.37
C GLY F 672 42.56 16.75 -49.44
N THR F 673 43.76 17.27 -49.17
CA THR F 673 44.67 16.59 -48.26
C THR F 673 44.23 16.78 -46.82
N ASP F 674 44.80 15.96 -45.93
CA ASP F 674 44.42 16.04 -44.52
C ASP F 674 44.77 17.39 -43.93
N SER F 675 45.95 17.93 -44.28
CA SER F 675 46.36 19.22 -43.73
C SER F 675 45.38 20.33 -44.13
N GLN F 676 44.94 20.33 -45.39
CA GLN F 676 43.98 21.30 -45.90
C GLN F 676 42.79 20.54 -46.47
N PRO F 677 41.77 20.24 -45.66
CA PRO F 677 40.63 19.47 -46.17
C PRO F 677 39.81 20.24 -47.19
N LYS F 678 38.73 19.63 -47.66
CA LYS F 678 37.92 20.24 -48.72
C LYS F 678 37.41 21.63 -48.34
N PRO F 679 36.69 21.81 -47.22
CA PRO F 679 36.05 23.11 -46.98
C PRO F 679 37.01 24.28 -47.04
N ASP F 680 38.23 24.10 -46.54
CA ASP F 680 39.23 25.17 -46.65
C ASP F 680 39.62 25.40 -48.10
N LEU F 681 39.80 24.32 -48.86
CA LEU F 681 40.27 24.46 -50.24
C LEU F 681 39.25 25.18 -51.12
N GLU F 682 37.96 24.91 -50.92
CA GLU F 682 36.94 25.64 -51.66
C GLU F 682 37.08 27.14 -51.51
N ASN F 683 36.95 27.67 -50.29
CA ASN F 683 37.04 29.12 -50.15
C ASN F 683 38.43 29.63 -50.52
N ARG F 684 39.46 28.81 -50.32
CA ARG F 684 40.82 29.24 -50.69
C ARG F 684 40.91 29.53 -52.18
N ILE F 685 40.47 28.58 -53.01
CA ILE F 685 40.54 28.78 -54.45
C ILE F 685 39.48 29.76 -54.94
N ALA F 686 38.40 29.96 -54.18
CA ALA F 686 37.39 30.93 -54.57
C ALA F 686 37.85 32.36 -54.34
N GLU F 687 38.67 32.58 -53.31
CA GLU F 687 39.10 33.94 -52.98
C GLU F 687 39.86 34.60 -54.13
N PHE F 688 40.44 33.81 -55.03
CA PHE F 688 41.17 34.35 -56.18
C PHE F 688 40.26 34.69 -57.35
N GLY F 689 38.95 34.82 -57.12
CA GLY F 689 38.02 35.12 -58.18
C GLY F 689 37.64 33.94 -59.05
N GLY F 690 37.96 32.72 -58.63
CA GLY F 690 37.65 31.55 -59.42
C GLY F 690 36.22 31.08 -59.24
N TYR F 691 35.87 30.07 -60.03
CA TYR F 691 34.55 29.44 -59.99
C TYR F 691 34.70 28.01 -59.52
N ILE F 692 33.78 27.59 -58.64
CA ILE F 692 33.80 26.25 -58.06
C ILE F 692 32.56 25.50 -58.54
N VAL F 693 32.77 24.29 -59.05
CA VAL F 693 31.69 23.42 -59.48
C VAL F 693 31.87 22.07 -58.79
N GLN F 694 30.80 21.56 -58.19
CA GLN F 694 30.89 20.31 -57.44
C GLN F 694 31.09 19.10 -58.33
N ASN F 695 30.88 19.21 -59.63
CA ASN F 695 31.06 18.11 -60.56
C ASN F 695 31.78 18.62 -61.81
N PRO F 696 32.47 17.74 -62.52
CA PRO F 696 33.20 18.18 -63.71
C PRO F 696 32.27 18.40 -64.90
N GLY F 697 32.77 19.17 -65.86
CA GLY F 697 32.01 19.51 -67.03
C GLY F 697 32.89 19.93 -68.19
N PRO F 698 32.27 20.28 -69.32
CA PRO F 698 33.07 20.67 -70.50
C PRO F 698 34.00 21.84 -70.24
N ASP F 699 33.57 22.82 -69.42
CA ASP F 699 34.37 24.00 -69.15
C ASP F 699 35.28 23.85 -67.93
N THR F 700 35.30 22.68 -67.30
CA THR F 700 36.15 22.47 -66.13
C THR F 700 37.60 22.35 -66.57
N TYR F 701 38.43 23.30 -66.12
CA TYR F 701 39.83 23.29 -66.52
C TYR F 701 40.55 22.04 -66.02
N CYS F 702 40.27 21.63 -64.79
CA CYS F 702 40.87 20.43 -64.22
C CYS F 702 40.18 20.11 -62.91
N VAL F 703 40.23 18.84 -62.52
CA VAL F 703 39.60 18.36 -61.30
C VAL F 703 40.70 18.07 -60.28
N ILE F 704 40.63 18.75 -59.14
CA ILE F 704 41.57 18.54 -58.06
C ILE F 704 41.15 17.30 -57.29
N ALA F 705 42.13 16.53 -56.80
CA ALA F 705 41.85 15.32 -56.05
C ALA F 705 43.12 14.83 -55.39
N GLY F 706 42.98 14.36 -54.15
CA GLY F 706 44.11 13.84 -53.40
C GLY F 706 44.10 12.33 -53.40
N SER F 707 43.62 11.72 -52.32
CA SER F 707 43.52 10.27 -52.27
C SER F 707 42.67 9.77 -53.43
N GLU F 708 43.15 8.72 -54.09
CA GLU F 708 42.46 8.17 -55.27
C GLU F 708 41.30 7.31 -54.79
N ASN F 709 40.19 7.97 -54.51
CA ASN F 709 38.97 7.28 -54.10
C ASN F 709 38.25 6.78 -55.36
N ILE F 710 37.02 6.30 -55.20
CA ILE F 710 36.29 5.69 -56.31
C ILE F 710 35.99 6.73 -57.39
N ARG F 711 35.59 7.95 -56.97
CA ARG F 711 35.24 8.97 -57.95
C ARG F 711 36.43 9.34 -58.81
N VAL F 712 37.61 9.45 -58.21
CA VAL F 712 38.82 9.78 -58.97
C VAL F 712 39.12 8.66 -59.96
N LYS F 713 38.95 7.41 -59.54
CA LYS F 713 39.17 6.29 -60.45
C LYS F 713 38.22 6.35 -61.63
N ASN F 714 36.94 6.64 -61.38
CA ASN F 714 35.98 6.78 -62.46
C ASN F 714 36.39 7.89 -63.42
N ILE F 715 36.78 9.05 -62.88
CA ILE F 715 37.19 10.16 -63.73
C ILE F 715 38.40 9.77 -64.56
N ILE F 716 39.33 9.01 -63.97
CA ILE F 716 40.52 8.58 -64.69
C ILE F 716 40.14 7.64 -65.82
N LEU F 717 39.22 6.70 -65.57
CA LEU F 717 38.82 5.75 -66.59
C LEU F 717 38.20 6.45 -67.81
N SER F 718 37.74 7.68 -67.66
CA SER F 718 37.26 8.49 -68.78
C SER F 718 38.33 9.52 -69.13
N ASN F 719 38.71 9.55 -70.41
CA ASN F 719 39.81 10.38 -70.87
C ASN F 719 39.36 11.80 -71.24
N LYS F 720 38.23 12.25 -70.71
CA LYS F 720 37.72 13.58 -71.02
C LYS F 720 38.24 14.66 -70.07
N HIS F 721 38.93 14.28 -68.99
CA HIS F 721 39.40 15.25 -68.01
C HIS F 721 40.71 14.78 -67.41
N ASP F 722 41.41 15.71 -66.77
CA ASP F 722 42.69 15.44 -66.14
C ASP F 722 42.62 15.75 -64.65
N VAL F 723 43.21 14.88 -63.85
CA VAL F 723 43.24 15.04 -62.40
C VAL F 723 44.55 15.72 -62.02
N VAL F 724 44.48 16.61 -61.03
CA VAL F 724 45.63 17.40 -60.59
C VAL F 724 45.77 17.23 -59.08
N LYS F 725 46.99 16.96 -58.63
CA LYS F 725 47.23 16.84 -57.20
C LYS F 725 47.02 18.19 -56.52
N PRO F 726 46.58 18.20 -55.26
CA PRO F 726 46.39 19.48 -54.58
C PRO F 726 47.65 20.31 -54.48
N ALA F 727 48.82 19.66 -54.47
CA ALA F 727 50.07 20.39 -54.31
C ALA F 727 50.19 21.53 -55.32
N TRP F 728 49.75 21.30 -56.55
CA TRP F 728 49.82 22.34 -57.57
C TRP F 728 49.15 23.62 -57.08
N LEU F 729 47.94 23.50 -56.54
CA LEU F 729 47.24 24.68 -56.03
C LEU F 729 48.07 25.37 -54.95
N LEU F 730 48.70 24.59 -54.07
CA LEU F 730 49.55 25.16 -53.05
C LEU F 730 50.60 26.08 -53.66
N GLU F 731 51.16 25.67 -54.80
CA GLU F 731 52.16 26.51 -55.46
C GLU F 731 51.57 27.87 -55.82
N CYS F 732 50.34 27.88 -56.33
CA CYS F 732 49.71 29.16 -56.66
C CYS F 732 49.58 30.04 -55.44
N PHE F 733 49.50 29.45 -54.25
CA PHE F 733 49.40 30.23 -53.02
C PHE F 733 50.74 30.76 -52.53
N LYS F 734 51.84 30.33 -53.13
CA LYS F 734 53.17 30.80 -52.74
C LYS F 734 53.75 31.78 -53.74
N THR F 735 53.83 31.40 -55.02
CA THR F 735 54.37 32.29 -56.04
C THR F 735 53.35 33.31 -56.53
N LYS F 736 52.07 33.13 -56.23
CA LYS F 736 51.02 34.06 -56.64
C LYS F 736 51.04 34.24 -58.16
N SER F 737 51.25 33.14 -58.88
CA SER F 737 51.30 33.17 -60.34
C SER F 737 50.81 31.85 -60.88
N PHE F 738 50.37 31.86 -62.14
CA PHE F 738 49.83 30.67 -62.80
C PHE F 738 51.00 29.81 -63.26
N VAL F 739 51.50 28.98 -62.35
CA VAL F 739 52.63 28.09 -62.67
C VAL F 739 52.18 27.07 -63.71
N PRO F 740 52.97 26.84 -64.77
CA PRO F 740 52.55 25.83 -65.76
C PRO F 740 52.49 24.43 -65.15
N TRP F 741 51.61 23.61 -65.70
CA TRP F 741 51.46 22.24 -65.24
C TRP F 741 52.74 21.44 -65.49
N GLN F 742 52.98 20.46 -64.63
CA GLN F 742 54.07 19.52 -64.78
C GLN F 742 53.56 18.11 -64.55
N PRO F 743 54.20 17.10 -65.14
CA PRO F 743 53.71 15.72 -64.94
C PRO F 743 53.74 15.28 -63.49
N ARG F 744 54.54 15.93 -62.64
CA ARG F 744 54.62 15.52 -61.24
C ARG F 744 53.27 15.65 -60.55
N PHE F 745 52.57 16.76 -60.78
CA PHE F 745 51.29 16.98 -60.10
C PHE F 745 50.19 16.11 -60.70
N MET F 746 50.16 15.99 -62.03
CA MET F 746 49.07 15.30 -62.68
C MET F 746 49.05 13.82 -62.35
N ILE F 747 47.85 13.24 -62.36
CA ILE F 747 47.67 11.81 -62.21
C ILE F 747 47.36 11.21 -63.58
N HIS F 748 46.31 11.71 -64.22
CA HIS F 748 45.88 11.25 -65.52
C HIS F 748 45.77 12.43 -66.48
N MET F 749 46.04 12.17 -67.75
CA MET F 749 46.06 13.19 -68.78
C MET F 749 45.08 12.84 -69.89
N CYS F 750 44.27 13.82 -70.29
CA CYS F 750 43.42 13.66 -71.45
C CYS F 750 44.29 13.67 -72.71
N PRO F 751 43.78 13.15 -73.83
CA PRO F 751 44.63 13.05 -75.03
C PRO F 751 45.26 14.36 -75.46
N SER F 752 44.54 15.48 -75.36
CA SER F 752 45.09 16.76 -75.79
C SER F 752 46.30 17.14 -74.94
N THR F 753 46.16 17.05 -73.61
CA THR F 753 47.27 17.40 -72.74
C THR F 753 48.43 16.41 -72.89
N LYS F 754 48.13 15.14 -73.14
CA LYS F 754 49.19 14.17 -73.38
C LYS F 754 49.97 14.52 -74.63
N GLU F 755 49.28 14.89 -75.71
CA GLU F 755 49.96 15.31 -76.93
C GLU F 755 50.80 16.55 -76.68
N HIS F 756 50.25 17.51 -75.92
CA HIS F 756 51.00 18.74 -75.64
C HIS F 756 52.26 18.43 -74.84
N PHE F 757 52.16 17.55 -73.84
CA PHE F 757 53.29 17.23 -72.97
C PHE F 757 54.26 16.25 -73.61
N ALA F 758 53.89 15.58 -74.70
CA ALA F 758 54.80 14.65 -75.34
C ALA F 758 56.05 15.33 -75.88
N ARG F 759 56.03 16.66 -76.01
CA ARG F 759 57.15 17.40 -76.56
C ARG F 759 58.08 17.99 -75.50
N GLU F 760 57.66 18.02 -74.24
CA GLU F 760 58.46 18.58 -73.17
C GLU F 760 58.83 17.56 -72.09
N TYR F 761 57.88 16.71 -71.69
CA TYR F 761 58.13 15.66 -70.72
C TYR F 761 57.78 14.31 -71.32
N ASP F 762 58.55 13.29 -70.96
CA ASP F 762 58.44 11.99 -71.59
C ASP F 762 57.29 11.20 -70.95
N CYS F 763 57.16 9.92 -71.33
CA CYS F 763 56.14 9.08 -70.73
C CYS F 763 56.27 9.05 -69.22
N TYR F 764 57.50 9.08 -68.72
CA TYR F 764 57.80 9.23 -67.31
C TYR F 764 58.32 10.66 -67.10
N GLY F 765 57.76 11.36 -66.11
CA GLY F 765 58.00 12.77 -65.97
C GLY F 765 59.47 13.12 -65.96
N ASP F 766 59.95 13.74 -67.03
CA ASP F 766 61.35 14.11 -67.15
C ASP F 766 61.55 15.14 -68.25
N SER F 767 62.16 16.27 -67.93
CA SER F 767 62.38 17.33 -68.91
C SER F 767 63.66 17.06 -69.69
N TYR F 768 63.80 17.76 -70.82
CA TYR F 768 64.94 17.61 -71.70
C TYR F 768 65.79 18.88 -71.75
N PHE F 769 65.17 20.02 -72.05
CA PHE F 769 65.89 21.28 -72.10
C PHE F 769 66.16 21.86 -70.73
N ILE F 770 65.53 21.30 -69.69
CA ILE F 770 65.79 21.69 -68.31
C ILE F 770 66.68 20.62 -67.68
N ASP F 771 67.48 21.03 -66.71
CA ASP F 771 68.40 20.11 -66.04
C ASP F 771 67.62 19.14 -65.16
N THR F 772 68.34 18.23 -64.52
CA THR F 772 67.78 17.27 -63.59
C THR F 772 68.61 17.24 -62.32
N ASP F 773 67.98 16.87 -61.21
CA ASP F 773 68.64 16.78 -59.92
C ASP F 773 68.20 15.50 -59.24
N LEU F 774 68.58 15.35 -57.97
CA LEU F 774 68.29 14.12 -57.24
C LEU F 774 66.79 13.90 -57.12
N ASN F 775 66.03 14.96 -56.80
CA ASN F 775 64.59 14.81 -56.60
C ASN F 775 63.90 14.38 -57.89
N GLN F 776 64.28 14.97 -59.02
CA GLN F 776 63.65 14.59 -60.30
C GLN F 776 63.91 13.13 -60.64
N LEU F 777 65.14 12.67 -60.46
CA LEU F 777 65.45 11.27 -60.74
C LEU F 777 64.74 10.35 -59.77
N LYS F 778 64.64 10.74 -58.50
CA LYS F 778 63.88 9.94 -57.53
C LYS F 778 62.43 9.82 -57.96
N GLU F 779 61.81 10.92 -58.37
CA GLU F 779 60.43 10.87 -58.83
C GLU F 779 60.29 9.99 -60.07
N VAL F 780 61.24 10.10 -61.00
CA VAL F 780 61.18 9.29 -62.21
C VAL F 780 61.25 7.81 -61.86
N PHE F 781 62.17 7.44 -60.98
CA PHE F 781 62.29 6.04 -60.59
C PHE F 781 61.04 5.56 -59.86
N SER F 782 60.50 6.38 -58.96
CA SER F 782 59.28 5.99 -58.26
C SER F 782 58.11 5.85 -59.21
N GLY F 783 58.12 6.58 -60.33
CA GLY F 783 57.04 6.48 -61.29
C GLY F 783 56.95 5.12 -61.95
N ILE F 784 58.08 4.46 -62.16
CA ILE F 784 58.08 3.17 -62.83
C ILE F 784 57.31 2.16 -62.00
N LYS F 785 56.53 1.31 -62.69
CA LYS F 785 55.74 0.28 -62.03
C LYS F 785 55.85 -1.09 -62.70
N ASN F 786 56.66 -1.23 -63.74
CA ASN F 786 56.83 -2.50 -64.44
C ASN F 786 58.32 -2.80 -64.53
N SER F 787 58.78 -3.76 -63.72
CA SER F 787 60.20 -4.09 -63.64
C SER F 787 60.40 -5.60 -63.64
N ASN F 788 59.74 -6.31 -64.55
CA ASN F 788 59.94 -7.75 -64.73
C ASN F 788 59.85 -8.05 -66.23
N GLU F 789 60.95 -7.79 -66.94
CA GLU F 789 60.98 -8.03 -68.38
C GLU F 789 62.17 -8.91 -68.78
N GLN F 790 63.30 -8.76 -68.09
CA GLN F 790 64.54 -9.39 -68.49
C GLN F 790 64.86 -10.61 -67.61
N THR F 791 65.88 -11.34 -68.02
CA THR F 791 66.41 -12.50 -67.32
C THR F 791 67.73 -12.16 -66.64
N PRO F 792 68.16 -12.94 -65.66
CA PRO F 792 69.40 -12.59 -64.93
C PRO F 792 70.61 -12.42 -65.83
N GLU F 793 70.78 -13.29 -66.83
CA GLU F 793 71.93 -13.17 -67.73
C GLU F 793 71.85 -11.88 -68.54
N GLU F 794 70.65 -11.52 -69.00
CA GLU F 794 70.48 -10.25 -69.71
C GLU F 794 70.84 -9.08 -68.82
N MET F 795 70.42 -9.13 -67.55
CA MET F 795 70.76 -8.04 -66.63
C MET F 795 72.26 -7.95 -66.43
N ALA F 796 72.93 -9.09 -66.26
CA ALA F 796 74.38 -9.07 -66.09
C ALA F 796 75.08 -8.50 -67.32
N SER F 797 74.64 -8.92 -68.51
CA SER F 797 75.26 -8.42 -69.72
C SER F 797 75.05 -6.91 -69.86
N LEU F 798 73.83 -6.44 -69.58
CA LEU F 798 73.55 -5.01 -69.66
C LEU F 798 74.40 -4.24 -68.66
N ILE F 799 74.56 -4.77 -67.44
CA ILE F 799 75.43 -4.14 -66.47
C ILE F 799 76.84 -4.05 -67.01
N ALA F 800 77.34 -5.13 -67.62
CA ALA F 800 78.68 -5.12 -68.16
C ALA F 800 78.85 -4.05 -69.23
N ASP F 801 77.90 -3.98 -70.17
CA ASP F 801 78.01 -2.99 -71.24
C ASP F 801 77.93 -1.58 -70.69
N LEU F 802 77.01 -1.34 -69.75
CA LEU F 802 76.89 0.00 -69.18
C LEU F 802 78.17 0.41 -68.47
N GLU F 803 78.76 -0.50 -67.70
CA GLU F 803 80.00 -0.16 -67.01
C GLU F 803 81.13 0.07 -67.98
N TYR F 804 81.22 -0.76 -69.04
CA TYR F 804 82.29 -0.59 -70.01
C TYR F 804 82.18 0.74 -70.75
N ARG F 805 80.95 1.13 -71.12
CA ARG F 805 80.79 2.34 -71.92
C ARG F 805 81.26 3.57 -71.18
N TYR F 806 80.93 3.69 -69.90
CA TYR F 806 81.21 4.90 -69.12
C TYR F 806 82.35 4.71 -68.13
N SER F 807 83.07 3.58 -68.19
CA SER F 807 84.22 3.34 -67.32
C SER F 807 83.82 3.46 -65.85
N TRP F 808 82.93 2.56 -65.42
CA TRP F 808 82.43 2.52 -64.06
C TRP F 808 83.06 1.39 -63.24
N ASP F 809 84.30 1.01 -63.57
CA ASP F 809 84.99 -0.05 -62.86
C ASP F 809 85.80 0.46 -61.67
N CYS F 810 85.77 1.76 -61.39
CA CYS F 810 86.53 2.34 -60.30
C CYS F 810 85.74 2.40 -59.00
N SER F 811 84.48 1.99 -59.00
CA SER F 811 83.69 2.04 -57.79
C SER F 811 84.20 1.00 -56.78
N PRO F 812 84.00 1.24 -55.48
CA PRO F 812 84.52 0.28 -54.47
C PRO F 812 83.97 -1.12 -54.65
N LEU F 813 82.69 -1.25 -55.03
CA LEU F 813 82.08 -2.54 -55.25
C LEU F 813 82.02 -2.84 -56.75
N SER F 814 81.40 -3.96 -57.09
CA SER F 814 81.18 -4.39 -58.47
C SER F 814 82.49 -4.65 -59.22
N MET F 815 83.62 -4.66 -58.53
CA MET F 815 84.90 -4.90 -59.20
C MET F 815 85.16 -6.37 -59.48
N PHE F 816 84.31 -7.26 -58.97
CA PHE F 816 84.39 -8.68 -59.27
C PHE F 816 83.52 -9.08 -60.45
N ARG F 817 82.89 -8.12 -61.13
CA ARG F 817 81.93 -8.43 -62.18
C ARG F 817 82.56 -9.12 -63.38
N ARG F 818 83.89 -9.12 -63.50
CA ARG F 818 84.57 -9.72 -64.63
C ARG F 818 85.26 -11.03 -64.27
N HIS F 819 85.02 -11.57 -63.08
CA HIS F 819 85.66 -12.80 -62.63
C HIS F 819 84.64 -13.68 -61.93
N THR F 820 84.25 -14.78 -62.58
CA THR F 820 83.43 -15.79 -61.93
C THR F 820 84.22 -16.43 -60.79
N VAL F 821 83.53 -16.74 -59.70
CA VAL F 821 84.17 -17.27 -58.49
C VAL F 821 83.56 -18.62 -58.17
N TYR F 822 84.44 -19.60 -57.92
CA TYR F 822 84.04 -20.92 -57.47
C TYR F 822 84.71 -21.21 -56.14
N LEU F 823 84.00 -21.92 -55.27
CA LEU F 823 84.47 -22.25 -53.93
C LEU F 823 84.51 -23.76 -53.76
N ASP F 824 85.57 -24.25 -53.12
CA ASP F 824 85.74 -25.68 -52.86
C ASP F 824 85.10 -26.07 -51.53
N SER F 825 83.79 -25.87 -51.46
CA SER F 825 83.02 -26.19 -50.27
C SER F 825 82.42 -27.58 -50.30
N TYR F 826 82.67 -28.35 -51.37
CA TYR F 826 82.14 -29.69 -51.52
C TYR F 826 83.28 -30.70 -51.44
N ALA F 827 83.11 -31.73 -50.62
CA ALA F 827 84.14 -32.75 -50.49
C ALA F 827 84.40 -33.46 -51.81
N VAL F 828 83.40 -33.52 -52.69
CA VAL F 828 83.52 -34.14 -54.00
C VAL F 828 83.30 -33.06 -55.05
N ILE F 829 84.25 -32.93 -55.98
CA ILE F 829 84.15 -31.90 -56.99
C ILE F 829 82.91 -32.11 -57.85
N ASN F 830 82.23 -31.01 -58.18
CA ASN F 830 81.01 -31.06 -58.99
C ASN F 830 79.95 -31.96 -58.37
N ASP F 831 79.85 -31.89 -57.03
CA ASP F 831 78.85 -32.66 -56.29
C ASP F 831 78.12 -31.71 -55.35
N LEU F 832 76.84 -31.46 -55.64
CA LEU F 832 76.03 -30.58 -54.83
C LEU F 832 75.39 -31.27 -53.64
N SER F 833 75.50 -32.59 -53.54
CA SER F 833 74.89 -33.35 -52.45
C SER F 833 75.84 -33.55 -51.27
N THR F 834 77.05 -32.98 -51.33
CA THR F 834 78.05 -33.12 -50.28
C THR F 834 78.49 -31.75 -49.78
N LYS F 835 77.54 -30.85 -49.59
CA LYS F 835 77.86 -29.52 -49.09
C LYS F 835 78.50 -29.61 -47.70
N ASN F 836 79.54 -28.81 -47.50
CA ASN F 836 80.27 -28.77 -46.24
C ASN F 836 79.96 -27.51 -45.44
N GLU F 837 78.70 -27.09 -45.47
CA GLU F 837 78.29 -25.88 -44.76
C GLU F 837 78.65 -26.00 -43.28
N GLY F 838 79.19 -24.92 -42.72
CA GLY F 838 79.64 -24.92 -41.34
C GLY F 838 81.10 -24.55 -41.23
N THR F 839 81.64 -23.90 -42.26
CA THR F 839 83.04 -23.50 -42.28
C THR F 839 83.13 -22.09 -42.85
N ARG F 840 84.30 -21.47 -42.65
CA ARG F 840 84.49 -20.10 -43.09
C ARG F 840 84.44 -19.97 -44.61
N LEU F 841 84.57 -21.08 -45.35
CA LEU F 841 84.54 -21.00 -46.81
C LEU F 841 83.19 -20.50 -47.31
N ALA F 842 82.10 -20.90 -46.65
CA ALA F 842 80.78 -20.42 -47.05
C ALA F 842 80.67 -18.91 -46.87
N ILE F 843 81.16 -18.39 -45.74
CA ILE F 843 81.07 -16.95 -45.52
C ILE F 843 82.02 -16.22 -46.48
N LYS F 844 83.11 -16.87 -46.90
CA LYS F 844 83.95 -16.25 -47.93
C LYS F 844 83.23 -16.21 -49.27
N ALA F 845 82.46 -17.24 -49.59
CA ALA F 845 81.66 -17.20 -50.80
C ALA F 845 80.62 -16.09 -50.74
N LEU F 846 80.00 -15.91 -49.57
CA LEU F 846 79.06 -14.79 -49.40
C LEU F 846 79.78 -13.46 -49.52
N GLU F 847 80.97 -13.36 -48.93
CA GLU F 847 81.87 -12.23 -49.19
C GLU F 847 81.94 -11.91 -50.68
N LEU F 848 82.40 -12.89 -51.46
CA LEU F 848 82.66 -12.62 -52.88
C LEU F 848 81.37 -12.24 -53.61
N ARG F 849 80.28 -12.94 -53.31
CA ARG F 849 79.02 -12.64 -53.99
C ARG F 849 78.52 -11.24 -53.62
N PHE F 850 78.73 -10.81 -52.38
CA PHE F 850 78.25 -9.50 -51.94
C PHE F 850 78.90 -8.38 -52.74
N HIS F 851 80.19 -8.51 -53.04
CA HIS F 851 80.92 -7.47 -53.74
C HIS F 851 80.72 -7.51 -55.26
N GLY F 852 79.79 -8.33 -55.73
CA GLY F 852 79.47 -8.39 -57.15
C GLY F 852 79.97 -9.63 -57.86
N ALA F 853 80.86 -10.40 -57.25
CA ALA F 853 81.37 -11.60 -57.89
C ALA F 853 80.22 -12.56 -58.19
N LYS F 854 80.19 -13.09 -59.41
CA LYS F 854 79.20 -14.11 -59.76
C LYS F 854 79.71 -15.47 -59.31
N VAL F 855 79.02 -16.06 -58.35
CA VAL F 855 79.40 -17.36 -57.78
C VAL F 855 78.82 -18.47 -58.64
N VAL F 856 79.63 -19.48 -58.91
CA VAL F 856 79.23 -20.64 -59.71
C VAL F 856 79.28 -21.87 -58.82
N SER F 857 78.19 -22.63 -58.80
CA SER F 857 78.13 -23.84 -57.98
C SER F 857 78.91 -24.99 -58.59
N CYS F 858 79.00 -25.04 -59.92
CA CYS F 858 79.68 -26.12 -60.64
C CYS F 858 80.96 -25.59 -61.27
N LEU F 859 81.99 -26.42 -61.28
CA LEU F 859 83.29 -26.05 -61.83
C LEU F 859 83.19 -26.10 -63.36
N ALA F 860 82.77 -24.99 -63.95
CA ALA F 860 82.63 -24.90 -65.40
C ALA F 860 83.98 -24.56 -66.04
N GLU F 861 84.04 -24.71 -67.35
CA GLU F 861 85.26 -24.41 -68.09
C GLU F 861 85.56 -22.92 -68.10
N GLY F 862 84.53 -22.08 -68.13
CA GLY F 862 84.70 -20.65 -68.18
C GLY F 862 84.99 -19.97 -66.86
N VAL F 863 85.04 -20.72 -65.76
CA VAL F 863 85.32 -20.11 -64.47
C VAL F 863 86.69 -19.46 -64.50
N SER F 864 86.79 -18.28 -63.89
CA SER F 864 88.02 -17.51 -63.90
C SER F 864 88.77 -17.56 -62.57
N HIS F 865 88.07 -17.68 -61.45
CA HIS F 865 88.69 -17.68 -60.14
C HIS F 865 88.18 -18.86 -59.33
N VAL F 866 89.09 -19.59 -58.69
CA VAL F 866 88.76 -20.72 -57.82
C VAL F 866 89.45 -20.48 -56.49
N ILE F 867 88.70 -20.63 -55.40
CA ILE F 867 89.21 -20.43 -54.05
C ILE F 867 89.30 -21.79 -53.36
N ILE F 868 90.46 -22.08 -52.79
CA ILE F 868 90.72 -23.34 -52.11
C ILE F 868 91.03 -23.04 -50.64
N GLY F 869 90.49 -23.86 -49.76
CA GLY F 869 90.67 -23.67 -48.33
C GLY F 869 92.08 -24.07 -47.89
N GLU F 870 92.25 -24.13 -46.57
CA GLU F 870 93.54 -24.45 -46.00
C GLU F 870 94.03 -25.83 -46.46
N ASP F 871 93.11 -26.76 -46.67
CA ASP F 871 93.48 -28.09 -47.15
C ASP F 871 94.10 -28.00 -48.53
N HIS F 872 95.33 -28.50 -48.67
CA HIS F 872 96.09 -28.42 -49.90
C HIS F 872 96.12 -29.75 -50.66
N SER F 873 95.27 -30.70 -50.27
CA SER F 873 95.33 -32.04 -50.86
C SER F 873 94.74 -32.09 -52.27
N ARG F 874 93.69 -31.31 -52.53
CA ARG F 874 92.97 -31.38 -53.78
C ARG F 874 93.51 -30.45 -54.85
N VAL F 875 94.60 -29.73 -54.58
CA VAL F 875 95.14 -28.81 -55.58
C VAL F 875 95.55 -29.54 -56.84
N ALA F 876 95.94 -30.80 -56.73
CA ALA F 876 96.32 -31.57 -57.91
C ALA F 876 95.15 -31.73 -58.87
N ASP F 877 93.96 -32.02 -58.33
CA ASP F 877 92.79 -32.16 -59.19
C ASP F 877 92.46 -30.85 -59.88
N PHE F 878 92.55 -29.73 -59.15
CA PHE F 878 92.29 -28.43 -59.76
C PHE F 878 93.29 -28.13 -60.87
N LYS F 879 94.57 -28.43 -60.63
CA LYS F 879 95.58 -28.20 -61.66
C LYS F 879 95.31 -29.08 -62.89
N ALA F 880 94.93 -30.34 -62.68
CA ALA F 880 94.64 -31.22 -63.80
C ALA F 880 93.45 -30.69 -64.61
N PHE F 881 92.39 -30.27 -63.91
CA PHE F 881 91.23 -29.73 -64.61
C PHE F 881 91.58 -28.45 -65.37
N ARG F 882 92.42 -27.60 -64.78
CA ARG F 882 92.88 -26.40 -65.47
C ARG F 882 93.64 -26.76 -66.73
N ARG F 883 94.52 -27.76 -66.65
CA ARG F 883 95.26 -28.18 -67.82
C ARG F 883 94.33 -28.72 -68.90
N THR F 884 93.33 -29.51 -68.51
CA THR F 884 92.40 -30.07 -69.48
C THR F 884 91.62 -28.98 -70.20
N PHE F 885 91.16 -27.98 -69.46
CA PHE F 885 90.32 -26.93 -70.04
C PHE F 885 91.13 -26.06 -70.99
N LYS F 886 90.47 -25.61 -72.06
CA LYS F 886 91.13 -24.71 -73.00
C LYS F 886 91.51 -23.40 -72.33
N ARG F 887 90.63 -22.85 -71.51
CA ARG F 887 90.89 -21.62 -70.78
C ARG F 887 91.27 -21.96 -69.34
N LYS F 888 92.44 -21.47 -68.91
CA LYS F 888 92.94 -21.76 -67.58
C LYS F 888 92.37 -20.78 -66.56
N PHE F 889 92.17 -21.28 -65.34
CA PHE F 889 91.68 -20.48 -64.23
C PHE F 889 92.74 -20.41 -63.14
N LYS F 890 92.95 -19.21 -62.61
CA LYS F 890 94.02 -18.98 -61.65
C LYS F 890 93.66 -19.60 -60.30
N ILE F 891 94.67 -20.12 -59.61
CA ILE F 891 94.51 -20.72 -58.30
C ILE F 891 94.65 -19.63 -57.25
N LEU F 892 93.66 -19.51 -56.36
CA LEU F 892 93.65 -18.48 -55.34
C LEU F 892 93.14 -19.07 -54.04
N LYS F 893 93.38 -18.34 -52.95
CA LYS F 893 93.01 -18.76 -51.60
C LYS F 893 92.21 -17.65 -50.94
N GLU F 894 91.91 -17.85 -49.65
CA GLU F 894 91.07 -16.88 -48.93
C GLU F 894 91.86 -15.64 -48.55
N SER F 895 93.17 -15.78 -48.32
CA SER F 895 93.98 -14.64 -47.92
C SER F 895 93.91 -13.54 -48.97
N TRP F 896 93.94 -13.91 -50.25
CA TRP F 896 93.92 -12.91 -51.31
C TRP F 896 92.70 -12.00 -51.21
N VAL F 897 91.51 -12.59 -51.13
CA VAL F 897 90.29 -11.79 -51.10
C VAL F 897 90.18 -11.05 -49.77
N THR F 898 90.53 -11.70 -48.66
CA THR F 898 90.43 -11.04 -47.36
C THR F 898 91.33 -9.80 -47.30
N ASP F 899 92.50 -9.86 -47.93
CA ASP F 899 93.39 -8.70 -47.96
C ASP F 899 92.97 -7.68 -49.01
N SER F 900 92.44 -8.13 -50.14
CA SER F 900 92.10 -7.21 -51.22
C SER F 900 90.84 -6.40 -50.93
N ILE F 901 89.89 -6.96 -50.17
CA ILE F 901 88.68 -6.20 -49.86
C ILE F 901 89.03 -4.94 -49.10
N ASP F 902 90.03 -5.01 -48.21
CA ASP F 902 90.44 -3.84 -47.46
C ASP F 902 90.97 -2.76 -48.40
N LYS F 903 91.74 -3.15 -49.42
CA LYS F 903 92.28 -2.21 -50.40
C LYS F 903 91.30 -1.85 -51.49
N CYS F 904 90.09 -2.41 -51.47
CA CYS F 904 89.06 -2.15 -52.47
C CYS F 904 89.66 -2.10 -53.87
N GLU F 905 90.45 -3.13 -54.19
CA GLU F 905 91.07 -3.25 -55.50
C GLU F 905 91.45 -4.70 -55.74
N LEU F 906 91.69 -5.03 -57.00
CA LEU F 906 92.08 -6.38 -57.40
C LEU F 906 93.59 -6.51 -57.24
N GLN F 907 94.01 -7.07 -56.10
CA GLN F 907 95.43 -7.25 -55.84
C GLN F 907 96.04 -8.23 -56.84
N GLU F 908 97.33 -8.05 -57.12
CA GLU F 908 98.03 -8.94 -58.03
C GLU F 908 97.97 -10.37 -57.53
N GLU F 909 97.67 -11.30 -58.45
CA GLU F 909 97.55 -12.71 -58.10
C GLU F 909 98.90 -13.40 -57.98
N ASN F 910 99.98 -12.78 -58.45
CA ASN F 910 101.29 -13.43 -58.40
C ASN F 910 101.68 -13.72 -56.96
N GLN F 911 101.45 -12.78 -56.05
CA GLN F 911 101.75 -12.99 -54.64
C GLN F 911 100.79 -13.95 -53.97
N TYR F 912 99.67 -14.29 -54.63
CA TYR F 912 98.66 -15.17 -54.06
C TYR F 912 98.28 -16.25 -55.06
N LEU F 913 99.24 -16.75 -55.82
CA LEU F 913 98.99 -17.78 -56.81
C LEU F 913 98.73 -19.12 -56.13
N CYS G 194 8.16 -13.05 -30.95
CA CYS G 194 7.72 -14.04 -31.94
C CYS G 194 8.92 -14.72 -32.59
N PRO G 195 8.88 -16.04 -32.73
CA PRO G 195 10.02 -16.74 -33.35
C PRO G 195 10.21 -16.32 -34.80
N GLY G 196 11.45 -16.34 -35.24
CA GLY G 196 11.76 -15.97 -36.62
C GLY G 196 11.42 -14.53 -36.95
N GLU G 197 11.75 -13.61 -36.05
CA GLU G 197 11.50 -12.18 -36.25
C GLU G 197 12.83 -11.45 -36.36
N SER G 198 12.96 -10.62 -37.39
CA SER G 198 14.20 -9.91 -37.63
C SER G 198 14.44 -8.88 -36.53
N LEU G 199 15.69 -8.81 -36.05
CA LEU G 199 16.05 -7.82 -35.05
C LEU G 199 16.16 -6.43 -35.67
N ILE G 200 16.72 -6.34 -36.89
CA ILE G 200 16.92 -5.05 -37.52
C ILE G 200 15.58 -4.37 -37.78
N ASN G 201 14.63 -5.11 -38.33
CA ASN G 201 13.31 -4.58 -38.72
C ASN G 201 12.23 -5.35 -37.96
N PRO G 202 11.83 -4.86 -36.79
CA PRO G 202 10.76 -5.55 -36.06
C PRO G 202 9.45 -5.55 -36.85
N GLY G 203 8.68 -6.63 -36.70
CA GLY G 203 7.43 -6.79 -37.41
C GLY G 203 7.55 -7.51 -38.74
N PHE G 204 8.77 -7.78 -39.20
CA PHE G 204 9.00 -8.50 -40.44
C PHE G 204 9.84 -9.73 -40.14
N LYS G 205 9.38 -10.89 -40.59
CA LYS G 205 10.12 -12.13 -40.35
C LYS G 205 11.45 -12.09 -41.08
N SER G 206 12.50 -12.55 -40.40
CA SER G 206 13.83 -12.56 -41.00
C SER G 206 13.85 -13.44 -42.24
N LYS G 207 14.54 -12.97 -43.28
CA LYS G 207 14.64 -13.68 -44.54
C LYS G 207 15.94 -14.49 -44.56
N LYS G 208 15.82 -15.78 -44.87
CA LYS G 208 17.00 -16.63 -44.93
C LYS G 208 17.90 -16.18 -46.08
N PRO G 209 19.23 -16.20 -45.90
CA PRO G 209 20.12 -15.80 -46.99
C PRO G 209 19.94 -16.69 -48.20
N ALA G 210 20.05 -16.09 -49.38
CA ALA G 210 19.87 -16.82 -50.64
C ALA G 210 21.09 -17.70 -50.91
N GLY G 211 20.88 -19.00 -50.97
CA GLY G 211 21.94 -19.94 -51.24
C GLY G 211 22.17 -20.27 -52.70
N GLY G 212 21.23 -19.91 -53.57
CA GLY G 212 21.39 -20.20 -54.98
C GLY G 212 20.97 -21.60 -55.30
N VAL G 213 21.82 -22.32 -56.03
CA VAL G 213 21.56 -23.70 -56.45
C VAL G 213 22.52 -24.61 -55.71
N ASP G 214 21.98 -25.65 -55.08
CA ASP G 214 22.77 -26.64 -54.34
C ASP G 214 22.29 -28.02 -54.78
N PHE G 215 23.06 -28.66 -55.64
CA PHE G 215 22.67 -29.96 -56.16
C PHE G 215 22.64 -31.00 -55.04
N ASP G 216 21.64 -31.86 -55.07
CA ASP G 216 21.49 -32.91 -54.06
C ASP G 216 22.61 -33.94 -54.19
N CYS H 194 3.00 4.23 37.52
CA CYS H 194 2.53 4.85 38.76
C CYS H 194 1.47 3.99 39.42
N PRO H 195 1.84 2.77 39.83
CA PRO H 195 0.87 1.89 40.48
C PRO H 195 0.40 2.46 41.81
N GLY H 196 -0.84 2.11 42.16
CA GLY H 196 -1.42 2.56 43.41
C GLY H 196 -2.14 3.89 43.34
N GLU H 197 -2.10 4.58 42.20
CA GLU H 197 -2.78 5.86 42.09
C GLU H 197 -4.28 5.69 42.27
N SER H 198 -4.91 6.67 42.93
CA SER H 198 -6.34 6.61 43.21
C SER H 198 -7.12 6.94 41.95
N LEU H 199 -7.96 6.00 41.51
CA LEU H 199 -8.79 6.23 40.34
C LEU H 199 -9.76 7.38 40.57
N ILE H 200 -10.39 7.42 41.75
CA ILE H 200 -11.38 8.46 42.03
C ILE H 200 -10.75 9.84 42.00
N ASN H 201 -9.60 9.99 42.68
CA ASN H 201 -8.94 11.28 42.81
C ASN H 201 -7.56 11.22 42.16
N PRO H 202 -7.42 11.66 40.91
CA PRO H 202 -6.09 11.68 40.29
C PRO H 202 -5.14 12.58 41.05
N GLY H 203 -3.86 12.18 41.06
CA GLY H 203 -2.83 12.93 41.74
C GLY H 203 -2.69 12.66 43.22
N PHE H 204 -3.52 11.79 43.78
CA PHE H 204 -3.46 11.43 45.19
C PHE H 204 -3.24 9.93 45.31
N LYS H 205 -2.31 9.54 46.18
CA LYS H 205 -2.02 8.12 46.37
C LYS H 205 -3.17 7.43 47.09
N SER H 206 -3.58 6.27 46.57
CA SER H 206 -4.66 5.53 47.18
C SER H 206 -4.30 5.13 48.60
N LYS H 207 -5.29 5.16 49.50
CA LYS H 207 -5.10 4.83 50.90
C LYS H 207 -5.79 3.51 51.20
N LYS H 208 -5.06 2.58 51.81
CA LYS H 208 -5.62 1.29 52.13
C LYS H 208 -6.67 1.43 53.23
N PRO H 209 -7.67 0.55 53.26
CA PRO H 209 -8.68 0.62 54.32
C PRO H 209 -8.05 0.44 55.70
N ALA H 210 -8.58 1.16 56.68
CA ALA H 210 -8.07 1.08 58.03
C ALA H 210 -8.39 -0.28 58.63
N GLY H 211 -7.36 -0.95 59.15
CA GLY H 211 -7.49 -2.26 59.74
C GLY H 211 -7.58 -2.29 61.25
N GLY H 212 -7.53 -1.14 61.91
CA GLY H 212 -7.58 -1.13 63.36
C GLY H 212 -6.41 -1.89 63.95
N VAL H 213 -6.71 -2.76 64.90
CA VAL H 213 -5.71 -3.56 65.61
C VAL H 213 -5.84 -5.00 65.17
N ASP H 214 -4.73 -5.58 64.73
CA ASP H 214 -4.67 -6.99 64.33
C ASP H 214 -3.51 -7.64 65.07
N PHE H 215 -3.83 -8.44 66.09
CA PHE H 215 -2.79 -9.04 66.92
C PHE H 215 -1.98 -10.05 66.11
N ASP H 216 -0.67 -10.06 66.36
CA ASP H 216 0.24 -10.97 65.67
C ASP H 216 -0.06 -12.42 66.05
N THR M 43 11.69 48.49 -88.52
CA THR M 43 10.48 48.20 -87.76
C THR M 43 9.24 48.70 -88.50
N ARG M 44 8.28 47.80 -88.71
CA ARG M 44 7.05 48.19 -89.40
C ARG M 44 6.28 49.23 -88.57
N PHE M 45 6.21 49.04 -87.26
CA PHE M 45 5.54 49.99 -86.38
C PHE M 45 6.58 50.83 -85.66
N PRO M 46 6.98 51.98 -86.21
CA PRO M 46 8.00 52.81 -85.54
C PRO M 46 7.55 53.31 -84.17
N GLY M 47 6.26 53.37 -83.90
CA GLY M 47 5.74 53.88 -82.65
C GLY M 47 5.59 52.85 -81.56
N VAL M 48 6.06 51.62 -81.76
CA VAL M 48 5.94 50.54 -80.78
C VAL M 48 7.32 50.00 -80.48
N ALA M 49 7.62 49.82 -79.20
CA ALA M 49 8.88 49.23 -78.75
C ALA M 49 8.57 48.35 -77.55
N ILE M 50 8.72 47.05 -77.70
CA ILE M 50 8.33 46.07 -76.69
C ILE M 50 9.58 45.48 -76.05
N TYR M 51 9.57 45.37 -74.73
CA TYR M 51 10.66 44.77 -73.97
C TYR M 51 10.08 43.72 -73.04
N LEU M 52 10.65 42.51 -73.10
CA LEU M 52 10.20 41.41 -72.26
C LEU M 52 10.99 41.39 -70.95
N VAL M 53 10.70 40.41 -70.11
CA VAL M 53 11.35 40.25 -68.82
C VAL M 53 11.78 38.80 -68.65
N GLU M 54 13.02 38.60 -68.22
CA GLU M 54 13.61 37.28 -68.05
C GLU M 54 13.17 36.59 -66.76
N PRO M 55 13.09 37.30 -65.62
CA PRO M 55 12.94 36.62 -64.32
C PRO M 55 11.98 35.44 -64.30
N ARG M 56 10.73 35.65 -64.69
CA ARG M 56 9.71 34.62 -64.59
C ARG M 56 9.49 33.86 -65.90
N MET M 57 9.55 34.54 -67.04
CA MET M 57 9.29 33.87 -68.32
C MET M 57 10.31 32.78 -68.59
N GLY M 58 11.59 33.07 -68.36
CA GLY M 58 12.67 32.15 -68.67
C GLY M 58 13.34 32.48 -69.99
N ARG M 59 14.49 31.84 -70.20
CA ARG M 59 15.29 32.12 -71.39
C ARG M 59 14.62 31.58 -72.65
N SER M 60 14.16 30.33 -72.60
CA SER M 60 13.58 29.72 -73.79
C SER M 60 12.29 30.42 -74.21
N ARG M 61 11.42 30.70 -73.24
CA ARG M 61 10.16 31.39 -73.56
C ARG M 61 10.44 32.79 -74.11
N ARG M 62 11.38 33.50 -73.49
CA ARG M 62 11.73 34.84 -73.97
C ARG M 62 12.24 34.77 -75.40
N ALA M 63 13.13 33.80 -75.69
CA ALA M 63 13.67 33.69 -77.04
C ALA M 63 12.57 33.37 -78.05
N PHE M 64 11.68 32.44 -77.71
CA PHE M 64 10.61 32.08 -78.64
C PHE M 64 9.69 33.26 -78.90
N LEU M 65 9.29 33.97 -77.83
CA LEU M 65 8.40 35.11 -78.01
C LEU M 65 9.07 36.21 -78.83
N THR M 66 10.36 36.47 -78.57
CA THR M 66 11.07 37.48 -79.33
C THR M 66 11.15 37.09 -80.81
N GLY M 67 11.44 35.83 -81.09
CA GLY M 67 11.49 35.38 -82.47
C GLY M 67 10.15 35.52 -83.17
N LEU M 68 9.07 35.13 -82.49
CA LEU M 68 7.74 35.24 -83.07
C LEU M 68 7.39 36.70 -83.35
N ALA M 69 7.67 37.58 -82.39
CA ALA M 69 7.38 39.01 -82.58
C ALA M 69 8.20 39.57 -83.73
N ARG M 70 9.47 39.20 -83.82
CA ARG M 70 10.31 39.66 -84.93
C ARG M 70 9.75 39.18 -86.26
N SER M 71 9.29 37.93 -86.31
CA SER M 71 8.67 37.43 -87.54
C SER M 71 7.42 38.22 -87.90
N LYS M 72 6.62 38.59 -86.90
CA LYS M 72 5.41 39.36 -87.13
C LYS M 72 5.67 40.86 -87.30
N GLY M 73 6.91 41.27 -87.54
CA GLY M 73 7.22 42.65 -87.85
C GLY M 73 7.33 43.58 -86.65
N PHE M 74 7.16 43.07 -85.43
CA PHE M 74 7.26 43.90 -84.25
C PHE M 74 8.72 44.27 -83.98
N ARG M 75 8.90 45.24 -83.09
CA ARG M 75 10.23 45.70 -82.67
C ARG M 75 10.42 45.30 -81.21
N VAL M 76 11.40 44.42 -80.98
CA VAL M 76 11.71 43.92 -79.64
C VAL M 76 13.12 44.36 -79.28
N LEU M 77 13.26 45.00 -78.13
CA LEU M 77 14.55 45.51 -77.68
C LEU M 77 15.27 44.43 -76.88
N ASP M 78 16.51 44.14 -77.28
CA ASP M 78 17.30 43.12 -76.58
C ASP M 78 17.56 43.52 -75.13
N ALA M 79 17.87 44.79 -74.90
CA ALA M 79 18.17 45.30 -73.56
C ALA M 79 17.27 46.47 -73.24
N CYS M 80 16.92 46.60 -71.97
CA CYS M 80 16.06 47.69 -71.54
C CYS M 80 16.71 49.04 -71.81
N SER M 81 15.92 49.98 -72.28
CA SER M 81 16.40 51.32 -72.59
C SER M 81 15.23 52.28 -72.58
N SER M 82 15.55 53.58 -72.67
CA SER M 82 14.51 54.60 -72.68
C SER M 82 13.60 54.45 -73.90
N GLU M 83 14.13 53.86 -74.99
CA GLU M 83 13.32 53.69 -76.19
C GLU M 83 12.12 52.79 -75.94
N ALA M 84 12.21 51.88 -74.98
CA ALA M 84 11.11 50.98 -74.69
C ALA M 84 9.88 51.77 -74.27
N THR M 85 8.73 51.43 -74.85
CA THR M 85 7.46 52.07 -74.54
C THR M 85 6.53 51.19 -73.73
N HIS M 86 6.62 49.87 -73.87
CA HIS M 86 5.78 48.95 -73.11
C HIS M 86 6.63 47.77 -72.66
N VAL M 87 6.31 47.25 -71.47
CA VAL M 87 7.00 46.11 -70.89
C VAL M 87 5.96 45.06 -70.52
N VAL M 88 6.30 43.79 -70.72
CA VAL M 88 5.39 42.67 -70.51
C VAL M 88 5.98 41.75 -69.46
N MET M 89 5.18 41.41 -68.46
CA MET M 89 5.52 40.44 -67.44
C MET M 89 4.81 39.12 -67.74
N GLU M 90 4.90 38.16 -66.82
CA GLU M 90 4.22 36.89 -66.98
C GLU M 90 4.15 36.19 -65.63
N GLU M 91 2.94 35.82 -65.21
CA GLU M 91 2.73 35.09 -63.97
C GLU M 91 3.37 35.83 -62.79
N THR M 92 3.23 37.15 -62.79
CA THR M 92 3.78 38.00 -61.73
C THR M 92 2.67 38.87 -61.16
N SER M 93 2.64 38.98 -59.84
CA SER M 93 1.67 39.86 -59.19
C SER M 93 1.95 41.31 -59.56
N ALA M 94 0.88 42.12 -59.58
CA ALA M 94 1.02 43.51 -59.98
C ALA M 94 2.01 44.23 -59.07
N GLU M 95 1.86 44.09 -57.75
CA GLU M 95 2.74 44.79 -56.83
C GLU M 95 4.20 44.46 -57.11
N GLU M 96 4.52 43.18 -57.25
CA GLU M 96 5.89 42.80 -57.57
C GLU M 96 6.38 43.50 -58.83
N ALA M 97 5.52 43.58 -59.85
CA ALA M 97 5.92 44.26 -61.08
C ALA M 97 6.34 45.70 -60.79
N VAL M 98 5.61 46.38 -59.91
CA VAL M 98 5.97 47.75 -59.56
C VAL M 98 7.39 47.79 -59.03
N SER M 99 7.76 46.82 -58.19
CA SER M 99 9.12 46.77 -57.66
C SER M 99 10.14 46.74 -58.79
N TRP M 100 9.83 46.02 -59.87
CA TRP M 100 10.74 46.01 -61.02
C TRP M 100 10.84 47.39 -61.66
N GLN M 101 9.71 48.09 -61.78
CA GLN M 101 9.73 49.39 -62.43
C GLN M 101 10.60 50.39 -61.68
N GLU M 102 10.43 50.46 -60.37
CA GLU M 102 11.18 51.44 -59.58
C GLU M 102 12.68 51.21 -59.68
N ARG M 103 13.11 49.95 -59.58
CA ARG M 103 14.53 49.66 -59.70
C ARG M 103 15.08 50.08 -61.06
N ARG M 104 14.22 50.22 -62.06
CA ARG M 104 14.64 50.70 -63.36
C ARG M 104 14.55 52.22 -63.50
N MET M 105 13.71 52.87 -62.68
CA MET M 105 13.56 54.32 -62.79
C MET M 105 14.77 55.05 -62.23
N ALA M 106 15.40 54.50 -61.19
CA ALA M 106 16.54 55.17 -60.58
C ALA M 106 17.72 55.27 -61.54
N ALA M 107 17.83 54.35 -62.49
CA ALA M 107 18.94 54.32 -63.43
C ALA M 107 18.64 55.05 -64.74
N ALA M 108 17.44 55.67 -64.87
CA ALA M 108 17.08 56.35 -66.09
C ALA M 108 17.20 57.86 -65.91
N PRO M 109 17.52 58.61 -66.98
CA PRO M 109 17.59 60.06 -66.85
C PRO M 109 16.25 60.64 -66.47
N PRO M 110 16.23 61.73 -65.72
CA PRO M 110 14.94 62.35 -65.35
C PRO M 110 14.23 62.91 -66.57
N GLY M 111 12.89 62.94 -66.48
CA GLY M 111 12.05 63.47 -67.53
C GLY M 111 11.60 62.45 -68.55
N CYS M 112 12.11 61.22 -68.49
CA CYS M 112 11.69 60.18 -69.42
C CYS M 112 10.33 59.63 -69.00
N THR M 113 9.43 59.50 -69.96
CA THR M 113 8.09 58.99 -69.68
C THR M 113 8.18 57.51 -69.33
N PRO M 114 7.72 57.06 -68.16
CA PRO M 114 7.83 55.66 -67.80
C PRO M 114 7.03 54.78 -68.74
N PRO M 115 7.52 53.59 -69.07
CA PRO M 115 6.72 52.66 -69.89
C PRO M 115 5.45 52.26 -69.17
N ALA M 116 4.59 51.54 -69.90
CA ALA M 116 3.32 51.06 -69.37
C ALA M 116 3.42 49.58 -69.09
N LEU M 117 3.10 49.19 -67.86
CA LEU M 117 3.11 47.78 -67.48
C LEU M 117 2.05 47.02 -68.26
N LEU M 118 2.40 45.81 -68.70
CA LEU M 118 1.50 44.98 -69.48
C LEU M 118 1.73 43.51 -69.11
N ASP M 119 0.75 42.69 -69.43
CA ASP M 119 0.81 41.25 -69.21
C ASP M 119 1.08 40.52 -70.51
N ILE M 120 1.52 39.26 -70.38
CA ILE M 120 1.77 38.44 -71.55
C ILE M 120 0.51 38.25 -72.38
N SER M 121 -0.66 38.37 -71.75
CA SER M 121 -1.92 38.25 -72.50
C SER M 121 -1.99 39.29 -73.60
N TRP M 122 -1.53 40.52 -73.31
CA TRP M 122 -1.55 41.57 -74.32
C TRP M 122 -0.70 41.19 -75.53
N LEU M 123 0.52 40.70 -75.27
CA LEU M 123 1.41 40.34 -76.37
C LEU M 123 0.85 39.16 -77.16
N THR M 124 0.30 38.17 -76.49
CA THR M 124 -0.28 37.03 -77.19
C THR M 124 -1.46 37.46 -78.05
N GLU M 125 -2.33 38.32 -77.51
CA GLU M 125 -3.46 38.81 -78.30
C GLU M 125 -2.99 39.62 -79.50
N SER M 126 -1.96 40.45 -79.31
CA SER M 126 -1.44 41.24 -80.42
C SER M 126 -0.87 40.33 -81.51
N LEU M 127 -0.12 39.31 -81.12
CA LEU M 127 0.43 38.38 -82.10
C LEU M 127 -0.67 37.63 -82.84
N GLY M 128 -1.69 37.19 -82.09
CA GLY M 128 -2.77 36.44 -82.73
C GLY M 128 -3.58 37.27 -83.69
N ALA M 129 -3.93 38.51 -83.30
CA ALA M 129 -4.72 39.38 -84.14
C ALA M 129 -3.91 40.02 -85.26
N GLY M 130 -2.59 40.00 -85.17
CA GLY M 130 -1.72 40.56 -86.18
C GLY M 130 -1.39 42.03 -85.99
N GLN M 131 -2.06 42.73 -85.09
CA GLN M 131 -1.81 44.14 -84.84
C GLN M 131 -1.85 44.39 -83.34
N PRO M 132 -1.16 45.44 -82.87
CA PRO M 132 -1.23 45.77 -81.44
C PRO M 132 -2.66 46.07 -81.02
N VAL M 133 -3.18 45.24 -80.12
CA VAL M 133 -4.55 45.38 -79.63
C VAL M 133 -4.62 46.60 -78.70
N PRO M 134 -5.78 47.24 -78.56
CA PRO M 134 -5.87 48.35 -77.61
C PRO M 134 -5.62 47.89 -76.19
N VAL M 135 -4.97 48.74 -75.41
CA VAL M 135 -4.67 48.43 -74.02
C VAL M 135 -5.93 48.63 -73.18
N GLU M 136 -6.24 47.65 -72.35
CA GLU M 136 -7.43 47.67 -71.50
C GLU M 136 -7.02 47.53 -70.03
N CYS M 137 -8.03 47.47 -69.16
CA CYS M 137 -7.78 47.43 -67.73
C CYS M 137 -7.02 46.17 -67.34
N ARG M 138 -7.38 45.02 -67.92
CA ARG M 138 -6.73 43.77 -67.56
C ARG M 138 -5.23 43.84 -67.84
N HIS M 139 -4.85 44.35 -69.00
CA HIS M 139 -3.43 44.43 -69.36
C HIS M 139 -2.69 45.37 -68.42
N ARG M 140 -3.30 46.50 -68.08
CA ARG M 140 -2.67 47.47 -67.19
C ARG M 140 -2.55 46.89 -65.77
N ALA M 154 3.02 51.56 -32.44
CA ALA M 154 3.50 52.76 -33.11
C ALA M 154 2.33 53.68 -33.47
N TRP M 155 1.19 53.07 -33.81
CA TRP M 155 -0.02 53.79 -34.18
C TRP M 155 -1.07 53.57 -33.10
N MET M 156 -1.46 54.65 -32.43
CA MET M 156 -2.47 54.58 -31.37
C MET M 156 -2.11 53.50 -30.37
N PRO M 157 -1.07 53.71 -29.56
CA PRO M 157 -0.68 52.68 -28.58
C PRO M 157 -1.82 52.36 -27.62
N ALA M 158 -1.88 51.09 -27.22
CA ALA M 158 -2.97 50.64 -26.35
C ALA M 158 -2.97 51.40 -25.03
N TYR M 159 -1.78 51.58 -24.43
CA TYR M 159 -1.69 52.27 -23.16
C TYR M 159 -2.03 53.75 -23.33
N ALA M 160 -2.81 54.28 -22.40
CA ALA M 160 -3.18 55.70 -22.44
C ALA M 160 -2.02 56.62 -22.11
N CYS M 161 -0.92 56.09 -21.56
CA CYS M 161 0.23 56.91 -21.20
C CYS M 161 1.03 57.36 -22.42
N GLN M 162 0.83 56.74 -23.58
CA GLN M 162 1.60 57.07 -24.76
C GLN M 162 0.90 58.05 -25.71
N ARG M 163 -0.41 58.24 -25.54
CA ARG M 163 -1.19 59.11 -26.43
C ARG M 163 -1.72 60.31 -25.65
N PRO M 164 -1.40 61.55 -26.03
CA PRO M 164 -1.97 62.70 -25.32
C PRO M 164 -3.49 62.74 -25.48
N THR M 165 -4.16 63.22 -24.44
CA THR M 165 -5.62 63.28 -24.38
C THR M 165 -6.05 64.67 -23.95
N PRO M 166 -6.36 65.57 -24.89
CA PRO M 166 -6.82 66.90 -24.51
C PRO M 166 -8.16 66.86 -23.79
N LEU M 167 -8.39 67.86 -22.95
CA LEU M 167 -9.62 67.90 -22.16
C LEU M 167 -10.85 67.97 -23.05
N THR M 168 -10.81 68.83 -24.07
CA THR M 168 -11.93 69.00 -24.99
C THR M 168 -11.68 68.20 -26.25
N HIS M 169 -12.64 67.36 -26.62
CA HIS M 169 -12.52 66.48 -27.78
C HIS M 169 -13.73 66.68 -28.68
N HIS M 170 -13.74 65.94 -29.80
CA HIS M 170 -14.80 66.04 -30.79
C HIS M 170 -15.74 64.83 -30.77
N ASN M 171 -15.69 64.04 -29.70
CA ASN M 171 -16.50 62.83 -29.56
C ASN M 171 -17.24 62.84 -28.23
N THR M 172 -17.90 63.95 -27.92
CA THR M 172 -18.54 64.10 -26.62
C THR M 172 -19.66 63.07 -26.42
N GLY M 173 -20.51 62.89 -27.43
CA GLY M 173 -21.64 61.99 -27.27
C GLY M 173 -21.22 60.54 -27.07
N LEU M 174 -20.28 60.07 -27.89
CA LEU M 174 -19.82 58.69 -27.78
C LEU M 174 -19.12 58.45 -26.45
N SER M 175 -18.29 59.41 -26.03
CA SER M 175 -17.60 59.27 -24.75
C SER M 175 -18.60 59.25 -23.60
N GLU M 176 -19.63 60.09 -23.66
CA GLU M 176 -20.64 60.09 -22.61
C GLU M 176 -21.38 58.76 -22.57
N ALA M 177 -21.73 58.21 -23.74
CA ALA M 177 -22.41 56.92 -23.77
C ALA M 177 -21.53 55.82 -23.19
N LEU M 178 -20.25 55.80 -23.56
CA LEU M 178 -19.36 54.78 -23.03
C LEU M 178 -19.17 54.94 -21.53
N GLU M 179 -19.11 56.18 -21.04
CA GLU M 179 -18.99 56.40 -19.61
C GLU M 179 -20.24 55.91 -18.88
N ILE M 180 -21.42 56.14 -19.46
CA ILE M 180 -22.65 55.65 -18.85
C ILE M 180 -22.63 54.13 -18.78
N LEU M 181 -22.22 53.48 -19.87
CA LEU M 181 -22.14 52.02 -19.85
C LEU M 181 -21.15 51.53 -18.81
N ALA M 182 -20.00 52.22 -18.69
CA ALA M 182 -19.01 51.83 -17.69
C ALA M 182 -19.56 51.99 -16.28
N GLU M 183 -20.29 53.07 -16.02
CA GLU M 183 -20.90 53.26 -14.70
C GLU M 183 -21.91 52.16 -14.41
N ALA M 184 -22.72 51.80 -15.40
CA ALA M 184 -23.68 50.72 -15.19
C ALA M 184 -22.96 49.41 -14.88
N ALA M 185 -21.88 49.12 -15.62
CA ALA M 185 -21.13 47.89 -15.37
C ALA M 185 -20.52 47.91 -13.97
N GLY M 186 -19.96 49.05 -13.55
CA GLY M 186 -19.41 49.14 -12.22
C GLY M 186 -20.46 48.93 -11.14
N PHE M 187 -21.65 49.48 -11.34
CA PHE M 187 -22.75 49.22 -10.41
C PHE M 187 -23.09 47.73 -10.38
N GLU M 188 -23.08 47.08 -11.54
CA GLU M 188 -23.34 45.65 -11.58
C GLU M 188 -22.28 44.83 -10.85
N GLY M 189 -21.11 45.42 -10.60
CA GLY M 189 -20.06 44.75 -9.85
C GLY M 189 -18.94 44.15 -10.68
N SER M 190 -18.95 44.35 -11.99
CA SER M 190 -17.90 43.83 -12.87
C SER M 190 -16.86 44.93 -13.09
N GLU M 191 -15.71 44.81 -12.43
CA GLU M 191 -14.68 45.83 -12.56
C GLU M 191 -14.02 45.79 -13.93
N GLY M 192 -13.84 44.60 -14.49
CA GLY M 192 -13.21 44.50 -15.80
C GLY M 192 -14.01 45.17 -16.89
N ARG M 193 -15.33 45.02 -16.86
CA ARG M 193 -16.19 45.69 -17.83
C ARG M 193 -16.05 47.20 -17.72
N LEU M 194 -16.05 47.73 -16.50
CA LEU M 194 -15.85 49.15 -16.31
C LEU M 194 -14.51 49.60 -16.87
N LEU M 195 -13.46 48.83 -16.60
CA LEU M 195 -12.12 49.21 -17.06
C LEU M 195 -12.05 49.23 -18.58
N THR M 196 -12.60 48.21 -19.24
CA THR M 196 -12.53 48.17 -20.69
C THR M 196 -13.38 49.27 -21.32
N PHE M 197 -14.56 49.55 -20.76
CA PHE M 197 -15.37 50.64 -21.30
C PHE M 197 -14.68 51.99 -21.11
N CYS M 198 -14.04 52.20 -19.95
CA CYS M 198 -13.29 53.42 -19.74
C CYS M 198 -12.14 53.55 -20.73
N ARG M 199 -11.44 52.44 -21.00
CA ARG M 199 -10.36 52.47 -21.97
C ARG M 199 -10.88 52.82 -23.36
N ALA M 200 -12.02 52.24 -23.75
CA ALA M 200 -12.60 52.57 -25.05
C ALA M 200 -12.97 54.03 -25.13
N ALA M 201 -13.59 54.58 -24.07
CA ALA M 201 -13.93 55.99 -24.05
C ALA M 201 -12.68 56.85 -24.17
N SER M 202 -11.62 56.50 -23.44
CA SER M 202 -10.38 57.26 -23.53
C SER M 202 -9.80 57.21 -24.93
N VAL M 203 -9.85 56.04 -25.58
CA VAL M 203 -9.36 55.92 -26.95
C VAL M 203 -10.14 56.83 -27.87
N LEU M 204 -11.48 56.84 -27.73
CA LEU M 204 -12.29 57.73 -28.55
C LEU M 204 -11.99 59.19 -28.25
N LYS M 205 -11.56 59.50 -27.03
CA LYS M 205 -11.33 60.89 -26.65
C LYS M 205 -10.09 61.47 -27.31
N ALA M 206 -9.13 60.62 -27.68
CA ALA M 206 -7.84 61.08 -28.18
C ALA M 206 -7.79 61.16 -29.71
N LEU M 207 -8.91 60.94 -30.39
CA LEU M 207 -8.91 60.95 -31.84
C LEU M 207 -8.62 62.36 -32.36
N PRO M 208 -7.63 62.53 -33.23
CA PRO M 208 -7.36 63.88 -33.77
C PRO M 208 -8.54 64.49 -34.50
N SER M 209 -9.35 63.68 -35.17
CA SER M 209 -10.47 64.15 -35.97
C SER M 209 -11.74 63.42 -35.58
N PRO M 210 -12.90 64.02 -35.80
CA PRO M 210 -14.15 63.33 -35.44
C PRO M 210 -14.33 62.04 -36.22
N VAL M 211 -15.03 61.10 -35.60
CA VAL M 211 -15.35 59.82 -36.23
C VAL M 211 -16.72 59.94 -36.88
N THR M 212 -16.78 59.65 -38.19
CA THR M 212 -18.01 59.70 -38.95
C THR M 212 -18.38 58.38 -39.61
N THR M 213 -17.42 57.48 -39.80
CA THR M 213 -17.67 56.17 -40.39
C THR M 213 -17.02 55.10 -39.53
N LEU M 214 -17.64 53.91 -39.51
CA LEU M 214 -17.14 52.82 -38.70
C LEU M 214 -15.73 52.39 -39.10
N SER M 215 -15.33 52.67 -40.35
CA SER M 215 -14.03 52.21 -40.82
C SER M 215 -12.89 52.80 -40.01
N GLN M 216 -13.12 53.88 -39.27
CA GLN M 216 -12.09 54.50 -38.47
C GLN M 216 -11.87 53.79 -37.14
N LEU M 217 -12.67 52.78 -36.81
CA LEU M 217 -12.52 52.04 -35.56
C LEU M 217 -11.65 50.79 -35.69
N GLN M 218 -11.15 50.51 -36.89
CA GLN M 218 -10.39 49.28 -37.10
C GLN M 218 -9.10 49.28 -36.28
N GLY M 219 -8.32 50.34 -36.40
CA GLY M 219 -7.02 50.40 -35.75
C GLY M 219 -7.04 50.79 -34.28
N LEU M 220 -8.18 51.21 -33.77
CA LEU M 220 -8.26 51.66 -32.38
C LEU M 220 -8.25 50.44 -31.46
N PRO M 221 -7.34 50.36 -30.49
CA PRO M 221 -7.34 49.22 -29.57
C PRO M 221 -8.49 49.31 -28.57
N HIS M 222 -8.67 48.21 -27.85
CA HIS M 222 -9.72 48.10 -26.84
C HIS M 222 -11.09 48.38 -27.45
N PHE M 223 -11.32 47.89 -28.66
CA PHE M 223 -12.58 48.06 -29.37
C PHE M 223 -12.97 46.70 -29.97
N GLY M 224 -13.79 45.97 -29.25
CA GLY M 224 -14.26 44.66 -29.67
C GLY M 224 -15.66 44.71 -30.25
N GLU M 225 -16.40 43.61 -30.06
CA GLU M 225 -17.74 43.53 -30.62
C GLU M 225 -18.69 44.50 -29.95
N HIS M 226 -18.68 44.55 -28.62
CA HIS M 226 -19.67 45.34 -27.89
C HIS M 226 -19.49 46.83 -28.15
N SER M 227 -18.27 47.34 -28.00
CA SER M 227 -18.03 48.76 -28.20
C SER M 227 -18.27 49.15 -29.65
N SER M 228 -17.83 48.32 -30.59
CA SER M 228 -18.07 48.61 -32.00
C SER M 228 -19.56 48.67 -32.30
N ARG M 229 -20.33 47.72 -31.77
CA ARG M 229 -21.77 47.73 -31.99
C ARG M 229 -22.41 48.97 -31.38
N VAL M 230 -21.97 49.37 -30.19
CA VAL M 230 -22.54 50.55 -29.54
C VAL M 230 -22.26 51.79 -30.39
N VAL M 231 -21.02 51.92 -30.87
CA VAL M 231 -20.68 53.09 -31.67
C VAL M 231 -21.44 53.07 -33.00
N GLN M 232 -21.61 51.89 -33.59
CA GLN M 232 -22.37 51.79 -34.83
C GLN M 232 -23.82 52.20 -34.62
N GLU M 233 -24.43 51.75 -33.52
CA GLU M 233 -25.79 52.15 -33.21
C GLU M 233 -25.88 53.66 -33.01
N LEU M 234 -24.91 54.24 -32.31
CA LEU M 234 -24.92 55.67 -32.07
C LEU M 234 -24.81 56.45 -33.38
N LEU M 235 -23.92 56.01 -34.27
CA LEU M 235 -23.70 56.74 -35.52
C LEU M 235 -24.87 56.59 -36.48
N GLU M 236 -25.37 55.36 -36.65
CA GLU M 236 -26.36 55.12 -37.69
C GLU M 236 -27.70 55.78 -37.35
N HIS M 237 -28.18 55.58 -36.13
CA HIS M 237 -29.51 56.04 -35.75
C HIS M 237 -29.49 57.21 -34.77
N GLY M 238 -28.32 57.61 -34.28
CA GLY M 238 -28.24 58.68 -33.29
C GLY M 238 -28.26 58.14 -31.87
N VAL M 239 -29.43 58.18 -31.24
CA VAL M 239 -29.55 57.66 -29.88
C VAL M 239 -29.47 56.13 -29.92
N CYS M 240 -28.66 55.56 -29.02
CA CYS M 240 -28.46 54.12 -28.97
C CYS M 240 -29.51 53.48 -28.07
N GLU M 241 -30.06 52.35 -28.54
CA GLU M 241 -31.11 51.67 -27.79
C GLU M 241 -30.60 51.17 -26.45
N GLU M 242 -29.43 50.54 -26.45
CA GLU M 242 -28.91 49.95 -25.21
C GLU M 242 -28.62 51.04 -24.18
N VAL M 243 -28.05 52.17 -24.61
CA VAL M 243 -27.72 53.24 -23.68
C VAL M 243 -28.98 53.76 -23.00
N GLU M 244 -30.02 54.01 -23.79
CA GLU M 244 -31.28 54.48 -23.20
C GLU M 244 -31.90 53.43 -22.30
N ARG M 245 -31.83 52.16 -22.70
CA ARG M 245 -32.40 51.10 -21.88
C ARG M 245 -31.72 51.03 -20.52
N VAL M 246 -30.39 51.13 -20.49
CA VAL M 246 -29.67 51.06 -19.22
C VAL M 246 -29.90 52.33 -18.41
N ARG M 247 -29.95 53.49 -19.08
CA ARG M 247 -30.09 54.75 -18.35
C ARG M 247 -31.47 54.86 -17.71
N ARG M 248 -32.53 54.59 -18.48
CA ARG M 248 -33.88 54.71 -17.96
C ARG M 248 -34.17 53.71 -16.84
N SER M 249 -33.35 52.68 -16.71
CA SER M 249 -33.57 51.69 -15.66
C SER M 249 -33.54 52.35 -14.29
N GLU M 250 -34.52 52.02 -13.45
CA GLU M 250 -34.60 52.62 -12.13
C GLU M 250 -33.37 52.28 -11.29
N ARG M 251 -32.81 51.09 -11.48
CA ARG M 251 -31.64 50.71 -10.69
C ARG M 251 -30.48 51.64 -10.95
N TYR M 252 -30.23 51.99 -12.21
CA TYR M 252 -29.12 52.89 -12.54
C TYR M 252 -29.33 54.25 -11.87
N GLN M 253 -30.55 54.79 -11.97
CA GLN M 253 -30.81 56.10 -11.41
C GLN M 253 -30.65 56.11 -9.89
N THR M 254 -31.21 55.10 -9.22
CA THR M 254 -31.11 55.06 -7.76
C THR M 254 -29.67 54.83 -7.32
N MET M 255 -28.92 53.99 -8.03
CA MET M 255 -27.52 53.79 -7.68
C MET M 255 -26.72 55.07 -7.86
N LYS M 256 -26.98 55.81 -8.95
CA LYS M 256 -26.30 57.08 -9.15
C LYS M 256 -26.66 58.07 -8.04
N LEU M 257 -27.92 58.09 -7.64
CA LEU M 257 -28.34 58.98 -6.55
C LEU M 257 -27.63 58.63 -5.25
N PHE M 258 -27.54 57.33 -4.94
CA PHE M 258 -26.95 56.93 -3.66
C PHE M 258 -25.44 57.12 -3.65
N THR M 259 -24.77 56.84 -4.78
CA THR M 259 -23.31 56.91 -4.80
C THR M 259 -22.82 58.34 -4.58
N GLN M 260 -23.56 59.34 -5.04
CA GLN M 260 -23.14 60.72 -4.84
C GLN M 260 -23.06 61.10 -3.37
N ILE M 261 -23.72 60.34 -2.48
CA ILE M 261 -23.64 60.62 -1.06
C ILE M 261 -22.23 60.33 -0.58
N PHE M 262 -21.64 61.30 0.12
CA PHE M 262 -20.30 61.11 0.67
C PHE M 262 -20.30 59.96 1.66
N GLY M 263 -19.33 59.07 1.53
CA GLY M 263 -19.24 57.90 2.38
C GLY M 263 -20.10 56.73 1.96
N VAL M 264 -20.76 56.81 0.81
CA VAL M 264 -21.60 55.75 0.30
C VAL M 264 -20.98 55.24 -1.00
N GLY M 265 -20.57 53.97 -0.99
CA GLY M 265 -19.98 53.33 -2.15
C GLY M 265 -20.98 52.49 -2.93
N VAL M 266 -20.43 51.66 -3.82
CA VAL M 266 -21.28 50.80 -4.63
C VAL M 266 -21.91 49.70 -3.77
N LYS M 267 -21.13 49.13 -2.85
CA LYS M 267 -21.64 48.04 -2.03
C LYS M 267 -22.78 48.51 -1.13
N THR M 268 -22.59 49.65 -0.45
CA THR M 268 -23.64 50.17 0.42
C THR M 268 -24.86 50.56 -0.40
N ALA M 269 -24.66 51.16 -1.57
CA ALA M 269 -25.79 51.54 -2.41
C ALA M 269 -26.58 50.31 -2.83
N ASP M 270 -25.90 49.24 -3.24
CA ASP M 270 -26.59 48.00 -3.61
C ASP M 270 -27.33 47.41 -2.41
N ARG M 271 -26.69 47.42 -1.23
CA ARG M 271 -27.32 46.88 -0.04
C ARG M 271 -28.61 47.64 0.28
N TRP M 272 -28.58 48.97 0.19
CA TRP M 272 -29.79 49.75 0.41
C TRP M 272 -30.83 49.46 -0.66
N TYR M 273 -30.40 49.32 -1.91
CA TYR M 273 -31.34 49.07 -3.00
C TYR M 273 -32.08 47.76 -2.79
N ARG M 274 -31.37 46.71 -2.40
CA ARG M 274 -32.01 45.42 -2.15
C ARG M 274 -32.79 45.39 -0.85
N GLU M 275 -32.63 46.39 0.01
CA GLU M 275 -33.36 46.47 1.27
C GLU M 275 -34.66 47.25 1.15
N GLY M 276 -34.98 47.78 -0.04
CA GLY M 276 -36.20 48.53 -0.23
C GLY M 276 -36.04 50.04 -0.16
N LEU M 277 -34.82 50.53 0.04
CA LEU M 277 -34.57 51.97 0.10
C LEU M 277 -34.41 52.51 -1.32
N ARG M 278 -35.34 53.36 -1.74
CA ARG M 278 -35.39 53.85 -3.11
C ARG M 278 -35.24 55.35 -3.26
N THR M 279 -35.51 56.13 -2.21
CA THR M 279 -35.49 57.59 -2.30
C THR M 279 -34.59 58.17 -1.22
N LEU M 280 -34.11 59.39 -1.47
CA LEU M 280 -33.20 60.04 -0.54
C LEU M 280 -33.88 60.29 0.81
N ASP M 281 -35.14 60.72 0.79
CA ASP M 281 -35.84 61.00 2.04
C ASP M 281 -35.94 59.75 2.90
N ASP M 282 -36.15 58.59 2.28
CA ASP M 282 -36.24 57.36 3.04
C ASP M 282 -34.99 57.13 3.88
N LEU M 283 -33.83 57.54 3.38
CA LEU M 283 -32.60 57.40 4.16
C LEU M 283 -32.68 58.23 5.45
N ARG M 284 -33.22 59.44 5.36
CA ARG M 284 -33.31 60.30 6.53
C ARG M 284 -34.32 59.78 7.55
N GLU M 285 -35.21 58.88 7.15
CA GLU M 285 -36.20 58.35 8.08
C GLU M 285 -35.60 57.37 9.08
N GLN M 286 -34.42 56.82 8.80
CA GLN M 286 -33.75 55.86 9.68
C GLN M 286 -32.32 56.30 9.89
N PRO M 287 -32.09 57.34 10.71
CA PRO M 287 -30.73 57.85 10.96
C PRO M 287 -30.00 57.10 12.07
N GLN M 288 -30.06 55.76 12.02
CA GLN M 288 -29.38 54.92 13.00
C GLN M 288 -28.49 53.85 12.37
N LYS M 289 -28.52 53.68 11.05
CA LYS M 289 -27.67 52.73 10.36
C LYS M 289 -26.66 53.44 9.45
N LEU M 290 -26.32 54.67 9.79
CA LEU M 290 -25.39 55.49 9.01
C LEU M 290 -24.23 55.91 9.87
N THR M 291 -23.01 55.76 9.35
CA THR M 291 -21.82 56.14 10.08
C THR M 291 -21.66 57.66 10.02
N GLN M 292 -20.54 58.17 10.55
CA GLN M 292 -20.31 59.61 10.52
C GLN M 292 -20.22 60.13 9.08
N GLN M 293 -19.51 59.40 8.22
CA GLN M 293 -19.34 59.85 6.84
C GLN M 293 -20.69 59.95 6.14
N GLN M 294 -21.52 58.92 6.25
CA GLN M 294 -22.80 58.92 5.57
C GLN M 294 -23.72 60.02 6.11
N LYS M 295 -23.75 60.21 7.43
CA LYS M 295 -24.58 61.25 8.01
C LYS M 295 -24.13 62.63 7.54
N ALA M 296 -22.82 62.89 7.56
CA ALA M 296 -22.32 64.18 7.11
C ALA M 296 -22.63 64.41 5.65
N GLY M 297 -22.44 63.39 4.81
CA GLY M 297 -22.74 63.54 3.40
C GLY M 297 -24.22 63.80 3.14
N LEU M 298 -25.09 63.07 3.83
CA LEU M 298 -26.52 63.24 3.63
C LEU M 298 -27.00 64.60 4.11
N GLN M 299 -26.48 65.08 5.23
CA GLN M 299 -26.90 66.38 5.74
C GLN M 299 -26.57 67.49 4.75
N HIS M 300 -25.32 67.57 4.31
CA HIS M 300 -24.90 68.57 3.33
C HIS M 300 -24.88 67.96 1.93
N HIS M 301 -26.05 67.48 1.51
CA HIS M 301 -26.17 66.87 0.18
C HIS M 301 -26.23 67.94 -0.91
N GLN M 302 -27.12 68.92 -0.74
CA GLN M 302 -27.27 69.97 -1.75
C GLN M 302 -25.98 70.76 -1.92
N ASP M 303 -25.30 71.06 -0.82
CA ASP M 303 -24.08 71.86 -0.90
C ASP M 303 -23.00 71.12 -1.68
N LEU M 304 -22.86 69.81 -1.46
CA LEU M 304 -21.84 69.03 -2.13
C LEU M 304 -22.25 68.61 -3.54
N SER M 305 -23.53 68.71 -3.89
CA SER M 305 -23.96 68.35 -5.24
C SER M 305 -23.57 69.39 -6.28
N THR M 306 -23.32 70.63 -5.87
CA THR M 306 -23.02 71.70 -6.83
C THR M 306 -21.55 71.63 -7.24
N PRO M 307 -21.24 71.59 -8.54
CA PRO M 307 -19.84 71.66 -8.96
C PRO M 307 -19.19 72.95 -8.50
N VAL M 308 -17.91 72.86 -8.15
CA VAL M 308 -17.14 73.99 -7.64
C VAL M 308 -16.60 74.79 -8.81
N LEU M 309 -16.37 76.09 -8.58
CA LEU M 309 -15.80 77.00 -9.55
C LEU M 309 -14.37 77.34 -9.16
N ARG M 310 -13.70 78.11 -10.02
CA ARG M 310 -12.30 78.45 -9.80
C ARG M 310 -12.11 79.50 -8.71
N SER M 311 -13.09 80.40 -8.54
CA SER M 311 -12.96 81.42 -7.51
C SER M 311 -12.92 80.78 -6.12
N ASP M 312 -13.77 79.77 -5.88
CA ASP M 312 -13.72 79.06 -4.62
C ASP M 312 -12.36 78.38 -4.43
N VAL M 313 -11.80 77.84 -5.52
CA VAL M 313 -10.48 77.23 -5.44
C VAL M 313 -9.45 78.27 -5.01
N ASP M 314 -9.51 79.47 -5.58
CA ASP M 314 -8.55 80.51 -5.22
C ASP M 314 -8.70 80.90 -3.75
N ALA M 315 -9.94 81.07 -3.29
CA ALA M 315 -10.15 81.44 -1.89
C ALA M 315 -9.63 80.36 -0.95
N LEU M 316 -9.95 79.09 -1.24
CA LEU M 316 -9.48 78.00 -0.40
C LEU M 316 -7.96 77.91 -0.41
N GLN M 317 -7.34 78.13 -1.58
CA GLN M 317 -5.89 78.09 -1.66
C GLN M 317 -5.27 79.19 -0.82
N GLN M 318 -5.85 80.40 -0.86
CA GLN M 318 -5.33 81.49 -0.05
C GLN M 318 -5.46 81.16 1.44
N VAL M 319 -6.61 80.62 1.85
CA VAL M 319 -6.81 80.30 3.26
C VAL M 319 -5.82 79.24 3.71
N VAL M 320 -5.64 78.18 2.91
CA VAL M 320 -4.75 77.10 3.28
C VAL M 320 -3.29 77.59 3.28
N GLU M 321 -2.95 78.46 2.33
CA GLU M 321 -1.60 79.01 2.31
C GLU M 321 -1.32 79.82 3.57
N GLU M 322 -2.28 80.64 3.98
CA GLU M 322 -2.11 81.39 5.22
C GLU M 322 -1.96 80.45 6.41
N ALA M 323 -2.80 79.42 6.47
CA ALA M 323 -2.74 78.49 7.60
C ALA M 323 -1.40 77.78 7.67
N VAL M 324 -0.91 77.28 6.53
CA VAL M 324 0.36 76.56 6.52
C VAL M 324 1.51 77.50 6.81
N GLY M 325 1.46 78.73 6.28
CA GLY M 325 2.52 79.68 6.56
C GLY M 325 2.62 80.02 8.03
N GLN M 326 1.47 80.23 8.68
CA GLN M 326 1.49 80.53 10.11
C GLN M 326 1.91 79.31 10.92
N ALA M 327 1.48 78.11 10.51
CA ALA M 327 1.85 76.89 11.23
C ALA M 327 3.36 76.66 11.16
N LEU M 328 3.87 76.42 9.95
CA LEU M 328 5.30 76.19 9.74
C LEU M 328 5.79 77.16 8.67
N PRO M 329 6.80 77.97 8.93
CA PRO M 329 7.30 78.88 7.89
C PRO M 329 7.97 78.11 6.77
N GLY M 330 7.85 78.66 5.55
CA GLY M 330 8.46 78.08 4.39
C GLY M 330 7.69 76.94 3.74
N ALA M 331 6.50 76.61 4.25
CA ALA M 331 5.71 75.54 3.65
C ALA M 331 5.28 75.92 2.24
N THR M 332 5.28 74.94 1.34
CA THR M 332 4.86 75.12 -0.04
C THR M 332 3.66 74.22 -0.32
N VAL M 333 2.64 74.79 -0.94
CA VAL M 333 1.40 74.08 -1.26
C VAL M 333 1.19 74.15 -2.77
N THR M 334 0.90 73.00 -3.37
CA THR M 334 0.65 72.88 -4.79
C THR M 334 -0.75 72.35 -5.03
N LEU M 335 -1.45 72.95 -5.99
CA LEU M 335 -2.81 72.56 -6.31
C LEU M 335 -2.77 71.43 -7.34
N THR M 336 -3.28 70.27 -6.96
CA THR M 336 -3.29 69.09 -7.81
C THR M 336 -4.73 68.67 -8.10
N GLY M 337 -4.88 67.53 -8.75
CA GLY M 337 -6.20 67.04 -9.11
C GLY M 337 -6.67 67.55 -10.45
N GLY M 338 -7.99 67.57 -10.60
CA GLY M 338 -8.57 68.02 -11.86
C GLY M 338 -8.23 69.46 -12.19
N PHE M 339 -8.13 70.31 -11.18
CA PHE M 339 -7.88 71.73 -11.42
C PHE M 339 -6.48 71.98 -11.95
N ARG M 340 -5.54 71.06 -11.75
CA ARG M 340 -4.22 71.20 -12.33
C ARG M 340 -4.18 70.79 -13.79
N ARG M 341 -5.18 70.06 -14.27
CA ARG M 341 -5.25 69.64 -15.66
C ARG M 341 -6.02 70.61 -16.54
N GLY M 342 -6.47 71.73 -15.99
CA GLY M 342 -7.19 72.74 -16.76
C GLY M 342 -8.69 72.72 -16.59
N LYS M 343 -9.23 71.81 -15.78
CA LYS M 343 -10.67 71.76 -15.59
C LYS M 343 -11.16 73.05 -14.92
N LEU M 344 -12.31 73.60 -15.37
CA LEU M 344 -12.93 74.78 -14.78
C LEU M 344 -13.92 74.43 -13.68
N GLN M 345 -14.42 73.19 -13.67
CA GLN M 345 -15.35 72.71 -12.67
C GLN M 345 -14.80 71.44 -12.04
N GLY M 346 -15.21 71.18 -10.81
CA GLY M 346 -14.73 70.00 -10.11
C GLY M 346 -15.74 69.50 -9.09
N HIS M 347 -15.30 68.53 -8.30
CA HIS M 347 -16.04 68.00 -7.17
C HIS M 347 -15.35 68.24 -5.85
N ASP M 348 -14.03 68.42 -5.86
CA ASP M 348 -13.27 68.69 -4.65
C ASP M 348 -12.04 69.51 -5.05
N VAL M 349 -11.35 70.02 -4.05
CA VAL M 349 -10.11 70.76 -4.23
C VAL M 349 -8.99 70.00 -3.51
N ASP M 350 -7.91 69.70 -4.23
CA ASP M 350 -6.87 68.81 -3.74
C ASP M 350 -5.54 69.55 -3.71
N PHE M 351 -4.81 69.39 -2.59
CA PHE M 351 -3.56 70.09 -2.36
C PHE M 351 -2.48 69.09 -1.96
N LEU M 352 -1.21 69.55 -2.15
CA LEU M 352 -0.05 68.80 -1.70
C LEU M 352 0.89 69.75 -0.98
N ILE M 353 1.27 69.40 0.25
CA ILE M 353 2.07 70.25 1.12
C ILE M 353 3.44 69.63 1.25
N THR M 354 4.48 70.45 1.11
CA THR M 354 5.85 69.96 1.23
C THR M 354 6.75 71.09 1.67
N HIS M 355 7.95 70.73 2.13
CA HIS M 355 8.97 71.67 2.57
C HIS M 355 10.23 71.43 1.76
N PRO M 356 10.77 72.43 1.03
CA PRO M 356 11.98 72.16 0.24
C PRO M 356 13.13 71.59 1.07
N LYS M 357 13.29 72.05 2.31
CA LYS M 357 14.30 71.49 3.18
C LYS M 357 13.90 70.07 3.58
N GLU M 358 14.89 69.21 3.74
CA GLU M 358 14.67 67.78 3.97
C GLU M 358 14.49 67.48 5.45
N GLY M 359 13.39 66.81 5.79
CA GLY M 359 13.18 66.30 7.12
C GLY M 359 12.67 67.32 8.12
N GLN M 360 11.55 67.99 7.79
CA GLN M 360 10.87 68.88 8.73
C GLN M 360 9.37 68.70 8.78
N GLU M 361 8.74 68.14 7.76
CA GLU M 361 7.30 67.93 7.75
C GLU M 361 6.92 66.61 8.43
N ALA M 362 7.45 66.40 9.64
CA ALA M 362 7.16 65.17 10.37
C ALA M 362 5.70 65.13 10.78
N GLY M 363 5.19 66.20 11.38
CA GLY M 363 3.82 66.25 11.86
C GLY M 363 3.09 67.51 11.44
N LEU M 364 3.33 67.97 10.20
CA LEU M 364 2.75 69.22 9.77
C LEU M 364 1.22 69.15 9.71
N LEU M 365 0.68 68.07 9.15
CA LEU M 365 -0.75 68.04 8.87
C LEU M 365 -1.61 68.16 10.12
N PRO M 366 -1.34 67.42 11.21
CA PRO M 366 -2.20 67.59 12.41
C PRO M 366 -2.23 69.01 12.91
N ARG M 367 -1.09 69.70 12.92
CA ARG M 367 -1.04 71.06 13.43
C ARG M 367 -1.90 71.99 12.58
N VAL M 368 -1.76 71.90 11.25
CA VAL M 368 -2.52 72.77 10.37
C VAL M 368 -4.01 72.47 10.49
N MET M 369 -4.37 71.18 10.57
CA MET M 369 -5.77 70.81 10.68
C MET M 369 -6.38 71.33 11.98
N CYS M 370 -5.67 71.17 13.09
CA CYS M 370 -6.21 71.65 14.37
C CYS M 370 -6.29 73.17 14.38
N ARG M 371 -5.31 73.85 13.77
CA ARG M 371 -5.37 75.31 13.69
C ARG M 371 -6.58 75.77 12.88
N LEU M 372 -6.83 75.11 11.74
CA LEU M 372 -7.99 75.47 10.94
C LEU M 372 -9.29 75.18 11.70
N GLN M 373 -9.33 74.07 12.44
CA GLN M 373 -10.51 73.77 13.24
C GLN M 373 -10.74 74.84 14.29
N ASP M 374 -9.66 75.31 14.92
CA ASP M 374 -9.78 76.43 15.85
C ASP M 374 -10.33 77.67 15.15
N GLN M 375 -9.87 77.92 13.93
CA GLN M 375 -10.43 79.02 13.14
C GLN M 375 -11.91 78.83 12.88
N GLY M 376 -12.40 77.59 12.90
CA GLY M 376 -13.83 77.34 12.72
C GLY M 376 -14.24 77.22 11.28
N LEU M 377 -13.64 76.28 10.54
CA LEU M 377 -13.97 76.06 9.14
C LEU M 377 -14.18 74.61 8.76
N ILE M 378 -13.72 73.65 9.56
CA ILE M 378 -13.78 72.24 9.21
C ILE M 378 -15.07 71.65 9.79
N LEU M 379 -16.00 71.29 8.91
CA LEU M 379 -17.19 70.57 9.35
C LEU M 379 -16.87 69.11 9.62
N TYR M 380 -15.97 68.53 8.83
CA TYR M 380 -15.64 67.11 8.94
C TYR M 380 -14.14 66.93 8.81
N HIS M 381 -13.57 66.20 9.76
CA HIS M 381 -12.19 65.73 9.67
C HIS M 381 -12.21 64.20 9.66
N GLN M 382 -11.36 63.61 8.82
CA GLN M 382 -11.35 62.16 8.69
C GLN M 382 -11.15 61.48 10.04
N HIS M 383 -10.45 62.12 10.96
CA HIS M 383 -10.12 61.56 12.26
C HIS M 383 -10.78 62.31 13.40
N GLN M 384 -11.93 62.93 13.14
CA GLN M 384 -12.66 63.68 14.16
C GLN M 384 -13.95 64.24 13.57
N ALA M 402 0.13 60.21 13.88
CA ALA M 402 0.74 60.89 12.74
C ALA M 402 0.18 60.37 11.44
N PHE M 403 -0.47 61.25 10.69
CA PHE M 403 -1.07 60.91 9.39
C PHE M 403 -0.65 61.94 8.36
N GLU M 404 -0.57 61.49 7.11
CA GLU M 404 -0.15 62.32 5.98
C GLU M 404 -1.22 62.36 4.91
N ARG M 405 -2.49 62.35 5.32
CA ARG M 405 -3.59 62.37 4.38
C ARG M 405 -4.88 62.59 5.15
N SER M 406 -5.80 63.36 4.57
CA SER M 406 -7.08 63.63 5.20
C SER M 406 -8.01 64.29 4.18
N PHE M 407 -9.30 64.00 4.32
CA PHE M 407 -10.35 64.63 3.52
C PHE M 407 -11.35 65.28 4.47
N CYS M 408 -11.81 66.47 4.09
CA CYS M 408 -12.61 67.32 4.97
C CYS M 408 -13.78 67.89 4.18
N ILE M 409 -14.57 68.72 4.86
CA ILE M 409 -15.67 69.46 4.26
C ILE M 409 -15.56 70.89 4.78
N PHE M 410 -14.93 71.77 4.00
CA PHE M 410 -14.68 73.12 4.47
C PHE M 410 -15.97 73.94 4.52
N ARG M 411 -15.91 75.03 5.27
CA ARG M 411 -17.03 75.95 5.45
C ARG M 411 -16.66 77.26 4.79
N LEU M 412 -17.01 77.39 3.51
CA LEU M 412 -16.62 78.56 2.73
C LEU M 412 -17.68 79.65 2.86
N PRO M 413 -17.34 80.84 3.34
CA PRO M 413 -18.32 81.93 3.40
C PRO M 413 -18.41 82.65 2.05
N GLN M 414 -19.59 82.60 1.44
CA GLN M 414 -19.78 83.28 0.16
C GLN M 414 -19.90 84.79 0.37
N PRO M 415 -19.46 85.59 -0.60
CA PRO M 415 -19.48 87.05 -0.43
C PRO M 415 -20.89 87.56 -0.13
N PRO M 416 -21.92 87.02 -0.81
CA PRO M 416 -23.27 87.49 -0.49
C PRO M 416 -23.68 87.19 0.95
N SER M 429 -24.07 83.37 5.26
CA SER M 429 -24.09 82.56 4.05
C SER M 429 -22.81 81.77 3.90
N TRP M 430 -22.92 80.52 3.43
CA TRP M 430 -21.76 79.68 3.22
C TRP M 430 -22.20 78.40 2.55
N LYS M 431 -21.26 77.77 1.85
CA LYS M 431 -21.50 76.49 1.17
C LYS M 431 -20.37 75.54 1.53
N ALA M 432 -20.70 74.25 1.53
CA ALA M 432 -19.76 73.19 1.91
C ALA M 432 -19.10 72.62 0.65
N VAL M 433 -17.77 72.67 0.62
CA VAL M 433 -16.98 72.14 -0.49
C VAL M 433 -15.86 71.28 0.09
N ARG M 434 -15.68 70.09 -0.46
CA ARG M 434 -14.68 69.17 0.06
C ARG M 434 -13.28 69.65 -0.29
N VAL M 435 -12.34 69.35 0.61
CA VAL M 435 -10.93 69.66 0.41
C VAL M 435 -10.10 68.50 0.94
N ASP M 436 -9.05 68.13 0.20
CA ASP M 436 -8.17 67.04 0.57
C ASP M 436 -6.74 67.55 0.67
N LEU M 437 -6.06 67.19 1.75
CA LEU M 437 -4.68 67.58 1.99
C LEU M 437 -3.82 66.34 2.11
N VAL M 438 -2.67 66.35 1.43
CA VAL M 438 -1.72 65.25 1.47
C VAL M 438 -0.32 65.83 1.59
N VAL M 439 0.51 65.19 2.42
CA VAL M 439 1.87 65.66 2.67
C VAL M 439 2.85 64.63 2.14
N ALA M 440 4.02 65.11 1.71
CA ALA M 440 5.06 64.24 1.20
C ALA M 440 6.39 64.97 1.24
N PRO M 441 7.49 64.31 1.58
CA PRO M 441 8.79 64.99 1.60
C PRO M 441 9.16 65.49 0.21
N VAL M 442 10.27 66.24 0.16
CA VAL M 442 10.76 66.76 -1.11
C VAL M 442 11.26 65.62 -2.00
N SER M 443 11.89 64.61 -1.40
CA SER M 443 12.39 63.49 -2.18
C SER M 443 11.25 62.77 -2.90
N GLN M 444 10.14 62.56 -2.21
CA GLN M 444 8.97 61.91 -2.79
C GLN M 444 8.02 62.89 -3.47
N PHE M 445 8.38 64.19 -3.51
CA PHE M 445 7.46 65.19 -4.05
C PHE M 445 7.08 64.94 -5.51
N PRO M 446 8.02 64.72 -6.43
CA PRO M 446 7.60 64.51 -7.82
C PRO M 446 6.68 63.32 -8.01
N PHE M 447 6.92 62.22 -7.30
CA PHE M 447 6.05 61.06 -7.43
C PHE M 447 4.65 61.36 -6.91
N ALA M 448 4.55 62.06 -5.78
CA ALA M 448 3.25 62.43 -5.25
C ALA M 448 2.51 63.36 -6.22
N LEU M 449 3.22 64.33 -6.79
CA LEU M 449 2.59 65.23 -7.74
C LEU M 449 2.07 64.47 -8.95
N LEU M 450 2.89 63.57 -9.49
CA LEU M 450 2.46 62.79 -10.65
C LEU M 450 1.25 61.92 -10.31
N GLY M 451 1.25 61.31 -9.13
CA GLY M 451 0.17 60.41 -8.77
C GLY M 451 -1.12 61.13 -8.42
N TRP M 452 -1.03 62.37 -7.94
CA TRP M 452 -2.20 63.12 -7.52
C TRP M 452 -2.64 64.18 -8.53
N THR M 453 -1.94 64.32 -9.65
CA THR M 453 -2.34 65.26 -10.70
C THR M 453 -3.06 64.58 -11.85
N GLY M 454 -2.60 63.41 -12.27
CA GLY M 454 -3.19 62.74 -13.41
C GLY M 454 -4.55 62.14 -13.10
N SER M 455 -5.24 61.75 -14.16
CA SER M 455 -6.55 61.13 -14.01
C SER M 455 -6.41 59.72 -13.45
N LYS M 456 -7.53 59.18 -13.00
CA LYS M 456 -7.53 57.81 -12.47
C LYS M 456 -7.11 56.82 -13.55
N LEU M 457 -7.72 56.92 -14.73
CA LEU M 457 -7.39 55.99 -15.81
C LEU M 457 -5.95 56.14 -16.27
N PHE M 458 -5.47 57.39 -16.38
CA PHE M 458 -4.10 57.60 -16.80
C PHE M 458 -3.13 56.98 -15.80
N GLN M 459 -3.39 57.16 -14.51
CA GLN M 459 -2.52 56.56 -13.50
C GLN M 459 -2.55 55.04 -13.57
N ARG M 460 -3.74 54.45 -13.73
CA ARG M 460 -3.84 53.00 -13.86
C ARG M 460 -3.04 52.51 -15.05
N GLU M 461 -3.20 53.15 -16.20
CA GLU M 461 -2.49 52.72 -17.40
C GLU M 461 -0.99 52.89 -17.26
N LEU M 462 -0.54 54.00 -16.68
CA LEU M 462 0.90 54.20 -16.49
C LEU M 462 1.48 53.14 -15.56
N ARG M 463 0.78 52.84 -14.46
CA ARG M 463 1.28 51.84 -13.54
C ARG M 463 1.33 50.46 -14.20
N ARG M 464 0.28 50.13 -14.97
CA ARG M 464 0.27 48.85 -15.67
C ARG M 464 1.41 48.75 -16.67
N PHE M 465 1.64 49.82 -17.43
CA PHE M 465 2.74 49.82 -18.40
C PHE M 465 4.08 49.67 -17.71
N SER M 466 4.28 50.39 -16.60
CA SER M 466 5.54 50.27 -15.87
C SER M 466 5.75 48.87 -15.34
N ARG M 467 4.69 48.26 -14.79
CA ARG M 467 4.83 46.92 -14.22
C ARG M 467 5.10 45.87 -15.30
N LYS M 468 4.38 45.95 -16.42
CA LYS M 468 4.47 44.91 -17.43
C LYS M 468 5.69 45.10 -18.34
N GLU M 469 5.73 46.21 -19.07
CA GLU M 469 6.79 46.39 -20.07
C GLU M 469 8.16 46.45 -19.42
N LYS M 470 8.39 47.47 -18.58
CA LYS M 470 9.71 47.71 -18.00
C LYS M 470 9.96 46.93 -16.72
N GLY M 471 8.93 46.31 -16.14
CA GLY M 471 9.12 45.48 -14.96
C GLY M 471 9.31 46.24 -13.67
N LEU M 472 9.18 47.56 -13.67
CA LEU M 472 9.34 48.36 -12.46
C LEU M 472 7.98 48.64 -11.84
N TRP M 473 7.99 48.86 -10.52
CA TRP M 473 6.77 49.14 -9.76
C TRP M 473 6.72 50.64 -9.48
N LEU M 474 5.62 51.27 -9.87
CA LEU M 474 5.42 52.71 -9.69
C LEU M 474 4.26 52.94 -8.73
N ASN M 475 4.49 53.80 -7.74
CA ASN M 475 3.46 54.18 -6.79
C ASN M 475 3.69 55.63 -6.38
N SER M 476 2.81 56.13 -5.51
CA SER M 476 2.86 57.54 -5.14
C SER M 476 4.14 57.91 -4.42
N HIS M 477 4.89 56.93 -3.90
CA HIS M 477 6.09 57.20 -3.13
C HIS M 477 7.37 57.15 -3.94
N GLY M 478 7.49 56.20 -4.87
CA GLY M 478 8.68 56.11 -5.69
C GLY M 478 8.60 54.95 -6.65
N LEU M 479 9.61 54.87 -7.52
CA LEU M 479 9.72 53.82 -8.51
C LEU M 479 10.77 52.82 -8.05
N PHE M 480 10.38 51.54 -7.99
CA PHE M 480 11.19 50.49 -7.41
C PHE M 480 11.44 49.39 -8.44
N ASP M 481 12.63 48.79 -8.35
CA ASP M 481 13.02 47.70 -9.25
C ASP M 481 13.12 46.41 -8.46
N PRO M 482 12.29 45.39 -8.73
CA PRO M 482 12.43 44.14 -7.98
C PRO M 482 13.81 43.52 -8.10
N GLU M 483 14.44 43.60 -9.28
CA GLU M 483 15.76 43.00 -9.45
C GLU M 483 16.79 43.65 -8.53
N GLN M 484 17.03 44.94 -8.72
CA GLN M 484 17.95 45.70 -7.87
C GLN M 484 17.13 46.47 -6.84
N LYS M 485 17.39 46.19 -5.56
CA LYS M 485 16.63 46.80 -4.46
C LYS M 485 17.17 48.20 -4.20
N THR M 486 16.86 49.11 -5.13
CA THR M 486 17.27 50.50 -5.03
C THR M 486 16.18 51.38 -5.61
N PHE M 487 15.85 52.46 -4.90
CA PHE M 487 14.83 53.38 -5.38
C PHE M 487 15.38 54.21 -6.54
N PHE M 488 14.46 54.76 -7.33
CA PHE M 488 14.78 55.54 -8.52
C PHE M 488 14.34 56.98 -8.35
N GLN M 489 14.62 57.55 -7.18
CA GLN M 489 14.22 58.91 -6.87
C GLN M 489 14.70 59.88 -7.94
N ALA M 490 14.03 61.04 -8.05
CA ALA M 490 14.40 62.05 -9.03
C ALA M 490 14.00 63.42 -8.50
N ALA M 491 14.61 64.45 -9.06
CA ALA M 491 14.38 65.83 -8.63
C ALA M 491 13.27 66.52 -9.40
N SER M 492 12.70 65.88 -10.42
CA SER M 492 11.64 66.50 -11.21
C SER M 492 10.74 65.41 -11.78
N GLU M 493 9.53 65.82 -12.18
CA GLU M 493 8.58 64.87 -12.73
C GLU M 493 8.98 64.44 -14.14
N GLU M 494 9.70 65.30 -14.87
CA GLU M 494 10.13 64.95 -16.21
C GLU M 494 11.04 63.72 -16.19
N ASP M 495 11.89 63.62 -15.17
CA ASP M 495 12.79 62.48 -15.08
C ASP M 495 12.03 61.17 -14.89
N ILE M 496 10.87 61.22 -14.23
CA ILE M 496 10.09 59.99 -14.03
C ILE M 496 9.66 59.43 -15.38
N PHE M 497 9.15 60.30 -16.26
CA PHE M 497 8.77 59.85 -17.60
C PHE M 497 10.00 59.47 -18.41
N ARG M 498 11.09 60.21 -18.25
CA ARG M 498 12.30 59.92 -19.03
C ARG M 498 12.84 58.52 -18.70
N HIS M 499 12.82 58.15 -17.43
CA HIS M 499 13.33 56.83 -17.05
C HIS M 499 12.53 55.71 -17.69
N LEU M 500 11.21 55.85 -17.73
CA LEU M 500 10.35 54.82 -18.31
C LEU M 500 10.38 54.82 -19.82
N GLY M 501 11.19 55.65 -20.46
CA GLY M 501 11.23 55.70 -21.91
C GLY M 501 9.93 56.16 -22.52
N LEU M 502 9.32 57.19 -21.95
CA LEU M 502 8.02 57.69 -22.39
C LEU M 502 8.12 59.19 -22.65
N GLU M 503 7.48 59.64 -23.73
CA GLU M 503 7.45 61.06 -24.04
C GLU M 503 6.67 61.81 -22.98
N TYR M 504 7.22 62.95 -22.56
CA TYR M 504 6.58 63.74 -21.51
C TYR M 504 5.29 64.36 -22.01
N LEU M 505 4.26 64.37 -21.16
CA LEU M 505 3.00 65.01 -21.44
C LEU M 505 2.69 66.04 -20.36
N PRO M 506 2.14 67.19 -20.71
CA PRO M 506 1.77 68.18 -19.69
C PRO M 506 0.55 67.70 -18.91
N PRO M 507 0.28 68.32 -17.76
CA PRO M 507 -0.89 67.89 -16.98
C PRO M 507 -2.20 68.01 -17.75
N GLU M 508 -2.31 69.00 -18.64
CA GLU M 508 -3.55 69.19 -19.39
C GLU M 508 -3.78 68.08 -20.40
N GLN M 509 -2.74 67.32 -20.76
CA GLN M 509 -2.84 66.24 -21.73
C GLN M 509 -2.94 64.87 -21.08
N ARG M 510 -3.14 64.80 -19.77
CA ARG M 510 -3.26 63.54 -19.06
C ARG M 510 -4.71 63.19 -18.74
N ASN M 511 -5.67 63.86 -19.36
CA ASN M 511 -7.08 63.62 -19.08
C ASN M 511 -7.48 62.27 -19.64
N ALA M 512 -7.55 61.26 -18.78
CA ALA M 512 -7.94 59.92 -19.18
C ALA M 512 -7.00 59.39 -20.28
N TYR N 35 0.04 20.55 39.57
CA TYR N 35 -1.34 20.11 39.36
C TYR N 35 -2.31 21.22 39.77
N SER N 36 -2.75 22.00 38.79
CA SER N 36 -3.68 23.10 39.01
C SER N 36 -4.89 22.93 38.10
N GLY N 37 -6.08 23.05 38.66
CA GLY N 37 -7.32 22.95 37.93
C GLY N 37 -8.26 21.96 38.59
N ARG N 38 -9.20 21.46 37.80
CA ARG N 38 -10.20 20.50 38.26
C ARG N 38 -10.12 19.23 37.42
N ASP N 39 -10.56 18.13 38.01
CA ASP N 39 -10.58 16.84 37.34
C ASP N 39 -11.97 16.57 36.81
N SER N 40 -12.08 16.26 35.52
CA SER N 40 -13.34 15.98 34.86
C SER N 40 -13.38 14.52 34.45
N LEU N 41 -14.53 13.88 34.68
CA LEU N 41 -14.71 12.46 34.39
C LEU N 41 -16.05 12.25 33.70
N ILE N 42 -16.05 11.36 32.70
CA ILE N 42 -17.24 11.03 31.93
C ILE N 42 -17.46 9.52 32.05
N PHE N 43 -18.69 9.14 32.39
CA PHE N 43 -19.06 7.74 32.57
C PHE N 43 -19.83 7.26 31.33
N LEU N 44 -19.12 6.67 30.39
CA LEU N 44 -19.76 6.07 29.23
C LEU N 44 -20.24 4.66 29.61
N VAL N 45 -21.54 4.42 29.45
CA VAL N 45 -22.16 3.14 29.80
C VAL N 45 -22.84 2.59 28.57
N ASP N 46 -22.49 1.37 28.18
CA ASP N 46 -23.13 0.72 27.05
C ASP N 46 -24.56 0.37 27.37
N ALA N 47 -25.45 0.56 26.40
CA ALA N 47 -26.86 0.24 26.55
C ALA N 47 -27.28 -0.90 25.61
N SER N 48 -26.35 -1.80 25.31
CA SER N 48 -26.64 -2.92 24.44
C SER N 48 -27.45 -3.99 25.18
N LYS N 49 -28.05 -4.89 24.40
CA LYS N 49 -28.85 -5.96 25.00
C LYS N 49 -27.97 -6.87 25.86
N ALA N 50 -26.76 -7.19 25.38
CA ALA N 50 -25.90 -8.11 26.11
C ALA N 50 -25.56 -7.60 27.50
N MET N 51 -25.66 -6.30 27.74
CA MET N 51 -25.36 -5.73 29.05
C MET N 51 -26.49 -5.91 30.05
N PHE N 52 -27.70 -6.29 29.59
CA PHE N 52 -28.85 -6.42 30.46
C PHE N 52 -29.19 -7.88 30.76
N GLU N 53 -28.31 -8.82 30.42
CA GLU N 53 -28.54 -10.25 30.64
C GLU N 53 -27.67 -10.73 31.79
N SER N 54 -28.29 -11.40 32.76
CA SER N 54 -27.60 -11.94 33.92
C SER N 54 -27.29 -13.41 33.70
N GLN N 55 -26.02 -13.78 33.90
CA GLN N 55 -25.63 -15.17 33.70
C GLN N 55 -26.33 -16.10 34.68
N SER N 56 -26.45 -15.67 35.94
CA SER N 56 -27.08 -16.47 36.98
C SER N 56 -28.19 -15.67 37.64
N GLU N 57 -29.16 -16.39 38.20
CA GLU N 57 -30.31 -15.74 38.82
C GLU N 57 -29.88 -14.85 39.96
N ASP N 58 -28.99 -15.34 40.82
CA ASP N 58 -28.51 -14.57 41.98
C ASP N 58 -27.19 -13.89 41.61
N GLU N 59 -27.29 -12.93 40.71
CA GLU N 59 -26.13 -12.18 40.26
C GLU N 59 -26.58 -10.81 39.77
N LEU N 60 -25.65 -9.86 39.78
CA LEU N 60 -25.93 -8.50 39.36
C LEU N 60 -25.61 -8.34 37.88
N THR N 61 -26.53 -7.73 37.14
CA THR N 61 -26.30 -7.49 35.74
C THR N 61 -25.21 -6.43 35.56
N PRO N 62 -24.50 -6.44 34.42
CA PRO N 62 -23.46 -5.43 34.21
C PRO N 62 -23.97 -4.00 34.31
N PHE N 63 -25.18 -3.74 33.84
CA PHE N 63 -25.72 -2.38 33.89
C PHE N 63 -25.90 -1.93 35.34
N ASP N 64 -26.43 -2.81 36.20
CA ASP N 64 -26.61 -2.44 37.60
C ASP N 64 -25.26 -2.23 38.28
N MET N 65 -24.26 -3.03 37.94
CA MET N 65 -22.93 -2.85 38.52
C MET N 65 -22.35 -1.49 38.09
N SER N 66 -22.52 -1.13 36.83
CA SER N 66 -22.03 0.18 36.37
C SER N 66 -22.75 1.31 37.09
N ILE N 67 -24.07 1.19 37.27
CA ILE N 67 -24.81 2.24 37.97
C ILE N 67 -24.33 2.35 39.42
N GLN N 68 -24.10 1.21 40.08
CA GLN N 68 -23.62 1.24 41.45
C GLN N 68 -22.24 1.89 41.53
N CYS N 69 -21.36 1.57 40.58
CA CYS N 69 -20.03 2.18 40.58
C CYS N 69 -20.13 3.69 40.39
N ILE N 70 -21.01 4.12 39.48
CA ILE N 70 -21.18 5.56 39.25
C ILE N 70 -21.69 6.25 40.52
N GLN N 71 -22.66 5.63 41.19
CA GLN N 71 -23.19 6.21 42.42
C GLN N 71 -22.13 6.30 43.50
N SER N 72 -21.32 5.24 43.64
CA SER N 72 -20.25 5.26 44.64
C SER N 72 -19.24 6.36 44.35
N VAL N 73 -18.87 6.52 43.08
CA VAL N 73 -17.92 7.56 42.72
C VAL N 73 -18.53 8.93 42.98
N TYR N 74 -19.83 9.10 42.71
CA TYR N 74 -20.50 10.36 42.98
C TYR N 74 -20.45 10.70 44.46
N ILE N 75 -20.77 9.72 45.32
CA ILE N 75 -20.76 9.97 46.75
C ILE N 75 -19.35 10.28 47.25
N SER N 76 -18.37 9.53 46.76
CA SER N 76 -16.98 9.78 47.15
C SER N 76 -16.54 11.18 46.75
N LYS N 77 -16.90 11.60 45.52
CA LYS N 77 -16.54 12.94 45.07
C LYS N 77 -17.23 14.01 45.91
N ILE N 78 -18.50 13.80 46.25
CA ILE N 78 -19.20 14.77 47.08
C ILE N 78 -18.51 14.93 48.41
N ILE N 79 -18.12 13.80 49.03
CA ILE N 79 -17.49 13.89 50.35
C ILE N 79 -16.10 14.50 50.26
N SER N 80 -15.32 14.12 49.25
CA SER N 80 -13.90 14.48 49.19
C SER N 80 -13.66 15.77 48.41
N SER N 81 -14.02 15.80 47.14
CA SER N 81 -13.77 16.94 46.26
C SER N 81 -15.08 17.37 45.61
N ASP N 82 -15.78 18.32 46.25
CA ASP N 82 -17.06 18.78 45.77
C ASP N 82 -16.95 19.75 44.60
N ARG N 83 -15.75 20.21 44.28
CA ARG N 83 -15.55 21.18 43.21
C ARG N 83 -15.19 20.54 41.88
N ASP N 84 -15.20 19.21 41.81
CA ASP N 84 -14.85 18.51 40.58
C ASP N 84 -16.10 18.35 39.70
N LEU N 85 -15.86 18.00 38.44
CA LEU N 85 -16.90 17.88 37.44
C LEU N 85 -17.08 16.43 37.02
N LEU N 86 -18.33 16.02 36.87
CA LEU N 86 -18.67 14.66 36.45
C LEU N 86 -19.76 14.71 35.39
N ALA N 87 -19.81 13.68 34.57
CA ALA N 87 -20.83 13.57 33.53
C ALA N 87 -21.17 12.10 33.34
N VAL N 88 -22.37 11.86 32.81
CA VAL N 88 -22.86 10.52 32.53
C VAL N 88 -23.48 10.52 31.14
N VAL N 89 -23.00 9.61 30.29
CA VAL N 89 -23.42 9.52 28.90
C VAL N 89 -23.72 8.06 28.58
N PHE N 90 -24.77 7.83 27.80
CA PHE N 90 -25.16 6.50 27.36
C PHE N 90 -25.07 6.43 25.84
N TYR N 91 -24.71 5.25 25.34
CA TYR N 91 -24.65 5.02 23.90
C TYR N 91 -25.29 3.67 23.59
N GLY N 92 -25.78 3.55 22.36
CA GLY N 92 -26.51 2.36 21.94
C GLY N 92 -27.99 2.41 22.24
N THR N 93 -28.54 3.57 22.59
CA THR N 93 -29.95 3.71 22.90
C THR N 93 -30.72 4.12 21.65
N GLU N 94 -32.04 4.21 21.78
CA GLU N 94 -32.90 4.61 20.67
C GLU N 94 -33.04 6.13 20.59
N LYS N 95 -33.24 6.80 21.73
CA LYS N 95 -33.32 8.24 21.75
C LYS N 95 -31.92 8.85 21.74
N ASP N 96 -31.87 10.17 21.53
CA ASP N 96 -30.61 10.90 21.54
C ASP N 96 -30.81 12.27 22.18
N LYS N 97 -29.75 12.78 22.79
CA LYS N 97 -29.77 14.12 23.37
C LYS N 97 -28.32 14.62 23.42
N ASN N 98 -27.95 15.46 22.46
CA ASN N 98 -26.61 16.00 22.40
C ASN N 98 -26.63 17.27 21.56
N SER N 99 -25.59 18.09 21.74
CA SER N 99 -25.51 19.35 21.01
C SER N 99 -25.42 19.10 19.50
N VAL N 100 -24.61 18.12 19.10
CA VAL N 100 -24.42 17.84 17.67
C VAL N 100 -25.56 17.05 17.07
N ASN N 101 -26.46 16.51 17.88
CA ASN N 101 -27.65 15.81 17.39
C ASN N 101 -27.28 14.51 16.67
N PHE N 102 -26.32 13.77 17.22
CA PHE N 102 -26.01 12.46 16.70
C PHE N 102 -27.15 11.49 17.02
N LYS N 103 -27.04 10.27 16.50
CA LYS N 103 -28.07 9.25 16.65
C LYS N 103 -27.61 8.19 17.64
N ASN N 104 -28.50 7.83 18.56
CA ASN N 104 -28.26 6.75 19.51
C ASN N 104 -27.18 7.12 20.53
N ILE N 105 -27.22 8.36 21.01
CA ILE N 105 -26.32 8.82 22.06
C ILE N 105 -27.09 9.80 22.95
N TYR N 106 -27.34 9.41 24.20
CA TYR N 106 -28.13 10.19 25.13
C TYR N 106 -27.24 10.64 26.29
N VAL N 107 -26.86 11.92 26.28
CA VAL N 107 -26.05 12.50 27.35
C VAL N 107 -26.97 12.74 28.54
N LEU N 108 -26.98 11.81 29.51
CA LEU N 108 -27.91 11.93 30.62
C LEU N 108 -27.57 13.13 31.50
N GLN N 109 -26.29 13.33 31.79
CA GLN N 109 -25.87 14.47 32.62
C GLN N 109 -24.57 15.04 32.05
N GLU N 110 -24.57 16.36 31.86
CA GLU N 110 -23.38 17.05 31.37
C GLU N 110 -22.43 17.35 32.52
N LEU N 111 -21.26 17.89 32.17
CA LEU N 111 -20.23 18.18 33.16
C LEU N 111 -20.72 19.21 34.16
N ASP N 112 -20.91 18.80 35.40
CA ASP N 112 -21.38 19.69 36.46
C ASP N 112 -20.92 19.14 37.80
N ASN N 113 -20.86 20.00 38.79
CA ASN N 113 -20.45 19.57 40.12
C ASN N 113 -21.43 18.54 40.66
N PRO N 114 -20.97 17.52 41.38
CA PRO N 114 -21.88 16.48 41.85
C PRO N 114 -22.83 17.00 42.92
N GLY N 115 -23.98 16.32 43.02
CA GLY N 115 -24.99 16.69 43.99
C GLY N 115 -25.94 15.54 44.24
N ALA N 116 -26.82 15.75 45.21
CA ALA N 116 -27.77 14.70 45.58
C ALA N 116 -28.80 14.47 44.48
N LYS N 117 -29.14 15.50 43.71
CA LYS N 117 -30.16 15.36 42.68
C LYS N 117 -29.72 14.35 41.63
N ARG N 118 -28.46 14.40 41.20
CA ARG N 118 -27.98 13.46 40.19
C ARG N 118 -27.94 12.03 40.73
N ILE N 119 -27.54 11.86 41.99
CA ILE N 119 -27.55 10.54 42.60
C ILE N 119 -28.97 9.99 42.64
N LEU N 120 -29.93 10.82 43.03
CA LEU N 120 -31.33 10.36 43.07
C LEU N 120 -31.81 10.00 41.67
N GLU N 121 -31.45 10.81 40.67
CA GLU N 121 -31.85 10.51 39.30
C GLU N 121 -31.28 9.17 38.84
N LEU N 122 -30.01 8.91 39.14
CA LEU N 122 -29.41 7.63 38.78
C LEU N 122 -30.03 6.47 39.56
N ASP N 123 -30.53 6.74 40.77
CA ASP N 123 -31.09 5.68 41.60
C ASP N 123 -32.29 5.00 40.96
N GLN N 124 -32.96 5.66 40.01
CA GLN N 124 -34.15 5.11 39.39
C GLN N 124 -33.85 4.08 38.30
N PHE N 125 -32.60 3.66 38.17
CA PHE N 125 -32.22 2.59 37.26
C PHE N 125 -31.51 1.44 37.97
N LYS N 126 -31.52 1.42 39.30
CA LYS N 126 -30.72 0.44 40.04
C LYS N 126 -31.32 -0.95 39.95
N GLY N 127 -32.64 -1.08 40.14
CA GLY N 127 -33.29 -2.36 40.19
C GLY N 127 -33.82 -2.81 38.83
N GLN N 128 -34.58 -3.91 38.86
CA GLN N 128 -35.22 -4.40 37.65
C GLN N 128 -36.28 -3.42 37.15
N GLN N 129 -37.09 -2.89 38.07
CA GLN N 129 -38.03 -1.84 37.70
C GLN N 129 -37.28 -0.63 37.14
N GLY N 130 -36.12 -0.33 37.72
CA GLY N 130 -35.28 0.72 37.16
C GLY N 130 -34.81 0.38 35.75
N GLN N 131 -34.52 -0.89 35.49
CA GLN N 131 -34.14 -1.29 34.14
C GLN N 131 -35.30 -1.09 33.17
N LYS N 132 -36.51 -1.45 33.57
CA LYS N 132 -37.68 -1.22 32.72
C LYS N 132 -37.88 0.28 32.47
N ARG N 133 -37.70 1.09 33.51
CA ARG N 133 -37.85 2.54 33.35
C ARG N 133 -36.81 3.08 32.39
N PHE N 134 -35.56 2.60 32.50
CA PHE N 134 -34.51 3.03 31.57
C PHE N 134 -34.84 2.63 30.15
N GLN N 135 -35.33 1.40 29.95
CA GLN N 135 -35.69 0.96 28.61
C GLN N 135 -36.81 1.82 28.04
N ASP N 136 -37.82 2.13 28.85
CA ASP N 136 -38.93 2.96 28.37
C ASP N 136 -38.45 4.37 28.04
N MET N 137 -37.58 4.95 28.88
CA MET N 137 -37.18 6.33 28.69
C MET N 137 -36.31 6.51 27.46
N MET N 138 -35.31 5.65 27.30
CA MET N 138 -34.33 5.76 26.22
C MET N 138 -34.40 4.60 25.24
N GLY N 139 -34.35 3.37 25.73
CA GLY N 139 -34.38 2.19 24.89
C GLY N 139 -33.04 1.48 24.87
N HIS N 140 -33.03 0.33 24.20
CA HIS N 140 -31.83 -0.49 24.11
C HIS N 140 -31.93 -1.37 22.88
N GLY N 141 -30.79 -1.91 22.48
CA GLY N 141 -30.71 -2.81 21.34
C GLY N 141 -30.43 -2.14 20.01
N SER N 142 -30.12 -0.84 20.00
CA SER N 142 -29.83 -0.12 18.78
C SER N 142 -28.33 -0.17 18.47
N ASP N 143 -27.99 0.20 17.25
CA ASP N 143 -26.59 0.24 16.83
C ASP N 143 -25.91 1.48 17.41
N TYR N 144 -24.66 1.70 17.02
CA TYR N 144 -23.89 2.83 17.51
C TYR N 144 -22.55 2.86 16.79
N SER N 145 -21.87 3.99 16.90
CA SER N 145 -20.51 4.16 16.36
C SER N 145 -19.66 4.82 17.43
N LEU N 146 -18.49 4.21 17.69
CA LEU N 146 -17.61 4.74 18.74
C LEU N 146 -17.07 6.11 18.38
N SER N 147 -16.92 6.40 17.10
CA SER N 147 -16.43 7.71 16.69
C SER N 147 -17.38 8.81 17.16
N GLU N 148 -18.69 8.59 17.00
CA GLU N 148 -19.66 9.58 17.47
C GLU N 148 -19.61 9.73 18.99
N VAL N 149 -19.43 8.62 19.71
CA VAL N 149 -19.35 8.69 21.17
C VAL N 149 -18.15 9.53 21.59
N LEU N 150 -17.00 9.28 20.98
CA LEU N 150 -15.80 10.04 21.34
C LEU N 150 -15.94 11.50 20.94
N TRP N 151 -16.60 11.77 19.80
CA TRP N 151 -16.84 13.14 19.41
C TRP N 151 -17.71 13.87 20.43
N VAL N 152 -18.77 13.20 20.90
CA VAL N 152 -19.64 13.80 21.90
C VAL N 152 -18.87 14.04 23.20
N CYS N 153 -18.01 13.10 23.59
CA CYS N 153 -17.21 13.30 24.80
C CYS N 153 -16.28 14.49 24.65
N ALA N 154 -15.63 14.62 23.50
CA ALA N 154 -14.75 15.77 23.26
C ALA N 154 -15.54 17.07 23.29
N ASN N 155 -16.72 17.09 22.68
CA ASN N 155 -17.56 18.28 22.72
C ASN N 155 -17.94 18.64 24.14
N LEU N 156 -18.30 17.65 24.95
CA LEU N 156 -18.63 17.90 26.35
C LEU N 156 -17.42 18.49 27.08
N PHE N 157 -16.22 17.95 26.82
CA PHE N 157 -15.03 18.48 27.47
C PHE N 157 -14.78 19.92 27.06
N SER N 158 -15.01 20.25 25.79
CA SER N 158 -14.72 21.60 25.30
C SER N 158 -15.65 22.64 25.92
N ASP N 159 -16.89 22.26 26.24
CA ASP N 159 -17.86 23.23 26.73
C ASP N 159 -17.41 23.83 28.06
N VAL N 160 -16.80 23.02 28.94
CA VAL N 160 -16.41 23.50 30.26
C VAL N 160 -15.50 24.70 30.12
N GLN N 161 -15.77 25.74 30.92
CA GLN N 161 -14.99 26.96 30.90
C GLN N 161 -13.86 26.96 31.93
N PHE N 162 -14.00 26.19 33.00
CA PHE N 162 -12.97 26.15 34.03
C PHE N 162 -11.74 25.40 33.53
N LYS N 163 -10.61 25.69 34.15
CA LYS N 163 -9.38 24.99 33.84
C LYS N 163 -9.49 23.54 34.34
N MET N 164 -9.14 22.59 33.46
CA MET N 164 -9.28 21.17 33.75
C MET N 164 -7.89 20.54 33.76
N SER N 165 -7.39 20.21 34.94
CA SER N 165 -6.09 19.56 35.04
C SER N 165 -6.11 18.17 34.42
N HIS N 166 -7.18 17.41 34.64
CA HIS N 166 -7.31 16.04 34.17
C HIS N 166 -8.56 15.89 33.32
N LYS N 167 -8.42 15.17 32.21
CA LYS N 167 -9.55 14.75 31.38
C LYS N 167 -9.56 13.22 31.35
N ARG N 168 -10.69 12.62 31.69
CA ARG N 168 -10.77 11.18 31.83
C ARG N 168 -12.12 10.67 31.33
N ILE N 169 -12.07 9.52 30.67
CA ILE N 169 -13.27 8.81 30.21
C ILE N 169 -13.16 7.36 30.64
N MET N 170 -14.26 6.78 31.11
CA MET N 170 -14.33 5.39 31.51
C MET N 170 -15.39 4.68 30.67
N LEU N 171 -15.05 3.51 30.14
CA LEU N 171 -15.93 2.75 29.26
C LEU N 171 -16.40 1.51 30.00
N PHE N 172 -17.67 1.49 30.38
CA PHE N 172 -18.29 0.34 31.03
C PHE N 172 -18.98 -0.48 29.94
N THR N 173 -18.30 -1.52 29.46
CA THR N 173 -18.83 -2.34 28.38
C THR N 173 -18.30 -3.75 28.51
N ASN N 174 -19.01 -4.69 27.89
CA ASN N 174 -18.62 -6.10 27.88
C ASN N 174 -18.61 -6.65 26.46
N GLU N 175 -18.30 -5.80 25.48
CA GLU N 175 -18.25 -6.20 24.08
C GLU N 175 -16.87 -5.87 23.54
N ASP N 176 -16.01 -6.88 23.47
CA ASP N 176 -14.64 -6.68 22.99
C ASP N 176 -14.56 -6.42 21.49
N ASN N 177 -15.64 -6.66 20.75
CA ASN N 177 -15.68 -6.44 19.30
C ASN N 177 -16.90 -5.62 18.96
N PRO N 178 -16.90 -4.33 19.32
CA PRO N 178 -18.08 -3.50 19.02
C PRO N 178 -18.40 -3.40 17.54
N HIS N 179 -17.40 -3.44 16.67
CA HIS N 179 -17.59 -3.33 15.23
C HIS N 179 -16.77 -4.43 14.56
N GLY N 180 -17.39 -5.60 14.35
CA GLY N 180 -16.72 -6.69 13.69
C GLY N 180 -17.11 -6.82 12.23
N ASN N 181 -18.34 -6.41 11.91
CA ASN N 181 -18.82 -6.51 10.54
C ASN N 181 -18.24 -5.42 9.64
N ASP N 182 -18.00 -4.23 10.19
CA ASP N 182 -17.52 -3.08 9.42
C ASP N 182 -16.13 -2.70 9.89
N SER N 183 -15.22 -2.47 8.95
CA SER N 183 -13.86 -2.06 9.26
C SER N 183 -13.65 -0.56 9.15
N ALA N 184 -14.46 0.14 8.34
CA ALA N 184 -14.36 1.59 8.27
C ALA N 184 -14.74 2.24 9.60
N LYS N 185 -15.79 1.72 10.25
CA LYS N 185 -16.17 2.24 11.55
C LYS N 185 -15.05 2.04 12.57
N ALA N 186 -14.41 0.88 12.55
CA ALA N 186 -13.30 0.63 13.45
C ALA N 186 -12.16 1.61 13.19
N SER N 187 -11.86 1.88 11.92
CA SER N 187 -10.78 2.82 11.60
C SER N 187 -11.13 4.23 12.08
N ARG N 188 -12.39 4.65 11.88
CA ARG N 188 -12.80 5.96 12.36
C ARG N 188 -12.70 6.04 13.87
N ALA N 189 -13.11 4.99 14.58
CA ALA N 189 -13.01 4.98 16.03
C ALA N 189 -11.56 5.04 16.47
N ARG N 190 -10.68 4.31 15.79
CA ARG N 190 -9.25 4.36 16.13
C ARG N 190 -8.69 5.76 15.93
N THR N 191 -9.05 6.40 14.82
CA THR N 191 -8.57 7.75 14.55
C THR N 191 -9.07 8.73 15.60
N LYS N 192 -10.35 8.62 15.97
CA LYS N 192 -10.90 9.52 16.99
C LYS N 192 -10.24 9.29 18.34
N ALA N 193 -9.99 8.02 18.70
CA ALA N 193 -9.31 7.73 19.96
C ALA N 193 -7.89 8.30 19.96
N GLY N 194 -7.18 8.17 18.85
CA GLY N 194 -5.86 8.76 18.76
C GLY N 194 -5.89 10.27 18.89
N ASP N 195 -6.87 10.91 18.23
CA ASP N 195 -6.99 12.36 18.32
C ASP N 195 -7.27 12.79 19.75
N LEU N 196 -8.16 12.06 20.44
CA LEU N 196 -8.45 12.37 21.83
C LEU N 196 -7.22 12.20 22.70
N ARG N 197 -6.45 11.14 22.47
CA ARG N 197 -5.21 10.94 23.23
C ARG N 197 -4.24 12.09 23.01
N ASP N 198 -4.11 12.55 21.76
CA ASP N 198 -3.26 13.71 21.49
C ASP N 198 -3.78 14.94 22.21
N THR N 199 -5.10 15.12 22.24
CA THR N 199 -5.67 16.28 22.93
C THR N 199 -5.32 16.27 24.41
N GLY N 200 -5.19 15.08 25.01
CA GLY N 200 -4.87 14.96 26.41
C GLY N 200 -6.00 14.37 27.23
N ILE N 201 -6.77 13.47 26.62
CA ILE N 201 -7.91 12.83 27.27
C ILE N 201 -7.54 11.38 27.54
N PHE N 202 -7.53 11.01 28.82
CA PHE N 202 -7.24 9.64 29.21
C PHE N 202 -8.46 8.76 28.99
N LEU N 203 -8.21 7.52 28.56
CA LEU N 203 -9.25 6.54 28.29
C LEU N 203 -8.99 5.30 29.14
N ASP N 204 -10.03 4.84 29.83
CA ASP N 204 -9.94 3.64 30.65
C ASP N 204 -11.09 2.70 30.30
N LEU N 205 -10.81 1.40 30.37
CA LEU N 205 -11.78 0.37 30.01
C LEU N 205 -12.09 -0.45 31.25
N MET N 206 -13.31 -0.28 31.79
CA MET N 206 -13.78 -1.07 32.92
C MET N 206 -14.60 -2.25 32.39
N HIS N 207 -13.88 -3.18 31.75
CA HIS N 207 -14.52 -4.33 31.14
C HIS N 207 -15.29 -5.13 32.18
N LEU N 208 -16.47 -5.58 31.81
CA LEU N 208 -17.36 -6.33 32.69
C LEU N 208 -17.41 -7.79 32.27
N LYS N 209 -18.14 -8.60 33.03
CA LYS N 209 -18.22 -10.02 32.77
C LYS N 209 -18.87 -10.29 31.41
N LYS N 210 -18.37 -11.30 30.72
CA LYS N 210 -18.91 -11.73 29.45
C LYS N 210 -19.16 -13.23 29.46
N PRO N 211 -20.23 -13.70 28.83
CA PRO N 211 -20.45 -15.17 28.79
C PRO N 211 -19.28 -15.93 28.18
N GLY N 212 -18.63 -15.36 27.16
CA GLY N 212 -17.50 -16.02 26.52
C GLY N 212 -16.18 -15.68 27.16
N GLY N 213 -15.91 -14.39 27.32
CA GLY N 213 -14.66 -13.93 27.90
C GLY N 213 -14.10 -12.71 27.19
N PHE N 214 -13.80 -11.67 27.95
CA PHE N 214 -13.29 -10.44 27.37
C PHE N 214 -11.86 -10.62 26.87
N ASP N 215 -11.57 -10.05 25.71
CA ASP N 215 -10.24 -10.10 25.11
C ASP N 215 -9.87 -8.71 24.63
N ILE N 216 -8.95 -8.06 25.35
CA ILE N 216 -8.56 -6.70 25.01
C ILE N 216 -7.81 -6.66 23.69
N SER N 217 -7.06 -7.72 23.38
CA SER N 217 -6.21 -7.72 22.18
C SER N 217 -6.99 -7.52 20.90
N LEU N 218 -8.29 -7.84 20.90
CA LEU N 218 -9.07 -7.77 19.66
C LEU N 218 -9.13 -6.34 19.13
N PHE N 219 -9.75 -5.43 19.87
CA PHE N 219 -10.00 -4.08 19.37
C PHE N 219 -9.54 -3.00 20.34
N TYR N 220 -9.62 -3.25 21.64
CA TYR N 220 -9.42 -2.21 22.63
C TYR N 220 -7.96 -1.98 22.99
N ARG N 221 -7.03 -2.72 22.39
CA ARG N 221 -5.61 -2.48 22.66
C ARG N 221 -5.19 -1.08 22.21
N ASP N 222 -5.79 -0.58 21.13
CA ASP N 222 -5.41 0.71 20.58
C ASP N 222 -6.20 1.85 21.20
N ILE N 223 -7.51 1.67 21.39
CA ILE N 223 -8.35 2.73 21.92
C ILE N 223 -7.90 3.10 23.33
N ILE N 224 -7.61 2.09 24.16
CA ILE N 224 -7.21 2.33 25.53
C ILE N 224 -5.88 3.09 25.56
N SER N 225 -5.78 4.07 26.46
CA SER N 225 -4.59 4.92 26.49
C SER N 225 -3.34 4.12 26.80
N ILE N 226 -3.41 3.24 27.79
CA ILE N 226 -2.27 2.44 28.23
C ILE N 226 -2.67 0.98 28.22
N ALA N 227 -1.91 0.15 27.49
CA ALA N 227 -2.15 -1.28 27.40
C ALA N 227 -1.10 -1.97 28.26
N GLU N 228 -1.51 -2.37 29.47
CA GLU N 228 -0.58 -3.03 30.38
C GLU N 228 -0.19 -4.40 29.84
N ASP N 229 1.03 -4.83 30.18
CA ASP N 229 1.49 -6.13 29.74
C ASP N 229 0.62 -7.25 30.28
N GLU N 230 0.22 -7.16 31.55
CA GLU N 230 -0.65 -8.17 32.14
C GLU N 230 -2.06 -8.09 31.58
N ASP N 231 -2.46 -6.96 31.02
CA ASP N 231 -3.80 -6.79 30.46
C ASP N 231 -3.85 -7.23 28.99
N LEU N 232 -3.40 -8.46 28.73
CA LEU N 232 -3.46 -9.04 27.39
C LEU N 232 -4.13 -10.40 27.36
N ARG N 233 -4.27 -11.09 28.49
CA ARG N 233 -4.93 -12.38 28.52
C ARG N 233 -6.45 -12.20 28.50
N VAL N 234 -7.15 -13.30 28.26
CA VAL N 234 -8.60 -13.28 28.23
C VAL N 234 -9.12 -13.30 29.66
N HIS N 235 -9.86 -12.25 30.04
CA HIS N 235 -10.40 -12.13 31.38
C HIS N 235 -11.78 -12.76 31.44
N PHE N 236 -11.99 -13.64 32.41
CA PHE N 236 -13.26 -14.31 32.62
C PHE N 236 -14.07 -13.68 33.75
N GLU N 237 -13.62 -12.55 34.30
CA GLU N 237 -14.31 -11.89 35.39
C GLU N 237 -14.19 -10.38 35.21
N GLU N 238 -15.06 -9.65 35.90
CA GLU N 238 -15.05 -8.19 35.82
C GLU N 238 -13.69 -7.65 36.24
N SER N 239 -13.40 -6.43 35.80
CA SER N 239 -12.11 -5.82 36.06
C SER N 239 -11.94 -5.56 37.55
N SER N 240 -10.68 -5.60 38.00
CA SER N 240 -10.37 -5.36 39.40
C SER N 240 -10.57 -3.91 39.80
N LYS N 241 -10.61 -2.99 38.83
CA LYS N 241 -10.80 -1.58 39.15
C LYS N 241 -12.19 -1.29 39.70
N LEU N 242 -13.18 -2.14 39.39
CA LEU N 242 -14.51 -1.94 39.94
C LEU N 242 -14.52 -2.08 41.46
N GLU N 243 -13.69 -2.98 42.00
CA GLU N 243 -13.60 -3.08 43.45
C GLU N 243 -13.07 -1.79 44.06
N ASP N 244 -12.07 -1.19 43.43
CA ASP N 244 -11.57 0.10 43.91
C ASP N 244 -12.62 1.18 43.80
N LEU N 245 -13.37 1.21 42.70
CA LEU N 245 -14.41 2.22 42.54
C LEU N 245 -15.50 2.06 43.60
N LEU N 246 -15.90 0.83 43.90
CA LEU N 246 -16.95 0.58 44.86
C LEU N 246 -16.49 0.87 46.29
N ARG N 247 -15.19 0.99 46.53
CA ARG N 247 -14.68 1.28 47.86
C ARG N 247 -14.88 2.77 48.16
N LYS N 248 -15.87 3.07 48.98
CA LYS N 248 -16.19 4.46 49.27
C LYS N 248 -15.11 5.09 50.13
N VAL N 249 -14.70 6.29 49.76
CA VAL N 249 -13.74 7.09 50.53
C VAL N 249 -14.49 8.30 51.07
N ARG N 250 -14.52 8.44 52.39
CA ARG N 250 -15.30 9.47 53.05
C ARG N 250 -14.42 10.48 53.77
N ALA N 251 -13.20 10.66 53.28
CA ALA N 251 -12.23 11.57 53.87
C ALA N 251 -11.88 12.65 52.85
N LYS N 252 -11.83 13.90 53.32
CA LYS N 252 -11.56 15.02 52.42
C LYS N 252 -10.13 14.96 51.90
N GLU N 253 -9.97 15.37 50.64
CA GLU N 253 -8.67 15.43 49.99
C GLU N 253 -8.33 16.88 49.70
N THR N 254 -7.15 17.32 50.14
CA THR N 254 -6.69 18.70 49.97
C THR N 254 -5.45 18.70 49.10
N ARG N 255 -5.43 19.56 48.09
CA ARG N 255 -4.28 19.68 47.21
C ARG N 255 -3.12 20.35 47.96
N LYS N 256 -1.91 20.11 47.47
CA LYS N 256 -0.72 20.66 48.09
C LYS N 256 -0.79 22.18 48.11
N ARG N 257 -0.45 22.77 49.25
CA ARG N 257 -0.45 24.22 49.39
C ARG N 257 0.52 24.59 50.50
N ALA N 258 1.10 25.79 50.38
CA ALA N 258 2.08 26.28 51.32
C ALA N 258 1.41 27.27 52.27
N LEU N 259 1.50 27.01 53.58
CA LEU N 259 0.94 27.92 54.56
C LEU N 259 1.61 29.28 54.49
N SER N 260 2.94 29.29 54.37
CA SER N 260 3.68 30.53 54.31
C SER N 260 4.96 30.30 53.52
N ARG N 261 5.48 31.38 52.96
CA ARG N 261 6.72 31.38 52.19
C ARG N 261 7.61 32.43 52.85
N LEU N 262 8.44 31.97 53.79
CA LEU N 262 9.20 32.85 54.66
C LEU N 262 10.68 32.86 54.25
N LYS N 263 11.45 33.62 55.02
CA LYS N 263 12.88 33.81 54.77
C LYS N 263 13.66 33.28 55.96
N LEU N 264 14.60 32.37 55.69
CA LEU N 264 15.53 31.90 56.69
C LEU N 264 16.77 32.78 56.64
N LYS N 265 17.11 33.40 57.78
CA LYS N 265 18.18 34.37 57.87
C LYS N 265 19.29 33.78 58.74
N LEU N 266 20.34 33.25 58.09
CA LEU N 266 21.48 32.79 58.86
C LEU N 266 22.12 33.94 59.63
N ASN N 267 22.24 35.10 58.99
CA ASN N 267 22.55 36.35 59.67
C ASN N 267 21.88 37.47 58.89
N LYS N 268 22.29 38.71 59.17
CA LYS N 268 21.59 39.86 58.62
C LYS N 268 21.66 39.90 57.09
N ASP N 269 22.70 39.31 56.50
CA ASP N 269 22.96 39.46 55.08
C ASP N 269 22.95 38.16 54.28
N ILE N 270 22.83 37.01 54.94
CA ILE N 270 22.62 35.74 54.25
C ILE N 270 21.17 35.33 54.47
N VAL N 271 20.39 35.27 53.40
CA VAL N 271 18.97 34.97 53.47
C VAL N 271 18.61 34.00 52.37
N ILE N 272 17.80 33.00 52.70
CA ILE N 272 17.25 32.05 51.75
C ILE N 272 15.74 32.03 51.90
N SER N 273 15.05 31.49 50.91
CA SER N 273 13.60 31.44 50.88
C SER N 273 13.14 30.01 51.09
N VAL N 274 12.21 29.82 52.04
CA VAL N 274 11.70 28.50 52.38
C VAL N 274 10.18 28.55 52.41
N GLY N 275 9.58 27.38 52.24
CA GLY N 275 8.14 27.23 52.31
C GLY N 275 7.76 26.28 53.44
N ILE N 276 6.65 26.59 54.11
CA ILE N 276 6.19 25.83 55.26
C ILE N 276 4.89 25.13 54.90
N TYR N 277 4.80 23.85 55.27
CA TYR N 277 3.64 23.02 54.99
C TYR N 277 3.23 22.28 56.25
N ASN N 278 1.97 21.84 56.29
CA ASN N 278 1.41 21.11 57.41
C ASN N 278 1.06 19.70 56.94
N LEU N 279 2.02 18.78 57.09
CA LEU N 279 1.79 17.40 56.69
C LEU N 279 0.73 16.72 57.55
N VAL N 280 0.48 17.23 58.75
CA VAL N 280 -0.58 16.73 59.62
C VAL N 280 -1.45 17.92 60.03
N GLN N 281 -2.77 17.78 59.85
CA GLN N 281 -3.71 18.84 60.16
C GLN N 281 -5.00 18.22 60.66
N LYS N 282 -5.54 18.77 61.74
CA LYS N 282 -6.76 18.23 62.32
C LYS N 282 -7.93 18.40 61.34
N ALA N 283 -8.76 17.37 61.27
CA ALA N 283 -9.95 17.37 60.41
C ALA N 283 -11.16 17.76 61.24
N LEU N 284 -11.91 18.75 60.75
CA LEU N 284 -13.07 19.27 61.46
C LEU N 284 -14.31 19.13 60.59
N LYS N 285 -15.46 19.03 61.25
CA LYS N 285 -16.72 18.97 60.51
C LYS N 285 -16.93 20.28 59.75
N PRO N 286 -17.56 20.22 58.59
CA PRO N 286 -17.84 21.46 57.85
C PRO N 286 -18.67 22.41 58.70
N PRO N 287 -18.40 23.71 58.63
CA PRO N 287 -19.12 24.65 59.50
C PRO N 287 -20.61 24.59 59.24
N PRO N 288 -21.44 24.63 60.28
CA PRO N 288 -22.89 24.69 60.06
C PRO N 288 -23.32 26.01 59.45
N ILE N 289 -24.46 25.97 58.79
CA ILE N 289 -25.06 27.14 58.15
C ILE N 289 -26.41 27.40 58.79
N LYS N 290 -26.73 28.67 59.01
CA LYS N 290 -28.01 29.05 59.60
C LYS N 290 -29.06 29.20 58.50
N LEU N 291 -30.16 28.48 58.65
CA LEU N 291 -31.24 28.46 57.69
C LEU N 291 -32.54 28.94 58.34
N TYR N 292 -33.44 29.45 57.51
CA TYR N 292 -34.75 29.86 57.98
C TYR N 292 -35.68 28.66 58.03
N ARG N 293 -36.49 28.60 59.09
CA ARG N 293 -37.35 27.44 59.30
C ARG N 293 -38.40 27.32 58.20
N GLU N 294 -39.00 28.44 57.78
CA GLU N 294 -40.17 28.39 56.91
C GLU N 294 -39.83 27.86 55.53
N THR N 295 -38.77 28.39 54.91
CA THR N 295 -38.45 28.05 53.53
C THR N 295 -37.01 27.59 53.34
N ASN N 296 -36.30 27.29 54.42
CA ASN N 296 -34.91 26.82 54.33
C ASN N 296 -34.05 27.80 53.55
N GLU N 297 -34.36 29.08 53.65
CA GLU N 297 -33.59 30.10 52.94
C GLU N 297 -32.47 30.61 53.83
N PRO N 298 -31.22 30.59 53.38
CA PRO N 298 -30.11 31.02 54.24
C PRO N 298 -30.31 32.45 54.75
N VAL N 299 -29.91 32.69 55.98
CA VAL N 299 -30.01 33.99 56.62
C VAL N 299 -28.61 34.55 56.81
N LYS N 300 -28.55 35.86 57.03
CA LYS N 300 -27.30 36.56 57.28
C LYS N 300 -27.29 37.06 58.72
N THR N 301 -26.17 36.88 59.40
CA THR N 301 -26.02 37.26 60.80
C THR N 301 -25.11 38.49 60.88
N LYS N 302 -25.58 39.51 61.60
CA LYS N 302 -24.83 40.75 61.76
C LYS N 302 -24.70 41.07 63.26
N THR N 303 -23.52 41.50 63.65
CA THR N 303 -23.25 41.91 65.03
C THR N 303 -23.01 43.41 65.07
N ARG N 304 -23.53 44.06 66.11
CA ARG N 304 -23.40 45.50 66.25
C ARG N 304 -23.28 45.84 67.73
N THR N 305 -22.70 47.01 68.00
CA THR N 305 -22.52 47.52 69.34
C THR N 305 -23.14 48.90 69.45
N PHE N 306 -23.95 49.11 70.47
CA PHE N 306 -24.67 50.37 70.64
C PHE N 306 -24.53 50.87 72.07
N ASN N 307 -24.64 52.18 72.23
CA ASN N 307 -24.56 52.81 73.54
C ASN N 307 -25.88 52.65 74.28
N THR N 308 -25.79 52.37 75.59
CA THR N 308 -27.00 52.15 76.37
C THR N 308 -27.72 53.47 76.65
N SER N 309 -26.97 54.52 76.96
CA SER N 309 -27.57 55.80 77.36
C SER N 309 -27.91 56.69 76.19
N THR N 310 -27.41 56.39 74.99
CA THR N 310 -27.66 57.22 73.81
C THR N 310 -28.34 56.48 72.68
N GLY N 311 -28.08 55.19 72.51
CA GLY N 311 -28.68 54.41 71.46
C GLY N 311 -27.95 54.44 70.13
N GLY N 312 -26.87 55.22 70.03
CA GLY N 312 -26.14 55.29 68.79
C GLY N 312 -25.26 54.07 68.54
N LEU N 313 -24.85 53.91 67.29
CA LEU N 313 -24.02 52.80 66.89
C LEU N 313 -22.55 53.22 66.88
N LEU N 314 -21.71 52.41 67.49
CA LEU N 314 -20.28 52.69 67.63
C LEU N 314 -19.48 51.71 66.80
N LEU N 315 -18.64 52.24 65.92
CA LEU N 315 -17.71 51.41 65.17
C LEU N 315 -16.60 50.91 66.09
N PRO N 316 -15.83 49.89 65.67
CA PRO N 316 -14.76 49.38 66.53
C PRO N 316 -13.51 50.25 66.52
N SER N 317 -13.71 51.55 66.67
CA SER N 317 -12.62 52.49 66.92
C SER N 317 -12.96 53.54 67.96
N ASP N 318 -14.23 53.82 68.20
CA ASP N 318 -14.62 54.74 69.27
C ASP N 318 -14.34 54.14 70.64
N THR N 319 -14.58 52.83 70.80
CA THR N 319 -14.44 52.17 72.09
C THR N 319 -12.97 51.94 72.41
N LYS N 320 -12.65 52.00 73.70
CA LYS N 320 -11.30 51.74 74.20
C LYS N 320 -11.26 50.37 74.86
N ARG N 321 -10.10 50.04 75.45
CA ARG N 321 -9.89 48.77 76.14
C ARG N 321 -9.44 49.06 77.57
N SER N 322 -9.73 48.12 78.46
CA SER N 322 -9.49 48.31 79.89
C SER N 322 -9.03 47.02 80.53
N GLN N 323 -8.37 47.16 81.69
CA GLN N 323 -7.91 46.03 82.47
C GLN N 323 -7.63 46.52 83.89
N ILE N 324 -8.22 45.85 84.87
CA ILE N 324 -8.17 46.31 86.26
C ILE N 324 -7.04 45.59 86.98
N TYR N 325 -5.93 46.30 87.20
CA TYR N 325 -4.79 45.75 87.92
C TYR N 325 -4.46 46.67 89.08
N GLY N 326 -4.26 46.07 90.25
CA GLY N 326 -3.90 46.86 91.42
C GLY N 326 -4.97 47.85 91.85
N SER N 327 -6.23 47.43 91.84
CA SER N 327 -7.35 48.30 92.21
C SER N 327 -7.32 49.60 91.42
N ARG N 328 -7.02 49.49 90.13
CA ARG N 328 -6.96 50.65 89.26
C ARG N 328 -7.33 50.21 87.84
N GLN N 329 -7.74 51.18 87.03
CA GLN N 329 -8.16 50.94 85.66
C GLN N 329 -7.12 51.49 84.71
N ILE N 330 -6.68 50.66 83.76
CA ILE N 330 -5.69 51.04 82.76
C ILE N 330 -6.37 51.00 81.40
N ILE N 331 -6.32 52.11 80.67
CA ILE N 331 -7.04 52.28 79.41
C ILE N 331 -6.02 52.33 78.29
N LEU N 332 -6.14 51.40 77.33
CA LEU N 332 -5.30 51.35 76.15
C LEU N 332 -6.19 51.34 74.92
N GLU N 333 -5.73 52.03 73.87
CA GLU N 333 -6.47 52.02 72.61
C GLU N 333 -6.27 50.69 71.89
N LYS N 334 -7.13 50.44 70.89
CA LYS N 334 -7.03 49.20 70.13
C LYS N 334 -5.71 49.13 69.38
N GLU N 335 -5.28 50.24 68.78
CA GLU N 335 -4.03 50.23 68.03
C GLU N 335 -2.85 49.89 68.93
N GLU N 336 -2.82 50.46 70.14
CA GLU N 336 -1.74 50.14 71.07
C GLU N 336 -1.80 48.67 71.48
N THR N 337 -3.00 48.15 71.72
CA THR N 337 -3.14 46.75 72.10
C THR N 337 -2.58 45.85 71.00
N GLU N 338 -2.89 46.15 69.74
CA GLU N 338 -2.31 45.38 68.64
C GLU N 338 -0.79 45.55 68.58
N GLU N 339 -0.30 46.78 68.82
CA GLU N 339 1.12 47.04 68.75
C GLU N 339 1.90 46.38 69.88
N LEU N 340 1.21 45.94 70.94
CA LEU N 340 1.90 45.24 72.02
C LEU N 340 2.60 43.97 71.54
N LYS N 341 2.17 43.40 70.41
CA LYS N 341 2.65 42.11 69.95
C LYS N 341 3.71 42.22 68.85
N ARG N 342 4.22 43.41 68.58
CA ARG N 342 5.21 43.61 67.53
C ARG N 342 6.60 43.41 68.11
N PHE N 343 7.29 42.36 67.68
CA PHE N 343 8.65 42.06 68.12
C PHE N 343 9.65 42.09 66.98
N ASP N 344 9.40 41.34 65.90
CA ASP N 344 10.33 41.25 64.79
C ASP N 344 9.56 40.89 63.53
N ASP N 345 10.21 41.08 62.39
CA ASP N 345 9.56 40.84 61.11
C ASP N 345 9.31 39.34 60.92
N PRO N 346 8.31 38.98 60.13
CA PRO N 346 8.02 37.55 59.92
C PRO N 346 9.22 36.82 59.32
N GLY N 347 9.41 35.59 59.76
CA GLY N 347 10.43 34.73 59.20
C GLY N 347 11.07 33.88 60.27
N LEU N 348 12.14 33.20 59.87
CA LEU N 348 12.95 32.37 60.76
C LEU N 348 14.35 32.98 60.86
N MET N 349 14.84 33.15 62.08
CA MET N 349 16.16 33.68 62.33
C MET N 349 17.01 32.61 63.01
N LEU N 350 18.17 32.31 62.41
CA LEU N 350 19.04 31.28 62.96
C LEU N 350 19.68 31.74 64.26
N MET N 351 19.81 30.81 65.21
CA MET N 351 20.42 31.07 66.49
C MET N 351 21.60 30.17 66.80
N GLY N 352 21.58 28.93 66.32
CA GLY N 352 22.68 28.02 66.59
C GLY N 352 22.27 26.59 66.22
N PHE N 353 23.12 25.65 66.61
CA PHE N 353 22.90 24.24 66.36
C PHE N 353 23.01 23.49 67.68
N LYS N 354 22.04 22.60 67.93
CA LYS N 354 21.97 21.87 69.18
C LYS N 354 21.99 20.36 68.93
N PRO N 355 22.68 19.59 69.76
CA PRO N 355 22.60 18.13 69.61
C PRO N 355 21.17 17.64 69.76
N LEU N 356 20.83 16.63 68.96
CA LEU N 356 19.47 16.09 68.98
C LEU N 356 19.13 15.41 70.30
N VAL N 357 20.13 15.02 71.09
CA VAL N 357 19.86 14.35 72.36
C VAL N 357 19.14 15.30 73.32
N LEU N 358 19.51 16.59 73.30
CA LEU N 358 18.90 17.54 74.22
C LEU N 358 17.42 17.72 73.94
N LEU N 359 16.99 17.52 72.70
CA LEU N 359 15.56 17.57 72.40
C LEU N 359 14.83 16.45 73.13
N LYS N 360 13.64 16.75 73.64
CA LYS N 360 12.87 15.84 74.47
C LYS N 360 11.53 15.54 73.82
N LYS N 361 11.14 14.26 73.88
CA LYS N 361 9.89 13.83 73.26
C LYS N 361 8.67 14.35 74.03
N HIS N 362 8.77 14.41 75.36
CA HIS N 362 7.64 14.81 76.19
C HIS N 362 7.46 16.31 76.24
N HIS N 363 8.31 17.09 75.58
CA HIS N 363 8.17 18.53 75.50
C HIS N 363 7.29 18.98 74.33
N TYR N 364 6.42 18.09 73.85
CA TYR N 364 5.54 18.43 72.74
C TYR N 364 4.62 19.58 73.14
N LEU N 365 4.47 20.55 72.23
CA LEU N 365 3.66 21.73 72.50
C LEU N 365 2.66 21.98 71.39
N ARG N 366 3.01 21.62 70.16
CA ARG N 366 2.19 21.93 69.00
C ARG N 366 2.56 20.99 67.86
N PRO N 367 1.63 20.68 66.96
CA PRO N 367 2.00 19.86 65.81
C PRO N 367 3.13 20.48 65.01
N SER N 368 4.04 19.62 64.54
CA SER N 368 5.21 20.08 63.81
C SER N 368 4.84 20.45 62.38
N LEU N 369 5.73 21.20 61.74
CA LEU N 369 5.56 21.62 60.35
C LEU N 369 6.72 21.10 59.51
N PHE N 370 6.61 21.28 58.20
CA PHE N 370 7.62 20.85 57.25
C PHE N 370 8.18 22.06 56.51
N VAL N 371 9.50 22.17 56.46
CA VAL N 371 10.19 23.27 55.80
C VAL N 371 10.92 22.71 54.60
N TYR N 372 10.67 23.31 53.44
CA TYR N 372 11.22 22.90 52.15
C TYR N 372 11.81 24.10 51.44
N PRO N 373 12.76 23.90 50.53
CA PRO N 373 13.30 25.02 49.77
C PRO N 373 12.25 25.65 48.85
N GLU N 374 12.45 26.92 48.54
CA GLU N 374 11.61 27.66 47.59
C GLU N 374 12.53 28.53 46.75
N GLU N 375 12.83 28.07 45.53
CA GLU N 375 13.77 28.75 44.65
C GLU N 375 13.16 29.93 43.92
N SER N 376 11.83 30.07 43.91
CA SER N 376 11.21 31.14 43.14
C SER N 376 11.61 32.50 43.68
N LEU N 377 11.54 32.69 45.00
CA LEU N 377 11.86 33.99 45.59
C LEU N 377 13.34 34.30 45.50
N VAL N 378 14.19 33.34 45.87
CA VAL N 378 15.63 33.54 45.92
C VAL N 378 16.30 32.39 45.16
N ILE N 379 17.25 32.72 44.30
CA ILE N 379 18.01 31.74 43.53
C ILE N 379 19.23 31.33 44.34
N GLY N 380 19.44 30.02 44.45
CA GLY N 380 20.53 29.49 45.24
C GLY N 380 20.13 28.98 46.61
N SER N 381 18.87 29.09 46.98
CA SER N 381 18.42 28.59 48.28
C SER N 381 18.55 27.08 48.36
N SER N 382 18.26 26.38 47.25
CA SER N 382 18.24 24.92 47.28
C SER N 382 19.61 24.35 47.62
N THR N 383 20.67 24.92 47.06
CA THR N 383 22.01 24.38 47.30
C THR N 383 22.40 24.51 48.77
N LEU N 384 22.21 25.70 49.34
CA LEU N 384 22.55 25.90 50.74
C LEU N 384 21.68 25.04 51.65
N PHE N 385 20.39 24.92 51.33
CA PHE N 385 19.51 24.07 52.12
C PHE N 385 19.96 22.62 52.08
N SER N 386 20.34 22.13 50.89
CA SER N 386 20.80 20.75 50.78
C SER N 386 22.08 20.54 51.57
N ALA N 387 23.02 21.48 51.47
CA ALA N 387 24.26 21.35 52.24
C ALA N 387 23.98 21.33 53.74
N LEU N 388 23.11 22.23 54.20
CA LEU N 388 22.77 22.26 55.62
C LEU N 388 22.12 20.94 56.06
N LEU N 389 21.20 20.42 55.25
CA LEU N 389 20.53 19.17 55.60
C LEU N 389 21.54 18.02 55.67
N ILE N 390 22.42 17.93 54.68
CA ILE N 390 23.40 16.85 54.66
C ILE N 390 24.30 16.91 55.88
N LYS N 391 24.80 18.11 56.21
CA LYS N 391 25.71 18.23 57.32
C LYS N 391 25.01 18.03 58.65
N CYS N 392 23.75 18.47 58.77
CA CYS N 392 23.00 18.24 59.99
C CYS N 392 22.74 16.75 60.20
N LEU N 393 22.42 16.02 59.12
CA LEU N 393 22.28 14.58 59.24
C LEU N 393 23.60 13.93 59.63
N GLU N 394 24.71 14.37 59.03
CA GLU N 394 26.00 13.77 59.33
C GLU N 394 26.39 13.99 60.78
N LYS N 395 26.18 15.19 61.31
CA LYS N 395 26.60 15.54 62.66
C LYS N 395 25.49 15.35 63.69
N GLU N 396 24.29 14.95 63.27
CA GLU N 396 23.18 14.73 64.18
C GLU N 396 22.93 15.96 65.05
N VAL N 397 22.57 17.06 64.39
CA VAL N 397 22.27 18.33 65.05
C VAL N 397 20.98 18.89 64.49
N ALA N 398 20.37 19.78 65.26
CA ALA N 398 19.13 20.45 64.89
C ALA N 398 19.34 21.96 64.97
N ALA N 399 18.79 22.68 64.00
CA ALA N 399 18.98 24.12 63.92
C ALA N 399 17.95 24.82 64.80
N LEU N 400 18.43 25.46 65.87
CA LEU N 400 17.56 26.26 66.72
C LEU N 400 17.31 27.61 66.07
N CYS N 401 16.04 28.02 66.01
CA CYS N 401 15.66 29.21 65.29
C CYS N 401 14.57 29.95 66.06
N ARG N 402 14.45 31.24 65.76
CA ARG N 402 13.34 32.07 66.24
C ARG N 402 12.34 32.25 65.10
N TYR N 403 11.09 31.90 65.36
CA TYR N 403 10.05 31.79 64.35
C TYR N 403 8.98 32.84 64.59
N THR N 404 8.63 33.56 63.52
CA THR N 404 7.54 34.55 63.55
C THR N 404 6.68 34.34 62.32
N PRO N 405 5.55 33.63 62.44
CA PRO N 405 4.79 33.28 61.23
C PRO N 405 4.23 34.49 60.50
N ARG N 406 3.52 35.38 61.19
CA ARG N 406 2.87 36.53 60.58
C ARG N 406 3.26 37.79 61.32
N ARG N 407 2.86 38.92 60.77
CA ARG N 407 3.16 40.21 61.38
C ARG N 407 2.40 40.37 62.69
N ASN N 408 3.03 41.04 63.65
CA ASN N 408 2.43 41.32 64.95
C ASN N 408 2.05 40.02 65.66
N ILE N 409 2.98 39.06 65.66
CA ILE N 409 2.81 37.81 66.39
C ILE N 409 4.06 37.60 67.24
N PRO N 410 3.94 37.33 68.53
CA PRO N 410 5.13 37.15 69.37
C PRO N 410 5.99 36.01 68.85
N PRO N 411 7.31 36.14 68.92
CA PRO N 411 8.18 35.08 68.39
C PRO N 411 8.14 33.83 69.26
N TYR N 412 8.48 32.70 68.63
CA TYR N 412 8.61 31.44 69.33
C TYR N 412 9.98 30.85 69.04
N PHE N 413 10.38 29.87 69.83
CA PHE N 413 11.63 29.15 69.63
C PHE N 413 11.33 27.78 69.06
N VAL N 414 11.93 27.47 67.92
CA VAL N 414 11.65 26.23 67.20
C VAL N 414 12.98 25.54 66.90
N ALA N 415 12.87 24.24 66.61
CA ALA N 415 14.01 23.44 66.21
C ALA N 415 13.70 22.79 64.87
N LEU N 416 14.61 22.96 63.91
CA LEU N 416 14.53 22.31 62.62
C LEU N 416 15.39 21.06 62.68
N VAL N 417 14.74 19.90 62.65
CA VAL N 417 15.40 18.59 62.69
C VAL N 417 15.51 18.09 61.26
N PRO N 418 16.69 17.67 60.79
CA PRO N 418 16.79 17.16 59.42
C PRO N 418 15.89 15.95 59.21
N GLN N 419 15.34 15.84 58.01
CA GLN N 419 14.47 14.73 57.64
C GLN N 419 14.93 14.22 56.28
N GLU N 420 15.48 13.01 56.26
CA GLU N 420 15.96 12.39 55.04
C GLU N 420 14.80 11.86 54.21
N GLU N 421 15.11 11.48 52.98
CA GLU N 421 14.12 10.95 52.05
C GLU N 421 14.04 9.45 52.22
N GLU N 422 12.86 8.95 52.61
CA GLU N 422 12.63 7.53 52.83
C GLU N 422 11.56 7.05 51.86
N LEU N 423 11.87 5.96 51.14
CA LEU N 423 10.97 5.36 50.18
C LEU N 423 10.58 3.96 50.63
N ASP N 424 9.45 3.49 50.14
CA ASP N 424 8.96 2.15 50.47
C ASP N 424 9.49 1.15 49.43
N ASP N 425 8.94 -0.08 49.47
CA ASP N 425 9.42 -1.11 48.56
C ASP N 425 9.17 -0.73 47.10
N GLN N 426 8.00 -0.18 46.80
CA GLN N 426 7.63 0.18 45.45
C GLN N 426 8.19 1.53 45.00
N LYS N 427 9.19 2.06 45.71
CA LYS N 427 9.85 3.32 45.42
C LYS N 427 8.94 4.53 45.61
N ILE N 428 7.70 4.34 46.06
CA ILE N 428 6.83 5.48 46.35
C ILE N 428 7.36 6.19 47.58
N GLN N 429 7.56 7.50 47.47
CA GLN N 429 8.08 8.28 48.58
C GLN N 429 7.12 8.25 49.75
N VAL N 430 7.65 7.99 50.95
CA VAL N 430 6.84 7.94 52.16
C VAL N 430 7.29 9.03 53.13
N THR N 431 8.56 9.44 53.04
CA THR N 431 9.08 10.51 53.88
C THR N 431 9.85 11.49 52.99
N PRO N 432 9.36 12.71 52.81
CA PRO N 432 10.05 13.66 51.93
C PRO N 432 11.29 14.23 52.59
N PRO N 433 12.22 14.77 51.81
CA PRO N 433 13.41 15.40 52.39
C PRO N 433 13.17 16.86 52.74
N GLY N 434 13.68 17.28 53.90
CA GLY N 434 13.51 18.66 54.31
C GLY N 434 13.84 18.83 55.79
N PHE N 435 13.15 19.76 56.41
CA PHE N 435 13.32 20.00 57.84
C PHE N 435 11.98 19.87 58.56
N GLN N 436 12.02 19.31 59.76
CA GLN N 436 10.85 19.21 60.62
C GLN N 436 10.94 20.31 61.67
N LEU N 437 9.98 21.23 61.65
CA LEU N 437 9.92 22.35 62.57
C LEU N 437 9.10 21.93 63.78
N VAL N 438 9.76 21.84 64.94
CA VAL N 438 9.12 21.44 66.19
C VAL N 438 9.21 22.60 67.17
N PHE N 439 8.07 22.97 67.75
CA PHE N 439 8.02 24.07 68.70
C PHE N 439 8.57 23.64 70.04
N LEU N 440 9.21 24.59 70.73
CA LEU N 440 9.83 24.34 72.02
C LEU N 440 9.09 25.12 73.10
N PRO N 441 8.71 24.49 74.21
CA PRO N 441 7.94 25.21 75.23
C PRO N 441 8.76 26.28 75.92
N PHE N 442 8.07 27.30 76.42
CA PHE N 442 8.67 28.33 77.24
C PHE N 442 8.59 27.90 78.71
N ALA N 443 9.03 28.78 79.61
CA ALA N 443 8.95 28.48 81.03
C ALA N 443 7.50 28.49 81.52
N ASP N 444 6.63 29.24 80.85
CA ASP N 444 5.23 29.31 81.24
C ASP N 444 4.40 28.13 80.74
N ASP N 445 4.92 27.36 79.79
CA ASP N 445 4.18 26.23 79.24
C ASP N 445 4.29 24.97 80.09
N LYS N 446 5.14 24.97 81.12
CA LYS N 446 5.30 23.83 82.00
C LYS N 446 4.54 24.05 83.30
N ARG N 447 4.00 22.96 83.84
CA ARG N 447 3.22 23.00 85.07
C ARG N 447 3.87 22.11 86.11
N LYS N 448 3.91 22.59 87.36
CA LYS N 448 4.48 21.82 88.44
C LYS N 448 3.61 20.61 88.76
N MET N 449 4.26 19.52 89.19
CA MET N 449 3.57 18.27 89.47
C MET N 449 3.55 17.99 90.97
N PRO N 450 2.47 17.40 91.49
CA PRO N 450 2.48 16.99 92.90
C PRO N 450 3.57 15.97 93.17
N PHE N 451 4.17 16.07 94.35
CA PHE N 451 5.22 15.13 94.73
C PHE N 451 4.60 13.79 95.11
N THR N 452 5.12 12.72 94.51
CA THR N 452 4.62 11.37 94.75
C THR N 452 5.79 10.45 95.06
N GLU N 453 5.65 9.68 96.14
CA GLU N 453 6.66 8.70 96.50
C GLU N 453 6.72 7.60 95.44
N LYS N 454 7.93 7.07 95.23
CA LYS N 454 8.17 6.06 94.22
C LYS N 454 8.16 4.67 94.86
N ILE N 455 7.39 3.75 94.26
CA ILE N 455 7.34 2.36 94.69
C ILE N 455 7.75 1.51 93.50
N MET N 456 8.78 0.68 93.70
CA MET N 456 9.33 -0.14 92.63
C MET N 456 8.76 -1.54 92.69
N ALA N 457 8.39 -2.07 91.52
CA ALA N 457 7.86 -3.42 91.42
C ALA N 457 8.98 -4.45 91.42
N THR N 458 8.68 -5.62 91.95
CA THR N 458 9.65 -6.70 91.99
C THR N 458 9.85 -7.29 90.60
N PRO N 459 10.98 -7.97 90.37
CA PRO N 459 11.23 -8.53 89.03
C PRO N 459 10.15 -9.48 88.55
N GLU N 460 9.53 -10.26 89.44
CA GLU N 460 8.51 -11.21 89.00
C GLU N 460 7.29 -10.48 88.43
N GLN N 461 6.86 -9.40 89.08
CA GLN N 461 5.73 -8.63 88.56
C GLN N 461 6.07 -8.03 87.20
N VAL N 462 7.28 -7.50 87.04
CA VAL N 462 7.69 -6.94 85.77
C VAL N 462 7.71 -8.03 84.70
N GLY N 463 8.14 -9.24 85.06
CA GLY N 463 8.14 -10.33 84.09
C GLY N 463 6.74 -10.72 83.67
N LYS N 464 5.81 -10.81 84.61
CA LYS N 464 4.43 -11.13 84.26
C LYS N 464 3.85 -10.05 83.35
N MET N 465 4.11 -8.78 83.67
CA MET N 465 3.61 -7.70 82.81
C MET N 465 4.27 -7.74 81.43
N LYS N 466 5.55 -8.12 81.36
CA LYS N 466 6.20 -8.31 80.08
C LYS N 466 5.52 -9.38 79.27
N ALA N 467 5.15 -10.50 79.92
CA ALA N 467 4.43 -11.56 79.23
C ALA N 467 3.10 -11.05 78.69
N ILE N 468 2.37 -10.29 79.50
CA ILE N 468 1.09 -9.74 79.05
C ILE N 468 1.30 -8.83 77.85
N VAL N 469 2.30 -7.95 77.93
CA VAL N 469 2.56 -7.01 76.84
C VAL N 469 2.90 -7.76 75.56
N GLU N 470 3.76 -8.78 75.67
CA GLU N 470 4.10 -9.58 74.49
C GLU N 470 2.87 -10.26 73.92
N LYS N 471 1.97 -10.74 74.79
CA LYS N 471 0.73 -11.34 74.31
C LYS N 471 -0.11 -10.34 73.54
N LEU N 472 -0.13 -9.09 73.99
CA LEU N 472 -0.95 -8.04 73.37
C LEU N 472 -0.15 -7.16 72.42
N ARG N 473 0.81 -7.74 71.69
CA ARG N 473 1.61 -6.98 70.74
C ARG N 473 0.91 -6.88 69.39
N PHE N 474 1.13 -5.76 68.71
CA PHE N 474 0.58 -5.54 67.38
C PHE N 474 1.38 -4.45 66.69
N THR N 475 1.27 -4.41 65.37
CA THR N 475 1.98 -3.43 64.56
C THR N 475 1.11 -2.21 64.34
N TYR N 476 1.74 -1.03 64.43
CA TYR N 476 1.03 0.24 64.36
C TYR N 476 1.35 0.96 63.06
N ARG N 477 0.32 1.59 62.48
CA ARG N 477 0.49 2.41 61.29
C ARG N 477 -0.30 3.71 61.49
N SER N 478 0.16 4.76 60.81
CA SER N 478 -0.44 6.08 61.01
C SER N 478 -1.86 6.16 60.45
N ASP N 479 -2.22 5.29 59.51
CA ASP N 479 -3.53 5.32 58.86
C ASP N 479 -4.36 4.09 59.20
N SER N 480 -4.19 3.57 60.42
CA SER N 480 -4.92 2.39 60.87
C SER N 480 -6.16 2.72 61.68
N PHE N 481 -6.50 4.01 61.82
CA PHE N 481 -7.66 4.42 62.60
C PHE N 481 -8.41 5.51 61.84
N GLU N 482 -9.71 5.62 62.14
CA GLU N 482 -10.57 6.63 61.55
C GLU N 482 -11.36 7.32 62.65
N ASN N 483 -11.75 8.57 62.37
CA ASN N 483 -12.49 9.36 63.35
C ASN N 483 -13.96 8.94 63.32
N PRO N 484 -14.47 8.31 64.38
CA PRO N 484 -15.88 7.87 64.35
C PRO N 484 -16.86 9.02 64.18
N VAL N 485 -16.57 10.18 64.78
CA VAL N 485 -17.51 11.29 64.73
C VAL N 485 -17.69 11.78 63.30
N LEU N 486 -16.58 12.00 62.59
CA LEU N 486 -16.66 12.49 61.23
C LEU N 486 -17.34 11.47 60.31
N GLN N 487 -17.00 10.20 60.47
CA GLN N 487 -17.61 9.17 59.63
C GLN N 487 -19.12 9.09 59.86
N GLN N 488 -19.53 9.12 61.13
CA GLN N 488 -20.97 9.09 61.42
C GLN N 488 -21.66 10.33 60.88
N HIS N 489 -21.02 11.49 61.00
CA HIS N 489 -21.61 12.72 60.46
C HIS N 489 -21.80 12.62 58.96
N PHE N 490 -20.79 12.12 58.24
CA PHE N 490 -20.91 11.97 56.79
C PHE N 490 -22.02 10.98 56.43
N ARG N 491 -22.09 9.86 57.17
CA ARG N 491 -23.14 8.89 56.89
C ARG N 491 -24.52 9.48 57.11
N ASN N 492 -24.71 10.21 58.22
CA ASN N 492 -25.99 10.84 58.49
C ASN N 492 -26.34 11.87 57.42
N LEU N 493 -25.36 12.66 57.00
CA LEU N 493 -25.62 13.66 55.97
C LEU N 493 -26.04 13.01 54.67
N GLU N 494 -25.37 11.94 54.27
CA GLU N 494 -25.75 11.24 53.06
C GLU N 494 -27.15 10.64 53.18
N ALA N 495 -27.46 10.04 54.33
CA ALA N 495 -28.79 9.46 54.51
C ALA N 495 -29.86 10.53 54.42
N LEU N 496 -29.63 11.68 55.03
CA LEU N 496 -30.60 12.77 54.95
C LEU N 496 -30.75 13.29 53.53
N ALA N 497 -29.64 13.46 52.82
CA ALA N 497 -29.70 14.00 51.46
C ALA N 497 -30.41 13.04 50.51
N LEU N 498 -30.10 11.76 50.60
CA LEU N 498 -30.66 10.76 49.70
C LEU N 498 -31.95 10.14 50.22
N ASP N 499 -32.44 10.56 51.39
CA ASP N 499 -33.69 10.06 51.95
C ASP N 499 -33.65 8.53 52.10
N LEU N 500 -32.52 8.01 52.56
CA LEU N 500 -32.39 6.59 52.78
C LEU N 500 -33.25 6.15 53.98
N MET N 501 -33.57 4.86 54.00
CA MET N 501 -34.43 4.33 55.07
C MET N 501 -33.80 4.55 56.44
N GLU N 502 -32.56 4.12 56.61
CA GLU N 502 -31.83 4.29 57.87
C GLU N 502 -30.38 4.63 57.57
N PRO N 503 -29.73 5.40 58.43
CA PRO N 503 -28.31 5.70 58.22
C PRO N 503 -27.45 4.46 58.32
N GLU N 504 -26.37 4.45 57.55
CA GLU N 504 -25.40 3.37 57.62
C GLU N 504 -24.55 3.54 58.88
N GLN N 505 -24.36 2.44 59.62
CA GLN N 505 -23.60 2.47 60.86
C GLN N 505 -22.14 2.17 60.56
N ALA N 506 -21.25 3.00 61.11
CA ALA N 506 -19.82 2.85 60.89
C ALA N 506 -19.20 2.07 62.02
N VAL N 507 -18.43 1.04 61.68
CA VAL N 507 -17.76 0.23 62.69
C VAL N 507 -16.61 1.04 63.29
N ASP N 508 -16.54 1.07 64.62
CA ASP N 508 -15.52 1.83 65.32
C ASP N 508 -14.32 0.93 65.57
N LEU N 509 -13.18 1.28 64.98
CA LEU N 509 -11.96 0.51 65.14
C LEU N 509 -11.13 0.95 66.34
N THR N 510 -11.52 2.02 67.02
CA THR N 510 -10.80 2.50 68.19
C THR N 510 -11.30 1.86 69.48
N LEU N 511 -12.38 1.10 69.44
CA LEU N 511 -12.88 0.43 70.64
C LEU N 511 -12.04 -0.81 70.93
N PRO N 512 -11.59 -1.00 72.17
CA PRO N 512 -10.78 -2.19 72.48
C PRO N 512 -11.54 -3.47 72.18
N LYS N 513 -10.82 -4.47 71.69
CA LYS N 513 -11.39 -5.80 71.44
C LYS N 513 -11.30 -6.59 72.73
N VAL N 514 -12.32 -6.46 73.57
CA VAL N 514 -12.29 -7.08 74.89
C VAL N 514 -12.25 -8.60 74.77
N GLU N 515 -13.06 -9.16 73.88
CA GLU N 515 -13.14 -10.63 73.77
C GLU N 515 -11.82 -11.21 73.31
N ALA N 516 -11.22 -10.64 72.26
CA ALA N 516 -9.96 -11.16 71.75
C ALA N 516 -8.86 -11.03 72.77
N MET N 517 -8.80 -9.89 73.48
CA MET N 517 -7.78 -9.70 74.49
C MET N 517 -7.94 -10.71 75.62
N ASN N 518 -9.18 -10.93 76.06
CA ASN N 518 -9.42 -11.91 77.12
C ASN N 518 -9.00 -13.30 76.67
N LYS N 519 -9.35 -13.67 75.44
CA LYS N 519 -8.97 -15.00 74.95
C LYS N 519 -7.45 -15.14 74.87
N ARG N 520 -6.76 -14.11 74.38
CA ARG N 520 -5.32 -14.21 74.20
C ARG N 520 -4.59 -14.24 75.53
N LEU N 521 -4.98 -13.37 76.46
CA LEU N 521 -4.27 -13.28 77.74
C LEU N 521 -4.36 -14.59 78.52
N GLY N 522 -5.53 -15.22 78.51
CA GLY N 522 -5.68 -16.46 79.26
C GLY N 522 -5.69 -16.19 80.75
N SER N 523 -4.86 -16.93 81.48
CA SER N 523 -4.83 -16.84 82.94
C SER N 523 -3.84 -15.80 83.46
N LEU N 524 -3.07 -15.16 82.57
CA LEU N 524 -2.03 -14.25 83.04
C LEU N 524 -2.61 -13.14 83.90
N VAL N 525 -3.81 -12.67 83.56
CA VAL N 525 -4.42 -11.58 84.33
C VAL N 525 -4.63 -12.00 85.78
N ASP N 526 -5.12 -13.22 86.00
CA ASP N 526 -5.35 -13.68 87.36
C ASP N 526 -4.05 -13.77 88.15
N GLU N 527 -3.00 -14.30 87.53
CA GLU N 527 -1.72 -14.41 88.23
C GLU N 527 -1.18 -13.02 88.57
N PHE N 528 -1.27 -12.08 87.63
CA PHE N 528 -0.79 -10.72 87.91
C PHE N 528 -1.58 -10.09 89.04
N LYS N 529 -2.91 -10.24 89.02
CA LYS N 529 -3.74 -9.67 90.08
C LYS N 529 -3.41 -10.28 91.43
N GLU N 530 -3.17 -11.60 91.46
CA GLU N 530 -2.82 -12.25 92.72
C GLU N 530 -1.45 -11.79 93.21
N LEU N 531 -0.52 -11.55 92.29
CA LEU N 531 0.84 -11.18 92.64
C LEU N 531 1.01 -9.70 92.96
N VAL N 532 0.04 -8.85 92.60
CA VAL N 532 0.19 -7.41 92.79
C VAL N 532 -0.87 -6.82 93.71
N TYR N 533 -2.02 -7.46 93.89
CA TYR N 533 -3.11 -6.90 94.67
C TYR N 533 -3.37 -7.73 95.92
N PRO N 534 -3.68 -7.11 97.05
CA PRO N 534 -4.05 -7.87 98.25
C PRO N 534 -5.35 -8.63 98.01
N PRO N 535 -5.69 -9.58 98.88
CA PRO N 535 -6.92 -10.38 98.64
C PRO N 535 -8.18 -9.52 98.54
N ASP N 536 -8.27 -8.45 99.32
CA ASP N 536 -9.45 -7.59 99.36
C ASP N 536 -9.02 -6.17 98.98
N TYR N 537 -9.07 -5.87 97.68
CA TYR N 537 -8.72 -4.56 97.16
C TYR N 537 -9.87 -3.88 96.45
N ASN N 538 -10.58 -4.60 95.56
CA ASN N 538 -11.73 -4.03 94.86
C ASN N 538 -11.31 -2.80 94.05
N PRO N 539 -10.56 -2.98 92.97
CA PRO N 539 -10.12 -1.80 92.19
C PRO N 539 -11.28 -0.91 91.73
N GLU N 540 -12.40 -1.52 91.35
CA GLU N 540 -13.52 -0.72 90.86
C GLU N 540 -14.06 0.22 91.93
N GLY N 541 -14.18 -0.26 93.15
CA GLY N 541 -14.67 0.56 94.25
C GLY N 541 -13.64 1.56 94.74
N ASN O 6 0.82 29.15 99.74
CA ASN O 6 0.00 30.06 98.95
C ASN O 6 0.04 31.47 99.53
N LYS O 7 -0.78 31.71 100.55
CA LYS O 7 -0.82 33.03 101.17
C LYS O 7 0.50 33.31 101.89
N ALA O 8 0.92 34.57 101.86
CA ALA O 8 2.18 34.95 102.50
C ALA O 8 2.09 36.41 102.94
N ALA O 9 2.89 36.74 103.95
CA ALA O 9 3.00 38.09 104.47
C ALA O 9 4.47 38.48 104.48
N VAL O 10 4.80 39.62 103.89
CA VAL O 10 6.17 40.10 103.77
C VAL O 10 6.26 41.47 104.39
N VAL O 11 7.17 41.64 105.35
CA VAL O 11 7.38 42.90 106.03
C VAL O 11 8.74 43.42 105.60
N LEU O 12 8.74 44.38 104.67
CA LEU O 12 9.97 44.98 104.18
C LEU O 12 10.46 46.01 105.19
N CYS O 13 11.57 45.70 105.85
CA CYS O 13 12.23 46.60 106.77
C CYS O 13 13.35 47.32 106.03
N MET O 14 13.37 48.65 106.12
CA MET O 14 14.27 49.47 105.33
C MET O 14 15.06 50.40 106.25
N ASP O 15 16.23 50.81 105.76
CA ASP O 15 17.13 51.71 106.46
C ASP O 15 17.12 53.04 105.72
N VAL O 16 16.86 54.12 106.45
CA VAL O 16 16.75 55.45 105.84
C VAL O 16 17.65 56.44 106.57
N GLY O 17 18.64 55.92 107.29
CA GLY O 17 19.60 56.79 107.93
C GLY O 17 20.51 57.48 106.93
N PHE O 18 21.15 58.55 107.40
CA PHE O 18 22.03 59.33 106.53
C PHE O 18 23.23 58.53 106.05
N THR O 19 23.53 57.40 106.68
CA THR O 19 24.70 56.62 106.28
C THR O 19 24.61 56.19 104.83
N MET O 20 23.40 55.97 104.31
CA MET O 20 23.21 55.56 102.92
C MET O 20 22.99 56.74 101.98
N SER O 21 22.95 57.97 102.50
CA SER O 21 22.72 59.13 101.64
C SER O 21 23.95 59.54 100.86
N ASN O 22 25.13 59.05 101.25
CA ASN O 22 26.38 59.39 100.59
C ASN O 22 27.14 58.12 100.25
N SER O 23 27.73 58.10 99.05
CA SER O 23 28.51 56.95 98.60
C SER O 23 29.45 57.42 97.50
N ILE O 24 30.15 56.46 96.90
CA ILE O 24 31.09 56.78 95.82
C ILE O 24 30.30 57.29 94.61
N PRO O 25 30.68 58.43 94.01
CA PRO O 25 29.90 58.93 92.87
C PRO O 25 29.88 57.98 91.69
N GLY O 26 30.89 57.13 91.55
CA GLY O 26 30.97 56.24 90.40
C GLY O 26 30.00 55.08 90.43
N ILE O 27 29.36 54.83 91.56
CA ILE O 27 28.39 53.74 91.69
C ILE O 27 27.13 54.28 92.34
N GLU O 28 26.02 53.58 92.09
CA GLU O 28 24.73 53.99 92.65
C GLU O 28 24.75 53.86 94.17
N SER O 29 24.09 54.80 94.83
CA SER O 29 24.05 54.80 96.28
C SER O 29 23.21 53.62 96.79
N PRO O 30 23.50 53.09 97.98
CA PRO O 30 22.71 51.97 98.50
C PRO O 30 21.22 52.28 98.62
N PHE O 31 20.87 53.52 98.97
CA PHE O 31 19.46 53.88 99.14
C PHE O 31 18.71 53.69 97.83
N GLU O 32 19.29 54.16 96.72
CA GLU O 32 18.62 54.03 95.43
C GLU O 32 18.48 52.55 95.04
N GLN O 33 19.51 51.75 95.30
CA GLN O 33 19.44 50.33 94.98
C GLN O 33 18.34 49.64 95.79
N ALA O 34 18.24 49.95 97.08
CA ALA O 34 17.18 49.37 97.90
C ALA O 34 15.81 49.81 97.40
N LYS O 35 15.67 51.08 97.04
CA LYS O 35 14.41 51.55 96.50
C LYS O 35 14.04 50.80 95.22
N LYS O 36 15.02 50.60 94.34
CA LYS O 36 14.76 49.88 93.10
C LYS O 36 14.34 48.44 93.37
N VAL O 37 15.02 47.77 94.31
CA VAL O 37 14.68 46.39 94.63
C VAL O 37 13.26 46.30 95.17
N ILE O 38 12.92 47.20 96.09
CA ILE O 38 11.58 47.19 96.67
C ILE O 38 10.53 47.46 95.59
N THR O 39 10.81 48.42 94.71
CA THR O 39 9.87 48.73 93.64
C THR O 39 9.66 47.52 92.72
N MET O 40 10.74 46.85 92.35
CA MET O 40 10.61 45.68 91.49
C MET O 40 9.79 44.58 92.16
N PHE O 41 10.06 44.33 93.45
CA PHE O 41 9.29 43.33 94.17
C PHE O 41 7.81 43.68 94.21
N VAL O 42 7.51 44.96 94.47
CA VAL O 42 6.12 45.39 94.55
C VAL O 42 5.44 45.24 93.20
N GLN O 43 6.14 45.58 92.11
CA GLN O 43 5.57 45.39 90.78
C GLN O 43 5.27 43.91 90.52
N ARG O 44 6.22 43.04 90.84
CA ARG O 44 5.99 41.61 90.61
C ARG O 44 4.78 41.12 91.40
N GLN O 45 4.65 41.55 92.66
CA GLN O 45 3.52 41.12 93.46
C GLN O 45 2.21 41.69 92.92
N VAL O 46 2.23 42.94 92.46
CA VAL O 46 1.00 43.58 91.96
C VAL O 46 0.52 42.87 90.71
N PHE O 47 1.42 42.54 89.80
CA PHE O 47 1.04 41.90 88.55
C PHE O 47 0.89 40.39 88.68
N ALA O 48 1.16 39.83 89.86
CA ALA O 48 0.94 38.41 90.13
C ALA O 48 -0.05 38.33 91.29
N GLU O 49 -1.32 38.12 90.97
CA GLU O 49 -2.39 38.09 91.97
C GLU O 49 -2.32 36.76 92.71
N ASN O 50 -1.54 36.75 93.80
CA ASN O 50 -1.35 35.55 94.62
C ASN O 50 -1.89 35.71 96.03
N LYS O 51 -2.66 36.78 96.29
CA LYS O 51 -3.25 37.02 97.61
C LYS O 51 -2.18 37.08 98.69
N ASP O 52 -1.04 37.68 98.37
CA ASP O 52 0.03 37.93 99.32
C ASP O 52 0.00 39.38 99.77
N GLU O 53 0.32 39.60 101.04
CA GLU O 53 0.24 40.92 101.64
C GLU O 53 1.62 41.43 102.02
N ILE O 54 1.78 42.75 101.94
CA ILE O 54 3.06 43.41 102.13
C ILE O 54 2.88 44.58 103.09
N ALA O 55 3.81 44.72 104.03
CA ALA O 55 3.91 45.88 104.89
C ALA O 55 5.30 46.48 104.78
N LEU O 56 5.41 47.75 105.10
CA LEU O 56 6.66 48.50 104.95
C LEU O 56 6.97 49.23 106.24
N VAL O 57 8.12 48.93 106.83
CA VAL O 57 8.61 49.59 108.03
C VAL O 57 9.99 50.16 107.73
N LEU O 58 10.26 51.35 108.27
CA LEU O 58 11.52 52.04 108.03
C LEU O 58 12.12 52.47 109.36
N PHE O 59 13.44 52.35 109.48
CA PHE O 59 14.16 52.80 110.67
C PHE O 59 15.29 53.73 110.25
N GLY O 60 15.51 54.76 111.06
CA GLY O 60 16.49 55.79 110.74
C GLY O 60 15.90 57.14 110.38
N THR O 61 14.61 57.35 110.62
CA THR O 61 13.94 58.60 110.31
C THR O 61 13.61 59.35 111.61
N ASP O 62 13.43 60.67 111.48
CA ASP O 62 13.13 61.49 112.64
C ASP O 62 11.80 61.11 113.27
N GLY O 63 10.85 60.62 112.47
CA GLY O 63 9.54 60.29 112.98
C GLY O 63 9.56 59.07 113.89
N THR O 64 8.47 58.91 114.63
CA THR O 64 8.32 57.78 115.55
C THR O 64 6.85 57.42 115.61
N ASP O 65 6.50 56.26 115.08
CA ASP O 65 5.10 55.81 115.07
C ASP O 65 5.14 54.28 115.01
N ASN O 66 4.90 53.64 116.14
CA ASN O 66 4.85 52.18 116.21
C ASN O 66 4.03 51.79 117.43
N PRO O 67 3.49 50.56 117.44
CA PRO O 67 2.63 50.17 118.58
C PRO O 67 3.33 50.25 119.93
N LEU O 68 4.60 49.90 120.00
CA LEU O 68 5.34 49.81 121.26
C LEU O 68 6.31 50.99 121.33
N SER O 69 5.93 52.02 122.09
CA SER O 69 6.76 53.21 122.27
C SER O 69 7.64 53.10 123.52
N GLY O 70 7.03 52.88 124.67
CA GLY O 70 7.81 52.77 125.90
C GLY O 70 8.60 54.03 126.15
N GLY O 71 9.86 53.87 126.51
CA GLY O 71 10.77 54.97 126.79
C GLY O 71 11.60 55.33 125.58
N ASP O 72 12.90 55.56 125.81
CA ASP O 72 13.81 55.87 124.72
C ASP O 72 13.96 54.72 123.73
N GLN O 73 13.68 53.50 124.18
CA GLN O 73 13.77 52.35 123.28
C GLN O 73 12.62 52.38 122.27
N TYR O 74 12.86 51.73 121.13
CA TYR O 74 11.88 51.66 120.04
C TYR O 74 11.52 53.07 119.56
N GLN O 75 12.54 53.78 119.09
CA GLN O 75 12.40 55.14 118.59
C GLN O 75 13.02 55.25 117.21
N ASN O 76 12.58 56.26 116.46
CA ASN O 76 13.04 56.49 115.09
C ASN O 76 12.63 55.34 114.17
N ILE O 77 11.54 54.66 114.50
CA ILE O 77 11.02 53.57 113.70
C ILE O 77 9.55 53.86 113.42
N THR O 78 9.16 53.80 112.14
CA THR O 78 7.80 54.10 111.72
C THR O 78 7.26 52.95 110.89
N VAL O 79 6.05 52.49 111.23
CA VAL O 79 5.36 51.45 110.46
C VAL O 79 4.60 52.20 109.37
N HIS O 80 5.29 52.47 108.26
CA HIS O 80 4.71 53.30 107.21
C HIS O 80 3.48 52.64 106.59
N ARG O 81 3.55 51.34 106.31
CA ARG O 81 2.47 50.63 105.63
C ARG O 81 2.18 49.34 106.38
N HIS O 82 0.90 49.12 106.69
CA HIS O 82 0.48 47.93 107.42
C HIS O 82 0.25 46.77 106.45
N LEU O 83 -0.26 45.66 107.00
CA LEU O 83 -0.49 44.45 106.20
C LEU O 83 -1.73 44.65 105.34
N MET O 84 -1.54 44.70 104.02
CA MET O 84 -2.65 44.80 103.09
C MET O 84 -2.17 44.39 101.71
N LEU O 85 -3.12 44.13 100.82
CA LEU O 85 -2.79 43.69 99.48
C LEU O 85 -2.02 44.78 98.75
N PRO O 86 -1.03 44.43 97.92
CA PRO O 86 -0.29 45.47 97.19
C PRO O 86 -1.16 46.17 96.17
N ASP O 87 -0.82 47.43 95.90
CA ASP O 87 -1.55 48.24 94.95
C ASP O 87 -0.65 49.38 94.47
N PHE O 88 -1.12 50.08 93.44
CA PHE O 88 -0.30 51.11 92.81
C PHE O 88 0.01 52.26 93.75
N ASP O 89 -0.89 52.56 94.69
CA ASP O 89 -0.62 53.63 95.64
C ASP O 89 0.62 53.31 96.47
N LEU O 90 0.91 52.03 96.71
CA LEU O 90 2.15 51.66 97.38
C LEU O 90 3.36 52.06 96.55
N LEU O 91 3.31 51.81 95.24
CA LEU O 91 4.41 52.22 94.37
C LEU O 91 4.56 53.74 94.36
N GLU O 92 3.44 54.46 94.33
CA GLU O 92 3.51 55.92 94.37
C GLU O 92 4.14 56.40 95.68
N ASP O 93 3.76 55.78 96.79
CA ASP O 93 4.36 56.14 98.08
C ASP O 93 5.86 55.87 98.08
N ILE O 94 6.27 54.73 97.52
CA ILE O 94 7.70 54.43 97.44
C ILE O 94 8.42 55.49 96.62
N GLU O 95 7.83 55.89 95.49
CA GLU O 95 8.52 56.81 94.59
C GLU O 95 8.78 58.15 95.25
N SER O 96 7.80 58.69 95.98
CA SER O 96 7.87 60.06 96.48
C SER O 96 7.89 60.14 98.00
N LYS O 97 6.96 59.48 98.68
CA LYS O 97 6.80 59.69 100.12
C LYS O 97 8.07 59.30 100.87
N ILE O 98 8.68 58.18 100.51
CA ILE O 98 9.89 57.73 101.20
C ILE O 98 11.04 58.64 100.84
N GLN O 99 11.59 59.34 101.83
CA GLN O 99 12.66 60.30 101.65
C GLN O 99 13.79 60.02 102.62
N PRO O 100 15.01 60.46 102.30
CA PRO O 100 16.13 60.20 103.21
C PRO O 100 15.93 60.87 104.56
N GLY O 101 16.53 60.25 105.58
CA GLY O 101 16.48 60.79 106.94
C GLY O 101 17.86 61.03 107.50
N SER O 102 17.95 61.82 108.57
CA SER O 102 19.23 62.19 109.16
C SER O 102 19.59 61.37 110.39
N GLN O 103 18.61 60.96 111.18
CA GLN O 103 18.89 60.24 112.41
C GLN O 103 19.28 58.80 112.10
N GLN O 104 20.06 58.21 113.01
CA GLN O 104 20.46 56.82 112.93
C GLN O 104 19.61 55.97 113.87
N ALA O 105 19.60 54.66 113.61
CA ALA O 105 18.82 53.74 114.42
C ALA O 105 19.49 52.37 114.40
N ASP O 106 19.16 51.57 115.41
CA ASP O 106 19.68 50.22 115.55
C ASP O 106 18.65 49.25 114.99
N PHE O 107 19.07 48.41 114.03
CA PHE O 107 18.11 47.56 113.33
C PHE O 107 17.54 46.45 114.20
N LEU O 108 18.08 46.21 115.39
CA LEU O 108 17.46 45.26 116.30
C LEU O 108 16.09 45.76 116.75
N ASP O 109 15.98 47.05 117.07
CA ASP O 109 14.68 47.62 117.40
C ASP O 109 13.73 47.55 116.22
N ALA O 110 14.24 47.77 115.01
CA ALA O 110 13.40 47.64 113.83
C ALA O 110 12.89 46.21 113.66
N LEU O 111 13.76 45.23 113.92
CA LEU O 111 13.33 43.84 113.85
C LEU O 111 12.27 43.55 114.90
N ILE O 112 12.42 44.10 116.11
CA ILE O 112 11.41 43.93 117.14
C ILE O 112 10.09 44.53 116.68
N VAL O 113 10.13 45.71 116.09
CA VAL O 113 8.91 46.35 115.61
C VAL O 113 8.25 45.51 114.52
N SER O 114 9.04 44.98 113.59
CA SER O 114 8.49 44.15 112.53
C SER O 114 7.86 42.88 113.09
N MET O 115 8.51 42.27 114.09
CA MET O 115 7.94 41.07 114.70
C MET O 115 6.63 41.40 115.39
N ASP O 116 6.58 42.54 116.08
CA ASP O 116 5.32 42.95 116.73
C ASP O 116 4.23 43.17 115.70
N VAL O 117 4.57 43.81 114.58
CA VAL O 117 3.58 44.06 113.53
C VAL O 117 3.06 42.74 112.98
N ILE O 118 3.96 41.79 112.72
CA ILE O 118 3.53 40.50 112.20
C ILE O 118 2.62 39.79 113.20
N GLN O 119 3.01 39.81 114.48
CA GLN O 119 2.20 39.15 115.49
C GLN O 119 0.81 39.78 115.60
N HIS O 120 0.75 41.11 115.54
CA HIS O 120 -0.53 41.79 115.71
C HIS O 120 -1.44 41.59 114.49
N GLU O 121 -0.89 41.73 113.28
CA GLU O 121 -1.70 41.71 112.08
C GLU O 121 -1.89 40.33 111.47
N THR O 122 -1.18 39.31 111.97
CA THR O 122 -1.35 37.96 111.43
C THR O 122 -2.63 37.30 111.93
N ILE O 123 -3.08 37.63 113.15
CA ILE O 123 -4.26 37.00 113.69
C ILE O 123 -5.47 37.31 112.81
N GLY O 124 -6.39 36.35 112.73
CA GLY O 124 -7.58 36.50 111.94
C GLY O 124 -7.46 36.03 110.50
N LYS O 125 -6.26 35.64 110.06
CA LYS O 125 -6.06 35.16 108.69
C LYS O 125 -5.09 33.99 108.72
N LYS O 126 -5.26 33.09 107.77
CA LYS O 126 -4.44 31.87 107.69
C LYS O 126 -3.22 32.16 106.82
N PHE O 127 -2.23 32.82 107.41
CA PHE O 127 -0.96 33.10 106.76
C PHE O 127 -0.02 31.92 107.02
N GLU O 128 0.22 31.10 105.99
CA GLU O 128 1.05 29.93 106.14
C GLU O 128 2.54 30.25 106.10
N LYS O 129 2.92 31.46 105.71
CA LYS O 129 4.33 31.84 105.63
C LYS O 129 4.48 33.29 106.09
N ARG O 130 5.65 33.59 106.66
CA ARG O 130 5.98 34.93 107.11
C ARG O 130 7.45 35.20 106.82
N HIS O 131 7.74 36.38 106.29
CA HIS O 131 9.11 36.76 105.93
C HIS O 131 9.39 38.17 106.41
N ILE O 132 10.63 38.41 106.81
CA ILE O 132 11.13 39.75 107.14
C ILE O 132 12.44 39.94 106.41
N GLU O 133 12.53 41.00 105.62
CA GLU O 133 13.73 41.33 104.85
C GLU O 133 14.33 42.61 105.40
N ILE O 134 15.62 42.56 105.73
CA ILE O 134 16.33 43.69 106.33
C ILE O 134 17.24 44.29 105.26
N PHE O 135 16.95 45.54 104.88
CA PHE O 135 17.77 46.30 103.95
C PHE O 135 18.58 47.30 104.77
N THR O 136 19.77 46.89 105.21
CA THR O 136 20.59 47.71 106.07
C THR O 136 22.04 47.68 105.59
N ASP O 137 22.74 48.78 105.81
CA ASP O 137 24.16 48.88 105.50
C ASP O 137 25.06 48.56 106.69
N LEU O 138 24.49 48.38 107.88
CA LEU O 138 25.23 47.99 109.08
C LEU O 138 26.23 49.04 109.52
N SER O 139 26.00 50.31 109.16
CA SER O 139 26.89 51.38 109.59
C SER O 139 26.65 51.74 111.05
N SER O 140 25.41 51.70 111.51
CA SER O 140 25.09 52.09 112.87
C SER O 140 25.62 51.07 113.88
N ARG O 141 25.81 51.53 115.11
CA ARG O 141 26.31 50.66 116.17
C ARG O 141 25.25 49.62 116.55
N PHE O 142 25.71 48.56 117.19
CA PHE O 142 24.88 47.40 117.50
C PHE O 142 24.73 47.27 119.03
N SER O 143 23.50 47.06 119.48
CA SER O 143 23.19 46.81 120.88
C SER O 143 22.59 45.42 120.98
N LYS O 144 23.45 44.41 121.13
CA LYS O 144 23.02 43.02 121.15
C LYS O 144 22.71 42.57 122.57
N SER O 145 21.77 43.28 123.19
CA SER O 145 21.33 42.98 124.55
C SER O 145 20.04 42.17 124.59
N GLN O 146 19.48 41.81 123.44
CA GLN O 146 18.21 41.08 123.40
C GLN O 146 18.23 39.99 122.33
N LEU O 147 19.41 39.46 122.01
CA LEU O 147 19.51 38.46 120.95
C LEU O 147 18.76 37.17 121.31
N ASP O 148 18.93 36.70 122.54
CA ASP O 148 18.36 35.40 122.90
C ASP O 148 16.83 35.41 122.78
N ILE O 149 16.20 36.43 123.35
CA ILE O 149 14.74 36.50 123.30
C ILE O 149 14.26 36.68 121.87
N ILE O 150 15.02 37.44 121.06
CA ILE O 150 14.64 37.65 119.67
C ILE O 150 14.65 36.32 118.91
N ILE O 151 15.71 35.54 119.09
CA ILE O 151 15.80 34.24 118.41
C ILE O 151 14.70 33.31 118.91
N HIS O 152 14.42 33.34 120.21
CA HIS O 152 13.35 32.51 120.75
C HIS O 152 12.01 32.87 120.12
N SER O 153 11.72 34.17 120.02
CA SER O 153 10.47 34.59 119.39
C SER O 153 10.42 34.18 117.93
N LEU O 154 11.54 34.33 117.20
CA LEU O 154 11.56 33.93 115.81
C LEU O 154 11.25 32.44 115.66
N LYS O 155 11.88 31.61 116.50
CA LYS O 155 11.64 30.18 116.43
C LYS O 155 10.20 29.85 116.78
N LYS O 156 9.66 30.49 117.83
CA LYS O 156 8.30 30.18 118.25
C LYS O 156 7.28 30.57 117.19
N CYS O 157 7.45 31.74 116.57
CA CYS O 157 6.48 32.23 115.61
C CYS O 157 6.69 31.68 114.20
N ASP O 158 7.81 31.01 113.94
CA ASP O 158 8.11 30.45 112.62
C ASP O 158 8.09 31.55 111.56
N ILE O 159 9.01 32.50 111.71
CA ILE O 159 9.14 33.64 110.82
C ILE O 159 10.51 33.56 110.14
N SER O 160 10.50 33.63 108.81
CA SER O 160 11.74 33.57 108.05
C SER O 160 12.39 34.94 107.97
N LEU O 161 13.71 34.95 107.84
CA LEU O 161 14.50 36.17 107.83
C LEU O 161 15.42 36.18 106.62
N GLN O 162 15.61 37.37 106.04
CA GLN O 162 16.52 37.57 104.93
C GLN O 162 17.19 38.92 105.05
N PHE O 163 18.39 39.03 104.47
CA PHE O 163 19.18 40.25 104.55
C PHE O 163 19.58 40.69 103.15
N PHE O 164 19.75 42.00 102.99
CA PHE O 164 20.23 42.57 101.74
C PHE O 164 21.22 43.67 102.07
N LEU O 165 22.46 43.52 101.62
CA LEU O 165 23.55 44.41 101.94
C LEU O 165 24.16 44.99 100.67
N PRO O 166 24.82 46.14 100.77
CA PRO O 166 25.40 46.76 99.55
C PRO O 166 26.62 46.04 99.02
N PHE O 167 27.13 45.03 99.72
CA PHE O 167 28.33 44.33 99.31
C PHE O 167 28.08 42.81 99.36
N SER O 168 28.70 42.10 98.43
CA SER O 168 28.58 40.65 98.39
C SER O 168 29.55 40.02 99.40
N LEU O 169 29.16 38.85 99.91
CA LEU O 169 29.98 38.12 100.86
C LEU O 169 31.30 37.70 100.24
N GLY O 196 37.03 45.73 101.38
CA GLY O 196 37.06 47.19 101.45
C GLY O 196 35.90 47.76 102.24
N ILE O 197 35.77 47.31 103.49
CA ILE O 197 34.70 47.77 104.37
C ILE O 197 35.31 48.11 105.73
N THR O 198 34.61 48.97 106.48
CA THR O 198 35.07 49.38 107.78
C THR O 198 34.90 48.25 108.79
N GLU O 199 35.65 48.35 109.89
CA GLU O 199 35.57 47.33 110.93
C GLU O 199 34.16 47.23 111.50
N GLN O 200 33.43 48.34 111.55
CA GLN O 200 32.04 48.29 112.01
C GLN O 200 31.21 47.40 111.08
N GLN O 201 31.42 47.53 109.76
CA GLN O 201 30.71 46.68 108.82
C GLN O 201 31.09 45.22 109.03
N LYS O 202 32.36 44.95 109.34
CA LYS O 202 32.77 43.57 109.59
C LYS O 202 32.08 42.99 110.82
N GLU O 203 31.99 43.79 111.89
CA GLU O 203 31.28 43.33 113.08
C GLU O 203 29.80 43.11 112.79
N GLY O 204 29.20 44.00 112.01
CA GLY O 204 27.81 43.81 111.62
C GLY O 204 27.62 42.52 110.83
N LEU O 205 28.52 42.25 109.89
CA LEU O 205 28.43 41.02 109.13
C LEU O 205 28.59 39.80 110.03
N GLU O 206 29.49 39.89 111.01
CA GLU O 206 29.67 38.77 111.94
C GLU O 206 28.40 38.51 112.74
N ILE O 207 27.77 39.56 113.24
CA ILE O 207 26.55 39.35 114.03
C ILE O 207 25.43 38.84 113.13
N VAL O 208 25.36 39.32 111.89
CA VAL O 208 24.35 38.81 110.95
C VAL O 208 24.57 37.33 110.68
N LYS O 209 25.84 36.93 110.50
CA LYS O 209 26.15 35.52 110.29
C LYS O 209 25.76 34.70 111.52
N MET O 210 26.01 35.22 112.72
CA MET O 210 25.60 34.52 113.93
C MET O 210 24.09 34.34 113.97
N VAL O 211 23.34 35.38 113.62
CA VAL O 211 21.89 35.29 113.64
C VAL O 211 21.41 34.26 112.62
N MET O 212 22.00 34.27 111.42
CA MET O 212 21.61 33.30 110.40
C MET O 212 21.92 31.88 110.84
N ILE O 213 23.09 31.66 111.44
CA ILE O 213 23.46 30.34 111.92
C ILE O 213 22.48 29.87 112.99
N SER O 214 22.13 30.76 113.91
CA SER O 214 21.17 30.38 114.96
C SER O 214 19.82 30.04 114.35
N LEU O 215 19.38 30.83 113.36
CA LEU O 215 18.05 30.63 112.78
C LEU O 215 17.98 29.32 112.01
N GLU O 216 18.94 29.07 111.12
CA GLU O 216 18.87 27.91 110.25
C GLU O 216 20.18 27.12 110.23
N GLY O 217 21.30 27.80 110.44
CA GLY O 217 22.59 27.13 110.45
C GLY O 217 23.43 27.45 109.23
N GLU O 218 24.07 26.41 108.66
CA GLU O 218 24.98 26.62 107.54
C GLU O 218 24.25 27.22 106.35
N ASP O 219 23.11 26.64 105.97
CA ASP O 219 22.38 27.13 104.80
C ASP O 219 21.96 28.58 104.97
N GLY O 220 21.88 29.07 106.20
CA GLY O 220 21.55 30.47 106.41
C GLY O 220 22.51 31.41 105.72
N LEU O 221 23.76 30.98 105.53
CA LEU O 221 24.74 31.82 104.83
C LEU O 221 24.33 32.10 103.40
N ASP O 222 23.44 31.29 102.83
CA ASP O 222 22.94 31.52 101.48
C ASP O 222 21.73 32.46 101.45
N GLU O 223 21.24 32.89 102.61
CA GLU O 223 20.10 33.79 102.69
C GLU O 223 20.50 35.26 102.75
N ILE O 224 21.79 35.56 102.69
CA ILE O 224 22.29 36.93 102.68
C ILE O 224 22.64 37.27 101.24
N TYR O 225 21.93 38.24 100.68
CA TYR O 225 22.08 38.64 99.28
C TYR O 225 22.65 40.05 99.20
N SER O 226 22.85 40.50 97.97
CA SER O 226 23.33 41.84 97.68
C SER O 226 22.38 42.50 96.69
N PHE O 227 22.42 43.84 96.66
CA PHE O 227 21.51 44.57 95.79
C PHE O 227 21.73 44.22 94.33
N SER O 228 22.99 44.11 93.91
CA SER O 228 23.28 43.78 92.52
C SER O 228 22.73 42.40 92.16
N GLU O 229 22.91 41.42 93.04
CA GLU O 229 22.40 40.09 92.76
C GLU O 229 20.88 40.07 92.71
N SER O 230 20.22 40.81 93.62
CA SER O 230 18.78 40.80 93.67
C SER O 230 18.16 41.52 92.48
N LEU O 231 18.81 42.58 91.99
CA LEU O 231 18.27 43.29 90.84
C LEU O 231 18.21 42.40 89.61
N ARG O 232 19.23 41.57 89.41
CA ARG O 232 19.24 40.66 88.26
C ARG O 232 18.08 39.67 88.34
N LYS O 233 17.81 39.14 89.54
CA LYS O 233 16.78 38.12 89.67
C LYS O 233 15.39 38.71 89.58
N LEU O 234 15.22 39.98 89.95
CA LEU O 234 13.91 40.63 90.00
C LEU O 234 13.67 41.58 88.84
N CYS O 235 14.40 41.40 87.74
CA CYS O 235 14.24 42.25 86.56
C CYS O 235 13.21 41.70 85.57
N VAL O 236 12.56 40.59 85.90
CA VAL O 236 11.58 39.95 85.02
C VAL O 236 10.31 39.71 85.82
N PHE O 237 9.16 39.97 85.19
CA PHE O 237 7.88 39.71 85.83
C PHE O 237 7.69 38.22 86.04
N LYS O 238 6.89 37.88 87.06
CA LYS O 238 6.64 36.48 87.38
C LYS O 238 5.89 35.79 86.25
N LYS O 239 6.15 34.50 86.10
CA LYS O 239 5.52 33.72 85.04
C LYS O 239 4.04 33.47 85.35
N ILE O 240 3.28 33.23 84.29
CA ILE O 240 1.87 32.87 84.44
C ILE O 240 1.81 31.43 84.95
N GLU O 241 1.16 31.22 86.08
CA GLU O 241 1.08 29.92 86.74
C GLU O 241 -0.37 29.53 86.94
N ARG O 242 -0.69 28.29 86.59
CA ARG O 242 -2.02 27.72 86.80
C ARG O 242 -1.86 26.33 87.39
N HIS O 243 -2.87 25.91 88.15
CA HIS O 243 -2.87 24.62 88.82
C HIS O 243 -3.70 23.64 88.00
N SER O 244 -3.08 22.52 87.59
CA SER O 244 -3.78 21.51 86.83
C SER O 244 -4.78 20.77 87.70
N ILE O 245 -5.92 20.43 87.12
CA ILE O 245 -6.96 19.67 87.82
C ILE O 245 -6.64 18.19 87.71
N HIS O 246 -6.62 17.50 88.85
CA HIS O 246 -6.37 16.07 88.85
C HIS O 246 -7.52 15.34 88.17
N TRP O 247 -7.19 14.47 87.22
CA TRP O 247 -8.18 13.76 86.42
C TRP O 247 -8.15 12.28 86.77
N PRO O 248 -9.09 11.76 87.55
CA PRO O 248 -9.08 10.34 87.87
C PRO O 248 -9.67 9.50 86.76
N CYS O 249 -9.13 8.29 86.61
CA CYS O 249 -9.64 7.33 85.63
C CYS O 249 -9.05 5.96 85.96
N ARG O 250 -9.31 4.99 85.09
CA ARG O 250 -8.82 3.63 85.24
C ARG O 250 -8.21 3.18 83.93
N LEU O 251 -6.92 2.86 83.95
CA LEU O 251 -6.25 2.24 82.80
C LEU O 251 -6.68 0.78 82.73
N THR O 252 -7.28 0.39 81.62
CA THR O 252 -7.87 -0.94 81.47
C THR O 252 -7.15 -1.69 80.37
N ILE O 253 -6.72 -2.90 80.67
CA ILE O 253 -6.14 -3.82 79.68
C ILE O 253 -7.06 -5.03 79.64
N GLY O 254 -8.02 -4.99 78.72
CA GLY O 254 -9.03 -6.03 78.66
C GLY O 254 -10.27 -5.66 79.46
N SER O 255 -10.96 -6.67 79.99
CA SER O 255 -12.15 -6.45 80.82
C SER O 255 -11.97 -6.95 82.24
N ASN O 256 -10.75 -7.28 82.64
CA ASN O 256 -10.48 -7.79 83.99
C ASN O 256 -9.32 -7.09 84.69
N LEU O 257 -8.43 -6.43 83.98
CA LEU O 257 -7.30 -5.72 84.57
C LEU O 257 -7.57 -4.23 84.52
N SER O 258 -7.46 -3.58 85.68
CA SER O 258 -7.72 -2.15 85.78
C SER O 258 -6.81 -1.56 86.84
N ILE O 259 -6.23 -0.40 86.55
CA ILE O 259 -5.33 0.31 87.46
C ILE O 259 -5.86 1.73 87.63
N ARG O 260 -6.12 2.11 88.88
CA ARG O 260 -6.56 3.48 89.15
C ARG O 260 -5.43 4.45 88.87
N ILE O 261 -5.70 5.48 88.07
CA ILE O 261 -4.68 6.43 87.66
C ILE O 261 -5.22 7.85 87.77
N ALA O 262 -4.29 8.79 87.92
CA ALA O 262 -4.59 10.21 87.93
C ALA O 262 -3.73 10.89 86.87
N ALA O 263 -4.38 11.68 86.01
CA ALA O 263 -3.72 12.36 84.91
C ALA O 263 -3.74 13.86 85.14
N TYR O 264 -2.64 14.51 84.78
CA TYR O 264 -2.49 15.95 84.83
C TYR O 264 -1.98 16.45 83.48
N LYS O 265 -2.05 17.75 83.28
CA LYS O 265 -1.54 18.40 82.07
C LYS O 265 -0.14 18.93 82.36
N SER O 266 0.85 18.44 81.62
CA SER O 266 2.24 18.84 81.85
C SER O 266 2.66 20.01 80.97
N ILE O 267 2.49 19.88 79.66
CA ILE O 267 2.92 20.90 78.71
C ILE O 267 1.69 21.39 77.95
N LEU O 268 1.52 22.71 77.91
CA LEU O 268 0.45 23.33 77.15
C LEU O 268 0.82 24.78 76.86
N GLN O 269 0.18 25.35 75.86
CA GLN O 269 0.43 26.74 75.47
C GLN O 269 -0.32 27.65 76.43
N GLU O 270 0.43 28.39 77.25
CA GLU O 270 -0.20 29.26 78.24
C GLU O 270 -0.79 30.49 77.57
N ARG O 271 -1.94 30.94 78.08
CA ARG O 271 -2.63 32.11 77.59
C ARG O 271 -2.78 33.13 78.72
N VAL O 272 -3.20 34.33 78.35
CA VAL O 272 -3.40 35.39 79.33
C VAL O 272 -4.60 35.05 80.19
N LYS O 273 -4.46 35.18 81.51
CA LYS O 273 -5.56 34.90 82.41
C LYS O 273 -6.73 35.83 82.17
N LYS O 274 -6.44 37.11 81.89
CA LYS O 274 -7.46 38.13 81.73
C LYS O 274 -7.46 38.65 80.30
N THR O 275 -8.65 39.02 79.83
CA THR O 275 -8.85 39.52 78.48
C THR O 275 -9.24 41.00 78.52
N TRP O 276 -8.94 41.70 77.42
CA TRP O 276 -9.30 43.10 77.32
C TRP O 276 -10.81 43.26 77.35
N THR O 277 -11.27 44.33 78.01
CA THR O 277 -12.69 44.63 78.14
C THR O 277 -13.01 45.90 77.37
N VAL O 278 -14.06 45.84 76.56
CA VAL O 278 -14.45 46.98 75.74
C VAL O 278 -15.17 48.00 76.61
N VAL O 279 -14.76 49.27 76.50
CA VAL O 279 -15.31 50.34 77.31
C VAL O 279 -15.64 51.52 76.41
N ASP O 280 -16.49 52.41 76.92
CA ASP O 280 -16.84 53.62 76.21
C ASP O 280 -15.75 54.67 76.40
N ALA O 281 -15.39 55.37 75.32
CA ALA O 281 -14.28 56.30 75.38
C ALA O 281 -14.54 57.43 76.37
N LYS O 282 -15.75 57.99 76.34
CA LYS O 282 -16.01 59.19 77.14
C LYS O 282 -16.13 58.86 78.62
N THR O 283 -17.10 58.02 78.98
CA THR O 283 -17.36 57.72 80.38
C THR O 283 -16.44 56.63 80.94
N LEU O 284 -15.72 55.91 80.09
CA LEU O 284 -14.82 54.83 80.51
C LEU O 284 -15.56 53.85 81.43
N LYS O 285 -16.59 53.23 80.87
CA LYS O 285 -17.41 52.28 81.60
C LYS O 285 -17.84 51.16 80.67
N LYS O 286 -17.86 49.94 81.19
CA LYS O 286 -18.33 48.78 80.43
C LYS O 286 -19.84 48.66 80.44
N GLU O 287 -20.53 49.41 81.30
CA GLU O 287 -21.99 49.34 81.38
C GLU O 287 -22.68 50.14 80.29
N ASP O 288 -21.97 51.02 79.61
CA ASP O 288 -22.55 51.85 78.55
C ASP O 288 -22.37 51.24 77.16
N ILE O 289 -21.79 50.05 77.06
CA ILE O 289 -21.56 49.38 75.79
C ILE O 289 -22.27 48.03 75.83
N GLN O 290 -23.10 47.78 74.83
CA GLN O 290 -23.85 46.54 74.74
C GLN O 290 -23.62 45.91 73.37
N LYS O 291 -23.31 44.61 73.37
CA LYS O 291 -23.13 43.84 72.14
C LYS O 291 -24.24 42.82 72.02
N GLU O 292 -24.80 42.69 70.82
CA GLU O 292 -25.91 41.78 70.59
C GLU O 292 -25.92 41.39 69.12
N THR O 293 -26.31 40.15 68.85
CA THR O 293 -26.34 39.60 67.50
C THR O 293 -27.79 39.40 67.07
N VAL O 294 -28.07 39.76 65.81
CA VAL O 294 -29.40 39.62 65.24
C VAL O 294 -29.28 38.89 63.90
N TYR O 295 -30.38 38.28 63.48
CA TYR O 295 -30.46 37.55 62.23
C TYR O 295 -31.57 38.14 61.37
N CYS O 296 -31.28 38.29 60.08
CA CYS O 296 -32.26 38.83 59.14
C CYS O 296 -32.07 38.13 57.80
N LEU O 297 -33.14 38.12 57.01
CA LEU O 297 -33.14 37.47 55.71
C LEU O 297 -32.57 38.39 54.64
N ASN O 298 -32.22 37.79 53.50
CA ASN O 298 -31.67 38.53 52.37
C ASN O 298 -32.80 39.10 51.53
N ASP O 299 -33.43 40.14 52.07
CA ASP O 299 -34.53 40.83 51.42
C ASP O 299 -34.33 42.33 51.56
N ASP O 300 -35.01 43.09 50.70
CA ASP O 300 -34.88 44.53 50.73
C ASP O 300 -35.29 45.11 52.07
N ASP O 301 -36.25 44.48 52.75
CA ASP O 301 -36.69 44.95 54.05
C ASP O 301 -35.76 44.51 55.18
N GLU O 302 -35.00 43.43 54.98
CA GLU O 302 -34.10 42.92 56.02
C GLU O 302 -34.86 42.61 57.31
N THR O 303 -36.03 41.99 57.17
CA THR O 303 -36.83 41.65 58.34
C THR O 303 -36.07 40.69 59.25
N GLU O 304 -36.24 40.87 60.55
CA GLU O 304 -35.53 40.07 61.55
C GLU O 304 -36.31 38.80 61.87
N VAL O 305 -35.57 37.77 62.28
CA VAL O 305 -36.13 36.48 62.65
C VAL O 305 -35.59 36.08 64.01
N LEU O 306 -36.47 35.58 64.87
CA LEU O 306 -36.06 35.18 66.21
C LEU O 306 -35.22 33.91 66.15
N LYS O 307 -34.51 33.64 67.25
CA LYS O 307 -33.64 32.47 67.30
C LYS O 307 -34.42 31.16 67.33
N GLU O 308 -35.72 31.22 67.65
CA GLU O 308 -36.54 30.01 67.65
C GLU O 308 -36.98 29.59 66.26
N ASP O 309 -36.81 30.46 65.26
CA ASP O 309 -37.13 30.15 63.87
C ASP O 309 -35.88 29.92 63.03
N ILE O 310 -34.74 29.63 63.67
CA ILE O 310 -33.47 29.41 63.00
C ILE O 310 -33.11 27.94 63.15
N ILE O 311 -32.79 27.30 62.02
CA ILE O 311 -32.43 25.89 61.99
C ILE O 311 -30.99 25.76 61.50
N GLN O 312 -30.40 24.61 61.75
CA GLN O 312 -29.08 24.29 61.26
C GLN O 312 -29.16 23.61 59.91
N GLY O 313 -28.09 23.72 59.13
CA GLY O 313 -28.00 23.04 57.85
C GLY O 313 -26.55 22.82 57.48
N PHE O 314 -26.34 21.93 56.50
CA PHE O 314 -25.00 21.59 56.06
C PHE O 314 -24.96 21.61 54.54
N ARG O 315 -23.74 21.62 54.00
CA ARG O 315 -23.52 21.66 52.56
C ARG O 315 -23.16 20.25 52.08
N TYR O 316 -23.99 19.70 51.21
CA TYR O 316 -23.78 18.39 50.60
C TYR O 316 -23.70 18.60 49.10
N GLY O 317 -22.50 18.91 48.61
CA GLY O 317 -22.30 19.15 47.19
C GLY O 317 -22.75 20.53 46.75
N SER O 318 -23.73 20.58 45.85
CA SER O 318 -24.21 21.83 45.27
C SER O 318 -25.52 22.29 45.91
N ASP O 319 -25.98 21.65 46.98
CA ASP O 319 -27.21 22.02 47.64
C ASP O 319 -27.03 21.89 49.15
N ILE O 320 -27.94 22.54 49.88
CA ILE O 320 -27.88 22.58 51.34
C ILE O 320 -28.92 21.63 51.91
N VAL O 321 -28.49 20.74 52.79
CA VAL O 321 -29.37 19.77 53.43
C VAL O 321 -29.69 20.28 54.84
N PRO O 322 -30.96 20.53 55.16
CA PRO O 322 -31.30 20.89 56.55
C PRO O 322 -30.97 19.76 57.50
N PHE O 323 -30.53 20.14 58.71
CA PHE O 323 -30.22 19.18 59.76
C PHE O 323 -30.48 19.87 61.10
N SER O 324 -31.66 19.67 61.66
CA SER O 324 -32.00 20.33 62.92
C SER O 324 -31.11 19.79 64.03
N LYS O 325 -30.88 20.63 65.04
CA LYS O 325 -29.95 20.27 66.10
C LYS O 325 -30.47 19.07 66.90
N VAL O 326 -31.77 19.00 67.14
CA VAL O 326 -32.32 17.87 67.88
C VAL O 326 -32.09 16.56 67.12
N ASP O 327 -32.32 16.58 65.80
CA ASP O 327 -32.03 15.39 65.01
C ASP O 327 -30.55 15.05 65.03
N GLU O 328 -29.69 16.09 65.02
CA GLU O 328 -28.26 15.85 65.07
C GLU O 328 -27.86 15.17 66.37
N GLU O 329 -28.43 15.62 67.49
CA GLU O 329 -28.15 14.97 68.77
C GLU O 329 -28.70 13.56 68.80
N GLN O 330 -29.85 13.34 68.17
CA GLN O 330 -30.41 11.98 68.11
C GLN O 330 -29.49 11.05 67.33
N MET O 331 -28.88 11.54 66.27
CA MET O 331 -28.03 10.73 65.39
C MET O 331 -26.55 10.87 65.72
N LYS O 332 -26.19 11.66 66.73
CA LYS O 332 -24.78 11.88 67.03
C LYS O 332 -24.14 10.60 67.54
N TYR O 333 -22.83 10.49 67.30
CA TYR O 333 -22.08 9.34 67.78
C TYR O 333 -21.97 9.40 69.30
N LYS O 334 -22.53 8.40 69.97
CA LYS O 334 -22.53 8.32 71.43
C LYS O 334 -21.47 7.34 71.90
N SER O 335 -20.78 7.70 72.98
CA SER O 335 -19.74 6.87 73.55
C SER O 335 -19.77 7.00 75.07
N GLU O 336 -19.20 5.99 75.73
CA GLU O 336 -19.09 6.00 77.19
C GLU O 336 -17.92 6.89 77.58
N GLY O 337 -18.20 8.00 78.23
CA GLY O 337 -17.19 8.98 78.53
C GLY O 337 -16.24 8.52 79.62
N LYS O 338 -15.13 9.27 79.72
CA LYS O 338 -14.11 9.02 80.74
C LYS O 338 -13.56 7.60 80.62
N CYS O 339 -12.93 7.32 79.49
CA CYS O 339 -12.33 6.03 79.20
C CYS O 339 -10.84 6.19 78.96
N PHE O 340 -10.05 5.27 79.53
CA PHE O 340 -8.61 5.18 79.30
C PHE O 340 -8.30 3.71 79.08
N SER O 341 -8.40 3.26 77.84
CA SER O 341 -8.25 1.85 77.48
C SER O 341 -6.98 1.65 76.67
N VAL O 342 -6.40 0.46 76.79
CA VAL O 342 -5.18 0.10 76.08
C VAL O 342 -5.59 -0.67 74.84
N LEU O 343 -5.59 0.00 73.70
CA LEU O 343 -5.89 -0.68 72.44
C LEU O 343 -4.84 -1.73 72.14
N GLY O 344 -3.58 -1.43 72.38
CA GLY O 344 -2.53 -2.41 72.14
C GLY O 344 -1.17 -1.87 72.49
N PHE O 345 -0.15 -2.66 72.17
CA PHE O 345 1.24 -2.27 72.40
C PHE O 345 2.02 -2.39 71.10
N CYS O 346 2.86 -1.39 70.83
CA CYS O 346 3.64 -1.34 69.59
C CYS O 346 5.03 -0.82 69.88
N LYS O 347 5.97 -1.23 69.04
CA LYS O 347 7.36 -0.79 69.21
C LYS O 347 7.46 0.72 69.11
N SER O 348 8.35 1.31 69.92
CA SER O 348 8.50 2.75 69.94
C SER O 348 8.96 3.30 68.60
N SER O 349 9.63 2.48 67.78
CA SER O 349 10.08 2.94 66.47
C SER O 349 8.90 3.28 65.57
N GLN O 350 7.82 2.50 65.66
CA GLN O 350 6.68 2.71 64.78
C GLN O 350 6.03 4.06 65.00
N VAL O 351 6.09 4.58 66.23
CA VAL O 351 5.51 5.87 66.55
C VAL O 351 6.59 6.93 66.43
N GLN O 352 6.38 7.90 65.55
CA GLN O 352 7.34 8.96 65.29
C GLN O 352 6.82 10.29 65.86
N ARG O 353 7.76 11.15 66.24
CA ARG O 353 7.40 12.42 66.87
C ARG O 353 6.69 13.34 65.88
N ARG O 354 7.01 13.26 64.59
CA ARG O 354 6.43 14.17 63.62
C ARG O 354 4.93 13.97 63.47
N PHE O 355 4.39 12.84 63.93
CA PHE O 355 2.96 12.57 63.81
C PHE O 355 2.17 12.99 65.04
N PHE O 356 2.84 13.46 66.10
CA PHE O 356 2.13 13.88 67.30
C PHE O 356 1.14 14.98 66.97
N MET O 357 -0.06 14.89 67.55
CA MET O 357 -1.13 15.83 67.34
C MET O 357 -1.62 16.35 68.69
N GLY O 358 -2.67 17.15 68.66
CA GLY O 358 -3.26 17.69 69.86
C GLY O 358 -2.67 19.02 70.26
N ASN O 359 -2.99 19.41 71.50
CA ASN O 359 -2.48 20.67 72.04
C ASN O 359 -2.04 20.53 73.50
N GLN O 360 -1.79 19.32 73.97
CA GLN O 360 -1.42 19.10 75.35
C GLN O 360 -0.66 17.80 75.48
N VAL O 361 0.07 17.67 76.59
CA VAL O 361 0.75 16.44 76.97
C VAL O 361 0.24 16.05 78.35
N LEU O 362 -0.15 14.79 78.50
CA LEU O 362 -0.69 14.31 79.77
C LEU O 362 0.36 13.49 80.51
N LYS O 363 0.41 13.69 81.83
CA LYS O 363 1.26 12.89 82.71
C LYS O 363 0.36 12.06 83.60
N VAL O 364 0.54 10.73 83.56
CA VAL O 364 -0.30 9.79 84.25
C VAL O 364 0.50 9.14 85.36
N PHE O 365 0.01 9.28 86.59
CA PHE O 365 0.58 8.66 87.79
C PHE O 365 -0.44 7.71 88.39
N ALA O 366 0.00 6.94 89.37
CA ALA O 366 -0.92 6.09 90.12
C ALA O 366 -1.83 6.95 91.00
N ALA O 367 -2.96 6.38 91.37
CA ALA O 367 -3.92 7.10 92.20
C ALA O 367 -3.30 7.48 93.52
N ARG O 368 -3.64 8.67 94.01
CA ARG O 368 -3.09 9.15 95.27
C ARG O 368 -3.52 8.26 96.43
N ASP O 369 -2.60 8.03 97.37
CA ASP O 369 -2.86 7.16 98.51
C ASP O 369 -3.31 5.77 98.05
N ASP O 370 -2.51 5.17 97.17
CA ASP O 370 -2.85 3.86 96.60
C ASP O 370 -1.55 3.14 96.31
N GLU O 371 -1.28 2.05 97.03
CA GLU O 371 -0.05 1.30 96.87
C GLU O 371 -0.14 0.25 95.78
N ALA O 372 -1.25 -0.48 95.72
CA ALA O 372 -1.41 -1.51 94.68
C ALA O 372 -1.39 -0.88 93.30
N ALA O 373 -2.08 0.24 93.12
CA ALA O 373 -2.07 0.92 91.83
C ALA O 373 -0.67 1.39 91.48
N ALA O 374 0.08 1.90 92.47
CA ALA O 374 1.45 2.31 92.22
C ALA O 374 2.31 1.13 91.76
N VAL O 375 2.17 -0.02 92.43
CA VAL O 375 2.95 -1.18 92.04
C VAL O 375 2.59 -1.63 90.62
N ALA O 376 1.30 -1.66 90.30
CA ALA O 376 0.88 -2.07 88.96
C ALA O 376 1.41 -1.13 87.90
N LEU O 377 1.31 0.18 88.13
CA LEU O 377 1.80 1.15 87.16
C LEU O 377 3.32 1.06 87.00
N SER O 378 4.03 0.86 88.11
CA SER O 378 5.48 0.70 88.02
C SER O 378 5.84 -0.54 87.22
N SER O 379 5.11 -1.64 87.43
CA SER O 379 5.36 -2.86 86.67
C SER O 379 5.15 -2.60 85.18
N LEU O 380 4.04 -1.93 84.84
CA LEU O 380 3.78 -1.66 83.43
C LEU O 380 4.86 -0.77 82.81
N ILE O 381 5.27 0.28 83.53
CA ILE O 381 6.28 1.19 83.01
C ILE O 381 7.60 0.47 82.80
N HIS O 382 8.02 -0.33 83.79
CA HIS O 382 9.28 -1.05 83.68
C HIS O 382 9.24 -2.07 82.55
N ALA O 383 8.12 -2.79 82.42
CA ALA O 383 8.00 -3.75 81.33
C ALA O 383 8.08 -3.06 79.98
N LEU O 384 7.39 -1.93 79.83
CA LEU O 384 7.42 -1.21 78.56
C LEU O 384 8.83 -0.72 78.24
N ASP O 385 9.53 -0.17 79.24
CA ASP O 385 10.89 0.30 78.99
C ASP O 385 11.83 -0.86 78.64
N ASP O 386 11.73 -1.97 79.37
CA ASP O 386 12.61 -3.11 79.09
C ASP O 386 12.36 -3.67 77.70
N LEU O 387 11.09 -3.77 77.30
CA LEU O 387 10.77 -4.26 75.97
C LEU O 387 10.91 -3.20 74.89
N ASP O 388 11.12 -1.94 75.27
CA ASP O 388 11.22 -0.84 74.33
C ASP O 388 9.96 -0.74 73.46
N MET O 389 8.84 -0.50 74.13
CA MET O 389 7.55 -0.44 73.46
C MET O 389 6.66 0.57 74.18
N VAL O 390 5.62 1.01 73.47
CA VAL O 390 4.67 2.00 73.96
C VAL O 390 3.27 1.42 73.79
N ALA O 391 2.30 2.07 74.42
CA ALA O 391 0.92 1.60 74.42
C ALA O 391 0.05 2.55 73.59
N ILE O 392 -0.58 2.01 72.57
CA ILE O 392 -1.60 2.75 71.82
C ILE O 392 -2.91 2.62 72.59
N VAL O 393 -3.50 3.76 72.96
CA VAL O 393 -4.61 3.81 73.89
C VAL O 393 -5.71 4.72 73.33
N ARG O 394 -6.92 4.52 73.84
CA ARG O 394 -8.07 5.36 73.54
C ARG O 394 -8.39 6.21 74.76
N TYR O 395 -8.52 7.52 74.54
CA TYR O 395 -8.67 8.48 75.62
C TYR O 395 -9.88 9.37 75.33
N ALA O 396 -10.76 9.50 76.33
CA ALA O 396 -11.93 10.38 76.24
C ALA O 396 -12.05 11.14 77.54
N TYR O 397 -12.06 12.48 77.45
CA TYR O 397 -12.10 13.30 78.65
C TYR O 397 -13.40 13.10 79.42
N ASP O 398 -14.52 13.12 78.72
CA ASP O 398 -15.83 12.96 79.36
C ASP O 398 -16.84 12.58 78.27
N LYS O 399 -18.12 12.61 78.63
CA LYS O 399 -19.16 12.19 77.70
C LYS O 399 -19.21 13.10 76.47
N ARG O 400 -19.10 14.41 76.68
CA ARG O 400 -19.19 15.35 75.57
C ARG O 400 -17.91 15.42 74.74
N ALA O 401 -16.78 15.01 75.29
CA ALA O 401 -15.52 15.08 74.56
C ALA O 401 -15.46 14.01 73.49
N ASN O 402 -14.88 14.36 72.34
CA ASN O 402 -14.72 13.41 71.26
C ASN O 402 -13.63 12.40 71.62
N PRO O 403 -13.81 11.12 71.27
CA PRO O 403 -12.77 10.13 71.56
C PRO O 403 -11.50 10.42 70.77
N GLN O 404 -10.36 10.04 71.35
CA GLN O 404 -9.06 10.24 70.74
C GLN O 404 -8.25 8.96 70.84
N VAL O 405 -7.32 8.79 69.90
CA VAL O 405 -6.37 7.68 69.90
C VAL O 405 -4.98 8.29 70.07
N GLY O 406 -4.27 7.85 71.11
CA GLY O 406 -2.98 8.42 71.44
C GLY O 406 -1.98 7.36 71.84
N VAL O 407 -0.77 7.82 72.15
CA VAL O 407 0.34 6.97 72.53
C VAL O 407 0.77 7.33 73.94
N ALA O 408 0.92 6.32 74.79
CA ALA O 408 1.46 6.46 76.13
C ALA O 408 2.79 5.74 76.19
N PHE O 409 3.83 6.46 76.62
CA PHE O 409 5.16 5.88 76.72
C PHE O 409 5.73 6.13 78.12
N PRO O 410 6.60 5.25 78.58
CA PRO O 410 7.11 5.38 79.95
C PRO O 410 8.04 6.58 80.10
N HIS O 411 8.10 7.09 81.32
CA HIS O 411 9.03 8.15 81.69
C HIS O 411 9.56 7.82 83.07
N ILE O 412 10.83 7.38 83.13
CA ILE O 412 11.45 6.92 84.36
C ILE O 412 12.55 7.91 84.73
N LYS O 413 12.58 8.31 85.99
CA LYS O 413 13.60 9.20 86.53
C LYS O 413 14.10 8.63 87.85
N HIS O 414 15.22 9.18 88.33
CA HIS O 414 15.85 8.65 89.52
C HIS O 414 14.94 8.75 90.75
N ASN O 415 13.93 9.61 90.71
CA ASN O 415 13.07 9.82 91.87
C ASN O 415 11.59 9.54 91.61
N TYR O 416 11.13 9.63 90.36
CA TYR O 416 9.73 9.42 90.04
C TYR O 416 9.59 8.77 88.68
N GLU O 417 8.51 8.01 88.51
CA GLU O 417 8.19 7.36 87.24
C GLU O 417 6.73 7.59 86.93
N CYS O 418 6.39 7.61 85.64
CA CYS O 418 5.02 7.88 85.22
C CYS O 418 4.88 7.49 83.75
N LEU O 419 3.70 7.76 83.20
CA LEU O 419 3.44 7.58 81.77
C LEU O 419 3.19 8.95 81.15
N VAL O 420 3.64 9.13 79.91
CA VAL O 420 3.43 10.36 79.17
C VAL O 420 2.54 10.03 77.98
N TYR O 421 1.40 10.72 77.88
CA TYR O 421 0.41 10.49 76.85
C TYR O 421 0.37 11.67 75.89
N VAL O 422 0.43 11.38 74.59
CA VAL O 422 0.34 12.40 73.55
C VAL O 422 -0.58 11.88 72.46
N GLN O 423 -1.45 12.75 71.96
CA GLN O 423 -2.42 12.35 70.95
C GLN O 423 -1.71 11.94 69.66
N LEU O 424 -2.39 11.09 68.89
CA LEU O 424 -1.90 10.57 67.63
C LEU O 424 -2.89 10.90 66.52
N PRO O 425 -2.45 10.94 65.27
CA PRO O 425 -3.33 11.38 64.18
C PRO O 425 -4.27 10.29 63.70
N PHE O 426 -5.41 10.73 63.19
CA PHE O 426 -6.34 9.85 62.51
C PHE O 426 -5.98 9.76 61.03
N MET O 427 -6.69 8.90 60.30
CA MET O 427 -6.43 8.77 58.88
C MET O 427 -6.77 10.05 58.12
N GLU O 428 -7.82 10.77 58.57
CA GLU O 428 -8.21 12.01 57.90
C GLU O 428 -7.13 13.07 58.02
N ASP O 429 -6.50 13.18 59.19
CA ASP O 429 -5.57 14.28 59.43
C ASP O 429 -4.32 14.18 58.56
N LEU O 430 -3.90 12.96 58.22
CA LEU O 430 -2.68 12.79 57.44
C LEU O 430 -2.84 13.43 56.06
N ARG O 431 -1.76 14.04 55.57
CA ARG O 431 -1.73 14.68 54.27
C ARG O 431 -0.60 14.06 53.45
N GLN O 432 -0.90 13.71 52.20
CA GLN O 432 0.05 13.08 51.30
C GLN O 432 0.52 14.10 50.29
N TYR O 433 1.68 14.71 50.54
CA TYR O 433 2.29 15.67 49.64
C TYR O 433 3.59 15.09 49.09
N MET O 434 3.84 15.33 47.81
CA MET O 434 5.02 14.82 47.13
C MET O 434 6.02 15.95 46.94
N PHE O 435 7.27 15.70 47.33
CA PHE O 435 8.34 16.67 47.20
C PHE O 435 9.50 16.06 46.44
N SER O 436 10.20 16.90 45.69
CA SER O 436 11.33 16.42 44.89
C SER O 436 12.49 16.02 45.80
N SER O 437 13.35 15.16 45.27
CA SER O 437 14.51 14.68 46.01
C SER O 437 15.71 15.58 45.74
N LEU O 438 16.35 16.04 46.81
CA LEU O 438 17.51 16.91 46.69
C LEU O 438 18.82 16.13 46.54
N LYS O 439 18.88 14.92 47.06
CA LYS O 439 20.11 14.14 46.97
C LYS O 439 20.47 13.81 45.53
N ASN O 440 19.47 13.46 44.72
CA ASN O 440 19.67 13.05 43.34
C ASN O 440 19.35 14.16 42.35
N SER O 441 19.67 15.40 42.70
CA SER O 441 19.45 16.54 41.82
C SER O 441 20.79 17.00 41.25
N LYS O 442 20.85 17.11 39.92
CA LYS O 442 22.08 17.49 39.24
C LYS O 442 22.28 19.00 39.18
N LYS O 443 21.32 19.79 39.68
CA LYS O 443 21.42 21.24 39.64
C LYS O 443 21.65 21.87 41.00
N TYR O 444 21.30 21.17 42.09
CA TYR O 444 21.47 21.69 43.44
C TYR O 444 22.47 20.88 44.25
N ALA O 445 23.38 20.17 43.59
CA ALA O 445 24.34 19.33 44.28
C ALA O 445 25.43 20.22 44.90
N PRO O 446 25.62 20.20 46.22
CA PRO O 446 26.70 20.99 46.81
C PRO O 446 28.07 20.45 46.42
N THR O 447 29.05 21.35 46.40
CA THR O 447 30.43 20.98 46.13
C THR O 447 31.15 20.69 47.45
N GLU O 448 32.40 20.22 47.33
CA GLU O 448 33.17 19.90 48.52
C GLU O 448 33.46 21.14 49.35
N ALA O 449 33.82 22.25 48.70
CA ALA O 449 34.11 23.47 49.44
C ALA O 449 32.88 23.99 50.17
N GLN O 450 31.72 23.91 49.53
CA GLN O 450 30.48 24.34 50.17
C GLN O 450 30.19 23.50 51.40
N LEU O 451 30.36 22.18 51.28
CA LEU O 451 30.13 21.31 52.43
C LEU O 451 31.11 21.61 53.56
N ASN O 452 32.38 21.88 53.22
CA ASN O 452 33.34 22.24 54.25
C ASN O 452 32.96 23.54 54.94
N ALA O 453 32.48 24.53 54.18
CA ALA O 453 32.05 25.79 54.77
C ALA O 453 30.88 25.57 55.71
N VAL O 454 29.91 24.75 55.30
CA VAL O 454 28.76 24.49 56.16
C VAL O 454 29.20 23.75 57.42
N ASP O 455 30.15 22.82 57.29
CA ASP O 455 30.66 22.13 58.46
C ASP O 455 31.32 23.11 59.42
N ALA O 456 32.12 24.03 58.89
CA ALA O 456 32.76 25.04 59.75
C ALA O 456 31.71 25.89 60.44
N LEU O 457 30.67 26.30 59.72
CA LEU O 457 29.62 27.10 60.34
C LEU O 457 28.94 26.33 61.47
N ILE O 458 28.62 25.06 61.23
CA ILE O 458 27.94 24.26 62.25
C ILE O 458 28.83 24.10 63.47
N ASP O 459 30.13 23.84 63.25
CA ASP O 459 31.04 23.66 64.38
C ASP O 459 31.18 24.94 65.18
N SER O 460 31.26 26.09 64.49
CA SER O 460 31.51 27.35 65.19
C SER O 460 30.28 27.81 65.97
N MET O 461 29.08 27.51 65.50
CA MET O 461 27.85 27.99 66.11
C MET O 461 27.23 26.97 67.07
N SER O 462 28.05 26.10 67.65
CA SER O 462 27.53 25.10 68.58
C SER O 462 26.96 25.76 69.81
N LEU O 463 25.78 25.30 70.23
CA LEU O 463 25.11 25.79 71.42
C LEU O 463 25.25 24.86 72.61
N ALA O 464 26.06 23.81 72.50
CA ALA O 464 26.28 22.85 73.58
C ALA O 464 27.77 22.66 73.78
N LYS O 465 28.17 22.60 75.05
CA LYS O 465 29.57 22.41 75.42
C LYS O 465 29.75 21.00 75.97
N LYS O 466 30.74 20.28 75.45
CA LYS O 466 31.00 18.90 75.84
C LYS O 466 32.13 18.91 76.87
N ASP O 467 31.77 18.77 78.14
CA ASP O 467 32.74 18.64 79.21
C ASP O 467 33.29 17.21 79.21
N GLU O 468 34.60 17.07 79.01
CA GLU O 468 35.21 15.75 78.92
C GLU O 468 35.38 15.10 80.28
N LYS O 469 35.62 15.90 81.33
CA LYS O 469 35.81 15.32 82.66
C LYS O 469 34.59 14.49 83.07
N THR O 470 33.40 15.05 82.92
CA THR O 470 32.16 14.34 83.19
C THR O 470 31.55 13.73 81.93
N ASP O 471 32.13 13.99 80.77
CA ASP O 471 31.60 13.50 79.50
C ASP O 471 30.11 13.87 79.38
N THR O 472 29.81 15.15 79.62
CA THR O 472 28.44 15.62 79.71
C THR O 472 28.24 16.83 78.81
N LEU O 473 27.02 16.97 78.30
CA LEU O 473 26.65 18.09 77.43
C LEU O 473 25.95 19.15 78.27
N GLU O 474 26.47 20.38 78.22
CA GLU O 474 25.89 21.52 78.91
C GLU O 474 25.26 22.45 77.88
N ASP O 475 24.02 22.85 78.13
CA ASP O 475 23.26 23.69 77.21
C ASP O 475 23.59 25.15 77.51
N LEU O 476 24.25 25.81 76.56
CA LEU O 476 24.59 27.22 76.72
C LEU O 476 23.39 28.15 76.51
N PHE O 477 22.35 27.68 75.83
CA PHE O 477 21.17 28.48 75.53
C PHE O 477 19.91 27.67 75.85
N PRO O 478 19.59 27.48 77.13
CA PRO O 478 18.37 26.74 77.48
C PRO O 478 17.10 27.52 77.13
N THR O 479 16.32 26.99 76.18
CA THR O 479 15.10 27.67 75.76
C THR O 479 13.98 27.50 76.76
N THR O 480 13.91 26.35 77.44
CA THR O 480 12.80 26.07 78.34
C THR O 480 12.79 26.95 79.58
N LYS O 481 13.89 27.64 79.87
CA LYS O 481 13.99 28.48 81.06
C LYS O 481 13.80 29.96 80.74
N ILE O 482 13.36 30.30 79.54
CA ILE O 482 13.18 31.69 79.11
C ILE O 482 11.70 32.05 79.30
N PRO O 483 11.38 33.06 80.10
CA PRO O 483 9.98 33.49 80.21
C PRO O 483 9.47 34.01 78.87
N ASN O 484 8.17 33.87 78.67
CA ASN O 484 7.55 34.30 77.42
C ASN O 484 7.64 35.82 77.31
N PRO O 485 8.26 36.37 76.26
CA PRO O 485 8.36 37.83 76.16
C PRO O 485 7.01 38.52 76.02
N ARG O 486 5.98 37.81 75.57
CA ARG O 486 4.67 38.43 75.39
C ARG O 486 4.15 38.99 76.70
N PHE O 487 4.15 38.18 77.76
CA PHE O 487 3.65 38.62 79.05
C PHE O 487 4.53 39.72 79.64
N GLN O 488 5.84 39.62 79.44
CA GLN O 488 6.74 40.67 79.91
C GLN O 488 6.39 42.00 79.27
N ARG O 489 6.20 42.00 77.95
CA ARG O 489 5.84 43.22 77.24
C ARG O 489 4.50 43.76 77.71
N LEU O 490 3.51 42.87 77.87
CA LEU O 490 2.20 43.31 78.31
C LEU O 490 2.27 43.97 79.69
N PHE O 491 2.96 43.33 80.63
CA PHE O 491 3.07 43.88 81.97
C PHE O 491 3.84 45.19 81.96
N GLN O 492 4.92 45.28 81.18
CA GLN O 492 5.67 46.52 81.10
C GLN O 492 4.79 47.66 80.60
N CYS O 493 4.03 47.42 79.54
CA CYS O 493 3.19 48.46 78.98
C CYS O 493 2.08 48.85 79.95
N LEU O 494 1.46 47.88 80.61
CA LEU O 494 0.41 48.19 81.57
C LEU O 494 0.95 49.02 82.72
N LEU O 495 2.13 48.65 83.25
CA LEU O 495 2.74 49.42 84.33
C LEU O 495 3.06 50.84 83.89
N HIS O 496 3.61 50.98 82.68
CA HIS O 496 3.95 52.32 82.19
C HIS O 496 2.71 53.17 82.04
N ARG O 497 1.62 52.59 81.53
CA ARG O 497 0.38 53.34 81.41
C ARG O 497 -0.18 53.72 82.78
N ALA O 498 -0.12 52.80 83.74
CA ALA O 498 -0.66 53.09 85.07
C ALA O 498 0.11 54.22 85.75
N LEU O 499 1.44 54.19 85.66
CA LEU O 499 2.24 55.23 86.29
C LEU O 499 2.37 56.49 85.46
N HIS O 500 2.07 56.42 84.16
CA HIS O 500 2.18 57.56 83.24
C HIS O 500 0.93 57.59 82.37
N PRO O 501 -0.18 58.13 82.88
CA PRO O 501 -1.44 58.06 82.11
C PRO O 501 -1.35 58.68 80.73
N ARG O 502 -0.56 59.73 80.55
CA ARG O 502 -0.45 60.44 79.27
C ARG O 502 0.99 60.34 78.79
N GLU O 503 1.30 59.26 78.08
CA GLU O 503 2.64 59.03 77.55
C GLU O 503 2.62 57.88 76.56
N PRO O 504 3.35 57.97 75.45
CA PRO O 504 3.41 56.83 74.52
C PRO O 504 4.08 55.63 75.16
N LEU O 505 3.71 54.45 74.68
CA LEU O 505 4.28 53.23 75.21
C LEU O 505 5.78 53.18 74.93
N PRO O 506 6.58 52.56 75.79
CA PRO O 506 8.03 52.56 75.60
C PRO O 506 8.45 51.48 74.62
N PRO O 507 9.74 51.40 74.30
CA PRO O 507 10.23 50.31 73.45
C PRO O 507 10.43 49.04 74.27
N ILE O 508 10.79 47.96 73.56
CA ILE O 508 11.06 46.70 74.23
C ILE O 508 12.31 46.84 75.09
N GLN O 509 12.28 46.25 76.28
CA GLN O 509 13.40 46.35 77.20
C GLN O 509 14.61 45.63 76.62
N GLN O 510 15.80 46.14 76.95
CA GLN O 510 17.03 45.57 76.43
C GLN O 510 17.25 44.15 76.92
N HIS O 511 16.96 43.90 78.20
CA HIS O 511 17.18 42.56 78.74
C HIS O 511 16.28 41.54 78.09
N ILE O 512 15.08 41.95 77.64
CA ILE O 512 14.20 41.03 76.93
C ILE O 512 14.86 40.58 75.62
N TRP O 513 15.46 41.52 74.89
CA TRP O 513 16.18 41.14 73.67
C TRP O 513 17.39 40.28 74.00
N ASN O 514 18.11 40.62 75.08
CA ASN O 514 19.30 39.87 75.43
C ASN O 514 18.97 38.42 75.76
N MET O 515 17.89 38.19 76.49
CA MET O 515 17.52 36.82 76.87
C MET O 515 16.96 36.03 75.70
N LEU O 516 16.57 36.70 74.61
CA LEU O 516 16.07 36.03 73.42
C LEU O 516 17.17 35.78 72.39
N ASN O 517 18.40 36.21 72.65
CA ASN O 517 19.51 36.04 71.73
C ASN O 517 20.55 35.09 72.32
N PRO O 518 21.33 34.41 71.48
CA PRO O 518 22.37 33.51 72.00
C PRO O 518 23.49 34.29 72.65
N PRO O 519 24.30 33.65 73.49
CA PRO O 519 25.40 34.36 74.14
C PRO O 519 26.35 34.95 73.11
N ALA O 520 26.93 36.11 73.46
CA ALA O 520 27.80 36.81 72.52
C ALA O 520 28.97 35.95 72.07
N GLU O 521 29.40 35.00 72.89
CA GLU O 521 30.51 34.13 72.52
C GLU O 521 30.17 33.33 71.26
N VAL O 522 28.96 32.80 71.18
CA VAL O 522 28.55 32.05 70.00
C VAL O 522 28.56 32.94 68.76
N THR O 523 28.04 34.17 68.90
CA THR O 523 28.00 35.08 67.76
C THR O 523 29.39 35.45 67.29
N THR O 524 30.33 35.64 68.22
CA THR O 524 31.68 36.07 67.84
C THR O 524 32.35 35.05 66.93
N LYS O 525 32.23 33.75 67.25
CA LYS O 525 32.93 32.72 66.51
C LYS O 525 32.31 32.43 65.15
N SER O 526 31.13 32.99 64.84
CA SER O 526 30.42 32.68 63.61
C SER O 526 30.63 33.71 62.51
N GLN O 527 31.56 34.65 62.69
CA GLN O 527 31.76 35.70 61.70
C GLN O 527 32.49 35.18 60.47
N ILE O 528 33.68 34.60 60.66
CA ILE O 528 34.46 34.11 59.52
C ILE O 528 33.72 33.00 58.77
N PRO O 529 33.13 32.00 59.44
CA PRO O 529 32.35 31.01 58.68
C PRO O 529 31.21 31.62 57.88
N LEU O 530 30.52 32.63 58.44
CA LEU O 530 29.42 33.24 57.72
C LEU O 530 29.92 34.01 56.50
N SER O 531 31.04 34.72 56.63
CA SER O 531 31.61 35.40 55.47
C SER O 531 32.03 34.40 54.40
N LYS O 532 32.63 33.28 54.81
CA LYS O 532 33.02 32.26 53.85
C LYS O 532 31.80 31.68 53.14
N ILE O 533 30.71 31.46 53.89
CA ILE O 533 29.51 30.91 53.28
C ILE O 533 28.90 31.91 52.31
N LYS O 534 28.95 33.21 52.63
CA LYS O 534 28.51 34.21 51.68
C LYS O 534 29.35 34.16 50.41
N THR O 535 30.66 34.05 50.56
CA THR O 535 31.54 34.01 49.39
C THR O 535 31.25 32.80 48.52
N LEU O 536 31.04 31.63 49.14
CA LEU O 536 30.90 30.40 48.38
C LEU O 536 29.52 30.23 47.77
N PHE O 537 28.47 30.73 48.43
CA PHE O 537 27.10 30.47 48.01
C PHE O 537 26.54 31.70 47.31
N PRO O 538 26.27 31.66 46.01
CA PRO O 538 25.58 32.78 45.37
C PRO O 538 24.11 32.82 45.77
N LEU O 539 23.61 34.03 46.02
CA LEU O 539 22.21 34.24 46.38
C LEU O 539 21.75 35.54 45.74
N ILE O 540 20.82 35.43 44.78
CA ILE O 540 20.31 36.58 44.04
C ILE O 540 18.80 36.65 44.26
N GLU O 541 18.33 37.78 44.77
CA GLU O 541 16.91 37.97 44.98
C GLU O 541 16.21 38.17 43.64
N ALA O 542 15.11 37.46 43.44
CA ALA O 542 14.34 37.55 42.20
C ALA O 542 13.11 38.41 42.39
N VAL P 3 -3.55 -60.40 -6.76
CA VAL P 3 -3.93 -60.75 -5.36
C VAL P 3 -2.89 -60.23 -4.39
N MET P 4 -1.70 -60.83 -4.41
CA MET P 4 -0.63 -60.41 -3.51
C MET P 4 -0.22 -58.97 -3.78
N GLU P 5 -0.10 -58.60 -5.06
CA GLU P 5 0.31 -57.24 -5.40
C GLU P 5 -0.71 -56.21 -4.94
N GLU P 6 -2.00 -56.56 -4.99
CA GLU P 6 -3.03 -55.61 -4.56
C GLU P 6 -2.86 -55.24 -3.10
N LEU P 7 -2.58 -56.23 -2.24
CA LEU P 7 -2.37 -55.94 -0.82
C LEU P 7 -1.19 -55.02 -0.62
N GLU P 8 -0.09 -55.27 -1.34
CA GLU P 8 1.09 -54.41 -1.20
C GLU P 8 0.78 -52.98 -1.64
N GLN P 9 0.10 -52.82 -2.77
CA GLN P 9 -0.25 -51.48 -3.23
C GLN P 9 -1.15 -50.77 -2.24
N GLY P 10 -2.17 -51.47 -1.71
CA GLY P 10 -3.05 -50.86 -0.74
C GLY P 10 -2.33 -50.45 0.52
N LEU P 11 -1.44 -51.30 1.02
CA LEU P 11 -0.65 -50.93 2.20
C LEU P 11 0.23 -49.73 1.93
N LEU P 12 0.85 -49.69 0.74
CA LEU P 12 1.70 -48.55 0.40
C LEU P 12 0.88 -47.26 0.38
N MET P 13 -0.29 -47.28 -0.24
CA MET P 13 -1.14 -46.09 -0.33
C MET P 13 -2.06 -46.00 0.88
N GLN P 14 -1.44 -45.90 2.06
CA GLN P 14 -2.18 -45.79 3.32
C GLN P 14 -1.43 -44.86 4.25
N PRO P 15 -2.13 -44.18 5.15
CA PRO P 15 -1.46 -43.32 6.13
C PRO P 15 -1.11 -44.07 7.41
N TRP P 16 -0.14 -43.51 8.13
CA TRP P 16 0.27 -44.08 9.40
C TRP P 16 -0.75 -43.76 10.48
N ALA P 17 -0.83 -44.64 11.47
CA ALA P 17 -1.75 -44.48 12.59
C ALA P 17 -1.03 -44.75 13.90
N TRP P 18 -1.54 -44.15 14.97
CA TRP P 18 -0.97 -44.28 16.30
C TRP P 18 -1.76 -45.31 17.10
N LEU P 19 -1.03 -46.17 17.81
CA LEU P 19 -1.64 -47.22 18.63
C LEU P 19 -1.08 -47.14 20.04
N GLN P 20 -1.98 -47.17 21.02
CA GLN P 20 -1.62 -47.13 22.43
C GLN P 20 -1.95 -48.50 23.04
N LEU P 21 -0.95 -49.15 23.61
CA LEU P 21 -1.13 -50.48 24.17
C LEU P 21 -0.19 -50.69 25.34
N ALA P 22 -0.73 -50.97 26.51
CA ALA P 22 0.04 -51.30 27.70
C ALA P 22 1.12 -50.24 27.96
N GLU P 23 0.70 -48.98 28.00
CA GLU P 23 1.61 -47.86 28.25
C GLU P 23 2.76 -47.82 27.25
N ASN P 24 2.48 -48.21 26.01
CA ASN P 24 3.47 -48.18 24.94
C ASN P 24 2.82 -47.63 23.69
N SER P 25 3.63 -47.02 22.82
CA SER P 25 3.17 -46.35 21.62
C SER P 25 3.77 -47.03 20.39
N LEU P 26 2.92 -47.35 19.42
CA LEU P 26 3.34 -47.97 18.18
C LEU P 26 2.77 -47.20 17.00
N LEU P 27 3.44 -47.31 15.86
CA LEU P 27 2.96 -46.76 14.60
C LEU P 27 2.57 -47.92 13.69
N ALA P 28 1.32 -47.90 13.21
CA ALA P 28 0.75 -49.03 12.50
C ALA P 28 0.14 -48.59 11.17
N LYS P 29 0.33 -49.42 10.16
CA LYS P 29 -0.34 -49.30 8.87
C LYS P 29 -1.02 -50.62 8.58
N VAL P 30 -2.31 -50.56 8.24
CA VAL P 30 -3.10 -51.77 8.01
C VAL P 30 -3.92 -51.59 6.74
N PHE P 31 -3.94 -52.63 5.91
CA PHE P 31 -4.81 -52.67 4.74
C PHE P 31 -5.46 -54.05 4.70
N ILE P 32 -6.77 -54.10 4.90
CA ILE P 32 -7.51 -55.36 4.97
C ILE P 32 -8.48 -55.41 3.81
N THR P 33 -8.43 -56.50 3.06
CA THR P 33 -9.30 -56.75 1.91
C THR P 33 -9.99 -58.10 2.10
N LYS P 34 -10.92 -58.39 1.20
CA LYS P 34 -11.71 -59.62 1.28
C LYS P 34 -10.91 -60.87 0.96
N GLN P 35 -9.59 -60.80 0.79
CA GLN P 35 -8.79 -61.99 0.48
C GLN P 35 -7.51 -62.05 1.30
N GLY P 36 -7.38 -61.24 2.34
CA GLY P 36 -6.18 -61.22 3.14
C GLY P 36 -6.00 -59.86 3.78
N TYR P 37 -4.80 -59.62 4.29
CA TYR P 37 -4.48 -58.31 4.85
C TYR P 37 -2.97 -58.13 4.88
N ALA P 38 -2.57 -56.86 5.04
CA ALA P 38 -1.17 -56.47 5.15
C ALA P 38 -1.02 -55.50 6.31
N LEU P 39 -0.07 -55.78 7.20
CA LEU P 39 0.18 -54.96 8.38
C LEU P 39 1.66 -54.62 8.44
N LEU P 40 1.94 -53.37 8.82
CA LEU P 40 3.31 -52.89 8.99
C LEU P 40 3.35 -52.06 10.27
N VAL P 41 4.07 -52.53 11.27
CA VAL P 41 4.12 -51.87 12.57
C VAL P 41 5.57 -51.49 12.88
N SER P 42 5.71 -50.49 13.74
CA SER P 42 7.03 -49.99 14.11
C SER P 42 6.94 -49.29 15.46
N ASP P 43 8.09 -49.13 16.09
CA ASP P 43 8.21 -48.37 17.34
C ASP P 43 9.41 -47.43 17.28
N LEU P 44 9.74 -46.93 16.09
CA LEU P 44 10.85 -46.02 15.84
C LEU P 44 12.20 -46.66 16.13
N GLN P 45 12.25 -47.97 16.37
CA GLN P 45 13.49 -48.68 16.60
C GLN P 45 13.57 -49.94 15.75
N GLN P 46 12.41 -50.51 15.42
CA GLN P 46 12.35 -51.72 14.61
C GLN P 46 11.06 -51.70 13.79
N VAL P 47 11.06 -52.48 12.72
CA VAL P 47 9.93 -52.56 11.79
C VAL P 47 9.55 -54.02 11.62
N TRP P 48 8.25 -54.29 11.70
CA TRP P 48 7.72 -55.63 11.48
C TRP P 48 6.63 -55.57 10.41
N HIS P 49 6.56 -56.62 9.59
CA HIS P 49 5.60 -56.71 8.50
C HIS P 49 4.94 -58.09 8.51
N GLU P 50 3.68 -58.12 8.10
CA GLU P 50 2.93 -59.38 8.09
C GLU P 50 1.89 -59.32 6.97
N GLN P 51 1.99 -60.24 6.03
CA GLN P 51 1.02 -60.38 4.95
C GLN P 51 0.32 -61.73 5.09
N VAL P 52 -1.01 -61.70 5.11
CA VAL P 52 -1.82 -62.88 5.42
C VAL P 52 -2.80 -63.12 4.28
N ASP P 53 -2.86 -64.36 3.82
CA ASP P 53 -3.87 -64.82 2.88
C ASP P 53 -4.93 -65.64 3.62
N THR P 54 -6.01 -65.97 2.91
CA THR P 54 -7.12 -66.69 3.53
C THR P 54 -6.70 -68.07 4.05
N SER P 55 -5.64 -68.65 3.48
CA SER P 55 -5.24 -70.00 3.89
C SER P 55 -4.86 -70.04 5.36
N VAL P 56 -4.10 -69.05 5.83
CA VAL P 56 -3.71 -69.02 7.24
C VAL P 56 -4.85 -68.49 8.10
N VAL P 57 -5.72 -67.65 7.53
CA VAL P 57 -6.87 -67.16 8.29
C VAL P 57 -7.79 -68.31 8.67
N SER P 58 -8.07 -69.21 7.73
CA SER P 58 -8.97 -70.32 8.00
C SER P 58 -8.53 -71.13 9.21
N GLN P 59 -7.22 -71.18 9.48
CA GLN P 59 -6.70 -71.91 10.63
C GLN P 59 -6.62 -71.05 11.88
N ARG P 60 -6.14 -69.81 11.75
CA ARG P 60 -5.94 -68.97 12.93
C ARG P 60 -7.27 -68.54 13.54
N ALA P 61 -8.25 -68.16 12.70
CA ALA P 61 -9.53 -67.75 13.22
C ALA P 61 -10.23 -68.87 13.97
N LYS P 62 -9.93 -70.12 13.61
CA LYS P 62 -10.51 -71.25 14.32
C LYS P 62 -9.75 -71.53 15.61
N GLU P 63 -8.42 -71.60 15.54
CA GLU P 63 -7.63 -71.91 16.73
C GLU P 63 -7.83 -70.86 17.81
N LEU P 64 -7.76 -69.58 17.43
CA LEU P 64 -7.96 -68.51 18.41
C LEU P 64 -9.38 -68.51 18.94
N ASN P 65 -10.36 -68.68 18.07
CA ASN P 65 -11.78 -68.71 18.43
C ASN P 65 -12.30 -70.11 18.12
N LYS P 66 -12.30 -70.98 19.14
CA LYS P 66 -12.64 -72.37 18.92
C LYS P 66 -14.06 -72.54 18.40
N ARG P 67 -15.01 -71.81 18.97
CA ARG P 67 -16.42 -71.98 18.64
C ARG P 67 -16.89 -71.03 17.54
N LEU P 68 -16.00 -70.20 16.99
CA LEU P 68 -16.39 -69.27 15.94
C LEU P 68 -16.58 -70.02 14.63
N THR P 69 -17.70 -69.77 13.98
CA THR P 69 -18.01 -70.32 12.65
C THR P 69 -18.10 -69.13 11.70
N ALA P 70 -16.96 -68.75 11.11
CA ALA P 70 -16.87 -67.57 10.28
C ALA P 70 -15.97 -67.83 9.07
N PRO P 71 -16.45 -67.65 7.85
CA PRO P 71 -15.58 -67.73 6.68
C PRO P 71 -14.56 -66.61 6.70
N PRO P 72 -13.50 -66.71 5.90
CA PRO P 72 -12.46 -65.67 5.93
C PRO P 72 -12.99 -64.28 5.61
N ALA P 73 -13.97 -64.17 4.71
CA ALA P 73 -14.48 -62.86 4.32
C ALA P 73 -15.11 -62.14 5.50
N ALA P 74 -16.01 -62.81 6.21
CA ALA P 74 -16.70 -62.17 7.34
C ALA P 74 -15.71 -61.83 8.45
N PHE P 75 -14.77 -62.74 8.74
CA PHE P 75 -13.79 -62.48 9.77
C PHE P 75 -12.92 -61.26 9.42
N LEU P 76 -12.50 -61.17 8.15
CA LEU P 76 -11.69 -60.03 7.73
C LEU P 76 -12.49 -58.74 7.79
N CYS P 77 -13.78 -58.79 7.41
CA CYS P 77 -14.61 -57.60 7.53
C CYS P 77 -14.74 -57.16 8.98
N HIS P 78 -14.93 -58.11 9.89
CA HIS P 78 -15.01 -57.77 11.31
C HIS P 78 -13.70 -57.18 11.81
N LEU P 79 -12.57 -57.75 11.36
CA LEU P 79 -11.27 -57.20 11.76
C LEU P 79 -11.09 -55.78 11.27
N ASP P 80 -11.52 -55.51 10.03
CA ASP P 80 -11.44 -54.15 9.50
C ASP P 80 -12.33 -53.20 10.31
N ASN P 81 -13.55 -53.62 10.63
CA ASN P 81 -14.43 -52.78 11.43
C ASN P 81 -13.82 -52.53 12.82
N LEU P 82 -13.07 -53.50 13.34
CA LEU P 82 -12.38 -53.30 14.61
C LEU P 82 -11.23 -52.31 14.49
N LEU P 83 -10.43 -52.44 13.44
CA LEU P 83 -9.18 -51.69 13.35
C LEU P 83 -9.40 -50.26 12.87
N ARG P 84 -10.11 -50.08 11.76
CA ARG P 84 -10.21 -48.76 11.12
C ARG P 84 -10.69 -47.67 12.07
N PRO P 85 -11.72 -47.87 12.89
CA PRO P 85 -12.17 -46.77 13.76
C PRO P 85 -11.07 -46.26 14.68
N LEU P 86 -10.24 -47.15 15.23
CA LEU P 86 -9.19 -46.72 16.14
C LEU P 86 -8.05 -46.03 15.41
N LEU P 87 -7.64 -46.57 14.27
CA LEU P 87 -6.52 -45.99 13.54
C LEU P 87 -6.88 -44.64 12.95
N LYS P 88 -8.10 -44.50 12.42
CA LYS P 88 -8.48 -43.27 11.73
C LYS P 88 -8.44 -42.07 12.69
N ASP P 89 -8.99 -42.23 13.89
CA ASP P 89 -9.00 -41.16 14.87
C ASP P 89 -8.76 -41.75 16.26
N ALA P 90 -8.21 -40.93 17.14
CA ALA P 90 -7.90 -41.33 18.50
C ALA P 90 -9.02 -40.88 19.45
N ALA P 91 -8.95 -41.39 20.68
CA ALA P 91 -9.92 -41.09 21.73
C ALA P 91 -11.32 -41.56 21.37
N HIS P 92 -11.44 -42.43 20.38
CA HIS P 92 -12.74 -42.96 20.00
C HIS P 92 -13.13 -44.10 20.96
N PRO P 93 -14.26 -44.01 21.64
CA PRO P 93 -14.63 -45.11 22.56
C PRO P 93 -14.77 -46.42 21.80
N SER P 94 -14.28 -47.49 22.43
CA SER P 94 -14.32 -48.82 21.83
C SER P 94 -14.08 -49.86 22.91
N GLU P 95 -14.46 -51.09 22.60
CA GLU P 95 -14.27 -52.22 23.49
C GLU P 95 -13.05 -53.06 23.11
N ALA P 96 -12.26 -52.62 22.15
CA ALA P 96 -11.10 -53.35 21.69
C ALA P 96 -9.90 -53.06 22.59
N THR P 97 -9.07 -54.08 22.78
CA THR P 97 -7.86 -53.99 23.59
C THR P 97 -6.69 -54.56 22.82
N PHE P 98 -5.54 -53.90 22.94
CA PHE P 98 -4.32 -54.28 22.24
C PHE P 98 -3.26 -54.67 23.25
N SER P 99 -2.50 -55.71 22.92
CA SER P 99 -1.37 -56.15 23.72
C SER P 99 -0.20 -56.47 22.78
N CYS P 100 1.02 -56.23 23.25
CA CYS P 100 2.22 -56.43 22.46
C CYS P 100 3.22 -57.26 23.24
N ASP P 101 3.88 -58.19 22.55
CA ASP P 101 4.95 -58.95 23.17
C ASP P 101 5.95 -59.38 22.11
N CYS P 102 7.17 -59.70 22.57
CA CYS P 102 8.22 -60.20 21.70
C CYS P 102 8.97 -61.30 22.46
N VAL P 103 9.30 -62.38 21.75
CA VAL P 103 9.98 -63.51 22.38
C VAL P 103 11.47 -63.48 22.05
N ALA P 104 11.81 -63.79 20.79
CA ALA P 104 13.20 -63.77 20.35
C ALA P 104 13.43 -62.71 19.28
N ASP P 105 12.65 -62.72 18.20
CA ASP P 105 12.81 -61.74 17.14
C ASP P 105 11.49 -61.39 16.45
N ALA P 106 10.37 -61.96 16.88
CA ALA P 106 9.07 -61.73 16.27
C ALA P 106 8.20 -60.93 17.22
N LEU P 107 7.19 -60.28 16.67
CA LEU P 107 6.24 -59.48 17.44
C LEU P 107 4.88 -60.14 17.40
N ILE P 108 4.34 -60.45 18.57
CA ILE P 108 2.98 -60.96 18.70
C ILE P 108 2.11 -59.80 19.18
N LEU P 109 1.18 -59.39 18.33
CA LEU P 109 0.26 -58.30 18.64
C LEU P 109 -1.14 -58.90 18.76
N ARG P 110 -1.69 -58.88 19.97
CA ARG P 110 -2.96 -59.50 20.28
C ARG P 110 -4.06 -58.44 20.35
N VAL P 111 -5.11 -58.64 19.59
CA VAL P 111 -6.29 -57.78 19.59
C VAL P 111 -7.44 -58.59 20.17
N ARG P 112 -8.03 -58.10 21.26
CA ARG P 112 -9.14 -58.76 21.93
C ARG P 112 -10.33 -57.80 21.92
N SER P 113 -11.42 -58.22 21.31
CA SER P 113 -12.58 -57.36 21.12
C SER P 113 -13.86 -58.10 21.45
N GLU P 114 -14.90 -57.32 21.73
CA GLU P 114 -16.24 -57.83 21.99
C GLU P 114 -17.07 -57.63 20.72
N LEU P 115 -17.24 -58.69 19.94
CA LEU P 115 -17.98 -58.64 18.69
C LEU P 115 -19.48 -58.78 19.00
N SER P 116 -20.05 -57.67 19.46
CA SER P 116 -21.46 -57.56 19.81
C SER P 116 -21.83 -58.36 21.06
N GLY P 117 -20.84 -58.89 21.77
CA GLY P 117 -21.11 -59.64 22.99
C GLY P 117 -20.47 -61.02 22.97
N LEU P 118 -19.49 -61.22 22.11
CA LEU P 118 -18.82 -62.50 21.94
C LEU P 118 -17.32 -62.25 21.79
N PRO P 119 -16.50 -63.26 22.06
CA PRO P 119 -15.05 -63.05 21.94
C PRO P 119 -14.63 -62.80 20.51
N PHE P 120 -13.56 -62.01 20.34
CA PHE P 120 -12.92 -61.86 19.04
C PHE P 120 -11.43 -61.67 19.30
N TYR P 121 -10.67 -62.74 19.14
CA TYR P 121 -9.24 -62.74 19.36
C TYR P 121 -8.52 -62.82 18.01
N TRP P 122 -7.55 -61.93 17.81
CA TRP P 122 -6.68 -62.00 16.66
C TRP P 122 -5.24 -61.82 17.12
N ASN P 123 -4.31 -62.49 16.44
CA ASN P 123 -2.89 -62.46 16.82
C ASN P 123 -2.06 -62.24 15.56
N PHE P 124 -1.54 -61.03 15.40
CA PHE P 124 -0.58 -60.74 14.34
C PHE P 124 0.80 -61.26 14.76
N HIS P 125 1.36 -62.16 13.96
CA HIS P 125 2.70 -62.69 14.18
C HIS P 125 3.62 -62.08 13.13
N CYS P 126 4.18 -60.91 13.47
CA CYS P 126 4.95 -60.13 12.51
C CYS P 126 6.43 -60.40 12.66
N MET P 127 7.09 -60.65 11.53
CA MET P 127 8.53 -60.85 11.48
C MET P 127 9.21 -59.53 11.08
N LEU P 128 10.54 -59.53 11.18
CA LEU P 128 11.29 -58.34 10.79
C LEU P 128 11.07 -58.02 9.32
N ALA P 129 10.81 -56.75 9.03
CA ALA P 129 10.61 -56.33 7.65
C ALA P 129 11.93 -56.34 6.90
N SER P 130 11.87 -56.74 5.63
CA SER P 130 13.06 -56.79 4.80
C SER P 130 13.54 -55.38 4.51
N PRO P 131 14.81 -55.21 4.14
CA PRO P 131 15.32 -53.87 3.83
C PRO P 131 14.53 -53.17 2.74
N SER P 132 14.02 -53.91 1.76
CA SER P 132 13.24 -53.28 0.69
C SER P 132 11.99 -52.61 1.22
N LEU P 133 11.26 -53.29 2.11
CA LEU P 133 10.04 -52.72 2.64
C LEU P 133 10.32 -51.45 3.44
N VAL P 134 11.35 -51.47 4.27
CA VAL P 134 11.67 -50.31 5.11
C VAL P 134 12.01 -49.11 4.23
N SER P 135 12.86 -49.33 3.22
CA SER P 135 13.24 -48.23 2.34
C SER P 135 12.04 -47.72 1.57
N GLN P 136 11.17 -48.63 1.10
CA GLN P 136 10.02 -48.22 0.32
C GLN P 136 9.04 -47.40 1.15
N HIS P 137 8.86 -47.76 2.43
CA HIS P 137 7.78 -47.19 3.23
C HIS P 137 8.22 -46.01 4.09
N LEU P 138 9.47 -45.97 4.55
CA LEU P 138 9.90 -44.93 5.49
C LEU P 138 10.99 -44.04 4.94
N ILE P 139 12.08 -44.61 4.42
CA ILE P 139 13.26 -43.82 4.09
C ILE P 139 12.96 -42.87 2.94
N ARG P 140 12.64 -43.42 1.77
CA ARG P 140 12.45 -42.58 0.58
C ARG P 140 11.30 -41.59 0.76
N PRO P 141 10.12 -41.99 1.24
CA PRO P 141 9.05 -41.00 1.44
C PRO P 141 9.45 -39.86 2.34
N LEU P 142 10.23 -40.13 3.39
CA LEU P 142 10.65 -39.06 4.29
C LEU P 142 11.59 -38.10 3.59
N MET P 143 12.52 -38.62 2.77
CA MET P 143 13.38 -37.75 1.99
C MET P 143 12.58 -36.88 1.04
N GLY P 144 11.59 -37.47 0.38
CA GLY P 144 10.73 -36.68 -0.50
C GLY P 144 9.98 -35.60 0.25
N MET P 145 9.46 -35.93 1.44
CA MET P 145 8.76 -34.94 2.24
C MET P 145 9.70 -33.80 2.64
N SER P 146 10.93 -34.13 3.03
CA SER P 146 11.88 -33.08 3.41
C SER P 146 12.20 -32.18 2.23
N LEU P 147 12.42 -32.76 1.05
CA LEU P 147 12.70 -31.95 -0.13
C LEU P 147 11.51 -31.05 -0.47
N ALA P 148 10.29 -31.60 -0.39
CA ALA P 148 9.11 -30.79 -0.67
C ALA P 148 8.96 -29.65 0.32
N LEU P 149 9.24 -29.92 1.60
CA LEU P 149 9.14 -28.86 2.60
C LEU P 149 10.21 -27.80 2.39
N GLN P 150 11.40 -28.20 1.95
CA GLN P 150 12.43 -27.21 1.63
C GLN P 150 11.98 -26.33 0.47
N CYS P 151 11.37 -26.94 -0.56
CA CYS P 151 10.85 -26.15 -1.67
C CYS P 151 9.76 -25.18 -1.19
N GLN P 152 8.89 -25.65 -0.31
CA GLN P 152 7.85 -24.79 0.25
C GLN P 152 8.46 -23.62 1.01
N VAL P 153 9.52 -23.88 1.78
CA VAL P 153 10.18 -22.81 2.51
C VAL P 153 10.78 -21.79 1.55
N ARG P 154 11.38 -22.27 0.46
CA ARG P 154 11.92 -21.35 -0.54
C ARG P 154 10.82 -20.48 -1.15
N GLU P 155 9.69 -21.09 -1.49
CA GLU P 155 8.58 -20.32 -2.06
C GLU P 155 8.06 -19.30 -1.06
N LEU P 156 7.95 -19.69 0.21
CA LEU P 156 7.51 -18.75 1.24
C LEU P 156 8.48 -17.59 1.37
N ALA P 157 9.79 -17.87 1.29
CA ALA P 157 10.77 -16.80 1.35
C ALA P 157 10.63 -15.85 0.17
N THR P 158 10.38 -16.39 -1.02
CA THR P 158 10.19 -15.53 -2.19
C THR P 158 8.96 -14.65 -2.02
N LEU P 159 7.86 -15.21 -1.52
CA LEU P 159 6.66 -14.41 -1.28
C LEU P 159 6.92 -13.33 -0.25
N LEU P 160 7.66 -13.67 0.81
CA LEU P 160 7.99 -12.68 1.83
C LEU P 160 8.85 -11.55 1.25
N HIS P 161 9.78 -11.90 0.36
CA HIS P 161 10.59 -10.87 -0.28
C HIS P 161 9.72 -9.95 -1.14
N MET P 162 8.77 -10.52 -1.88
CA MET P 162 7.86 -9.69 -2.67
C MET P 162 7.06 -8.75 -1.77
N LYS P 163 6.55 -9.26 -0.65
CA LYS P 163 5.80 -8.41 0.27
C LYS P 163 6.69 -7.35 0.90
N ASP P 164 7.96 -7.67 1.16
CA ASP P 164 8.89 -6.68 1.68
C ASP P 164 9.12 -5.57 0.65
N LEU P 165 9.23 -5.94 -0.63
CA LEU P 165 9.34 -4.93 -1.68
C LEU P 165 8.10 -4.04 -1.70
N GLU P 166 6.92 -4.64 -1.56
CA GLU P 166 5.69 -3.84 -1.50
C GLU P 166 5.70 -2.89 -0.32
N ILE P 167 6.17 -3.37 0.84
CA ILE P 167 6.27 -2.52 2.02
C ILE P 167 7.23 -1.36 1.77
N GLN P 168 8.36 -1.66 1.13
CA GLN P 168 9.32 -0.61 0.81
C GLN P 168 8.69 0.45 -0.10
N ASP P 169 7.95 0.01 -1.11
CA ASP P 169 7.29 0.96 -2.00
C ASP P 169 6.28 1.80 -1.24
N TYR P 170 5.50 1.18 -0.36
CA TYR P 170 4.52 1.92 0.41
C TYR P 170 5.20 2.96 1.30
N GLN P 171 6.30 2.57 1.95
CA GLN P 171 7.02 3.52 2.78
C GLN P 171 7.60 4.67 1.96
N GLU P 172 8.12 4.35 0.76
CA GLU P 172 8.63 5.40 -0.10
C GLU P 172 7.53 6.35 -0.55
N SER P 173 6.30 5.85 -0.67
CA SER P 173 5.19 6.71 -1.04
C SER P 173 4.98 7.85 -0.06
N GLY P 174 5.44 7.69 1.18
CA GLY P 174 5.36 8.75 2.17
C GLY P 174 4.21 8.64 3.15
N ALA P 175 3.46 7.55 3.13
CA ALA P 175 2.32 7.39 4.01
C ALA P 175 2.78 6.94 5.40
N THR P 176 1.86 7.00 6.36
CA THR P 176 2.12 6.58 7.72
C THR P 176 0.96 5.72 8.21
N LEU P 177 1.27 4.79 9.12
CA LEU P 177 0.27 3.88 9.64
C LEU P 177 -0.55 4.53 10.74
N ILE P 178 -1.87 4.30 10.70
CA ILE P 178 -2.71 4.72 11.80
C ILE P 178 -2.35 3.96 13.07
N ARG P 179 -1.88 2.73 12.94
CA ARG P 179 -1.36 1.94 14.04
C ARG P 179 0.12 1.71 13.82
N ASP P 180 0.94 2.13 14.78
CA ASP P 180 2.39 2.02 14.67
C ASP P 180 2.95 0.73 15.22
N ARG P 181 2.12 -0.11 15.86
CA ARG P 181 2.60 -1.35 16.44
C ARG P 181 2.82 -2.45 15.40
N LEU P 182 2.33 -2.26 14.18
CA LEU P 182 2.40 -3.32 13.17
C LEU P 182 3.70 -3.32 12.38
N LYS P 183 4.60 -2.38 12.64
CA LYS P 183 5.85 -2.33 11.91
C LYS P 183 6.62 -3.63 12.10
N THR P 184 7.10 -4.21 10.99
CA THR P 184 7.84 -5.45 11.00
C THR P 184 9.18 -5.25 10.32
N GLU P 185 10.24 -5.79 10.92
CA GLU P 185 11.56 -5.65 10.34
C GLU P 185 11.66 -6.45 9.05
N PRO P 186 12.57 -6.04 8.14
CA PRO P 186 12.70 -6.79 6.89
C PRO P 186 13.11 -8.23 7.13
N PHE P 187 12.59 -9.13 6.30
CA PHE P 187 12.88 -10.55 6.45
C PHE P 187 14.22 -10.87 5.83
N GLU P 188 15.06 -11.57 6.59
CA GLU P 188 16.36 -12.05 6.12
C GLU P 188 16.42 -13.55 6.33
N GLU P 189 16.73 -14.28 5.25
CA GLU P 189 16.72 -15.74 5.33
C GLU P 189 17.77 -16.25 6.31
N ASN P 190 19.00 -15.73 6.21
CA ASN P 190 20.08 -16.22 7.06
C ASN P 190 19.80 -15.93 8.53
N SER P 191 19.32 -14.73 8.85
CA SER P 191 19.03 -14.40 10.24
C SER P 191 17.92 -15.27 10.80
N PHE P 192 16.87 -15.49 10.01
CA PHE P 192 15.77 -16.34 10.46
C PHE P 192 16.25 -17.77 10.69
N LEU P 193 17.06 -18.29 9.77
CA LEU P 193 17.57 -19.66 9.92
C LEU P 193 18.43 -19.77 11.17
N GLU P 194 19.32 -18.81 11.40
CA GLU P 194 20.19 -18.85 12.57
C GLU P 194 19.36 -18.77 13.85
N GLN P 195 18.38 -17.87 13.89
CA GLN P 195 17.53 -17.75 15.07
C GLN P 195 16.78 -19.04 15.33
N PHE P 196 16.19 -19.63 14.28
CA PHE P 196 15.47 -20.89 14.45
C PHE P 196 16.39 -21.95 15.02
N MET P 197 17.56 -22.13 14.41
CA MET P 197 18.47 -23.18 14.87
C MET P 197 18.88 -22.97 16.31
N ILE P 198 19.20 -21.74 16.70
CA ILE P 198 19.68 -21.50 18.06
C ILE P 198 18.55 -21.70 19.06
N GLU P 199 17.34 -21.27 18.74
CA GLU P 199 16.26 -21.19 19.73
C GLU P 199 15.35 -22.40 19.73
N LYS P 200 14.71 -22.71 18.60
CA LYS P 200 13.55 -23.59 18.61
C LYS P 200 13.78 -24.96 17.97
N LEU P 201 14.93 -25.18 17.34
CA LEU P 201 15.21 -26.50 16.78
C LEU P 201 15.11 -27.60 17.84
N PRO P 202 15.63 -27.43 19.06
CA PRO P 202 15.54 -28.49 20.08
C PRO P 202 14.14 -29.06 20.23
N GLU P 203 13.16 -28.20 20.54
CA GLU P 203 11.80 -28.68 20.74
C GLU P 203 11.16 -29.10 19.43
N ALA P 204 11.46 -28.40 18.34
CA ALA P 204 10.81 -28.69 17.07
C ALA P 204 11.16 -30.09 16.56
N CYS P 205 12.42 -30.47 16.69
CA CYS P 205 12.91 -31.74 16.14
C CYS P 205 12.67 -32.93 17.07
N SER P 206 12.06 -32.71 18.24
CA SER P 206 11.84 -33.79 19.19
C SER P 206 10.84 -34.77 18.60
N ILE P 207 11.33 -35.93 18.16
CA ILE P 207 10.44 -36.93 17.57
C ILE P 207 9.48 -37.46 18.61
N GLY P 208 9.96 -37.73 19.83
CA GLY P 208 9.10 -38.27 20.86
C GLY P 208 8.78 -39.72 20.59
N ASP P 209 7.49 -40.07 20.75
CA ASP P 209 7.02 -41.42 20.54
C ASP P 209 6.38 -41.61 19.16
N GLY P 210 6.51 -40.63 18.27
CA GLY P 210 5.98 -40.72 16.94
C GLY P 210 4.65 -40.02 16.74
N LYS P 211 4.00 -39.57 17.81
CA LYS P 211 2.71 -38.90 17.66
C LYS P 211 2.80 -37.65 16.79
N PRO P 212 3.80 -36.77 16.96
CA PRO P 212 3.86 -35.58 16.09
C PRO P 212 3.93 -35.93 14.61
N PHE P 213 4.64 -36.99 14.26
CA PHE P 213 4.73 -37.38 12.85
C PHE P 213 3.36 -37.72 12.29
N VAL P 214 2.55 -38.45 13.05
CA VAL P 214 1.21 -38.80 12.57
C VAL P 214 0.32 -37.57 12.55
N MET P 215 0.45 -36.69 13.55
CA MET P 215 -0.46 -35.55 13.65
C MET P 215 -0.21 -34.53 12.57
N ASN P 216 1.07 -34.24 12.27
CA ASN P 216 1.40 -33.12 11.40
C ASN P 216 1.59 -33.54 9.94
N LEU P 217 2.55 -34.44 9.68
CA LEU P 217 2.98 -34.76 8.33
C LEU P 217 2.33 -36.07 7.89
N GLN P 218 1.12 -35.98 7.37
CA GLN P 218 0.45 -37.13 6.77
C GLN P 218 -0.03 -36.89 5.35
N ASP P 219 -0.56 -35.71 5.06
CA ASP P 219 -1.00 -35.41 3.69
C ASP P 219 0.18 -35.40 2.74
N LEU P 220 1.28 -34.75 3.13
CA LEU P 220 2.48 -34.73 2.29
C LEU P 220 3.03 -36.13 2.11
N TYR P 221 3.03 -36.93 3.18
CA TYR P 221 3.51 -38.31 3.07
C TYR P 221 2.67 -39.10 2.08
N MET P 222 1.34 -38.97 2.17
CA MET P 222 0.46 -39.68 1.24
C MET P 222 0.69 -39.22 -0.19
N ALA P 223 0.87 -37.91 -0.38
CA ALA P 223 1.10 -37.40 -1.73
C ALA P 223 2.40 -37.95 -2.31
N VAL P 224 3.46 -37.97 -1.50
CA VAL P 224 4.75 -38.48 -1.98
C VAL P 224 4.65 -39.97 -2.31
N THR P 225 3.97 -40.73 -1.45
CA THR P 225 3.81 -42.16 -1.71
C THR P 225 3.02 -42.40 -2.99
N THR P 226 1.94 -41.64 -3.19
CA THR P 226 1.14 -41.78 -4.40
C THR P 226 1.95 -41.41 -5.64
N GLN P 227 2.77 -40.37 -5.54
CA GLN P 227 3.62 -40.02 -6.67
C GLN P 227 4.60 -41.14 -7.00
N GLU P 228 5.28 -41.68 -5.99
CA GLU P 228 6.29 -42.68 -6.26
C GLU P 228 5.67 -43.96 -6.79
N VAL P 229 4.49 -44.35 -6.29
CA VAL P 229 3.85 -45.56 -6.78
C VAL P 229 3.40 -45.38 -8.22
N GLN P 230 2.96 -44.18 -8.57
CA GLN P 230 2.51 -43.89 -9.93
C GLN P 230 3.65 -43.28 -10.75
N LYS P 296 -13.51 -22.46 -89.79
CA LYS P 296 -12.63 -21.89 -90.80
C LYS P 296 -13.23 -20.61 -91.37
N PRO P 297 -13.15 -19.50 -90.61
CA PRO P 297 -13.70 -18.23 -91.09
C PRO P 297 -12.78 -17.60 -92.13
N ARG P 298 -13.31 -17.44 -93.34
CA ARG P 298 -12.55 -16.84 -94.43
C ARG P 298 -13.51 -16.07 -95.33
N GLY P 299 -12.99 -15.03 -95.96
CA GLY P 299 -13.78 -14.22 -96.87
C GLY P 299 -14.37 -13.00 -96.17
N LEU P 300 -15.70 -12.87 -96.20
CA LEU P 300 -16.36 -11.74 -95.56
C LEU P 300 -16.17 -11.74 -94.05
N PHE P 301 -15.85 -12.89 -93.46
CA PHE P 301 -15.69 -13.01 -92.02
C PHE P 301 -14.22 -13.02 -91.60
N SER P 302 -13.31 -12.65 -92.50
CA SER P 302 -11.89 -12.60 -92.17
C SER P 302 -11.23 -11.39 -92.82
N MET Q 1 -64.69 -66.32 18.09
CA MET Q 1 -64.17 -67.70 18.30
C MET Q 1 -63.32 -67.77 19.57
N GLU Q 2 -63.78 -68.57 20.53
CA GLU Q 2 -63.08 -68.74 21.79
C GLU Q 2 -63.11 -70.21 22.19
N ARG Q 3 -62.38 -70.53 23.26
CA ARG Q 3 -62.27 -71.92 23.71
C ARG Q 3 -61.90 -71.95 25.18
N LYS Q 4 -62.12 -73.11 25.78
CA LYS Q 4 -61.83 -73.36 27.18
C LYS Q 4 -61.20 -74.73 27.34
N ILE Q 5 -60.18 -74.81 28.19
CA ILE Q 5 -59.46 -76.05 28.47
C ILE Q 5 -59.70 -76.43 29.93
N SER Q 6 -60.00 -77.70 30.16
CA SER Q 6 -60.28 -78.19 31.51
C SER Q 6 -59.66 -79.57 31.69
N ARG Q 7 -59.47 -79.94 32.94
CA ARG Q 7 -58.96 -81.25 33.31
C ARG Q 7 -60.13 -82.17 33.66
N ILE Q 8 -60.14 -83.36 33.06
CA ILE Q 8 -61.25 -84.30 33.21
C ILE Q 8 -60.67 -85.64 33.65
N HIS Q 9 -61.29 -86.25 34.66
CA HIS Q 9 -60.90 -87.55 35.16
C HIS Q 9 -61.94 -88.59 34.75
N LEU Q 10 -61.46 -89.75 34.29
CA LEU Q 10 -62.32 -90.82 33.81
C LEU Q 10 -62.44 -91.91 34.86
N VAL Q 11 -63.64 -92.49 34.96
CA VAL Q 11 -63.87 -93.56 35.93
C VAL Q 11 -63.03 -94.78 35.58
N SER Q 12 -62.84 -95.04 34.29
CA SER Q 12 -62.02 -96.18 33.87
C SER Q 12 -60.57 -96.01 34.31
N GLU Q 13 -60.04 -94.79 34.20
CA GLU Q 13 -58.64 -94.51 34.54
C GLU Q 13 -58.60 -93.27 35.44
N PRO Q 14 -59.07 -93.39 36.68
CA PRO Q 14 -59.08 -92.22 37.57
C PRO Q 14 -57.70 -91.64 37.83
N SER Q 15 -56.66 -92.49 37.87
CA SER Q 15 -55.33 -92.00 38.17
C SER Q 15 -54.84 -91.02 37.13
N ILE Q 16 -55.11 -91.30 35.86
CA ILE Q 16 -54.63 -90.48 34.76
C ILE Q 16 -55.62 -89.36 34.51
N THR Q 17 -55.11 -88.16 34.26
CA THR Q 17 -55.91 -86.98 34.00
C THR Q 17 -55.88 -86.65 32.52
N HIS Q 18 -57.05 -86.48 31.93
CA HIS Q 18 -57.19 -86.10 30.52
C HIS Q 18 -57.52 -84.62 30.42
N PHE Q 19 -57.41 -84.09 29.20
CA PHE Q 19 -57.66 -82.69 28.92
C PHE Q 19 -58.82 -82.58 27.93
N LEU Q 20 -59.81 -81.77 28.28
CA LEU Q 20 -60.98 -81.52 27.44
C LEU Q 20 -60.94 -80.07 26.99
N GLN Q 21 -60.95 -79.87 25.67
CA GLN Q 21 -60.89 -78.54 25.08
C GLN Q 21 -62.17 -78.31 24.28
N VAL Q 22 -62.94 -77.31 24.66
CA VAL Q 22 -64.22 -77.00 24.01
C VAL Q 22 -64.07 -75.65 23.31
N SER Q 23 -64.32 -75.65 22.01
CA SER Q 23 -64.19 -74.46 21.17
C SER Q 23 -65.54 -74.11 20.58
N TRP Q 24 -65.92 -72.84 20.66
CA TRP Q 24 -67.19 -72.37 20.10
C TRP Q 24 -66.98 -70.98 19.52
N GLU Q 25 -67.91 -70.60 18.63
CA GLU Q 25 -67.77 -69.33 17.91
C GLU Q 25 -68.26 -68.15 18.75
N LYS Q 26 -69.54 -68.13 19.08
CA LYS Q 26 -70.12 -67.04 19.85
C LYS Q 26 -70.93 -67.52 21.05
N THR Q 27 -71.65 -68.63 20.92
CA THR Q 27 -72.46 -69.14 22.01
C THR Q 27 -72.71 -70.62 21.77
N LEU Q 28 -72.84 -71.37 22.86
CA LEU Q 28 -72.91 -72.83 22.77
C LEU Q 28 -74.13 -73.31 21.99
N GLU Q 29 -75.15 -72.47 21.83
CA GLU Q 29 -76.35 -72.90 21.13
C GLU Q 29 -76.05 -73.27 19.68
N SER Q 30 -75.23 -72.47 18.99
CA SER Q 30 -74.92 -72.75 17.59
C SER Q 30 -74.20 -74.09 17.44
N GLY Q 31 -73.26 -74.37 18.32
CA GLY Q 31 -72.51 -75.61 18.25
C GLY Q 31 -71.18 -75.45 18.96
N PHE Q 32 -70.41 -76.54 18.94
CA PHE Q 32 -69.11 -76.53 19.60
C PHE Q 32 -68.36 -77.79 19.25
N VAL Q 33 -67.03 -77.69 19.25
CA VAL Q 33 -66.14 -78.80 18.97
C VAL Q 33 -65.39 -79.15 20.24
N ILE Q 34 -65.42 -80.42 20.61
CA ILE Q 34 -64.79 -80.93 21.83
C ILE Q 34 -63.67 -81.86 21.45
N THR Q 35 -62.48 -81.62 22.02
CA THR Q 35 -61.31 -82.45 21.80
C THR Q 35 -60.87 -83.04 23.14
N LEU Q 36 -60.60 -84.34 23.15
CA LEU Q 36 -60.11 -85.04 24.33
C LEU Q 36 -58.70 -85.51 24.07
N THR Q 37 -57.78 -85.17 24.97
CA THR Q 37 -56.38 -85.53 24.81
C THR Q 37 -55.85 -86.17 26.10
N ASP Q 38 -54.87 -87.05 25.94
CA ASP Q 38 -54.21 -87.68 27.06
C ASP Q 38 -52.70 -87.51 27.03
N GLY Q 39 -52.16 -86.75 26.07
CA GLY Q 39 -50.75 -86.58 25.91
C GLY Q 39 -50.13 -87.46 24.84
N HIS Q 40 -50.80 -88.53 24.45
CA HIS Q 40 -50.32 -89.43 23.41
C HIS Q 40 -51.34 -89.67 22.31
N SER Q 41 -52.63 -89.70 22.64
CA SER Q 41 -53.69 -89.92 21.67
C SER Q 41 -54.72 -88.80 21.80
N ALA Q 42 -55.44 -88.56 20.71
CA ALA Q 42 -56.41 -87.48 20.64
C ALA Q 42 -57.70 -87.97 20.00
N TRP Q 43 -58.81 -87.40 20.47
CA TRP Q 43 -60.13 -87.62 19.88
C TRP Q 43 -60.78 -86.28 19.67
N THR Q 44 -61.58 -86.17 18.60
CA THR Q 44 -62.25 -84.93 18.27
C THR Q 44 -63.69 -85.22 17.87
N GLY Q 45 -64.59 -84.31 18.27
CA GLY Q 45 -65.98 -84.43 17.88
C GLY Q 45 -66.60 -83.05 17.80
N THR Q 46 -67.72 -82.98 17.09
CA THR Q 46 -68.43 -81.72 16.91
C THR Q 46 -69.92 -81.93 17.17
N VAL Q 47 -70.56 -80.89 17.71
CA VAL Q 47 -71.99 -80.89 17.97
C VAL Q 47 -72.57 -79.64 17.36
N SER Q 48 -73.47 -79.82 16.39
CA SER Q 48 -74.17 -78.73 15.74
C SER Q 48 -75.57 -78.61 16.34
N GLU Q 49 -76.37 -77.69 15.79
CA GLU Q 49 -77.67 -77.38 16.40
C GLU Q 49 -78.59 -78.60 16.40
N SER Q 50 -78.57 -79.39 15.33
CA SER Q 50 -79.53 -80.48 15.20
C SER Q 50 -79.41 -81.48 16.33
N GLU Q 51 -78.18 -81.92 16.64
CA GLU Q 51 -77.99 -82.95 17.66
C GLU Q 51 -78.39 -82.43 19.03
N ILE Q 52 -77.97 -81.21 19.38
CA ILE Q 52 -78.31 -80.66 20.69
C ILE Q 52 -79.82 -80.51 20.80
N SER Q 53 -80.46 -80.02 19.74
CA SER Q 53 -81.91 -79.84 19.78
C SER Q 53 -82.62 -81.17 19.96
N GLN Q 54 -82.18 -82.21 19.23
CA GLN Q 54 -82.81 -83.52 19.36
C GLN Q 54 -82.60 -84.09 20.77
N GLU Q 55 -81.40 -83.95 21.32
CA GLU Q 55 -81.15 -84.45 22.66
C GLU Q 55 -82.00 -83.72 23.68
N ALA Q 56 -82.15 -82.40 23.54
CA ALA Q 56 -82.99 -81.65 24.45
C ALA Q 56 -84.45 -82.07 24.33
N ASP Q 57 -84.94 -82.23 23.10
CA ASP Q 57 -86.32 -82.63 22.90
C ASP Q 57 -86.59 -84.01 23.49
N ASP Q 58 -85.67 -84.95 23.29
CA ASP Q 58 -85.85 -86.29 23.85
C ASP Q 58 -85.90 -86.26 25.36
N MET Q 59 -85.06 -85.44 26.00
CA MET Q 59 -85.01 -85.46 27.45
C MET Q 59 -86.23 -84.80 28.07
N ALA Q 60 -87.05 -84.11 27.27
CA ALA Q 60 -88.27 -83.47 27.74
C ALA Q 60 -88.00 -82.36 28.75
N MET Q 61 -86.90 -81.63 28.54
CA MET Q 61 -86.55 -80.50 29.37
C MET Q 61 -86.54 -79.22 28.55
N GLU Q 62 -86.82 -78.10 29.22
CA GLU Q 62 -86.74 -76.80 28.57
C GLU Q 62 -85.34 -76.57 28.01
N LYS Q 63 -85.27 -76.15 26.74
CA LYS Q 63 -83.98 -75.96 26.09
C LYS Q 63 -83.18 -74.83 26.72
N GLY Q 64 -83.83 -73.97 27.52
CA GLY Q 64 -83.11 -72.86 28.12
C GLY Q 64 -82.15 -73.28 29.21
N LYS Q 65 -82.39 -74.44 29.83
CA LYS Q 65 -81.53 -74.94 30.90
C LYS Q 65 -80.61 -76.08 30.48
N TYR Q 66 -80.89 -76.75 29.35
CA TYR Q 66 -79.97 -77.77 28.88
C TYR Q 66 -78.62 -77.17 28.52
N VAL Q 67 -78.62 -76.02 27.83
CA VAL Q 67 -77.37 -75.35 27.51
C VAL Q 67 -76.65 -74.94 28.77
N GLY Q 68 -77.39 -74.44 29.77
CA GLY Q 68 -76.76 -74.06 31.02
C GLY Q 68 -76.12 -75.23 31.74
N GLU Q 69 -76.81 -76.37 31.79
CA GLU Q 69 -76.23 -77.56 32.42
C GLU Q 69 -75.00 -78.03 31.66
N LEU Q 70 -75.06 -78.03 30.32
CA LEU Q 70 -73.91 -78.43 29.53
C LEU Q 70 -72.72 -77.51 29.77
N ARG Q 71 -72.98 -76.20 29.84
CA ARG Q 71 -71.90 -75.26 30.14
C ARG Q 71 -71.32 -75.50 31.52
N LYS Q 72 -72.18 -75.72 32.52
CA LYS Q 72 -71.69 -75.95 33.87
C LYS Q 72 -70.84 -77.20 33.93
N ALA Q 73 -71.21 -78.24 33.19
CA ALA Q 73 -70.48 -79.50 33.25
C ALA Q 73 -69.18 -79.44 32.48
N LEU Q 74 -69.24 -79.09 31.19
CA LEU Q 74 -68.09 -79.21 30.31
C LEU Q 74 -67.09 -78.07 30.43
N LEU Q 75 -67.46 -76.96 31.08
CA LEU Q 75 -66.55 -75.83 31.25
C LEU Q 75 -65.98 -75.76 32.66
N SER Q 76 -66.04 -76.86 33.41
CA SER Q 76 -65.53 -76.91 34.78
C SER Q 76 -66.21 -75.88 35.67
N GLY Q 77 -67.46 -75.56 35.37
CA GLY Q 77 -68.24 -74.62 36.15
C GLY Q 77 -69.06 -75.25 37.27
N ALA Q 78 -68.88 -76.54 37.53
CA ALA Q 78 -69.65 -77.21 38.57
C ALA Q 78 -69.35 -76.59 39.93
N GLY Q 79 -70.40 -76.45 40.74
CA GLY Q 79 -70.25 -75.88 42.06
C GLY Q 79 -69.76 -76.90 43.07
N PRO Q 80 -69.54 -76.42 44.30
CA PRO Q 80 -69.07 -77.34 45.35
C PRO Q 80 -70.01 -78.51 45.60
N ALA Q 81 -71.32 -78.28 45.48
CA ALA Q 81 -72.31 -79.32 45.75
C ALA Q 81 -72.72 -80.09 44.51
N ASP Q 82 -72.13 -79.80 43.36
CA ASP Q 82 -72.46 -80.47 42.11
C ASP Q 82 -71.28 -81.34 41.67
N VAL Q 83 -71.55 -82.61 41.36
CA VAL Q 83 -70.53 -83.56 40.95
C VAL Q 83 -70.97 -84.19 39.64
N TYR Q 84 -70.08 -84.20 38.66
CA TYR Q 84 -70.34 -84.78 37.35
C TYR Q 84 -69.31 -85.88 37.09
N THR Q 85 -69.80 -87.03 36.62
CA THR Q 85 -68.95 -88.19 36.32
C THR Q 85 -68.98 -88.45 34.83
N PHE Q 86 -67.78 -88.52 34.23
CA PHE Q 86 -67.63 -88.73 32.80
C PHE Q 86 -67.16 -90.15 32.52
N ASN Q 87 -67.54 -90.67 31.34
CA ASN Q 87 -67.14 -92.01 30.94
C ASN Q 87 -66.95 -92.00 29.43
N PHE Q 88 -65.75 -92.39 28.98
CA PHE Q 88 -65.41 -92.43 27.57
C PHE Q 88 -64.90 -93.84 27.24
N SER Q 89 -65.75 -94.63 26.60
CA SER Q 89 -65.36 -95.97 26.17
C SER Q 89 -64.55 -95.87 24.88
N LYS Q 90 -63.32 -96.37 24.92
CA LYS Q 90 -62.43 -96.29 23.77
C LYS Q 90 -62.78 -97.31 22.69
N GLU Q 91 -63.28 -98.48 23.08
CA GLU Q 91 -63.58 -99.52 22.10
C GLU Q 91 -64.58 -99.03 21.07
N SER Q 92 -65.69 -98.46 21.52
CA SER Q 92 -66.68 -97.87 20.63
C SER Q 92 -66.51 -96.35 20.49
N CYS Q 93 -65.57 -95.75 21.20
CA CYS Q 93 -65.34 -94.32 21.17
C CYS Q 93 -66.64 -93.55 21.45
N TYR Q 94 -67.23 -93.86 22.61
CA TYR Q 94 -68.50 -93.28 23.02
C TYR Q 94 -68.31 -92.52 24.32
N PHE Q 95 -68.73 -91.25 24.33
CA PHE Q 95 -68.52 -90.37 25.48
C PHE Q 95 -69.87 -90.00 26.08
N PHE Q 96 -69.96 -90.05 27.41
CA PHE Q 96 -71.20 -89.66 28.07
C PHE Q 96 -70.93 -89.34 29.52
N PHE Q 97 -71.66 -88.36 30.05
CA PHE Q 97 -71.47 -87.87 31.40
C PHE Q 97 -72.81 -87.80 32.11
N GLU Q 98 -72.77 -87.99 33.43
CA GLU Q 98 -73.96 -87.97 34.27
C GLU Q 98 -73.68 -87.08 35.49
N LYS Q 99 -74.75 -86.71 36.18
CA LYS Q 99 -74.67 -85.90 37.39
C LYS Q 99 -75.01 -86.76 38.59
N ASN Q 100 -74.10 -86.79 39.58
CA ASN Q 100 -74.27 -87.59 40.78
C ASN Q 100 -74.81 -86.69 41.89
N LEU Q 101 -76.11 -86.73 42.09
CA LEU Q 101 -76.78 -85.95 43.13
C LEU Q 101 -77.70 -86.86 43.92
N LYS Q 102 -77.63 -86.76 45.25
CA LYS Q 102 -78.46 -87.57 46.14
C LYS Q 102 -78.28 -89.06 45.87
N ASP Q 103 -77.04 -89.46 45.59
CA ASP Q 103 -76.69 -90.86 45.41
C ASP Q 103 -77.54 -91.53 44.33
N VAL Q 104 -77.79 -90.80 43.24
CA VAL Q 104 -78.50 -91.34 42.09
C VAL Q 104 -77.94 -90.71 40.83
N SER Q 105 -77.61 -91.55 39.85
CA SER Q 105 -77.06 -91.08 38.58
C SER Q 105 -78.16 -90.53 37.69
N PHE Q 106 -77.75 -89.73 36.71
CA PHE Q 106 -78.71 -89.07 35.82
C PHE Q 106 -77.98 -88.67 34.55
N ARG Q 107 -78.37 -89.28 33.42
CA ARG Q 107 -77.71 -89.00 32.16
C ARG Q 107 -78.01 -87.58 31.68
N LEU Q 108 -77.02 -86.96 31.05
CA LEU Q 108 -77.15 -85.61 30.51
C LEU Q 108 -77.02 -85.57 28.99
N GLY Q 109 -75.97 -86.20 28.45
CA GLY Q 109 -75.77 -86.21 27.01
C GLY Q 109 -74.81 -87.30 26.60
N SER Q 110 -74.90 -87.68 25.33
CA SER Q 110 -74.07 -88.73 24.76
C SER Q 110 -73.54 -88.27 23.41
N PHE Q 111 -72.25 -88.50 23.17
CA PHE Q 111 -71.59 -88.11 21.94
C PHE Q 111 -70.78 -89.28 21.39
N ASN Q 112 -70.61 -89.29 20.07
CA ASN Q 112 -69.77 -90.25 19.38
C ASN Q 112 -68.56 -89.51 18.84
N LEU Q 113 -67.37 -89.94 19.26
CA LEU Q 113 -66.12 -89.28 18.89
C LEU Q 113 -65.37 -90.09 17.86
N GLU Q 114 -64.45 -89.42 17.16
CA GLU Q 114 -63.63 -90.04 16.15
C GLU Q 114 -62.16 -89.79 16.46
N LYS Q 115 -61.33 -90.81 16.29
CA LYS Q 115 -59.91 -90.69 16.57
C LYS Q 115 -59.25 -89.71 15.61
N VAL Q 116 -58.21 -89.03 16.09
CA VAL Q 116 -57.45 -88.07 15.31
C VAL Q 116 -56.14 -88.73 14.89
N GLU Q 117 -55.85 -88.70 13.59
CA GLU Q 117 -54.67 -89.38 13.07
C GLU Q 117 -53.38 -88.62 13.36
N ASN Q 118 -53.44 -87.37 13.80
CA ASN Q 118 -52.26 -86.55 14.08
C ASN Q 118 -52.39 -85.95 15.47
N PRO Q 119 -52.16 -86.75 16.52
CA PRO Q 119 -52.25 -86.21 17.88
C PRO Q 119 -51.27 -85.08 18.17
N ALA Q 120 -50.14 -85.01 17.46
CA ALA Q 120 -49.14 -84.00 17.76
C ALA Q 120 -49.68 -82.59 17.53
N GLU Q 121 -50.44 -82.39 16.45
CA GLU Q 121 -50.90 -81.05 16.11
C GLU Q 121 -51.80 -80.48 17.19
N VAL Q 122 -52.71 -81.29 17.73
CA VAL Q 122 -53.64 -80.77 18.74
C VAL Q 122 -52.88 -80.40 20.01
N ILE Q 123 -51.93 -81.22 20.42
CA ILE Q 123 -51.15 -80.92 21.62
C ILE Q 123 -50.36 -79.63 21.42
N ARG Q 124 -49.72 -79.48 20.25
CA ARG Q 124 -48.96 -78.27 19.97
C ARG Q 124 -49.87 -77.05 20.00
N GLU Q 125 -51.06 -77.15 19.40
CA GLU Q 125 -51.99 -76.03 19.41
C GLU Q 125 -52.42 -75.68 20.83
N LEU Q 126 -52.69 -76.69 21.65
CA LEU Q 126 -53.08 -76.42 23.04
C LEU Q 126 -51.97 -75.69 23.77
N ILE Q 127 -50.73 -76.15 23.64
CA ILE Q 127 -49.62 -75.51 24.34
C ILE Q 127 -49.43 -74.09 23.85
N CYS Q 128 -49.50 -73.87 22.53
CA CYS Q 128 -49.33 -72.53 21.99
C CYS Q 128 -50.42 -71.60 22.50
N TYR Q 129 -51.68 -72.06 22.52
CA TYR Q 129 -52.76 -71.22 23.03
C TYR Q 129 -52.54 -70.89 24.50
N CYS Q 130 -52.10 -71.87 25.30
CA CYS Q 130 -51.84 -71.60 26.70
C CYS Q 130 -50.76 -70.55 26.87
N LEU Q 131 -49.69 -70.65 26.08
CA LEU Q 131 -48.61 -69.67 26.18
C LEU Q 131 -49.08 -68.27 25.78
N ASP Q 132 -49.87 -68.19 24.71
CA ASP Q 132 -50.41 -66.90 24.29
C ASP Q 132 -51.29 -66.29 25.37
N THR Q 133 -52.14 -67.11 25.99
CA THR Q 133 -52.99 -66.61 27.06
C THR Q 133 -52.14 -66.13 28.23
N ILE Q 134 -51.08 -66.85 28.56
CA ILE Q 134 -50.20 -66.43 29.66
C ILE Q 134 -49.59 -65.07 29.35
N ALA Q 135 -49.11 -64.89 28.12
CA ALA Q 135 -48.49 -63.61 27.75
C ALA Q 135 -49.50 -62.48 27.82
N GLU Q 136 -50.71 -62.70 27.30
CA GLU Q 136 -51.72 -61.65 27.34
C GLU Q 136 -52.08 -61.29 28.78
N ASN Q 137 -52.23 -62.30 29.64
CA ASN Q 137 -52.54 -62.04 31.04
C ASN Q 137 -51.42 -61.25 31.72
N GLN Q 138 -50.17 -61.59 31.41
CA GLN Q 138 -49.05 -60.87 32.01
C GLN Q 138 -49.07 -59.39 31.60
N ALA Q 139 -49.31 -59.14 30.31
CA ALA Q 139 -49.36 -57.75 29.85
C ALA Q 139 -50.50 -56.99 30.53
N LYS Q 140 -51.67 -57.61 30.62
CA LYS Q 140 -52.80 -56.96 31.27
C LYS Q 140 -52.49 -56.68 32.73
N ASN Q 141 -51.84 -57.63 33.42
CA ASN Q 141 -51.49 -57.42 34.82
C ASN Q 141 -50.52 -56.27 34.98
N GLU Q 142 -49.54 -56.16 34.08
CA GLU Q 142 -48.58 -55.04 34.16
C GLU Q 142 -49.30 -53.71 34.00
N HIS Q 143 -50.18 -53.61 33.00
CA HIS Q 143 -50.92 -52.36 32.79
C HIS Q 143 -51.77 -52.02 34.00
N LEU Q 144 -52.45 -53.03 34.55
CA LEU Q 144 -53.31 -52.81 35.71
C LEU Q 144 -52.50 -52.35 36.92
N GLN Q 145 -51.31 -52.93 37.10
CA GLN Q 145 -50.46 -52.50 38.21
C GLN Q 145 -50.02 -51.05 38.04
N LYS Q 146 -49.68 -50.65 36.81
CA LYS Q 146 -49.34 -49.26 36.56
C LYS Q 146 -50.51 -48.35 36.94
N GLU Q 147 -51.71 -48.72 36.51
CA GLU Q 147 -52.89 -47.90 36.82
C GLU Q 147 -53.11 -47.82 38.33
N ASN Q 148 -52.94 -48.95 39.03
CA ASN Q 148 -53.12 -48.95 40.48
C ASN Q 148 -52.12 -48.03 41.16
N GLU Q 149 -50.86 -48.07 40.73
CA GLU Q 149 -49.86 -47.18 41.32
C GLU Q 149 -50.23 -45.72 41.10
N ARG Q 150 -50.66 -45.38 39.88
CA ARG Q 150 -51.06 -44.00 39.62
C ARG Q 150 -52.22 -43.58 40.51
N LEU Q 151 -53.23 -44.45 40.65
CA LEU Q 151 -54.39 -44.12 41.48
C LEU Q 151 -53.98 -43.94 42.93
N LEU Q 152 -53.08 -44.79 43.44
CA LEU Q 152 -52.63 -44.65 44.82
C LEU Q 152 -51.91 -43.33 45.03
N ARG Q 153 -51.06 -42.94 44.08
CA ARG Q 153 -50.38 -41.65 44.19
C ARG Q 153 -51.40 -40.51 44.22
N ASP Q 154 -52.39 -40.56 43.34
CA ASP Q 154 -53.42 -39.51 43.32
C ASP Q 154 -54.16 -39.44 44.66
N TRP Q 155 -54.51 -40.59 45.22
CA TRP Q 155 -55.23 -40.61 46.48
C TRP Q 155 -54.38 -40.01 47.60
N ASN Q 156 -53.09 -40.36 47.64
CA ASN Q 156 -52.22 -39.79 48.67
C ASN Q 156 -52.13 -38.28 48.53
N ASP Q 157 -51.99 -37.78 47.30
CA ASP Q 157 -51.93 -36.33 47.10
C ASP Q 157 -53.21 -35.67 47.56
N VAL Q 158 -54.36 -36.28 47.27
CA VAL Q 158 -55.64 -35.70 47.69
C VAL Q 158 -55.74 -35.65 49.21
N GLN Q 159 -55.31 -36.72 49.88
CA GLN Q 159 -55.34 -36.72 51.34
C GLN Q 159 -54.46 -35.61 51.91
N GLY Q 160 -53.26 -35.44 51.36
CA GLY Q 160 -52.41 -34.35 51.81
C GLY Q 160 -53.05 -32.99 51.60
N ARG Q 161 -53.72 -32.80 50.46
CA ARG Q 161 -54.39 -31.54 50.19
C ARG Q 161 -55.49 -31.27 51.21
N PHE Q 162 -56.27 -32.30 51.56
CA PHE Q 162 -57.31 -32.13 52.56
C PHE Q 162 -56.72 -31.78 53.92
N GLU Q 163 -55.61 -32.41 54.28
CA GLU Q 163 -54.95 -32.07 55.53
C GLU Q 163 -54.52 -30.59 55.53
N LYS Q 164 -53.96 -30.13 54.42
CA LYS Q 164 -53.59 -28.72 54.31
C LYS Q 164 -54.80 -27.83 54.53
N CYS Q 165 -55.92 -28.17 53.88
CA CYS Q 165 -57.11 -27.33 53.98
C CYS Q 165 -57.62 -27.25 55.41
N VAL Q 166 -57.68 -28.38 56.11
CA VAL Q 166 -58.17 -28.37 57.48
C VAL Q 166 -57.24 -27.53 58.36
N SER Q 167 -55.93 -27.70 58.19
CA SER Q 167 -54.99 -26.92 58.99
C SER Q 167 -55.18 -25.42 58.75
N ALA Q 168 -55.35 -25.03 57.49
CA ALA Q 168 -55.52 -23.61 57.19
C ALA Q 168 -56.80 -23.06 57.82
N LYS Q 169 -57.89 -23.81 57.73
CA LYS Q 169 -59.15 -23.35 58.31
C LYS Q 169 -59.00 -23.18 59.83
N GLU Q 170 -58.39 -24.15 60.49
CA GLU Q 170 -58.21 -24.05 61.94
C GLU Q 170 -57.37 -22.84 62.30
N ALA Q 171 -56.27 -22.62 61.58
CA ALA Q 171 -55.41 -21.47 61.88
C ALA Q 171 -56.16 -20.16 61.73
N LEU Q 172 -56.91 -20.02 60.63
CA LEU Q 172 -57.66 -18.78 60.41
C LEU Q 172 -58.67 -18.56 61.53
N GLU Q 173 -59.41 -19.61 61.90
CA GLU Q 173 -60.42 -19.45 62.93
C GLU Q 173 -59.80 -19.03 64.26
N THR Q 174 -58.72 -19.69 64.66
CA THR Q 174 -58.11 -19.36 65.94
C THR Q 174 -57.57 -17.94 65.93
N ASP Q 175 -56.95 -17.51 64.82
CA ASP Q 175 -56.43 -16.14 64.77
C ASP Q 175 -57.56 -15.13 64.91
N LEU Q 176 -58.64 -15.30 64.15
CA LEU Q 176 -59.73 -14.35 64.21
C LEU Q 176 -60.35 -14.30 65.61
N TYR Q 177 -60.55 -15.47 66.22
CA TYR Q 177 -61.15 -15.49 67.55
C TYR Q 177 -60.25 -14.83 68.58
N LYS Q 178 -58.93 -15.01 68.45
CA LYS Q 178 -58.00 -14.35 69.36
C LYS Q 178 -58.10 -12.84 69.25
N ARG Q 179 -58.10 -12.32 68.01
CA ARG Q 179 -58.24 -10.88 67.83
C ARG Q 179 -59.54 -10.38 68.46
N PHE Q 180 -60.63 -11.11 68.22
CA PHE Q 180 -61.92 -10.67 68.74
C PHE Q 180 -61.94 -10.68 70.26
N ILE Q 181 -61.37 -11.71 70.89
CA ILE Q 181 -61.39 -11.75 72.36
C ILE Q 181 -60.58 -10.60 72.92
N LEU Q 182 -59.44 -10.28 72.29
CA LEU Q 182 -58.66 -9.13 72.75
C LEU Q 182 -59.49 -7.85 72.69
N VAL Q 183 -60.14 -7.60 71.54
CA VAL Q 183 -60.89 -6.36 71.39
C VAL Q 183 -62.05 -6.30 72.37
N LEU Q 184 -62.76 -7.42 72.55
CA LEU Q 184 -63.87 -7.45 73.49
C LEU Q 184 -63.40 -7.24 74.91
N ASN Q 185 -62.24 -7.79 75.27
CA ASN Q 185 -61.70 -7.55 76.60
C ASN Q 185 -61.40 -6.07 76.82
N GLU Q 186 -60.84 -5.40 75.80
CA GLU Q 186 -60.62 -3.97 75.92
C GLU Q 186 -61.94 -3.23 76.11
N LYS Q 187 -62.97 -3.59 75.33
CA LYS Q 187 -64.26 -2.93 75.46
C LYS Q 187 -64.86 -3.14 76.85
N LYS Q 188 -64.74 -4.37 77.38
CA LYS Q 188 -65.28 -4.65 78.70
C LYS Q 188 -64.52 -3.89 79.78
N THR Q 189 -63.20 -3.74 79.62
CA THR Q 189 -62.44 -2.93 80.55
C THR Q 189 -62.92 -1.49 80.53
N LYS Q 190 -63.18 -0.94 79.34
CA LYS Q 190 -63.70 0.42 79.25
C LYS Q 190 -65.07 0.51 79.92
N ILE Q 191 -65.93 -0.48 79.71
CA ILE Q 191 -67.25 -0.48 80.34
C ILE Q 191 -67.11 -0.48 81.86
N ARG Q 192 -66.22 -1.32 82.39
CA ARG Q 192 -66.04 -1.39 83.84
C ARG Q 192 -65.52 -0.08 84.39
N SER Q 193 -64.57 0.54 83.70
CA SER Q 193 -64.05 1.83 84.16
C SER Q 193 -65.14 2.89 84.15
N LEU Q 194 -65.96 2.91 83.10
CA LEU Q 194 -67.04 3.89 83.03
C LEU Q 194 -68.05 3.66 84.14
N HIS Q 195 -68.38 2.39 84.43
CA HIS Q 195 -69.32 2.10 85.51
C HIS Q 195 -68.75 2.53 86.85
N ASN Q 196 -67.47 2.27 87.09
CA ASN Q 196 -66.85 2.69 88.34
C ASN Q 196 -66.87 4.21 88.47
N LYS Q 197 -66.61 4.93 87.37
CA LYS Q 197 -66.68 6.38 87.42
C LYS Q 197 -68.10 6.86 87.70
N LEU Q 198 -69.09 6.22 87.06
CA LEU Q 198 -70.48 6.62 87.27
C LEU Q 198 -70.93 6.33 88.70
N LEU Q 199 -70.31 5.34 89.35
CA LEU Q 199 -70.68 5.04 90.74
C LEU Q 199 -70.60 6.29 91.61
N ASN Q 200 -69.64 7.16 91.32
CA ASN Q 200 -69.52 8.42 92.03
C ASN Q 200 -70.78 9.25 91.83
N MET R 1 -38.55 -73.20 42.80
CA MET R 1 -38.69 -74.13 41.63
C MET R 1 -39.23 -73.38 40.42
N GLU R 2 -38.50 -72.35 40.00
CA GLU R 2 -38.92 -71.53 38.88
C GLU R 2 -38.89 -72.33 37.58
N ARG R 3 -39.87 -72.08 36.72
CA ARG R 3 -40.01 -72.78 35.45
C ARG R 3 -40.36 -71.78 34.36
N LYS R 4 -39.88 -72.05 33.15
CA LYS R 4 -40.16 -71.21 31.99
C LYS R 4 -40.37 -72.09 30.78
N ILE R 5 -41.35 -71.74 29.95
CA ILE R 5 -41.69 -72.48 28.75
C ILE R 5 -41.56 -71.54 27.55
N SER R 6 -40.87 -72.00 26.51
CA SER R 6 -40.65 -71.21 25.32
C SER R 6 -40.86 -72.09 24.08
N ARG R 7 -40.98 -71.44 22.93
CA ARG R 7 -41.20 -72.12 21.65
C ARG R 7 -40.05 -71.81 20.71
N ILE R 8 -39.57 -72.84 20.01
CA ILE R 8 -38.41 -72.73 19.13
C ILE R 8 -38.72 -73.41 17.81
N HIS R 9 -37.96 -73.02 16.78
CA HIS R 9 -38.06 -73.57 15.44
C HIS R 9 -36.71 -74.20 15.09
N LEU R 10 -36.62 -75.52 15.21
CA LEU R 10 -35.38 -76.21 14.87
C LEU R 10 -35.12 -76.15 13.37
N VAL R 11 -33.85 -75.96 13.01
CA VAL R 11 -33.50 -75.88 11.59
C VAL R 11 -33.73 -77.22 10.91
N SER R 12 -33.51 -78.33 11.60
CA SER R 12 -33.70 -79.63 10.99
C SER R 12 -35.15 -79.84 10.58
N GLU R 13 -36.10 -79.38 11.40
CA GLU R 13 -37.53 -79.51 11.13
C GLU R 13 -38.17 -78.14 11.26
N PRO R 14 -38.04 -77.28 10.25
CA PRO R 14 -38.60 -75.92 10.36
C PRO R 14 -40.11 -75.87 10.21
N SER R 15 -40.75 -76.97 9.80
CA SER R 15 -42.19 -76.99 9.60
C SER R 15 -42.98 -77.16 10.88
N ILE R 16 -42.32 -77.48 12.00
CA ILE R 16 -42.99 -77.71 13.27
C ILE R 16 -42.31 -76.91 14.36
N THR R 17 -43.06 -76.66 15.43
CA THR R 17 -42.57 -75.90 16.59
C THR R 17 -42.29 -76.86 17.74
N HIS R 18 -41.15 -76.66 18.40
CA HIS R 18 -40.78 -77.45 19.56
C HIS R 18 -40.88 -76.58 20.81
N PHE R 19 -41.11 -77.23 21.94
CA PHE R 19 -41.30 -76.54 23.22
C PHE R 19 -40.13 -76.86 24.14
N LEU R 20 -39.53 -75.82 24.70
CA LEU R 20 -38.40 -75.92 25.61
C LEU R 20 -38.84 -75.49 27.00
N GLN R 21 -38.66 -76.38 27.97
CA GLN R 21 -39.02 -76.13 29.36
C GLN R 21 -37.74 -76.11 30.19
N VAL R 22 -37.45 -74.97 30.81
CA VAL R 22 -36.26 -74.78 31.63
C VAL R 22 -36.72 -74.59 33.08
N SER R 23 -36.24 -75.45 33.97
CA SER R 23 -36.60 -75.40 35.38
C SER R 23 -35.34 -75.28 36.22
N TRP R 24 -35.33 -74.30 37.13
CA TRP R 24 -34.18 -74.09 38.01
C TRP R 24 -34.67 -73.82 39.43
N GLU R 25 -33.81 -74.12 40.39
CA GLU R 25 -34.18 -74.04 41.81
C GLU R 25 -34.25 -72.60 42.31
N LYS R 26 -33.11 -71.90 42.28
CA LYS R 26 -33.03 -70.52 42.77
C LYS R 26 -32.59 -69.55 41.68
N THR R 27 -31.48 -69.83 41.01
CA THR R 27 -30.98 -68.98 39.94
C THR R 27 -30.40 -69.86 38.83
N LEU R 28 -30.33 -69.29 37.64
CA LEU R 28 -29.83 -70.05 36.49
C LEU R 28 -28.39 -70.50 36.70
N GLU R 29 -27.63 -69.77 37.53
CA GLU R 29 -26.23 -70.12 37.72
C GLU R 29 -26.07 -71.49 38.37
N SER R 30 -26.92 -71.80 39.35
CA SER R 30 -26.78 -73.07 40.07
C SER R 30 -26.94 -74.26 39.13
N GLY R 31 -27.91 -74.19 38.23
CA GLY R 31 -28.16 -75.27 37.30
C GLY R 31 -29.61 -75.26 36.86
N PHE R 32 -29.90 -76.11 35.87
CA PHE R 32 -31.25 -76.17 35.35
C PHE R 32 -31.48 -77.46 34.59
N VAL R 33 -32.73 -77.87 34.54
CA VAL R 33 -33.18 -79.04 33.78
C VAL R 33 -33.94 -78.53 32.56
N ILE R 34 -33.56 -79.02 31.38
CA ILE R 34 -34.15 -78.60 30.12
C ILE R 34 -34.85 -79.80 29.48
N THR R 35 -36.11 -79.61 29.10
CA THR R 35 -36.90 -80.62 28.42
C THR R 35 -37.37 -80.08 27.08
N LEU R 36 -37.08 -80.82 26.02
CA LEU R 36 -37.50 -80.45 24.66
C LEU R 36 -38.56 -81.44 24.19
N THR R 37 -39.71 -80.93 23.79
CA THR R 37 -40.82 -81.76 23.37
C THR R 37 -41.41 -81.25 22.07
N ASP R 38 -42.14 -82.12 21.39
CA ASP R 38 -42.80 -81.78 20.13
C ASP R 38 -44.25 -82.28 20.06
N GLY R 39 -44.78 -82.78 21.17
CA GLY R 39 -46.15 -83.26 21.23
C GLY R 39 -46.29 -84.76 21.19
N HIS R 40 -45.25 -85.49 20.78
CA HIS R 40 -45.27 -86.95 20.74
C HIS R 40 -44.16 -87.58 21.56
N SER R 41 -42.96 -87.02 21.52
CA SER R 41 -41.83 -87.52 22.29
C SER R 41 -41.12 -86.35 22.95
N ALA R 42 -40.46 -86.64 24.07
CA ALA R 42 -39.76 -85.63 24.85
C ALA R 42 -38.38 -86.13 25.22
N TRP R 43 -37.42 -85.19 25.28
CA TRP R 43 -36.05 -85.48 25.67
C TRP R 43 -35.68 -84.55 26.81
N THR R 44 -35.16 -85.11 27.90
CA THR R 44 -34.84 -84.37 29.10
C THR R 44 -33.33 -84.40 29.35
N GLY R 45 -32.83 -83.32 29.95
CA GLY R 45 -31.41 -83.24 30.28
C GLY R 45 -31.19 -82.30 31.44
N THR R 46 -30.03 -82.45 32.07
CA THR R 46 -29.66 -81.69 33.25
C THR R 46 -28.34 -80.98 33.01
N VAL R 47 -28.24 -79.74 33.49
CA VAL R 47 -27.01 -78.97 33.45
C VAL R 47 -26.74 -78.49 34.87
N SER R 48 -25.54 -78.78 35.37
CA SER R 48 -25.16 -78.43 36.74
C SER R 48 -24.21 -77.24 36.74
N GLU R 49 -23.92 -76.75 37.94
CA GLU R 49 -23.02 -75.62 38.08
C GLU R 49 -21.65 -75.93 37.50
N SER R 50 -21.20 -77.19 37.62
CA SER R 50 -19.89 -77.54 37.09
C SER R 50 -19.83 -77.36 35.58
N GLU R 51 -20.86 -77.80 34.86
CA GLU R 51 -20.88 -77.65 33.41
C GLU R 51 -20.90 -76.18 33.01
N ILE R 52 -21.71 -75.38 33.70
CA ILE R 52 -21.78 -73.95 33.39
C ILE R 52 -20.42 -73.30 33.62
N SER R 53 -19.77 -73.62 34.74
CA SER R 53 -18.46 -73.05 35.02
C SER R 53 -17.43 -73.48 34.00
N GLN R 54 -17.46 -74.75 33.59
CA GLN R 54 -16.52 -75.23 32.58
C GLN R 54 -16.73 -74.50 31.26
N GLU R 55 -17.99 -74.32 30.85
CA GLU R 55 -18.26 -73.61 29.59
C GLU R 55 -17.80 -72.16 29.69
N ALA R 56 -18.06 -71.51 30.83
CA ALA R 56 -17.63 -70.12 31.00
C ALA R 56 -16.12 -70.01 30.95
N ASP R 57 -15.40 -70.96 31.59
CA ASP R 57 -13.94 -70.96 31.52
C ASP R 57 -13.46 -71.17 30.09
N ASP R 58 -14.13 -72.05 29.34
CA ASP R 58 -13.79 -72.23 27.94
C ASP R 58 -13.94 -70.93 27.17
N MET R 59 -15.04 -70.20 27.43
CA MET R 59 -15.22 -68.90 26.81
C MET R 59 -14.24 -67.86 27.35
N ALA R 60 -13.69 -68.08 28.54
CA ALA R 60 -12.79 -67.11 29.19
C ALA R 60 -13.53 -65.81 29.49
N MET R 61 -14.69 -65.94 30.15
CA MET R 61 -15.52 -64.80 30.50
C MET R 61 -16.10 -65.00 31.89
N GLU R 62 -16.57 -63.90 32.47
CA GLU R 62 -17.20 -63.95 33.77
C GLU R 62 -18.54 -64.67 33.71
N LYS R 63 -18.96 -65.21 34.85
CA LYS R 63 -20.21 -65.97 34.90
C LYS R 63 -21.40 -65.09 34.54
N GLY R 64 -21.35 -63.80 34.87
CA GLY R 64 -22.49 -62.94 34.64
C GLY R 64 -22.86 -62.83 33.17
N LYS R 65 -21.86 -62.64 32.31
CA LYS R 65 -22.13 -62.49 30.89
C LYS R 65 -22.72 -63.77 30.29
N TYR R 66 -22.14 -64.93 30.65
CA TYR R 66 -22.66 -66.18 30.13
C TYR R 66 -24.07 -66.44 30.64
N VAL R 67 -24.34 -66.13 31.90
CA VAL R 67 -25.68 -66.32 32.45
C VAL R 67 -26.67 -65.42 31.73
N GLY R 68 -26.29 -64.18 31.45
CA GLY R 68 -27.17 -63.28 30.73
C GLY R 68 -27.45 -63.77 29.32
N GLU R 69 -26.42 -64.27 28.63
CA GLU R 69 -26.63 -64.81 27.29
C GLU R 69 -27.56 -66.02 27.33
N LEU R 70 -27.36 -66.91 28.32
CA LEU R 70 -28.23 -68.07 28.45
C LEU R 70 -29.67 -67.66 28.72
N ARG R 71 -29.86 -66.65 29.58
CA ARG R 71 -31.21 -66.17 29.86
C ARG R 71 -31.86 -65.59 28.61
N LYS R 72 -31.09 -64.82 27.84
CA LYS R 72 -31.64 -64.26 26.61
C LYS R 72 -31.99 -65.34 25.60
N ALA R 73 -31.19 -66.40 25.53
CA ALA R 73 -31.41 -67.43 24.52
C ALA R 73 -32.51 -68.39 24.91
N LEU R 74 -32.31 -69.12 26.01
CA LEU R 74 -33.26 -70.19 26.37
C LEU R 74 -34.58 -69.64 26.88
N LEU R 75 -34.54 -68.63 27.74
CA LEU R 75 -35.73 -68.14 28.42
C LEU R 75 -36.50 -67.10 27.59
N SER R 76 -36.30 -67.09 26.28
CA SER R 76 -37.04 -66.19 25.39
C SER R 76 -36.93 -64.74 25.85
N GLY R 77 -35.74 -64.36 26.32
CA GLY R 77 -35.47 -63.01 26.75
C GLY R 77 -34.78 -62.21 25.67
N ALA R 78 -34.91 -62.65 24.42
CA ALA R 78 -34.20 -62.01 23.31
C ALA R 78 -34.63 -60.55 23.19
N GLY R 79 -33.65 -59.70 22.86
CA GLY R 79 -33.89 -58.30 22.68
C GLY R 79 -34.48 -57.97 21.31
N PRO R 80 -34.59 -56.68 21.00
CA PRO R 80 -35.18 -56.31 19.70
C PRO R 80 -34.44 -56.89 18.51
N ALA R 81 -33.11 -56.98 18.58
CA ALA R 81 -32.29 -57.50 17.49
C ALA R 81 -31.36 -58.56 18.06
N ASP R 82 -31.84 -59.80 18.12
CA ASP R 82 -31.06 -60.93 18.61
C ASP R 82 -31.57 -62.20 17.95
N VAL R 83 -30.72 -62.84 17.17
CA VAL R 83 -31.08 -64.04 16.40
C VAL R 83 -30.38 -65.23 17.03
N TYR R 84 -31.14 -66.29 17.31
CA TYR R 84 -30.60 -67.52 17.86
C TYR R 84 -31.10 -68.69 17.03
N THR R 85 -30.21 -69.65 16.78
CA THR R 85 -30.52 -70.83 15.99
C THR R 85 -30.28 -72.08 16.84
N PHE R 86 -31.29 -72.95 16.89
CA PHE R 86 -31.23 -74.18 17.67
C PHE R 86 -31.18 -75.37 16.74
N ASN R 87 -30.35 -76.36 17.08
CA ASN R 87 -30.23 -77.59 16.31
C ASN R 87 -30.33 -78.77 17.26
N PHE R 88 -31.05 -79.81 16.82
CA PHE R 88 -31.25 -81.02 17.62
C PHE R 88 -31.01 -82.23 16.71
N SER R 89 -29.86 -82.87 16.85
CA SER R 89 -29.58 -84.13 16.17
C SER R 89 -30.25 -85.25 16.94
N LYS R 90 -31.24 -85.87 16.31
CA LYS R 90 -32.05 -86.88 17.00
C LYS R 90 -31.33 -88.22 17.12
N GLU R 91 -30.49 -88.57 16.14
CA GLU R 91 -29.82 -89.87 16.17
C GLU R 91 -28.95 -90.00 17.40
N SER R 92 -28.16 -88.97 17.71
CA SER R 92 -27.32 -88.96 18.89
C SER R 92 -27.90 -88.12 20.02
N CYS R 93 -29.05 -87.49 19.80
CA CYS R 93 -29.70 -86.65 20.80
C CYS R 93 -28.74 -85.59 21.33
N TYR R 94 -28.32 -84.71 20.42
CA TYR R 94 -27.40 -83.62 20.74
C TYR R 94 -28.08 -82.30 20.40
N PHE R 95 -28.27 -81.44 21.39
CA PHE R 95 -29.01 -80.19 21.22
C PHE R 95 -28.05 -79.03 21.46
N PHE R 96 -27.77 -78.24 20.42
CA PHE R 96 -26.88 -77.10 20.56
C PHE R 96 -27.50 -75.86 19.96
N PHE R 97 -27.33 -74.74 20.64
CA PHE R 97 -27.87 -73.45 20.23
C PHE R 97 -26.73 -72.45 20.05
N GLU R 98 -26.87 -71.61 19.03
CA GLU R 98 -25.85 -70.66 18.62
C GLU R 98 -26.48 -69.30 18.37
N LYS R 99 -25.65 -68.26 18.44
CA LYS R 99 -26.07 -66.90 18.17
C LYS R 99 -25.59 -66.49 16.79
N ASN R 100 -26.52 -66.02 15.96
CA ASN R 100 -26.23 -65.66 14.58
C ASN R 100 -26.26 -64.15 14.45
N LEU R 101 -25.15 -63.58 13.96
CA LEU R 101 -25.05 -62.15 13.68
C LEU R 101 -24.27 -62.04 12.37
N LYS R 102 -25.00 -61.86 11.27
CA LYS R 102 -24.42 -61.98 9.93
C LYS R 102 -23.99 -63.42 9.69
N ASP R 103 -23.05 -63.64 8.77
CA ASP R 103 -22.62 -65.00 8.47
C ASP R 103 -21.96 -65.65 9.68
N VAL R 104 -21.16 -64.88 10.42
CA VAL R 104 -20.46 -65.44 11.56
C VAL R 104 -21.45 -65.89 12.63
N SER R 105 -21.23 -67.08 13.17
CA SER R 105 -22.06 -67.65 14.22
C SER R 105 -21.21 -67.88 15.47
N PHE R 106 -21.80 -68.54 16.46
CA PHE R 106 -21.07 -68.89 17.68
C PHE R 106 -21.87 -69.95 18.42
N ARG R 107 -21.26 -71.10 18.66
CA ARG R 107 -21.93 -72.20 19.36
C ARG R 107 -22.01 -71.84 20.83
N LEU R 108 -23.06 -71.10 21.18
CA LEU R 108 -23.20 -70.61 22.55
C LEU R 108 -23.28 -71.76 23.54
N GLY R 109 -24.07 -72.79 23.23
CA GLY R 109 -24.21 -73.92 24.14
C GLY R 109 -24.49 -75.21 23.40
N SER R 110 -24.14 -76.31 24.06
CA SER R 110 -24.33 -77.64 23.49
C SER R 110 -24.50 -78.64 24.63
N PHE R 111 -25.62 -79.34 24.65
CA PHE R 111 -25.93 -80.31 25.67
C PHE R 111 -26.37 -81.62 25.01
N ASN R 112 -26.43 -82.67 25.82
CA ASN R 112 -26.90 -83.97 25.39
C ASN R 112 -28.18 -84.32 26.15
N LEU R 113 -29.21 -84.71 25.40
CA LEU R 113 -30.49 -85.08 25.97
C LEU R 113 -30.71 -86.59 25.83
N GLU R 114 -31.65 -87.10 26.62
CA GLU R 114 -31.98 -88.52 26.62
C GLU R 114 -33.49 -88.69 26.47
N LYS R 115 -33.89 -89.65 25.65
CA LYS R 115 -35.30 -89.91 25.45
C LYS R 115 -35.95 -90.36 26.75
N VAL R 116 -37.20 -89.95 26.95
CA VAL R 116 -37.96 -90.29 28.14
C VAL R 116 -38.81 -91.51 27.85
N GLU R 117 -38.87 -92.44 28.82
CA GLU R 117 -39.64 -93.66 28.65
C GLU R 117 -41.14 -93.38 28.62
N ASN R 118 -41.59 -92.32 29.29
CA ASN R 118 -43.00 -91.96 29.36
C ASN R 118 -43.16 -90.55 28.77
N PRO R 119 -43.45 -90.45 27.47
CA PRO R 119 -43.59 -89.11 26.87
C PRO R 119 -44.87 -88.39 27.27
N ALA R 120 -45.94 -89.12 27.59
CA ALA R 120 -47.22 -88.48 27.88
C ALA R 120 -47.19 -87.75 29.21
N GLU R 121 -46.45 -88.26 30.19
CA GLU R 121 -46.47 -87.67 31.53
C GLU R 121 -45.94 -86.24 31.52
N VAL R 122 -44.84 -86.01 30.79
CA VAL R 122 -44.25 -84.67 30.79
C VAL R 122 -45.16 -83.68 30.07
N ILE R 123 -45.80 -84.10 28.99
CA ILE R 123 -46.74 -83.22 28.30
C ILE R 123 -47.91 -82.88 29.21
N ARG R 124 -48.44 -83.89 29.92
CA ARG R 124 -49.54 -83.63 30.84
C ARG R 124 -49.11 -82.65 31.93
N GLU R 125 -47.90 -82.82 32.47
CA GLU R 125 -47.42 -81.91 33.50
C GLU R 125 -47.28 -80.49 32.97
N LEU R 126 -46.76 -80.35 31.75
CA LEU R 126 -46.61 -79.03 31.15
C LEU R 126 -47.96 -78.35 30.99
N ILE R 127 -48.95 -79.07 30.46
CA ILE R 127 -50.26 -78.48 30.26
C ILE R 127 -50.88 -78.10 31.59
N CYS R 128 -50.72 -78.96 32.60
CA CYS R 128 -51.28 -78.66 33.92
C CYS R 128 -50.65 -77.40 34.51
N TYR R 129 -49.33 -77.28 34.39
CA TYR R 129 -48.66 -76.08 34.91
C TYR R 129 -49.14 -74.83 34.19
N CYS R 130 -49.28 -74.91 32.86
CA CYS R 130 -49.75 -73.75 32.11
C CYS R 130 -51.16 -73.35 32.56
N LEU R 131 -52.05 -74.34 32.72
CA LEU R 131 -53.41 -74.02 33.15
C LEU R 131 -53.42 -73.40 34.55
N ASP R 132 -52.60 -73.93 35.46
CA ASP R 132 -52.54 -73.36 36.80
C ASP R 132 -52.04 -71.92 36.76
N THR R 133 -51.02 -71.65 35.95
CA THR R 133 -50.53 -70.29 35.83
C THR R 133 -51.61 -69.36 35.28
N ILE R 134 -52.36 -69.82 34.28
CA ILE R 134 -53.43 -69.01 33.72
C ILE R 134 -54.46 -68.68 34.78
N ALA R 135 -54.85 -69.68 35.57
CA ALA R 135 -55.86 -69.46 36.60
C ALA R 135 -55.37 -68.46 37.64
N GLU R 136 -54.13 -68.62 38.10
CA GLU R 136 -53.59 -67.70 39.09
C GLU R 136 -53.53 -66.28 38.56
N ASN R 137 -53.08 -66.11 37.31
CA ASN R 137 -53.01 -64.78 36.73
C ASN R 137 -54.40 -64.16 36.62
N GLN R 138 -55.40 -64.95 36.22
CA GLN R 138 -56.75 -64.42 36.12
C GLN R 138 -57.27 -63.98 37.48
N ALA R 139 -57.02 -64.77 38.52
CA ALA R 139 -57.48 -64.39 39.85
C ALA R 139 -56.81 -63.09 40.30
N LYS R 140 -55.50 -62.97 40.09
CA LYS R 140 -54.79 -61.77 40.49
C LYS R 140 -55.32 -60.55 39.73
N ASN R 141 -55.57 -60.71 38.43
CA ASN R 141 -56.08 -59.59 37.64
C ASN R 141 -57.46 -59.17 38.13
N GLU R 142 -58.32 -60.13 38.45
CA GLU R 142 -59.65 -59.78 38.95
C GLU R 142 -59.55 -59.02 40.27
N HIS R 143 -58.69 -59.49 41.17
CA HIS R 143 -58.52 -58.81 42.45
C HIS R 143 -58.03 -57.37 42.24
N LEU R 144 -57.05 -57.20 41.36
CA LEU R 144 -56.52 -55.86 41.15
C LEU R 144 -57.56 -54.95 40.51
N GLN R 145 -58.37 -55.49 39.59
CA GLN R 145 -59.42 -54.69 38.98
C GLN R 145 -60.42 -54.22 40.01
N LYS R 146 -60.83 -55.12 40.92
CA LYS R 146 -61.76 -54.73 41.97
C LYS R 146 -61.15 -53.63 42.83
N GLU R 147 -59.88 -53.79 43.23
CA GLU R 147 -59.23 -52.79 44.05
C GLU R 147 -59.17 -51.44 43.35
N ASN R 148 -58.84 -51.45 42.05
CA ASN R 148 -58.75 -50.20 41.30
C ASN R 148 -60.10 -49.52 41.20
N GLU R 149 -61.17 -50.30 40.97
CA GLU R 149 -62.50 -49.71 40.92
C GLU R 149 -62.86 -49.05 42.25
N ARG R 150 -62.58 -49.74 43.36
CA ARG R 150 -62.86 -49.17 44.67
C ARG R 150 -62.09 -47.88 44.89
N LEU R 151 -60.80 -47.88 44.54
CA LEU R 151 -59.99 -46.68 44.71
C LEU R 151 -60.52 -45.54 43.86
N LEU R 152 -60.91 -45.82 42.62
CA LEU R 152 -61.44 -44.79 41.75
C LEU R 152 -62.70 -44.17 42.34
N ARG R 153 -63.62 -45.00 42.83
CA ARG R 153 -64.85 -44.48 43.42
C ARG R 153 -64.53 -43.59 44.63
N ASP R 154 -63.64 -44.07 45.50
CA ASP R 154 -63.29 -43.28 46.69
C ASP R 154 -62.68 -41.94 46.31
N TRP R 155 -61.76 -41.94 45.35
CA TRP R 155 -61.13 -40.69 44.92
C TRP R 155 -62.16 -39.74 44.33
N ASN R 156 -63.08 -40.28 43.52
CA ASN R 156 -64.11 -39.43 42.92
C ASN R 156 -64.96 -38.75 43.97
N ASP R 157 -65.38 -39.51 45.00
CA ASP R 157 -66.17 -38.90 46.06
C ASP R 157 -65.36 -37.86 46.84
N VAL R 158 -64.10 -38.17 47.15
CA VAL R 158 -63.30 -37.29 47.98
C VAL R 158 -63.02 -35.98 47.27
N GLN R 159 -62.85 -36.01 45.95
CA GLN R 159 -62.60 -34.77 45.23
C GLN R 159 -63.74 -33.77 45.44
N GLY R 160 -64.99 -34.23 45.26
CA GLY R 160 -66.12 -33.35 45.48
C GLY R 160 -66.24 -32.90 46.92
N ARG R 161 -65.99 -33.81 47.86
CA ARG R 161 -66.05 -33.41 49.27
C ARG R 161 -65.05 -32.29 49.56
N PHE R 162 -63.83 -32.44 49.06
CA PHE R 162 -62.81 -31.41 49.27
C PHE R 162 -63.21 -30.10 48.60
N GLU R 163 -63.80 -30.18 47.41
CA GLU R 163 -64.23 -28.95 46.74
C GLU R 163 -65.28 -28.22 47.56
N LYS R 164 -66.24 -28.95 48.11
CA LYS R 164 -67.27 -28.31 48.95
C LYS R 164 -66.64 -27.71 50.21
N CYS R 165 -65.69 -28.42 50.82
CA CYS R 165 -65.01 -27.88 52.00
C CYS R 165 -64.30 -26.57 51.66
N VAL R 166 -63.58 -26.54 50.53
CA VAL R 166 -62.89 -25.32 50.13
C VAL R 166 -63.88 -24.20 49.91
N SER R 167 -65.02 -24.50 49.27
CA SER R 167 -66.01 -23.46 49.03
C SER R 167 -66.52 -22.87 50.34
N ALA R 168 -66.80 -23.72 51.33
CA ALA R 168 -67.28 -23.21 52.62
C ALA R 168 -66.21 -22.42 53.35
N LYS R 169 -64.93 -22.78 53.16
CA LYS R 169 -63.86 -22.07 53.85
C LYS R 169 -63.90 -20.58 53.55
N GLU R 170 -64.17 -20.21 52.30
CA GLU R 170 -64.18 -18.80 51.93
C GLU R 170 -65.26 -18.03 52.69
N ALA R 171 -66.46 -18.60 52.77
CA ALA R 171 -67.56 -17.91 53.45
C ALA R 171 -67.37 -17.88 54.96
N LEU R 172 -66.54 -18.79 55.50
CA LEU R 172 -66.32 -18.80 56.95
C LEU R 172 -65.87 -17.44 57.46
N GLU R 173 -64.90 -16.82 56.78
CA GLU R 173 -64.31 -15.58 57.29
C GLU R 173 -65.31 -14.43 57.29
N THR R 174 -66.09 -14.30 56.23
CA THR R 174 -67.10 -13.24 56.19
C THR R 174 -68.16 -13.47 57.25
N ASP R 175 -68.55 -14.74 57.45
CA ASP R 175 -69.50 -15.02 58.52
C ASP R 175 -68.94 -14.58 59.86
N LEU R 176 -67.68 -14.90 60.14
CA LEU R 176 -67.08 -14.52 61.41
C LEU R 176 -67.01 -13.01 61.57
N TYR R 177 -66.68 -12.29 60.51
CA TYR R 177 -66.59 -10.83 60.60
C TYR R 177 -67.95 -10.21 60.88
N LYS R 178 -68.96 -10.57 60.09
CA LYS R 178 -70.30 -10.08 60.34
C LYS R 178 -70.77 -10.46 61.74
N ARG R 179 -70.28 -11.60 62.25
CA ARG R 179 -70.64 -12.07 63.58
C ARG R 179 -70.05 -11.18 64.66
N PHE R 180 -68.76 -10.87 64.56
CA PHE R 180 -68.13 -10.00 65.54
C PHE R 180 -68.70 -8.58 65.51
N ILE R 181 -69.10 -8.11 64.32
CA ILE R 181 -69.54 -6.73 64.19
C ILE R 181 -70.72 -6.44 65.12
N LEU R 182 -71.71 -7.32 65.12
CA LEU R 182 -72.94 -7.06 65.86
C LEU R 182 -72.67 -6.98 67.36
N VAL R 183 -71.88 -7.90 67.89
CA VAL R 183 -71.61 -7.92 69.32
C VAL R 183 -70.78 -6.70 69.72
N LEU R 184 -69.78 -6.34 68.91
CA LEU R 184 -69.00 -5.15 69.21
C LEU R 184 -69.89 -3.91 69.20
N ASN R 185 -70.80 -3.83 68.24
CA ASN R 185 -71.71 -2.69 68.18
C ASN R 185 -72.65 -2.67 69.38
N GLU R 186 -73.09 -3.84 69.85
CA GLU R 186 -73.92 -3.89 71.04
C GLU R 186 -73.16 -3.36 72.26
N LYS R 187 -71.89 -3.75 72.40
CA LYS R 187 -71.10 -3.24 73.51
C LYS R 187 -70.92 -1.73 73.40
N LYS R 188 -70.68 -1.23 72.19
CA LYS R 188 -70.55 0.21 72.01
C LYS R 188 -71.86 0.93 72.31
N THR R 189 -72.99 0.33 71.97
CA THR R 189 -74.28 0.90 72.33
C THR R 189 -74.46 0.95 73.85
N LYS R 190 -74.01 -0.09 74.55
CA LYS R 190 -74.04 -0.06 76.00
C LYS R 190 -73.18 1.09 76.53
N ILE R 191 -72.00 1.29 75.95
CA ILE R 191 -71.16 2.42 76.35
C ILE R 191 -71.89 3.73 76.11
N ARG R 192 -72.56 3.84 74.95
CA ARG R 192 -73.31 5.06 74.63
C ARG R 192 -74.40 5.32 75.66
N SER R 193 -75.14 4.28 76.04
CA SER R 193 -76.21 4.45 77.03
C SER R 193 -75.64 4.86 78.38
N LEU R 194 -74.52 4.26 78.78
CA LEU R 194 -73.91 4.64 80.05
C LEU R 194 -73.45 6.09 80.02
N HIS R 195 -72.86 6.53 78.91
CA HIS R 195 -72.43 7.92 78.80
C HIS R 195 -73.63 8.85 78.80
N ASN R 196 -74.72 8.47 78.15
CA ASN R 196 -75.92 9.29 78.17
C ASN R 196 -76.47 9.43 79.58
N LYS R 197 -76.45 8.33 80.35
CA LYS R 197 -76.84 8.42 81.75
C LYS R 197 -75.91 9.33 82.53
N LEU R 198 -74.61 9.24 82.28
CA LEU R 198 -73.64 10.08 82.99
C LEU R 198 -73.75 11.53 82.59
N LEU R 199 -74.35 11.84 81.43
CA LEU R 199 -74.44 13.22 80.99
C LEU R 199 -75.10 14.11 82.04
N ASN R 200 -76.00 13.55 82.85
CA ASN R 200 -76.66 14.31 83.90
C ASN R 200 -75.65 15.00 84.82
N SER S 659 -63.49 29.27 47.93
CA SER S 659 -63.07 27.90 48.23
C SER S 659 -61.84 27.89 49.13
N ASN S 660 -61.92 28.64 50.23
CA ASN S 660 -60.82 28.73 51.20
C ASN S 660 -61.31 28.09 52.50
N ILE S 661 -61.16 26.77 52.58
CA ILE S 661 -61.55 26.06 53.80
C ILE S 661 -60.54 26.35 54.91
N PHE S 662 -59.26 26.37 54.58
CA PHE S 662 -58.21 26.60 55.56
C PHE S 662 -58.00 28.08 55.79
N GLU S 663 -57.57 28.43 57.01
CA GLU S 663 -57.38 29.83 57.38
C GLU S 663 -56.19 29.91 58.33
N ASP S 664 -55.05 30.34 57.80
CA ASP S 664 -53.84 30.57 58.60
C ASP S 664 -53.47 29.32 59.41
N VAL S 665 -53.17 28.25 58.67
CA VAL S 665 -52.75 26.98 59.25
C VAL S 665 -51.44 26.57 58.60
N GLU S 666 -50.49 26.15 59.42
CA GLU S 666 -49.14 25.82 58.96
C GLU S 666 -49.01 24.32 58.77
N PHE S 667 -48.48 23.92 57.61
CA PHE S 667 -48.28 22.52 57.28
C PHE S 667 -46.86 22.30 56.78
N CYS S 668 -46.26 21.21 57.21
CA CYS S 668 -44.95 20.78 56.73
C CYS S 668 -45.12 19.46 55.98
N VAL S 669 -44.52 19.36 54.80
CA VAL S 669 -44.66 18.19 53.95
C VAL S 669 -43.29 17.63 53.66
N MET S 670 -43.15 16.31 53.83
CA MET S 670 -41.88 15.62 53.58
C MET S 670 -42.10 14.29 52.86
N SER S 671 -43.24 14.11 52.20
CA SER S 671 -43.53 12.84 51.53
C SER S 671 -42.51 12.59 50.44
N GLY S 672 -42.12 11.32 50.30
CA GLY S 672 -41.14 10.93 49.30
C GLY S 672 -41.75 10.16 48.15
N THR S 673 -41.59 8.84 48.16
CA THR S 673 -42.08 8.00 47.08
C THR S 673 -43.61 7.90 47.17
N ASP S 674 -44.31 8.60 46.29
CA ASP S 674 -45.76 8.56 46.26
C ASP S 674 -46.25 8.95 44.87
N SER S 675 -47.45 8.48 44.54
CA SER S 675 -48.07 8.84 43.27
C SER S 675 -48.52 10.29 43.23
N GLN S 676 -48.50 11.00 44.37
CA GLN S 676 -48.82 12.42 44.45
C GLN S 676 -47.62 13.12 45.07
N PRO S 677 -46.61 13.47 44.27
CA PRO S 677 -45.37 14.01 44.84
C PRO S 677 -45.62 15.32 45.59
N LYS S 678 -44.54 15.80 46.23
CA LYS S 678 -44.66 16.96 47.10
C LYS S 678 -45.15 18.21 46.38
N PRO S 679 -44.61 18.58 45.21
CA PRO S 679 -44.98 19.88 44.63
C PRO S 679 -46.49 20.07 44.43
N ASP S 680 -47.21 19.03 44.01
CA ASP S 680 -48.65 19.19 43.81
C ASP S 680 -49.36 19.47 45.14
N LEU S 681 -48.97 18.76 46.20
CA LEU S 681 -49.58 19.00 47.50
C LEU S 681 -49.23 20.40 48.01
N GLU S 682 -47.98 20.83 47.82
CA GLU S 682 -47.59 22.17 48.27
C GLU S 682 -48.36 23.24 47.52
N ASN S 683 -48.51 23.10 46.20
CA ASN S 683 -49.26 24.08 45.43
C ASN S 683 -50.72 24.09 45.83
N ARG S 684 -51.30 22.91 46.05
CA ARG S 684 -52.69 22.84 46.49
C ARG S 684 -52.87 23.54 47.82
N ILE S 685 -51.96 23.29 48.77
CA ILE S 685 -52.06 23.93 50.07
C ILE S 685 -51.92 25.44 49.93
N ALA S 686 -51.01 25.89 49.07
CA ALA S 686 -50.81 27.33 48.88
C ALA S 686 -52.07 27.97 48.32
N GLU S 687 -52.70 27.33 47.34
CA GLU S 687 -53.93 27.88 46.76
C GLU S 687 -55.15 27.65 47.63
N PHE S 688 -55.04 26.85 48.70
CA PHE S 688 -56.11 26.66 49.67
C PHE S 688 -55.98 27.59 50.87
N GLY S 689 -55.13 28.61 50.77
CA GLY S 689 -54.92 29.52 51.88
C GLY S 689 -54.25 28.87 53.08
N GLY S 690 -53.22 28.06 52.84
CA GLY S 690 -52.53 27.38 53.91
C GLY S 690 -51.03 27.60 53.87
N TYR S 691 -50.46 28.07 55.00
CA TYR S 691 -49.03 28.29 55.06
C TYR S 691 -48.28 26.97 54.95
N ILE S 692 -47.21 26.97 54.17
CA ILE S 692 -46.38 25.79 53.93
C ILE S 692 -44.98 26.09 54.46
N VAL S 693 -44.42 25.15 55.23
CA VAL S 693 -43.08 25.27 55.76
C VAL S 693 -42.31 23.99 55.42
N GLN S 694 -40.98 24.12 55.36
CA GLN S 694 -40.12 23.00 55.03
C GLN S 694 -39.68 22.21 56.25
N ASN S 695 -39.75 22.81 57.44
CA ASN S 695 -39.39 22.13 58.67
C ASN S 695 -40.45 22.40 59.73
N PRO S 696 -40.64 21.49 60.67
CA PRO S 696 -41.65 21.70 61.71
C PRO S 696 -41.18 22.70 62.75
N GLY S 697 -42.15 23.21 63.51
CA GLY S 697 -41.87 24.16 64.55
C GLY S 697 -43.01 24.25 65.55
N PRO S 698 -42.85 25.09 66.58
CA PRO S 698 -43.92 25.21 67.59
C PRO S 698 -45.26 25.62 67.01
N ASP S 699 -45.27 26.36 65.90
CA ASP S 699 -46.52 26.84 65.33
C ASP S 699 -47.22 25.81 64.46
N THR S 700 -46.47 24.96 63.76
CA THR S 700 -47.09 23.95 62.91
C THR S 700 -47.89 22.97 63.76
N TYR S 701 -49.04 22.54 63.23
CA TYR S 701 -49.92 21.61 63.93
C TYR S 701 -50.03 20.27 63.22
N CYS S 702 -49.23 20.01 62.20
CA CYS S 702 -49.17 18.68 61.60
C CYS S 702 -48.07 18.65 60.57
N VAL S 703 -47.46 17.47 60.41
CA VAL S 703 -46.47 17.20 59.38
C VAL S 703 -46.93 15.97 58.62
N ILE S 704 -46.90 16.04 57.29
CA ILE S 704 -47.43 15.01 56.42
C ILE S 704 -46.26 14.29 55.75
N ALA S 705 -46.33 12.96 55.70
CA ALA S 705 -45.28 12.16 55.06
C ALA S 705 -45.86 10.79 54.75
N GLY S 706 -45.85 10.41 53.48
CA GLY S 706 -46.35 9.13 53.04
C GLY S 706 -45.34 8.01 53.02
N SER S 707 -44.11 8.27 53.46
CA SER S 707 -43.05 7.26 53.47
C SER S 707 -42.34 7.29 54.81
N GLU S 708 -41.76 6.15 55.17
CA GLU S 708 -41.08 6.00 56.45
C GLU S 708 -39.57 6.27 56.26
N ASN S 709 -39.27 7.53 55.95
CA ASN S 709 -37.89 7.95 55.76
C ASN S 709 -37.26 8.29 57.10
N ILE S 710 -36.02 8.77 57.06
CA ILE S 710 -35.29 9.04 58.30
C ILE S 710 -35.91 10.22 59.05
N ARG S 711 -36.38 11.23 58.32
CA ARG S 711 -36.90 12.43 58.97
C ARG S 711 -38.13 12.12 59.81
N VAL S 712 -39.05 11.31 59.28
CA VAL S 712 -40.23 10.96 60.05
C VAL S 712 -39.86 10.13 61.27
N LYS S 713 -38.84 9.26 61.14
CA LYS S 713 -38.38 8.51 62.30
C LYS S 713 -37.83 9.44 63.37
N ASN S 714 -37.05 10.44 62.97
CA ASN S 714 -36.52 11.40 63.94
C ASN S 714 -37.65 12.17 64.61
N ILE S 715 -38.66 12.57 63.83
CA ILE S 715 -39.80 13.27 64.42
C ILE S 715 -40.54 12.37 65.40
N ILE S 716 -40.67 11.09 65.06
CA ILE S 716 -41.34 10.14 65.94
C ILE S 716 -40.60 10.01 67.25
N LEU S 717 -39.27 9.89 67.19
CA LEU S 717 -38.47 9.75 68.39
C LEU S 717 -38.50 11.01 69.26
N SER S 718 -38.96 12.14 68.72
CA SER S 718 -39.14 13.36 69.48
C SER S 718 -40.64 13.59 69.64
N ASN S 719 -41.15 13.40 70.85
CA ASN S 719 -42.59 13.47 71.12
C ASN S 719 -43.00 14.93 71.28
N LYS S 720 -43.04 15.64 70.15
CA LYS S 720 -43.44 17.04 70.15
C LYS S 720 -44.29 17.41 68.94
N HIS S 721 -44.68 16.46 68.09
CA HIS S 721 -45.40 16.77 66.87
C HIS S 721 -46.29 15.60 66.49
N ASP S 722 -47.18 15.85 65.53
CA ASP S 722 -48.10 14.85 65.00
C ASP S 722 -47.76 14.59 63.54
N VAL S 723 -47.70 13.32 63.17
CA VAL S 723 -47.45 12.90 61.80
C VAL S 723 -48.75 12.34 61.24
N VAL S 724 -49.10 12.78 60.03
CA VAL S 724 -50.35 12.39 59.38
C VAL S 724 -50.04 11.89 57.98
N LYS S 725 -50.73 10.82 57.58
CA LYS S 725 -50.54 10.29 56.24
C LYS S 725 -51.11 11.27 55.20
N PRO S 726 -50.62 11.23 53.97
CA PRO S 726 -51.16 12.13 52.95
C PRO S 726 -52.65 11.93 52.70
N ALA S 727 -53.17 10.73 52.97
CA ALA S 727 -54.58 10.45 52.69
C ALA S 727 -55.50 11.44 53.39
N TRP S 728 -55.10 11.94 54.57
CA TRP S 728 -55.94 12.88 55.29
C TRP S 728 -56.19 14.14 54.46
N LEU S 729 -55.13 14.69 53.87
CA LEU S 729 -55.28 15.91 53.09
C LEU S 729 -56.03 15.64 51.79
N LEU S 730 -55.85 14.46 51.20
CA LEU S 730 -56.64 14.11 50.01
C LEU S 730 -58.12 14.06 50.35
N GLU S 731 -58.47 13.45 51.47
CA GLU S 731 -59.87 13.41 51.90
C GLU S 731 -60.38 14.82 52.18
N CYS S 732 -59.55 15.66 52.80
CA CYS S 732 -59.95 17.04 53.05
C CYS S 732 -60.26 17.76 51.75
N PHE S 733 -59.41 17.56 50.73
CA PHE S 733 -59.68 18.16 49.42
C PHE S 733 -60.97 17.61 48.82
N LYS S 734 -61.21 16.31 48.97
CA LYS S 734 -62.38 15.69 48.33
C LYS S 734 -63.67 16.30 48.85
N THR S 735 -63.80 16.43 50.18
CA THR S 735 -65.05 16.86 50.78
C THR S 735 -65.15 18.38 50.96
N LYS S 736 -64.08 19.12 50.69
CA LYS S 736 -64.10 20.58 50.82
C LYS S 736 -64.51 20.99 52.24
N SER S 737 -64.06 20.23 53.23
CA SER S 737 -64.36 20.52 54.62
C SER S 737 -63.29 19.94 55.50
N PHE S 738 -63.18 20.47 56.72
CA PHE S 738 -62.18 20.02 57.68
C PHE S 738 -62.66 18.72 58.34
N VAL S 739 -61.99 17.62 58.02
CA VAL S 739 -62.34 16.31 58.57
C VAL S 739 -61.57 16.10 59.87
N PRO S 740 -62.23 15.76 60.97
CA PRO S 740 -61.49 15.47 62.20
C PRO S 740 -60.50 14.33 62.01
N TRP S 741 -59.38 14.42 62.73
CA TRP S 741 -58.33 13.42 62.60
C TRP S 741 -58.81 12.07 63.11
N GLN S 742 -57.97 11.05 62.89
CA GLN S 742 -58.27 9.69 63.32
C GLN S 742 -56.97 8.91 63.35
N PRO S 743 -56.84 7.90 64.22
CA PRO S 743 -55.64 7.06 64.17
C PRO S 743 -55.44 6.38 62.83
N ARG S 744 -56.50 6.21 62.05
CA ARG S 744 -56.36 5.68 60.69
C ARG S 744 -55.45 6.58 59.86
N PHE S 745 -55.66 7.90 59.94
CA PHE S 745 -54.81 8.87 59.26
C PHE S 745 -53.82 9.42 60.29
N MET S 746 -52.80 8.61 60.59
CA MET S 746 -51.80 9.01 61.57
C MET S 746 -50.66 8.00 61.55
N ILE S 747 -49.47 8.47 61.91
CA ILE S 747 -48.30 7.60 62.01
C ILE S 747 -47.69 7.75 63.40
N HIS S 748 -47.93 8.89 64.04
CA HIS S 748 -47.40 9.14 65.37
C HIS S 748 -48.18 10.27 66.01
N MET S 749 -48.22 10.28 67.34
CA MET S 749 -48.99 11.24 68.10
C MET S 749 -48.12 11.85 69.19
N CYS S 750 -48.22 13.18 69.33
CA CYS S 750 -47.58 13.86 70.44
C CYS S 750 -48.35 13.59 71.73
N PRO S 751 -47.75 13.84 72.89
CA PRO S 751 -48.43 13.49 74.14
C PRO S 751 -49.81 14.10 74.28
N SER S 752 -50.00 15.35 73.84
CA SER S 752 -51.31 15.96 73.93
C SER S 752 -52.34 15.20 73.10
N THR S 753 -51.98 14.85 71.87
CA THR S 753 -52.89 14.09 71.03
C THR S 753 -53.11 12.67 71.57
N LYS S 754 -52.10 12.10 72.23
CA LYS S 754 -52.29 10.81 72.86
C LYS S 754 -53.30 10.90 73.98
N GLU S 755 -53.23 11.95 74.79
CA GLU S 755 -54.21 12.15 75.85
C GLU S 755 -55.61 12.38 75.27
N HIS S 756 -55.69 13.17 74.19
CA HIS S 756 -57.00 13.46 73.60
C HIS S 756 -57.63 12.20 73.02
N PHE S 757 -56.87 11.44 72.23
CA PHE S 757 -57.40 10.24 71.60
C PHE S 757 -57.58 9.10 72.59
N ALA S 758 -56.91 9.15 73.74
CA ALA S 758 -57.09 8.11 74.75
C ALA S 758 -58.44 8.20 75.43
N ARG S 759 -59.20 9.26 75.20
CA ARG S 759 -60.49 9.43 75.87
C ARG S 759 -61.59 8.69 75.11
N GLU S 760 -61.80 9.04 73.85
CA GLU S 760 -62.87 8.47 73.04
C GLU S 760 -62.37 7.45 72.03
N TYR S 761 -61.07 7.19 71.98
CA TYR S 761 -60.49 6.16 71.11
C TYR S 761 -59.65 5.21 71.94
N ASP S 762 -59.96 3.93 71.86
CA ASP S 762 -59.19 2.92 72.58
C ASP S 762 -57.74 2.89 72.07
N CYS S 763 -56.91 2.13 72.78
CA CYS S 763 -55.48 2.13 72.48
C CYS S 763 -55.22 1.69 71.04
N TYR S 764 -56.00 0.73 70.55
CA TYR S 764 -55.94 0.33 69.15
C TYR S 764 -56.69 1.37 68.32
N GLY S 765 -56.92 1.07 67.04
CA GLY S 765 -57.62 1.99 66.17
C GLY S 765 -59.12 1.78 66.14
N ASP S 766 -59.76 1.80 67.31
CA ASP S 766 -61.20 1.60 67.39
C ASP S 766 -61.79 2.62 68.35
N SER S 767 -63.06 2.95 68.13
CA SER S 767 -63.79 3.89 68.96
C SER S 767 -64.97 3.21 69.64
N TYR S 768 -65.38 3.77 70.77
CA TYR S 768 -66.54 3.28 71.50
C TYR S 768 -67.70 4.29 71.48
N PHE S 769 -67.65 5.27 70.57
CA PHE S 769 -68.74 6.21 70.40
C PHE S 769 -69.44 6.08 69.06
N ILE S 770 -68.77 5.56 68.04
CA ILE S 770 -69.32 5.42 66.70
C ILE S 770 -69.26 3.94 66.30
N ASP S 771 -70.30 3.49 65.62
CA ASP S 771 -70.36 2.09 65.18
C ASP S 771 -69.24 1.79 64.20
N THR S 772 -69.12 0.53 63.79
CA THR S 772 -68.08 0.10 62.88
C THR S 772 -68.68 -0.82 61.82
N ASP S 773 -68.03 -0.85 60.66
CA ASP S 773 -68.43 -1.69 59.54
C ASP S 773 -67.37 -2.77 59.31
N LEU S 774 -67.55 -3.54 58.23
CA LEU S 774 -66.61 -4.61 57.92
C LEU S 774 -65.22 -4.04 57.65
N ASN S 775 -65.14 -2.99 56.83
CA ASN S 775 -63.84 -2.42 56.48
C ASN S 775 -63.16 -1.84 57.71
N GLN S 776 -63.91 -1.14 58.56
CA GLN S 776 -63.31 -0.55 59.76
C GLN S 776 -62.76 -1.64 60.68
N LEU S 777 -63.52 -2.72 60.87
CA LEU S 777 -63.05 -3.80 61.73
C LEU S 777 -61.83 -4.48 61.13
N LYS S 778 -61.79 -4.62 59.81
CA LYS S 778 -60.60 -5.16 59.17
C LYS S 778 -59.39 -4.25 59.42
N GLU S 779 -59.59 -2.93 59.34
CA GLU S 779 -58.50 -2.01 59.64
C GLU S 779 -58.03 -2.17 61.08
N VAL S 780 -58.97 -2.29 62.03
CA VAL S 780 -58.58 -2.48 63.42
C VAL S 780 -57.78 -3.76 63.59
N PHE S 781 -58.25 -4.85 62.97
CA PHE S 781 -57.55 -6.13 63.11
C PHE S 781 -56.18 -6.10 62.46
N SER S 782 -56.00 -5.29 61.42
CA SER S 782 -54.71 -5.22 60.76
C SER S 782 -53.62 -4.73 61.71
N GLY S 783 -53.93 -3.72 62.52
CA GLY S 783 -52.95 -3.21 63.47
C GLY S 783 -52.55 -4.22 64.51
N ILE S 784 -53.49 -5.07 64.93
CA ILE S 784 -53.20 -6.06 65.96
C ILE S 784 -52.24 -7.10 65.41
N LYS S 785 -51.25 -7.47 66.20
CA LYS S 785 -50.23 -8.44 65.81
C LYS S 785 -50.47 -9.76 66.53
N ASN S 786 -50.06 -10.84 65.88
CA ASN S 786 -50.22 -12.17 66.46
C ASN S 786 -49.43 -12.31 67.75
N SER S 787 -50.06 -12.92 68.76
CA SER S 787 -49.43 -13.17 70.04
C SER S 787 -49.70 -14.61 70.46
N ASN S 788 -48.78 -15.17 71.23
CA ASN S 788 -48.83 -16.58 71.60
C ASN S 788 -48.88 -16.78 73.10
N GLU S 789 -49.74 -16.02 73.79
CA GLU S 789 -49.90 -16.17 75.23
C GLU S 789 -50.91 -17.25 75.61
N GLN S 790 -51.51 -17.92 74.64
CA GLN S 790 -52.55 -18.90 74.89
C GLN S 790 -52.04 -20.30 74.61
N THR S 791 -52.81 -21.30 75.05
CA THR S 791 -52.52 -22.70 74.83
C THR S 791 -53.75 -23.38 74.26
N PRO S 792 -53.58 -24.45 73.47
CA PRO S 792 -54.72 -25.01 72.73
C PRO S 792 -55.98 -25.24 73.58
N GLU S 793 -55.85 -25.95 74.70
CA GLU S 793 -57.04 -26.32 75.46
C GLU S 793 -57.75 -25.10 76.01
N GLU S 794 -56.99 -24.11 76.49
CA GLU S 794 -57.64 -22.93 77.08
C GLU S 794 -58.30 -22.07 76.01
N MET S 795 -57.67 -21.96 74.83
CA MET S 795 -58.35 -21.26 73.73
C MET S 795 -59.62 -21.98 73.34
N ALA S 796 -59.60 -23.32 73.28
CA ALA S 796 -60.81 -24.05 72.94
C ALA S 796 -61.89 -23.81 73.99
N SER S 797 -61.53 -23.85 75.27
CA SER S 797 -62.51 -23.63 76.32
C SER S 797 -63.09 -22.22 76.25
N LEU S 798 -62.24 -21.21 76.03
CA LEU S 798 -62.72 -19.84 75.91
C LEU S 798 -63.64 -19.69 74.71
N ILE S 799 -63.30 -20.33 73.59
CA ILE S 799 -64.16 -20.29 72.42
C ILE S 799 -65.50 -20.91 72.74
N ALA S 800 -65.51 -22.04 73.47
CA ALA S 800 -66.77 -22.67 73.83
C ALA S 800 -67.61 -21.77 74.72
N ASP S 801 -66.97 -21.12 75.71
CA ASP S 801 -67.71 -20.22 76.59
C ASP S 801 -68.29 -19.05 75.80
N LEU S 802 -67.51 -18.50 74.87
CA LEU S 802 -67.99 -17.40 74.04
C LEU S 802 -69.17 -17.86 73.18
N GLU S 803 -69.08 -19.07 72.62
CA GLU S 803 -70.16 -19.60 71.80
C GLU S 803 -71.42 -19.82 72.62
N TYR S 804 -71.27 -20.21 73.89
CA TYR S 804 -72.44 -20.41 74.74
C TYR S 804 -73.03 -19.09 75.23
N ARG S 805 -72.21 -18.05 75.38
CA ARG S 805 -72.66 -16.86 76.08
C ARG S 805 -73.76 -16.11 75.32
N TYR S 806 -73.53 -15.84 74.03
CA TYR S 806 -74.39 -14.95 73.26
C TYR S 806 -75.33 -15.71 72.34
N SER S 807 -75.88 -16.84 72.79
CA SER S 807 -76.67 -17.70 71.92
C SER S 807 -75.88 -18.04 70.65
N TRP S 808 -74.58 -18.23 70.81
CA TRP S 808 -73.64 -18.36 69.71
C TRP S 808 -73.33 -19.82 69.37
N ASP S 809 -74.33 -20.71 69.43
CA ASP S 809 -74.12 -22.11 69.09
C ASP S 809 -74.75 -22.50 67.75
N CYS S 810 -75.17 -21.52 66.95
CA CYS S 810 -75.91 -21.79 65.73
C CYS S 810 -75.03 -21.86 64.49
N SER S 811 -73.72 -21.69 64.62
CA SER S 811 -72.85 -21.70 63.45
C SER S 811 -72.79 -23.10 62.85
N PRO S 812 -72.67 -23.20 61.51
CA PRO S 812 -72.62 -24.53 60.88
C PRO S 812 -71.26 -25.19 60.99
N LEU S 813 -70.19 -24.39 60.93
CA LEU S 813 -68.84 -24.93 61.03
C LEU S 813 -68.37 -25.12 62.47
N SER S 814 -69.13 -24.62 63.45
CA SER S 814 -68.85 -24.86 64.86
C SER S 814 -69.93 -25.75 65.48
N MET S 815 -70.62 -26.53 64.65
CA MET S 815 -71.73 -27.36 65.09
C MET S 815 -71.31 -28.61 65.84
N PHE S 816 -70.01 -28.89 65.90
CA PHE S 816 -69.46 -30.01 66.65
C PHE S 816 -68.44 -29.54 67.68
N ARG S 817 -68.60 -28.32 68.19
CA ARG S 817 -67.64 -27.77 69.14
C ARG S 817 -67.62 -28.58 70.43
N ARG S 818 -68.79 -28.99 70.91
CA ARG S 818 -68.92 -29.66 72.20
C ARG S 818 -69.11 -31.17 72.06
N HIS S 819 -68.74 -31.74 70.91
CA HIS S 819 -68.87 -33.17 70.65
C HIS S 819 -67.51 -33.72 70.23
N THR S 820 -66.74 -34.20 71.19
CA THR S 820 -65.46 -34.83 70.89
C THR S 820 -65.69 -36.28 70.46
N VAL S 821 -65.00 -36.69 69.41
CA VAL S 821 -65.23 -37.98 68.76
C VAL S 821 -63.92 -38.74 68.73
N TYR S 822 -63.98 -40.02 69.09
CA TYR S 822 -62.84 -40.93 69.03
C TYR S 822 -63.12 -42.00 67.98
N LEU S 823 -62.17 -42.18 67.07
CA LEU S 823 -62.32 -43.12 65.96
C LEU S 823 -61.58 -44.43 66.27
N ASP S 824 -62.11 -45.52 65.74
CA ASP S 824 -61.51 -46.85 65.90
C ASP S 824 -60.62 -47.18 64.70
N SER S 825 -59.64 -46.30 64.47
CA SER S 825 -58.69 -46.47 63.38
C SER S 825 -57.38 -47.10 63.82
N TYR S 826 -57.27 -47.50 65.10
CA TYR S 826 -56.08 -48.14 65.62
C TYR S 826 -56.43 -49.54 66.11
N ALA S 827 -55.62 -50.52 65.70
CA ALA S 827 -55.89 -51.90 66.10
C ALA S 827 -55.80 -52.06 67.61
N VAL S 828 -54.81 -51.43 68.24
CA VAL S 828 -54.62 -51.48 69.67
C VAL S 828 -54.90 -50.09 70.24
N ILE S 829 -55.83 -50.02 71.19
CA ILE S 829 -56.20 -48.75 71.79
C ILE S 829 -55.02 -48.20 72.58
N ASN S 830 -54.91 -46.87 72.64
CA ASN S 830 -53.84 -46.20 73.35
C ASN S 830 -52.47 -46.64 72.83
N ASP S 831 -52.36 -46.78 71.52
CA ASP S 831 -51.12 -47.17 70.87
C ASP S 831 -51.01 -46.43 69.55
N LEU S 832 -50.04 -45.51 69.45
CA LEU S 832 -49.87 -44.72 68.24
C LEU S 832 -49.14 -45.48 67.14
N SER S 833 -48.53 -46.62 67.45
CA SER S 833 -47.79 -47.39 66.45
C SER S 833 -48.67 -48.36 65.68
N THR S 834 -49.95 -48.44 65.99
CA THR S 834 -50.88 -49.35 65.33
C THR S 834 -51.83 -48.62 64.40
N LYS S 835 -51.33 -47.57 63.74
CA LYS S 835 -52.16 -46.83 62.80
C LYS S 835 -52.59 -47.74 61.65
N ASN S 836 -53.86 -47.66 61.29
CA ASN S 836 -54.40 -48.44 60.19
C ASN S 836 -54.33 -47.64 58.90
N GLU S 837 -54.80 -48.26 57.81
CA GLU S 837 -54.83 -47.63 56.49
C GLU S 837 -56.27 -47.47 56.01
N GLY S 838 -57.17 -47.12 56.92
CA GLY S 838 -58.56 -46.95 56.58
C GLY S 838 -58.78 -45.89 55.51
N THR S 839 -59.54 -46.23 54.47
CA THR S 839 -59.79 -45.29 53.38
C THR S 839 -60.89 -44.31 53.75
N ARG S 840 -62.09 -44.82 54.02
CA ARG S 840 -63.20 -43.95 54.38
C ARG S 840 -63.06 -43.41 55.81
N LEU S 841 -62.60 -44.26 56.73
CA LEU S 841 -62.54 -43.85 58.13
C LEU S 841 -61.59 -42.68 58.34
N ALA S 842 -60.41 -42.73 57.72
CA ALA S 842 -59.42 -41.69 57.94
C ALA S 842 -59.93 -40.33 57.45
N ILE S 843 -60.45 -40.30 56.22
CA ILE S 843 -60.94 -39.03 55.69
C ILE S 843 -62.18 -38.56 56.43
N LYS S 844 -63.02 -39.49 56.89
CA LYS S 844 -64.19 -39.08 57.67
C LYS S 844 -63.76 -38.43 58.98
N ALA S 845 -62.75 -39.00 59.65
CA ALA S 845 -62.23 -38.37 60.87
C ALA S 845 -61.62 -37.00 60.55
N LEU S 846 -60.88 -36.91 59.44
CA LEU S 846 -60.30 -35.63 59.06
C LEU S 846 -61.39 -34.59 58.80
N GLU S 847 -62.47 -34.98 58.13
CA GLU S 847 -63.57 -34.05 57.88
C GLU S 847 -64.23 -33.64 59.19
N LEU S 848 -64.42 -34.59 60.11
CA LEU S 848 -65.01 -34.25 61.40
C LEU S 848 -64.15 -33.23 62.13
N ARG S 849 -62.83 -33.44 62.13
CA ARG S 849 -61.93 -32.46 62.76
C ARG S 849 -62.01 -31.12 62.07
N PHE S 850 -62.06 -31.12 60.73
CA PHE S 850 -62.14 -29.86 59.99
C PHE S 850 -63.42 -29.12 60.28
N HIS S 851 -64.48 -29.85 60.62
CA HIS S 851 -65.79 -29.26 60.84
C HIS S 851 -66.00 -28.77 62.27
N GLY S 852 -64.96 -28.84 63.12
CA GLY S 852 -65.02 -28.32 64.47
C GLY S 852 -64.96 -29.39 65.55
N ALA S 853 -65.22 -30.64 65.21
CA ALA S 853 -65.14 -31.70 66.20
C ALA S 853 -63.69 -31.89 66.66
N LYS S 854 -63.55 -32.42 67.87
CA LYS S 854 -62.24 -32.66 68.47
C LYS S 854 -61.94 -34.16 68.42
N VAL S 855 -60.82 -34.51 67.79
CA VAL S 855 -60.40 -35.90 67.64
C VAL S 855 -59.17 -36.10 68.51
N VAL S 856 -59.21 -37.12 69.37
CA VAL S 856 -58.12 -37.45 70.28
C VAL S 856 -57.62 -38.84 69.93
N SER S 857 -56.30 -38.96 69.71
CA SER S 857 -55.72 -40.26 69.35
C SER S 857 -55.71 -41.21 70.55
N CYS S 858 -55.69 -40.68 71.76
CA CYS S 858 -55.66 -41.49 72.98
C CYS S 858 -57.03 -41.46 73.64
N LEU S 859 -57.55 -42.64 73.97
CA LEU S 859 -58.86 -42.76 74.61
C LEU S 859 -58.72 -42.39 76.08
N ALA S 860 -59.18 -41.20 76.44
CA ALA S 860 -59.12 -40.70 77.80
C ALA S 860 -60.54 -40.52 78.35
N GLU S 861 -60.62 -40.04 79.59
CA GLU S 861 -61.92 -39.82 80.22
C GLU S 861 -62.71 -38.71 79.54
N GLY S 862 -62.04 -37.82 78.80
CA GLY S 862 -62.72 -36.73 78.15
C GLY S 862 -63.49 -37.08 76.90
N VAL S 863 -63.34 -38.32 76.40
CA VAL S 863 -64.06 -38.72 75.21
C VAL S 863 -65.56 -38.69 75.49
N SER S 864 -66.33 -38.34 74.46
CA SER S 864 -67.79 -38.24 74.57
C SER S 864 -68.51 -39.09 73.55
N HIS S 865 -68.00 -39.18 72.32
CA HIS S 865 -68.61 -39.99 71.27
C HIS S 865 -67.54 -40.90 70.66
N VAL S 866 -67.99 -42.06 70.19
CA VAL S 866 -67.11 -43.06 69.59
C VAL S 866 -67.69 -43.47 68.24
N ILE S 867 -66.84 -43.52 67.23
CA ILE S 867 -67.23 -43.91 65.88
C ILE S 867 -66.47 -45.17 65.50
N ILE S 868 -67.19 -46.19 65.04
CA ILE S 868 -66.61 -47.47 64.64
C ILE S 868 -67.04 -47.76 63.21
N GLY S 869 -66.09 -48.17 62.38
CA GLY S 869 -66.35 -48.45 60.98
C GLY S 869 -67.13 -49.73 60.77
N GLU S 870 -66.93 -50.34 59.60
CA GLU S 870 -67.61 -51.58 59.26
C GLU S 870 -67.04 -52.79 59.99
N ASP S 871 -66.04 -52.61 60.85
CA ASP S 871 -65.46 -53.71 61.62
C ASP S 871 -66.22 -53.80 62.94
N HIS S 872 -67.10 -54.80 63.05
CA HIS S 872 -67.92 -54.98 64.25
C HIS S 872 -67.21 -55.80 65.32
N SER S 873 -66.01 -56.28 65.06
CA SER S 873 -65.32 -57.12 66.05
C SER S 873 -64.95 -56.33 67.29
N ARG S 874 -64.77 -55.01 67.18
CA ARG S 874 -64.33 -54.18 68.29
C ARG S 874 -65.49 -53.65 69.12
N VAL S 875 -66.73 -53.96 68.77
CA VAL S 875 -67.87 -53.46 69.53
C VAL S 875 -67.83 -53.97 70.96
N ALA S 876 -67.48 -55.25 71.14
CA ALA S 876 -67.43 -55.82 72.48
C ALA S 876 -66.38 -55.14 73.32
N ASP S 877 -65.21 -54.84 72.74
CA ASP S 877 -64.15 -54.19 73.50
C ASP S 877 -64.59 -52.82 73.99
N PHE S 878 -65.23 -52.03 73.13
CA PHE S 878 -65.71 -50.71 73.54
C PHE S 878 -66.82 -50.83 74.57
N LYS S 879 -67.72 -51.80 74.40
CA LYS S 879 -68.79 -51.98 75.37
C LYS S 879 -68.25 -52.39 76.74
N ALA S 880 -67.14 -53.12 76.76
CA ALA S 880 -66.51 -53.47 78.03
C ALA S 880 -65.78 -52.27 78.63
N PHE S 881 -65.08 -51.49 77.78
CA PHE S 881 -64.33 -50.34 78.29
C PHE S 881 -65.26 -49.29 78.87
N ARG S 882 -66.38 -49.01 78.20
CA ARG S 882 -67.28 -47.96 78.68
C ARG S 882 -67.88 -48.29 80.03
N ARG S 883 -67.94 -49.57 80.41
CA ARG S 883 -68.49 -49.94 81.72
C ARG S 883 -67.65 -49.35 82.84
N THR S 884 -66.33 -49.41 82.72
CA THR S 884 -65.47 -48.86 83.77
C THR S 884 -65.49 -47.34 83.76
N PHE S 885 -65.67 -46.73 82.59
CA PHE S 885 -65.69 -45.27 82.50
C PHE S 885 -66.82 -44.69 83.33
N LYS S 886 -66.56 -43.54 83.95
CA LYS S 886 -67.60 -42.87 84.73
C LYS S 886 -68.78 -42.49 83.84
N ARG S 887 -68.51 -41.97 82.64
CA ARG S 887 -69.53 -41.64 81.67
C ARG S 887 -69.40 -42.56 80.46
N LYS S 888 -70.53 -43.06 79.99
CA LYS S 888 -70.58 -44.00 78.88
C LYS S 888 -70.81 -43.25 77.58
N PHE S 889 -69.96 -43.52 76.59
CA PHE S 889 -70.10 -42.91 75.28
C PHE S 889 -71.14 -43.67 74.46
N LYS S 890 -71.38 -43.20 73.24
CA LYS S 890 -72.38 -43.79 72.36
C LYS S 890 -71.71 -44.27 71.07
N ILE S 891 -72.11 -45.44 70.62
CA ILE S 891 -71.59 -46.03 69.38
C ILE S 891 -72.53 -45.64 68.24
N LEU S 892 -71.98 -45.03 67.20
CA LEU S 892 -72.76 -44.55 66.08
C LEU S 892 -72.15 -45.06 64.78
N LYS S 893 -72.98 -45.13 63.74
CA LYS S 893 -72.56 -45.60 62.44
C LYS S 893 -72.26 -44.41 61.53
N GLU S 894 -71.77 -44.72 60.32
CA GLU S 894 -71.32 -43.70 59.39
C GLU S 894 -72.46 -42.88 58.81
N SER S 895 -73.67 -43.43 58.73
CA SER S 895 -74.78 -42.67 58.17
C SER S 895 -75.07 -41.42 58.98
N TRP S 896 -74.80 -41.45 60.29
CA TRP S 896 -75.09 -40.30 61.13
C TRP S 896 -74.31 -39.07 60.67
N VAL S 897 -72.99 -39.22 60.53
CA VAL S 897 -72.16 -38.07 60.16
C VAL S 897 -72.52 -37.58 58.76
N THR S 898 -72.71 -38.50 57.81
CA THR S 898 -73.06 -38.08 56.45
C THR S 898 -74.37 -37.33 56.43
N ASP S 899 -75.38 -37.82 57.15
CA ASP S 899 -76.67 -37.13 57.19
C ASP S 899 -76.54 -35.78 57.86
N SER S 900 -75.75 -35.70 58.94
CA SER S 900 -75.58 -34.41 59.62
C SER S 900 -74.92 -33.39 58.70
N ILE S 901 -73.90 -33.80 57.94
CA ILE S 901 -73.25 -32.87 57.03
C ILE S 901 -74.20 -32.48 55.90
N ASP S 902 -74.94 -33.45 55.35
CA ASP S 902 -75.83 -33.14 54.25
C ASP S 902 -76.93 -32.17 54.67
N LYS S 903 -77.52 -32.38 55.85
CA LYS S 903 -78.59 -31.53 56.33
C LYS S 903 -78.08 -30.26 57.01
N CYS S 904 -76.78 -30.17 57.29
CA CYS S 904 -76.15 -29.03 57.95
C CYS S 904 -76.61 -28.86 59.39
N GLU S 905 -77.31 -29.83 59.95
CA GLU S 905 -77.77 -29.77 61.34
C GLU S 905 -77.63 -31.13 61.99
N LEU S 906 -77.41 -31.13 63.30
CA LEU S 906 -77.15 -32.37 64.02
C LEU S 906 -78.36 -33.30 63.97
N GLN S 907 -78.09 -34.59 63.79
CA GLN S 907 -79.11 -35.62 63.78
C GLN S 907 -79.15 -36.34 65.13
N GLU S 908 -80.34 -36.80 65.50
CA GLU S 908 -80.49 -37.52 66.76
C GLU S 908 -79.72 -38.83 66.72
N GLU S 909 -78.94 -39.09 67.78
CA GLU S 909 -78.19 -40.34 67.85
C GLU S 909 -79.09 -41.53 68.11
N ASN S 910 -80.33 -41.31 68.57
CA ASN S 910 -81.22 -42.43 68.82
C ASN S 910 -81.50 -43.22 67.55
N GLN S 911 -81.60 -42.55 66.42
CA GLN S 911 -81.79 -43.24 65.14
C GLN S 911 -80.50 -43.82 64.58
N TYR S 912 -79.35 -43.54 65.22
CA TYR S 912 -78.06 -44.02 64.73
C TYR S 912 -77.22 -44.63 65.84
N LEU S 913 -77.84 -45.14 66.90
CA LEU S 913 -77.09 -45.76 68.00
C LEU S 913 -76.68 -47.18 67.63
N PHE T 45 -43.00 66.41 77.34
CA PHE T 45 -43.04 67.11 76.06
C PHE T 45 -44.07 66.46 75.13
N PRO T 46 -45.36 66.65 75.43
CA PRO T 46 -46.40 66.07 74.56
C PRO T 46 -46.59 66.81 73.25
N GLY T 47 -45.95 67.97 73.07
CA GLY T 47 -46.18 68.75 71.87
C GLY T 47 -45.71 68.06 70.60
N VAL T 48 -44.54 67.42 70.65
CA VAL T 48 -43.91 66.85 69.47
C VAL T 48 -44.21 65.36 69.40
N ALA T 49 -44.20 64.83 68.17
CA ALA T 49 -44.42 63.42 67.91
C ALA T 49 -43.23 62.86 67.14
N ILE T 50 -42.80 61.67 67.52
CA ILE T 50 -41.64 61.01 66.91
C ILE T 50 -42.06 59.62 66.48
N TYR T 51 -41.73 59.27 65.23
CA TYR T 51 -42.03 57.95 64.67
C TYR T 51 -40.76 57.36 64.06
N LEU T 52 -40.57 56.06 64.28
CA LEU T 52 -39.42 55.33 63.77
C LEU T 52 -39.88 54.33 62.73
N VAL T 53 -39.18 54.26 61.61
CA VAL T 53 -39.55 53.37 60.52
C VAL T 53 -39.09 51.95 60.87
N GLU T 54 -40.06 51.06 61.09
CA GLU T 54 -39.73 49.68 61.40
C GLU T 54 -39.03 48.94 60.26
N PRO T 55 -39.46 49.05 59.00
CA PRO T 55 -39.00 48.11 57.97
C PRO T 55 -37.59 48.33 57.48
N ARG T 56 -36.77 49.15 58.15
CA ARG T 56 -35.40 49.37 57.72
C ARG T 56 -34.36 49.30 58.83
N MET T 57 -34.77 49.20 60.10
CA MET T 57 -33.83 49.16 61.21
C MET T 57 -33.92 47.92 62.07
N GLY T 58 -34.96 47.11 61.91
CA GLY T 58 -35.11 45.89 62.69
C GLY T 58 -36.03 46.08 63.89
N ARG T 59 -36.61 44.96 64.32
CA ARG T 59 -37.55 45.00 65.44
C ARG T 59 -36.85 45.32 66.75
N SER T 60 -35.72 44.63 67.02
CA SER T 60 -35.03 44.84 68.29
C SER T 60 -34.51 46.26 68.42
N ARG T 61 -33.92 46.80 67.36
CA ARG T 61 -33.40 48.17 67.42
C ARG T 61 -34.52 49.17 67.63
N ARG T 62 -35.64 48.99 66.91
CA ARG T 62 -36.77 49.90 67.07
C ARG T 62 -37.32 49.83 68.49
N ALA T 63 -37.45 48.62 69.03
CA ALA T 63 -37.97 48.48 70.39
C ALA T 63 -37.04 49.15 71.40
N PHE T 64 -35.73 48.94 71.25
CA PHE T 64 -34.80 49.56 72.18
C PHE T 64 -34.85 51.08 72.08
N LEU T 65 -34.91 51.62 70.87
CA LEU T 65 -34.96 53.07 70.71
C LEU T 65 -36.24 53.64 71.31
N THR T 66 -37.37 52.97 71.07
CA THR T 66 -38.63 53.45 71.64
C THR T 66 -38.60 53.40 73.16
N GLY T 67 -38.03 52.33 73.72
CA GLY T 67 -37.92 52.25 75.17
C GLY T 67 -37.06 53.34 75.74
N LEU T 68 -35.91 53.61 75.11
CA LEU T 68 -35.04 54.68 75.58
C LEU T 68 -35.73 56.03 75.49
N ALA T 69 -36.43 56.29 74.38
CA ALA T 69 -37.14 57.56 74.24
C ALA T 69 -38.22 57.70 75.30
N ARG T 70 -38.97 56.63 75.56
CA ARG T 70 -40.01 56.70 76.58
C ARG T 70 -39.42 56.94 77.96
N SER T 71 -38.31 56.27 78.27
CA SER T 71 -37.67 56.49 79.57
C SER T 71 -37.11 57.91 79.68
N LYS T 72 -36.72 58.51 78.55
CA LYS T 72 -36.22 59.87 78.54
C LYS T 72 -37.32 60.91 78.50
N GLY T 73 -38.59 60.50 78.46
CA GLY T 73 -39.71 61.40 78.43
C GLY T 73 -40.32 61.63 77.06
N PHE T 74 -39.59 61.30 76.00
CA PHE T 74 -40.13 61.45 74.66
C PHE T 74 -41.30 60.51 74.44
N ARG T 75 -42.29 60.97 73.68
CA ARG T 75 -43.46 60.16 73.31
C ARG T 75 -43.28 59.69 71.88
N VAL T 76 -43.32 58.37 71.68
CA VAL T 76 -43.12 57.74 70.38
C VAL T 76 -44.38 56.99 70.01
N LEU T 77 -44.86 57.21 68.79
CA LEU T 77 -46.09 56.58 68.33
C LEU T 77 -45.76 55.19 67.78
N ASP T 78 -46.43 54.16 68.31
CA ASP T 78 -46.19 52.80 67.84
C ASP T 78 -46.61 52.63 66.39
N ALA T 79 -47.74 53.22 66.01
CA ALA T 79 -48.29 53.09 64.66
C ALA T 79 -48.29 54.44 63.97
N CYS T 80 -48.13 54.41 62.65
CA CYS T 80 -48.13 55.64 61.87
C CYS T 80 -49.49 56.33 61.96
N SER T 81 -49.46 57.64 62.12
CA SER T 81 -50.68 58.44 62.23
C SER T 81 -50.41 59.84 61.71
N SER T 82 -51.48 60.55 61.39
CA SER T 82 -51.35 61.91 60.87
C SER T 82 -50.65 62.83 61.86
N GLU T 83 -50.80 62.56 63.16
CA GLU T 83 -50.24 63.44 64.18
C GLU T 83 -48.72 63.40 64.22
N ALA T 84 -48.07 62.44 63.56
CA ALA T 84 -46.63 62.37 63.56
C ALA T 84 -46.03 63.60 62.91
N THR T 85 -44.97 64.15 63.54
CA THR T 85 -44.31 65.35 63.05
C THR T 85 -42.86 65.12 62.66
N HIS T 86 -42.19 64.12 63.22
CA HIS T 86 -40.80 63.80 62.90
C HIS T 86 -40.70 62.33 62.55
N VAL T 87 -39.98 62.05 61.45
CA VAL T 87 -39.76 60.69 60.98
C VAL T 87 -38.26 60.47 60.86
N VAL T 88 -37.78 59.35 61.39
CA VAL T 88 -36.36 59.03 61.43
C VAL T 88 -36.14 57.73 60.66
N MET T 89 -35.17 57.74 59.75
CA MET T 89 -34.81 56.58 58.97
C MET T 89 -33.50 56.00 59.52
N GLU T 90 -33.06 54.89 58.93
CA GLU T 90 -31.84 54.22 59.37
C GLU T 90 -31.19 53.54 58.19
N GLU T 91 -29.94 53.89 57.90
CA GLU T 91 -29.19 53.30 56.81
C GLU T 91 -29.99 53.34 55.51
N THR T 92 -30.27 54.56 55.06
CA THR T 92 -31.13 54.78 53.91
C THR T 92 -30.60 55.94 53.07
N SER T 93 -30.89 55.89 51.78
CA SER T 93 -30.47 56.92 50.84
C SER T 93 -31.61 57.90 50.60
N ALA T 94 -31.30 58.95 49.83
CA ALA T 94 -32.30 59.98 49.55
C ALA T 94 -33.44 59.43 48.70
N GLU T 95 -33.12 58.59 47.71
CA GLU T 95 -34.15 58.07 46.82
C GLU T 95 -35.19 57.26 47.59
N GLU T 96 -34.72 56.38 48.46
CA GLU T 96 -35.65 55.58 49.26
C GLU T 96 -36.48 56.47 50.18
N ALA T 97 -35.85 57.50 50.76
CA ALA T 97 -36.58 58.40 51.64
C ALA T 97 -37.69 59.14 50.90
N VAL T 98 -37.38 59.65 49.70
CA VAL T 98 -38.40 60.39 48.94
C VAL T 98 -39.49 59.44 48.47
N SER T 99 -39.14 58.22 48.10
CA SER T 99 -40.18 57.25 47.73
C SER T 99 -41.09 56.94 48.91
N TRP T 100 -40.50 56.80 50.10
CA TRP T 100 -41.32 56.59 51.29
C TRP T 100 -42.23 57.78 51.56
N GLN T 101 -41.71 59.00 51.39
CA GLN T 101 -42.54 60.18 51.58
C GLN T 101 -43.70 60.19 50.60
N GLU T 102 -43.44 59.85 49.33
CA GLU T 102 -44.52 59.80 48.35
C GLU T 102 -45.55 58.74 48.72
N ARG T 103 -45.09 57.57 49.15
CA ARG T 103 -46.02 56.52 49.55
C ARG T 103 -46.88 56.96 50.72
N ARG T 104 -46.27 57.62 51.71
CA ARG T 104 -47.03 58.10 52.86
C ARG T 104 -48.05 59.14 52.44
N MET T 105 -47.65 60.07 51.56
CA MET T 105 -48.60 61.08 51.08
C MET T 105 -49.74 60.44 50.32
N ALA T 106 -49.48 59.34 49.61
CA ALA T 106 -50.51 58.70 48.81
C ALA T 106 -51.71 58.27 49.65
N ALA T 107 -51.53 58.11 50.97
CA ALA T 107 -52.60 57.71 51.87
C ALA T 107 -52.66 58.67 53.06
N ALA T 108 -52.64 59.96 52.77
CA ALA T 108 -52.71 61.00 53.79
C ALA T 108 -53.76 62.03 53.43
N PRO T 109 -54.39 62.66 54.42
CA PRO T 109 -55.41 63.66 54.11
C PRO T 109 -54.79 64.90 53.49
N PRO T 110 -55.55 65.63 52.68
CA PRO T 110 -55.01 66.87 52.09
C PRO T 110 -54.97 67.99 53.11
N GLY T 111 -54.20 69.03 52.76
CA GLY T 111 -54.10 70.20 53.62
C GLY T 111 -53.48 69.90 54.97
N CYS T 112 -52.42 69.10 55.00
CA CYS T 112 -51.73 68.75 56.23
C CYS T 112 -50.25 69.07 56.09
N THR T 113 -49.49 68.76 57.13
CA THR T 113 -48.04 69.00 57.16
C THR T 113 -47.31 67.67 57.27
N PRO T 114 -46.84 67.10 56.17
CA PRO T 114 -46.12 65.83 56.26
C PRO T 114 -44.90 65.98 57.14
N PRO T 115 -44.53 64.94 57.88
CA PRO T 115 -43.32 65.02 58.73
C PRO T 115 -42.10 65.36 57.90
N ALA T 116 -41.03 65.71 58.60
CA ALA T 116 -39.76 66.08 57.99
C ALA T 116 -38.81 64.90 58.05
N LEU T 117 -38.15 64.60 56.93
CA LEU T 117 -37.19 63.51 56.89
C LEU T 117 -35.99 63.85 57.76
N LEU T 118 -35.65 62.94 58.66
CA LEU T 118 -34.52 63.11 59.56
C LEU T 118 -33.73 61.81 59.65
N ASP T 119 -32.45 61.95 59.98
CA ASP T 119 -31.55 60.81 60.13
C ASP T 119 -31.52 60.35 61.58
N ILE T 120 -30.97 59.14 61.78
CA ILE T 120 -30.87 58.59 63.13
C ILE T 120 -29.94 59.43 64.00
N SER T 121 -29.04 60.19 63.39
CA SER T 121 -28.15 61.04 64.17
C SER T 121 -28.94 62.04 65.00
N TRP T 122 -30.01 62.61 64.43
CA TRP T 122 -30.83 63.56 65.18
C TRP T 122 -31.42 62.91 66.42
N LEU T 123 -31.99 61.71 66.26
CA LEU T 123 -32.61 61.04 67.40
C LEU T 123 -31.57 60.68 68.45
N THR T 124 -30.42 60.17 68.03
CA THR T 124 -29.38 59.81 68.99
C THR T 124 -28.91 61.03 69.77
N GLU T 125 -28.69 62.15 69.07
CA GLU T 125 -28.26 63.36 69.76
C GLU T 125 -29.33 63.86 70.71
N SER T 126 -30.59 63.83 70.29
CA SER T 126 -31.67 64.27 71.17
C SER T 126 -31.76 63.42 72.42
N LEU T 127 -31.64 62.10 72.26
CA LEU T 127 -31.66 61.22 73.43
C LEU T 127 -30.46 61.48 74.34
N GLY T 128 -29.29 61.71 73.76
CA GLY T 128 -28.12 61.97 74.57
C GLY T 128 -28.22 63.27 75.35
N ALA T 129 -28.74 64.32 74.71
CA ALA T 129 -28.88 65.60 75.38
C ALA T 129 -30.05 65.62 76.36
N GLY T 130 -31.02 64.72 76.20
CA GLY T 130 -32.17 64.67 77.07
C GLY T 130 -33.31 65.56 76.66
N GLN T 131 -33.14 66.41 75.66
CA GLN T 131 -34.17 67.32 75.18
C GLN T 131 -34.09 67.39 73.66
N PRO T 132 -35.17 67.81 73.01
CA PRO T 132 -35.14 67.92 71.54
C PRO T 132 -34.03 68.84 71.07
N VAL T 133 -33.44 68.49 69.94
CA VAL T 133 -32.35 69.25 69.34
C VAL T 133 -32.89 69.99 68.12
N PRO T 134 -32.40 71.18 67.80
CA PRO T 134 -32.83 71.83 66.56
C PRO T 134 -32.42 71.02 65.34
N VAL T 135 -33.22 71.13 64.29
CA VAL T 135 -33.00 70.40 63.04
C VAL T 135 -32.11 71.24 62.13
N GLU T 136 -31.14 70.57 61.50
CA GLU T 136 -30.21 71.22 60.58
C GLU T 136 -30.38 70.62 59.18
N CYS T 137 -29.59 71.14 58.23
CA CYS T 137 -29.65 70.64 56.87
C CYS T 137 -29.13 69.21 56.79
N ARG T 138 -28.09 68.87 57.55
CA ARG T 138 -27.53 67.52 57.49
C ARG T 138 -28.57 66.48 57.87
N HIS T 139 -29.35 66.75 58.92
CA HIS T 139 -30.40 65.82 59.33
C HIS T 139 -31.48 65.70 58.26
N ARG T 140 -31.87 66.82 57.67
CA ARG T 140 -32.89 66.83 56.63
C ARG T 140 -32.46 65.99 55.44
MG MG U . -9.96 66.04 -5.56
N1 DZ4 V . -6.45 54.99 -8.34
C2 DZ4 V . -5.31 55.62 -8.53
N3 DZ4 V . -5.18 56.92 -8.37
C4 DZ4 V . -6.23 57.64 -8.00
C5 DZ4 V . -7.46 57.03 -7.79
C6 DZ4 V . -7.54 55.63 -7.97
N6 DZ4 V . -8.73 54.96 -7.79
N7 DZ4 V . -8.35 57.98 -7.43
C8 DZ4 V . -7.75 59.13 -7.42
N9 DZ4 V . -6.44 58.98 -7.75
PA DZ4 V . -10.07 63.18 -7.30
PB DZ4 V . -10.56 64.81 -9.46
PG DZ4 V . -13.25 65.78 -10.14
C1' DZ4 V . -5.44 60.03 -7.85
O1A DZ4 V . -10.49 61.94 -6.63
O1B DZ4 V . -10.38 65.86 -8.44
O1G DZ4 V . -13.85 65.06 -8.95
C2' DZ4 V . -5.54 60.73 -9.22
O2A DZ4 V . -10.36 64.43 -6.35
O2B DZ4 V . -9.22 64.66 -10.33
O2G DZ4 V . -13.16 67.26 -9.87
C3' DZ4 V . -6.59 61.81 -8.93
O3' DZ4 V . -6.40 62.92 -9.81
N3A DZ4 V . -10.93 63.35 -8.74
O3B DZ4 V . -11.77 65.22 -10.42
O3G DZ4 V . -14.13 65.54 -11.35
C4' DZ4 V . -6.26 62.21 -7.47
O4' DZ4 V . -5.73 61.02 -6.85
C5' DZ4 V . -7.54 62.63 -6.73
O5' DZ4 V . -8.51 63.12 -7.66
#